data_6VK9
#
_entry.id   6VK9
#
_cell.length_a   1.00
_cell.length_b   1.00
_cell.length_c   1.00
_cell.angle_alpha   90.00
_cell.angle_beta   90.00
_cell.angle_gamma   90.00
#
_symmetry.space_group_name_H-M   'P 1'
#
loop_
_entity.id
_entity.type
_entity.pdbx_description
1 polymer 'Geopilin domain 1 protein'
2 polymer 'Geopilin domain 2 protein'
#
loop_
_entity_poly.entity_id
_entity_poly.type
_entity_poly.pdbx_seq_one_letter_code
_entity_poly.pdbx_strand_id
1 'polypeptide(L)' FTLIELLIVVAIIGILAAIAIPQFSAYRVKAYNSAASSDLRNLKTALESAFADDQTYPPES A,O,Q,S,U,G,I,K,M,C,E,W,Y,0,2,4
2 'polypeptide(L)'
;AGKIPTTTMGGKDFTFKPSTNVSVSYFTTNGATSTAGTVNTDYAVNTKNSSGNRVFTSTNNTSNIWYIENDAWKGKAVSD
SDVTALGTGDVGKSDFSGTEWKSQ
;
D,B,P,R,T,V,H,J,L,N,F,X,Z,1,3,5
#
# COMPACT_ATOMS: atom_id res chain seq x y z
N PHE A 1 -88.26 -76.13 -63.89
CA PHE A 1 -89.71 -76.48 -63.98
C PHE A 1 -90.14 -76.49 -65.44
N THR A 2 -90.62 -75.36 -65.95
CA THR A 2 -91.07 -75.25 -67.37
C THR A 2 -89.90 -74.76 -68.24
N LEU A 3 -89.88 -75.16 -69.51
CA LEU A 3 -88.82 -74.76 -70.43
C LEU A 3 -88.62 -73.26 -70.48
N ILE A 4 -89.68 -72.47 -70.27
CA ILE A 4 -89.51 -71.03 -70.30
C ILE A 4 -88.81 -70.54 -69.04
N GLU A 5 -89.06 -71.25 -67.92
CA GLU A 5 -88.38 -70.94 -66.63
C GLU A 5 -86.89 -71.21 -66.79
N LEU A 6 -86.52 -72.33 -67.42
CA LEU A 6 -85.14 -72.65 -67.72
C LEU A 6 -84.57 -71.83 -68.87
N LEU A 7 -85.31 -70.85 -69.36
CA LEU A 7 -84.79 -69.90 -70.33
C LEU A 7 -84.55 -68.53 -69.74
N ILE A 8 -85.12 -68.25 -68.57
CA ILE A 8 -84.81 -67.02 -67.87
C ILE A 8 -83.58 -67.20 -67.00
N VAL A 9 -83.44 -68.36 -66.37
CA VAL A 9 -82.28 -68.64 -65.54
C VAL A 9 -81.00 -68.49 -66.36
N VAL A 10 -80.93 -69.20 -67.49
CA VAL A 10 -79.79 -69.05 -68.38
C VAL A 10 -79.67 -67.63 -68.92
N ALA A 11 -80.75 -66.87 -68.88
CA ALA A 11 -80.67 -65.46 -69.29
C ALA A 11 -80.22 -64.57 -68.15
N ILE A 12 -80.23 -65.05 -66.92
CA ILE A 12 -79.76 -64.29 -65.77
C ILE A 12 -78.36 -64.72 -65.35
N ILE A 13 -78.10 -66.04 -65.37
CA ILE A 13 -76.74 -66.52 -65.13
C ILE A 13 -75.75 -65.86 -66.07
N GLY A 14 -76.17 -65.63 -67.32
CA GLY A 14 -75.31 -64.90 -68.24
C GLY A 14 -75.09 -63.47 -67.82
N ILE A 15 -76.10 -62.86 -67.20
CA ILE A 15 -75.97 -61.48 -66.73
C ILE A 15 -75.03 -61.42 -65.52
N LEU A 16 -75.35 -62.17 -64.49
CA LEU A 16 -74.59 -62.14 -63.24
C LEU A 16 -73.22 -62.76 -63.37
N ALA A 17 -72.80 -63.23 -64.54
CA ALA A 17 -71.45 -63.72 -64.72
C ALA A 17 -70.53 -62.69 -65.34
N ALA A 18 -71.03 -61.51 -65.70
CA ALA A 18 -70.22 -60.43 -66.27
C ALA A 18 -70.68 -59.13 -65.63
N ILE A 19 -70.02 -58.74 -64.55
CA ILE A 19 -70.37 -57.52 -63.84
C ILE A 19 -69.16 -56.60 -63.71
N ALA A 20 -68.29 -56.62 -64.71
CA ALA A 20 -67.19 -55.66 -64.83
C ALA A 20 -66.26 -55.75 -63.61
N ILE A 21 -65.60 -56.89 -63.47
CA ILE A 21 -64.69 -57.10 -62.34
C ILE A 21 -63.55 -56.11 -62.53
N PRO A 22 -63.23 -55.28 -61.55
CA PRO A 22 -62.25 -54.22 -61.79
C PRO A 22 -60.82 -54.73 -61.64
N GLN A 23 -59.89 -53.96 -62.18
CA GLN A 23 -58.47 -54.31 -62.07
C GLN A 23 -57.97 -53.92 -60.70
N PHE A 24 -57.84 -54.91 -59.82
CA PHE A 24 -57.31 -54.71 -58.47
C PHE A 24 -55.79 -54.91 -58.46
N SER A 25 -55.12 -54.14 -59.32
CA SER A 25 -53.68 -54.20 -59.38
C SER A 25 -53.05 -52.91 -58.88
N ALA A 26 -53.54 -51.76 -59.34
CA ALA A 26 -53.04 -50.50 -58.82
C ALA A 26 -53.41 -50.33 -57.35
N TYR A 27 -54.54 -50.86 -56.93
CA TYR A 27 -55.01 -50.62 -55.57
C TYR A 27 -54.23 -51.43 -54.54
N ARG A 28 -53.39 -52.37 -54.99
CA ARG A 28 -52.51 -53.19 -54.16
C ARG A 28 -51.06 -52.73 -54.27
N VAL A 29 -50.59 -52.33 -55.44
CA VAL A 29 -49.21 -51.82 -55.58
C VAL A 29 -48.97 -50.59 -54.70
N LYS A 30 -49.97 -49.71 -54.54
CA LYS A 30 -49.89 -48.58 -53.60
C LYS A 30 -49.59 -49.02 -52.17
N ALA A 31 -50.15 -50.12 -51.68
CA ALA A 31 -49.82 -50.65 -50.35
C ALA A 31 -48.36 -51.11 -50.28
N TYR A 32 -47.88 -51.88 -51.25
CA TYR A 32 -46.48 -52.30 -51.30
C TYR A 32 -45.51 -51.11 -51.30
N ASN A 33 -45.81 -50.07 -52.06
CA ASN A 33 -45.01 -48.84 -52.08
C ASN A 33 -44.99 -48.19 -50.70
N SER A 34 -46.15 -47.90 -50.10
CA SER A 34 -46.24 -47.24 -48.80
C SER A 34 -45.74 -48.08 -47.64
N ALA A 35 -45.45 -49.37 -47.81
CA ALA A 35 -44.64 -50.11 -46.87
C ALA A 35 -43.17 -49.70 -46.96
N ALA A 36 -42.60 -49.61 -48.16
CA ALA A 36 -41.20 -49.25 -48.37
C ALA A 36 -40.85 -47.82 -47.99
N SER A 37 -41.71 -46.83 -48.24
CA SER A 37 -41.45 -45.44 -47.84
C SER A 37 -41.55 -45.24 -46.34
N SER A 38 -42.55 -45.83 -45.68
CA SER A 38 -42.62 -45.98 -44.24
C SER A 38 -41.34 -46.60 -43.68
N ASP A 39 -40.90 -47.72 -44.25
CA ASP A 39 -39.73 -48.43 -43.78
C ASP A 39 -38.46 -47.58 -43.88
N LEU A 40 -38.27 -46.86 -44.98
CA LEU A 40 -37.18 -45.90 -45.13
C LEU A 40 -37.25 -44.76 -44.11
N ARG A 41 -38.41 -44.11 -43.92
CA ARG A 41 -38.52 -43.00 -42.97
C ARG A 41 -38.27 -43.46 -41.55
N ASN A 42 -38.51 -44.72 -41.25
CA ASN A 42 -38.14 -45.34 -40.00
C ASN A 42 -36.63 -45.61 -39.94
N LEU A 43 -36.06 -46.20 -40.99
CA LEU A 43 -34.64 -46.54 -41.09
C LEU A 43 -33.74 -45.30 -40.88
N LYS A 44 -34.15 -44.15 -41.42
CA LYS A 44 -33.47 -42.89 -41.19
C LYS A 44 -33.31 -42.55 -39.70
N THR A 45 -34.35 -42.73 -38.89
CA THR A 45 -34.24 -42.48 -37.44
C THR A 45 -33.23 -43.40 -36.78
N ALA A 46 -33.11 -44.66 -37.20
CA ALA A 46 -32.06 -45.52 -36.67
C ALA A 46 -30.66 -45.03 -37.06
N LEU A 47 -30.43 -44.64 -38.32
CA LEU A 47 -29.14 -44.08 -38.74
C LEU A 47 -28.78 -42.82 -37.94
N GLU A 48 -29.68 -41.87 -37.83
CA GLU A 48 -29.38 -40.60 -37.18
C GLU A 48 -29.52 -40.64 -35.66
N SER A 49 -30.03 -41.74 -35.10
CA SER A 49 -29.80 -42.11 -33.70
C SER A 49 -28.39 -42.64 -33.51
N ALA A 50 -27.98 -43.61 -34.32
CA ALA A 50 -26.65 -44.23 -34.19
C ALA A 50 -25.52 -43.22 -34.39
N PHE A 51 -25.67 -42.23 -35.27
CA PHE A 51 -24.67 -41.18 -35.40
C PHE A 51 -24.48 -40.43 -34.09
N ALA A 52 -25.57 -40.03 -33.43
CA ALA A 52 -25.49 -39.27 -32.18
C ALA A 52 -25.01 -40.11 -30.98
N ASP A 53 -24.74 -41.41 -31.17
CA ASP A 53 -23.95 -42.24 -30.24
C ASP A 53 -22.45 -42.20 -30.59
N ASP A 54 -22.10 -42.40 -31.86
CA ASP A 54 -20.74 -42.79 -32.26
C ASP A 54 -19.97 -41.75 -33.08
N GLN A 55 -20.57 -40.60 -33.40
CA GLN A 55 -20.05 -39.58 -34.32
C GLN A 55 -19.86 -40.07 -35.76
N THR A 56 -20.45 -41.19 -36.11
CA THR A 56 -20.35 -41.82 -37.41
C THR A 56 -21.63 -42.56 -37.73
N TYR A 57 -22.03 -42.57 -39.00
CA TYR A 57 -23.01 -43.54 -39.44
C TYR A 57 -22.39 -44.94 -39.39
N PRO A 58 -23.19 -46.00 -39.26
CA PRO A 58 -22.70 -47.36 -39.18
C PRO A 58 -21.85 -47.79 -40.38
N PRO A 59 -20.93 -48.75 -40.23
CA PRO A 59 -20.35 -49.45 -41.38
C PRO A 59 -21.44 -50.22 -42.12
N GLU A 60 -21.32 -50.35 -43.44
CA GLU A 60 -22.22 -51.21 -44.22
C GLU A 60 -22.14 -52.69 -43.79
N SER A 61 -23.21 -53.46 -44.01
CA SER A 61 -23.29 -54.91 -43.71
C SER A 61 -22.85 -55.28 -42.30
N PHE B 1 -40.48 -32.62 -30.05
CA PHE B 1 -41.31 -32.68 -31.28
C PHE B 1 -41.20 -34.08 -31.91
N THR B 2 -40.22 -34.26 -32.82
CA THR B 2 -40.00 -35.56 -33.50
C THR B 2 -38.95 -36.36 -32.71
N LEU B 3 -39.04 -37.70 -32.76
CA LEU B 3 -38.10 -38.55 -32.06
C LEU B 3 -36.66 -38.24 -32.39
N ILE B 4 -36.38 -37.77 -33.61
CA ILE B 4 -35.00 -37.44 -33.96
C ILE B 4 -34.57 -36.16 -33.27
N GLU B 5 -35.52 -35.23 -33.09
CA GLU B 5 -35.26 -33.97 -32.36
C GLU B 5 -34.92 -34.30 -30.91
N LEU B 6 -35.68 -35.21 -30.28
CA LEU B 6 -35.39 -35.68 -28.93
C LEU B 6 -34.20 -36.61 -28.88
N LEU B 7 -33.49 -36.79 -29.98
CA LEU B 7 -32.24 -37.54 -29.96
C LEU B 7 -31.02 -36.64 -30.12
N ILE B 8 -31.22 -35.40 -30.56
CA ILE B 8 -30.13 -34.44 -30.58
C ILE B 8 -30.02 -33.74 -29.24
N VAL B 9 -31.16 -33.43 -28.62
CA VAL B 9 -31.15 -32.77 -27.32
C VAL B 9 -30.38 -33.61 -26.31
N VAL B 10 -30.76 -34.89 -26.18
CA VAL B 10 -30.02 -35.80 -25.31
C VAL B 10 -28.59 -35.97 -25.76
N ALA B 11 -28.29 -35.67 -27.03
CA ALA B 11 -26.92 -35.72 -27.50
C ALA B 11 -26.16 -34.43 -27.20
N ILE B 12 -26.87 -33.36 -26.86
CA ILE B 12 -26.23 -32.10 -26.50
C ILE B 12 -26.21 -31.90 -24.99
N ILE B 13 -27.29 -32.26 -24.29
CA ILE B 13 -27.28 -32.24 -22.83
C ILE B 13 -26.12 -33.06 -22.30
N GLY B 14 -25.81 -34.18 -22.96
CA GLY B 14 -24.64 -34.95 -22.56
C GLY B 14 -23.35 -34.20 -22.77
N ILE B 15 -23.30 -33.38 -23.82
CA ILE B 15 -22.09 -32.58 -24.09
C ILE B 15 -21.94 -31.48 -23.06
N LEU B 16 -22.96 -30.63 -22.94
CA LEU B 16 -22.90 -29.49 -22.04
C LEU B 16 -22.93 -29.86 -20.59
N ALA B 17 -22.96 -31.13 -20.23
CA ALA B 17 -22.87 -31.53 -18.83
C ALA B 17 -21.47 -31.94 -18.41
N ALA B 18 -20.52 -31.96 -19.34
CA ALA B 18 -19.12 -32.30 -19.06
C ALA B 18 -18.25 -31.32 -19.82
N ILE B 19 -17.86 -30.23 -19.17
CA ILE B 19 -17.04 -29.21 -19.80
C ILE B 19 -15.79 -28.94 -18.98
N ALA B 20 -15.28 -29.98 -18.32
CA ALA B 20 -13.97 -29.93 -17.64
C ALA B 20 -13.96 -28.84 -16.56
N ILE B 21 -14.78 -29.04 -15.53
CA ILE B 21 -14.89 -28.07 -14.45
C ILE B 21 -13.52 -28.09 -13.75
N PRO B 22 -12.84 -26.95 -13.59
CA PRO B 22 -11.48 -26.99 -13.08
C PRO B 22 -11.45 -27.07 -11.56
N GLN B 23 -10.29 -27.48 -11.04
CA GLN B 23 -10.11 -27.56 -9.60
C GLN B 23 -9.85 -26.17 -9.05
N PHE B 24 -10.89 -25.57 -8.44
CA PHE B 24 -10.79 -24.26 -7.81
C PHE B 24 -10.41 -24.41 -6.34
N SER B 25 -9.29 -25.08 -6.12
CA SER B 25 -8.79 -25.27 -4.77
C SER B 25 -7.51 -24.51 -4.54
N ALA B 26 -6.55 -24.63 -5.47
CA ALA B 26 -5.33 -23.85 -5.36
C ALA B 26 -5.61 -22.36 -5.52
N TYR B 27 -6.60 -22.01 -6.33
CA TYR B 27 -6.84 -20.60 -6.62
C TYR B 27 -7.50 -19.87 -5.47
N ARG B 28 -7.94 -20.59 -4.44
CA ARG B 28 -8.54 -20.06 -3.21
C ARG B 28 -7.57 -20.15 -2.05
N VAL B 29 -6.78 -21.22 -1.93
CA VAL B 29 -5.77 -21.32 -0.85
C VAL B 29 -4.76 -20.19 -0.90
N LYS B 30 -4.37 -19.74 -2.11
CA LYS B 30 -3.51 -18.55 -2.27
C LYS B 30 -4.09 -17.30 -1.61
N ALA B 31 -5.40 -17.06 -1.69
CA ALA B 31 -6.02 -15.94 -0.99
C ALA B 31 -5.92 -16.08 0.52
N TYR B 32 -6.25 -17.25 1.08
CA TYR B 32 -6.10 -17.50 2.52
C TYR B 32 -4.66 -17.28 3.01
N ASN B 33 -3.67 -17.73 2.26
CA ASN B 33 -2.27 -17.50 2.57
C ASN B 33 -1.95 -16.01 2.60
N SER B 34 -2.23 -15.28 1.52
CA SER B 34 -1.94 -13.85 1.41
C SER B 34 -2.76 -12.96 2.34
N ALA B 35 -3.78 -13.48 3.02
CA ALA B 35 -4.36 -12.81 4.17
C ALA B 35 -3.41 -12.90 5.39
N ALA B 36 -2.88 -14.08 5.68
CA ALA B 36 -1.99 -14.29 6.82
C ALA B 36 -0.64 -13.59 6.73
N SER B 37 -0.01 -13.52 5.56
CA SER B 37 1.27 -12.82 5.38
C SER B 37 1.09 -11.30 5.46
N SER B 38 0.06 -10.75 4.83
CA SER B 38 -0.41 -9.38 5.05
C SER B 38 -0.62 -9.08 6.52
N ASP B 39 -1.34 -9.95 7.23
CA ASP B 39 -1.65 -9.76 8.64
C ASP B 39 -0.39 -9.73 9.51
N LEU B 40 0.56 -10.63 9.27
CA LEU B 40 1.86 -10.61 9.92
C LEU B 40 2.65 -9.34 9.62
N ARG B 41 2.77 -8.92 8.36
CA ARG B 41 3.54 -7.71 8.03
C ARG B 41 2.93 -6.46 8.64
N ASN B 42 1.64 -6.47 8.89
CA ASN B 42 0.96 -5.44 9.64
C ASN B 42 1.26 -5.57 11.15
N LEU B 43 1.14 -6.77 11.71
CA LEU B 43 1.39 -7.05 13.13
C LEU B 43 2.78 -6.61 13.56
N LYS B 44 3.79 -6.81 12.72
CA LYS B 44 5.14 -6.32 12.95
C LYS B 44 5.20 -4.82 13.21
N THR B 45 4.49 -4.00 12.44
CA THR B 45 4.45 -2.54 12.68
C THR B 45 3.85 -2.20 14.03
N ALA B 46 2.84 -2.93 14.51
CA ALA B 46 2.34 -2.70 15.87
C ALA B 46 3.39 -3.07 16.93
N LEU B 47 4.08 -4.21 16.82
CA LEU B 47 5.16 -4.56 17.75
C LEU B 47 6.25 -3.50 17.79
N GLU B 48 6.77 -3.09 16.64
CA GLU B 48 7.90 -2.17 16.58
C GLU B 48 7.49 -0.70 16.72
N SER B 49 6.19 -0.39 16.70
CA SER B 49 5.64 0.84 17.26
C SER B 49 5.65 0.80 18.77
N ALA B 50 5.10 -0.26 19.37
CA ALA B 50 4.99 -0.39 20.81
C ALA B 50 6.37 -0.41 21.50
N PHE B 51 7.39 -1.00 20.88
CA PHE B 51 8.74 -0.93 21.42
C PHE B 51 9.21 0.52 21.55
N ALA B 52 9.05 1.32 20.52
CA ALA B 52 9.50 2.70 20.52
C ALA B 52 8.66 3.63 21.44
N ASP B 53 7.63 3.10 22.11
CA ASP B 53 6.98 3.74 23.26
C ASP B 53 7.63 3.31 24.58
N ASP B 54 7.84 2.00 24.77
CA ASP B 54 8.07 1.42 26.10
C ASP B 54 9.47 0.83 26.34
N GLN B 55 10.36 0.85 25.34
CA GLN B 55 11.66 0.18 25.33
C GLN B 55 11.59 -1.34 25.45
N THR B 56 10.42 -1.92 25.22
CA THR B 56 10.16 -3.34 25.34
C THR B 56 9.09 -3.75 24.36
N TYR B 57 9.19 -4.94 23.79
CA TYR B 57 8.04 -5.54 23.14
C TYR B 57 6.98 -5.89 24.20
N PRO B 58 5.71 -5.96 23.83
CA PRO B 58 4.64 -6.26 24.78
C PRO B 58 4.81 -7.59 25.52
N PRO B 59 4.25 -7.75 26.73
CA PRO B 59 4.07 -9.07 27.32
C PRO B 59 3.13 -9.91 26.46
N GLU B 60 3.32 -11.22 26.41
CA GLU B 60 2.37 -12.13 25.74
C GLU B 60 0.97 -12.08 26.39
N SER B 61 -0.08 -12.40 25.63
CA SER B 61 -1.48 -12.48 26.08
C SER B 61 -1.95 -11.23 26.85
N PHE C 1 -33.56 -28.68 -22.66
CA PHE C 1 -35.01 -28.96 -22.82
C PHE C 1 -35.34 -29.08 -24.32
N THR C 2 -35.70 -27.96 -24.94
CA THR C 2 -36.04 -27.94 -26.40
C THR C 2 -34.79 -27.59 -27.20
N LEU C 3 -34.71 -28.08 -28.44
CA LEU C 3 -33.56 -27.82 -29.29
C LEU C 3 -33.26 -26.34 -29.44
N ILE C 4 -34.28 -25.48 -29.39
CA ILE C 4 -34.03 -24.06 -29.52
C ILE C 4 -33.39 -23.51 -28.24
N GLU C 5 -33.76 -24.11 -27.10
CA GLU C 5 -33.16 -23.74 -25.78
C GLU C 5 -31.68 -24.10 -25.80
N LEU C 6 -31.34 -25.29 -26.32
CA LEU C 6 -29.96 -25.71 -26.48
C LEU C 6 -29.26 -25.02 -27.63
N LEU C 7 -29.90 -24.05 -28.26
CA LEU C 7 -29.26 -23.21 -29.26
C LEU C 7 -28.97 -21.80 -28.76
N ILE C 8 -29.61 -21.40 -27.67
CA ILE C 8 -29.27 -20.13 -27.04
C ILE C 8 -28.12 -20.32 -26.06
N VAL C 9 -28.10 -21.43 -25.33
CA VAL C 9 -27.02 -21.70 -24.40
C VAL C 9 -25.68 -21.70 -25.13
N VAL C 10 -25.57 -22.49 -26.20
CA VAL C 10 -24.36 -22.48 -27.00
C VAL C 10 -24.11 -21.13 -27.63
N ALA C 11 -25.14 -20.30 -27.74
CA ALA C 11 -24.95 -18.94 -28.24
C ALA C 11 -24.52 -17.97 -27.15
N ILE C 12 -24.66 -18.36 -25.89
CA ILE C 12 -24.22 -17.53 -24.77
C ILE C 12 -22.89 -18.02 -24.20
N ILE C 13 -22.70 -19.33 -24.09
CA ILE C 13 -21.40 -19.88 -23.72
C ILE C 13 -20.32 -19.35 -24.64
N GLY C 14 -20.62 -19.20 -25.92
CA GLY C 14 -19.66 -18.60 -26.83
C GLY C 14 -19.38 -17.15 -26.50
N ILE C 15 -20.39 -16.43 -26.01
CA ILE C 15 -20.20 -15.03 -25.64
C ILE C 15 -19.36 -14.92 -24.38
N LEU C 16 -19.80 -15.58 -23.31
CA LEU C 16 -19.12 -15.48 -22.01
C LEU C 16 -17.79 -16.19 -21.98
N ALA C 17 -17.33 -16.77 -23.09
CA ALA C 17 -16.00 -17.35 -23.12
C ALA C 17 -14.97 -16.43 -23.74
N ALA C 18 -15.37 -15.26 -24.23
CA ALA C 18 -14.46 -14.27 -24.82
C ALA C 18 -14.88 -12.91 -24.31
N ILE C 19 -14.26 -12.46 -23.22
CA ILE C 19 -14.61 -11.17 -22.64
C ILE C 19 -13.35 -10.31 -22.48
N ALA C 20 -12.40 -10.46 -23.41
CA ALA C 20 -11.25 -9.58 -23.51
C ALA C 20 -10.42 -9.62 -22.22
N ILE C 21 -9.83 -10.78 -21.95
CA ILE C 21 -9.03 -10.95 -20.74
C ILE C 21 -7.81 -10.04 -20.92
N PRO C 22 -7.51 -9.16 -19.98
CA PRO C 22 -6.46 -8.18 -20.22
C PRO C 22 -5.08 -8.76 -19.93
N GLN C 23 -4.06 -8.09 -20.45
CA GLN C 23 -2.69 -8.50 -20.21
C GLN C 23 -2.26 -8.03 -18.82
N PHE C 24 -2.25 -8.96 -17.86
CA PHE C 24 -1.82 -8.68 -16.50
C PHE C 24 -0.31 -8.96 -16.36
N SER C 25 0.45 -8.30 -17.20
CA SER C 25 1.90 -8.43 -17.16
C SER C 25 2.57 -7.15 -16.71
N ALA C 26 2.18 -6.02 -17.30
CA ALA C 26 2.71 -4.75 -16.84
C ALA C 26 2.27 -4.44 -15.41
N TYR C 27 1.06 -4.88 -15.04
CA TYR C 27 0.51 -4.49 -13.75
C TYR C 27 1.16 -5.27 -12.61
N ARG C 28 1.97 -6.28 -12.91
CA ARG C 28 2.74 -7.08 -11.96
C ARG C 28 4.21 -6.71 -11.98
N VAL C 29 4.80 -6.44 -13.16
CA VAL C 29 6.21 -6.01 -13.22
C VAL C 29 6.46 -4.74 -12.42
N LYS C 30 5.51 -3.80 -12.40
CA LYS C 30 5.59 -2.60 -11.56
C LYS C 30 5.76 -2.94 -10.07
N ALA C 31 5.10 -3.96 -9.53
CA ALA C 31 5.29 -4.39 -8.16
C ALA C 31 6.71 -4.93 -7.94
N TYR C 32 7.22 -5.80 -8.80
CA TYR C 32 8.59 -6.30 -8.71
C TYR C 32 9.63 -5.18 -8.73
N ASN C 33 9.45 -4.19 -9.60
CA ASN C 33 10.32 -3.01 -9.65
C ASN C 33 10.29 -2.24 -8.32
N SER C 34 9.11 -1.84 -7.84
CA SER C 34 8.97 -1.08 -6.60
C SER C 34 9.32 -1.85 -5.34
N ALA C 35 9.54 -3.16 -5.39
CA ALA C 35 10.24 -3.88 -4.33
C ALA C 35 11.73 -3.55 -4.35
N ALA C 36 12.39 -3.58 -5.51
CA ALA C 36 13.81 -3.33 -5.63
C ALA C 36 14.24 -1.88 -5.33
N SER C 37 13.46 -0.88 -5.73
CA SER C 37 13.78 0.52 -5.41
C SER C 37 13.57 0.85 -3.94
N SER C 38 12.49 0.37 -3.33
CA SER C 38 12.31 0.34 -1.88
C SER C 38 13.50 -0.30 -1.17
N ASP C 39 13.91 -1.48 -1.62
CA ASP C 39 15.00 -2.23 -1.01
C ASP C 39 16.33 -1.46 -1.08
N LEU C 40 16.64 -0.83 -2.21
CA LEU C 40 17.80 0.05 -2.35
C LEU C 40 17.72 1.27 -1.43
N ARG C 41 16.60 1.99 -1.39
CA ARG C 41 16.48 3.17 -0.53
C ARG C 41 16.60 2.82 0.94
N ASN C 42 16.26 1.61 1.31
CA ASN C 42 16.51 1.08 2.64
C ASN C 42 17.98 0.72 2.84
N LEU C 43 18.59 0.02 1.88
CA LEU C 43 19.99 -0.40 1.92
C LEU C 43 20.95 0.78 2.09
N LYS C 44 20.65 1.91 1.44
CA LYS C 44 21.40 3.15 1.62
C LYS C 44 21.46 3.61 3.09
N THR C 45 20.35 3.55 3.83
CA THR C 45 20.36 3.91 5.26
C THR C 45 21.27 2.99 6.07
N ALA C 46 21.35 1.69 5.77
CA ALA C 46 22.30 0.82 6.43
C ALA C 46 23.76 1.20 6.12
N LEU C 47 24.10 1.47 4.86
CA LEU C 47 25.44 1.92 4.49
C LEU C 47 25.83 3.22 5.22
N GLU C 48 24.98 4.22 5.17
CA GLU C 48 25.30 5.53 5.75
C GLU C 48 25.06 5.61 7.26
N SER C 49 24.44 4.60 7.86
CA SER C 49 24.54 4.33 9.29
C SER C 49 25.90 3.74 9.64
N ALA C 50 26.31 2.67 8.93
CA ALA C 50 27.58 2.00 9.21
C ALA C 50 28.79 2.92 9.02
N PHE C 51 28.76 3.84 8.06
CA PHE C 51 29.82 4.83 7.94
C PHE C 51 29.97 5.67 9.19
N ALA C 52 28.87 6.19 9.73
CA ALA C 52 28.90 7.03 10.92
C ALA C 52 29.23 6.26 12.22
N ASP C 53 29.44 4.95 12.15
CA ASP C 53 30.11 4.16 13.20
C ASP C 53 31.62 4.08 12.97
N ASP C 54 32.06 3.75 11.75
CA ASP C 54 33.40 3.25 11.48
C ASP C 54 34.30 4.19 10.65
N GLN C 55 33.80 5.33 10.19
CA GLN C 55 34.45 6.25 9.24
C GLN C 55 34.71 5.63 7.86
N THR C 56 34.08 4.52 7.56
CA THR C 56 34.24 3.78 6.31
C THR C 56 32.95 3.09 5.95
N TYR C 57 32.64 3.01 4.67
CA TYR C 57 31.64 2.05 4.22
C TYR C 57 32.16 0.62 4.42
N PRO C 58 31.27 -0.36 4.58
CA PRO C 58 31.69 -1.74 4.80
C PRO C 58 32.59 -2.32 3.70
N PRO C 59 33.44 -3.31 4.00
CA PRO C 59 34.06 -4.12 2.96
C PRO C 59 32.98 -4.89 2.19
N GLU C 60 33.18 -5.14 0.90
CA GLU C 60 32.29 -6.01 0.12
C GLU C 60 32.26 -7.45 0.67
N SER C 61 31.15 -8.17 0.43
CA SER C 61 30.95 -9.58 0.82
C SER C 61 31.28 -9.87 2.29
N PHE D 1 -24.41 -24.22 -18.80
CA PHE D 1 -25.17 -25.49 -18.73
C PHE D 1 -26.63 -25.24 -19.16
N THR D 2 -27.50 -24.92 -18.20
CA THR D 2 -28.93 -24.67 -18.49
C THR D 2 -29.13 -23.16 -18.69
N LEU D 3 -30.12 -22.78 -19.51
CA LEU D 3 -30.41 -21.38 -19.79
C LEU D 3 -30.60 -20.56 -18.52
N ILE D 4 -31.12 -21.17 -17.46
CA ILE D 4 -31.31 -20.41 -16.22
C ILE D 4 -29.97 -20.17 -15.54
N GLU D 5 -29.05 -21.12 -15.69
CA GLU D 5 -27.67 -20.98 -15.15
C GLU D 5 -26.97 -19.81 -15.86
N LEU D 6 -27.12 -19.74 -17.20
CA LEU D 6 -26.59 -18.64 -17.98
C LEU D 6 -27.39 -17.36 -17.82
N LEU D 7 -28.36 -17.34 -16.92
CA LEU D 7 -29.07 -16.12 -16.57
C LEU D 7 -28.69 -15.58 -15.21
N ILE D 8 -28.06 -16.41 -14.37
CA ILE D 8 -27.53 -15.92 -13.11
C ILE D 8 -26.13 -15.36 -13.31
N VAL D 9 -25.33 -16.01 -14.15
CA VAL D 9 -23.98 -15.53 -14.43
C VAL D 9 -24.02 -14.11 -14.95
N VAL D 10 -24.81 -13.88 -16.01
CA VAL D 10 -24.98 -12.53 -16.53
C VAL D 10 -25.61 -11.61 -15.49
N ALA D 11 -26.29 -12.17 -14.49
CA ALA D 11 -26.82 -11.35 -13.41
C ALA D 11 -25.80 -11.07 -12.33
N ILE D 12 -24.69 -11.80 -12.32
CA ILE D 12 -23.62 -11.57 -11.36
C ILE D 12 -22.46 -10.80 -12.00
N ILE D 13 -22.11 -11.13 -13.23
CA ILE D 13 -21.11 -10.35 -13.96
C ILE D 13 -21.51 -8.88 -13.99
N GLY D 14 -22.80 -8.60 -14.12
CA GLY D 14 -23.26 -7.23 -14.05
C GLY D 14 -23.04 -6.61 -12.68
N ILE D 15 -23.15 -7.42 -11.63
CA ILE D 15 -22.92 -6.93 -10.28
C ILE D 15 -21.45 -6.64 -10.05
N LEU D 16 -20.62 -7.66 -10.25
CA LEU D 16 -19.18 -7.54 -10.00
C LEU D 16 -18.47 -6.65 -10.97
N ALA D 17 -19.15 -6.02 -11.93
CA ALA D 17 -18.52 -5.07 -12.82
C ALA D 17 -18.72 -3.62 -12.38
N ALA D 18 -19.50 -3.38 -11.33
CA ALA D 18 -19.75 -2.04 -10.80
C ALA D 18 -19.67 -2.13 -9.29
N ILE D 19 -18.49 -1.87 -8.73
CA ILE D 19 -18.29 -1.93 -7.29
C ILE D 19 -17.71 -0.63 -6.76
N ALA D 20 -18.10 0.49 -7.39
CA ALA D 20 -17.78 1.83 -6.89
C ALA D 20 -16.27 2.03 -6.78
N ILE D 21 -15.61 2.03 -7.94
CA ILE D 21 -14.15 2.20 -7.98
C ILE D 21 -13.89 3.62 -7.50
N PRO D 22 -13.05 3.83 -6.49
CA PRO D 22 -12.92 5.16 -5.91
C PRO D 22 -11.96 6.03 -6.72
N GLN D 23 -12.07 7.33 -6.50
CA GLN D 23 -11.18 8.29 -7.16
C GLN D 23 -9.83 8.28 -6.46
N PHE D 24 -8.86 7.61 -7.06
CA PHE D 24 -7.49 7.55 -6.55
C PHE D 24 -6.66 8.70 -7.15
N SER D 25 -7.16 9.91 -6.97
CA SER D 25 -6.45 11.09 -7.44
C SER D 25 -5.93 11.93 -6.29
N ALA D 26 -6.76 12.20 -5.30
CA ALA D 26 -6.29 12.92 -4.14
C ALA D 26 -5.29 12.10 -3.34
N TYR D 27 -5.43 10.77 -3.35
CA TYR D 27 -4.58 9.94 -2.51
C TYR D 27 -3.17 9.80 -3.08
N ARG D 28 -2.95 10.26 -4.32
CA ARG D 28 -1.65 10.29 -5.00
C ARG D 28 -1.07 11.69 -5.03
N VAL D 29 -1.88 12.73 -5.23
CA VAL D 29 -1.36 14.12 -5.22
C VAL D 29 -0.72 14.47 -3.88
N LYS D 30 -1.25 13.96 -2.76
CA LYS D 30 -0.63 14.11 -1.43
C LYS D 30 0.81 13.59 -1.39
N ALA D 31 1.11 12.46 -2.03
CA ALA D 31 2.48 11.96 -2.12
C ALA D 31 3.39 12.90 -2.91
N TYR D 32 2.96 13.36 -4.08
CA TYR D 32 3.73 14.34 -4.87
C TYR D 32 4.01 15.62 -4.09
N ASN D 33 3.04 16.14 -3.36
CA ASN D 33 3.22 17.30 -2.49
C ASN D 33 4.29 17.05 -1.42
N SER D 34 4.13 15.98 -0.63
CA SER D 34 5.05 15.64 0.46
C SER D 34 6.44 15.21 -0.02
N ALA D 35 6.66 14.96 -1.30
CA ALA D 35 8.01 14.91 -1.85
C ALA D 35 8.61 16.32 -1.93
N ALA D 36 7.90 17.31 -2.44
CA ALA D 36 8.39 18.67 -2.59
C ALA D 36 8.64 19.41 -1.28
N SER D 37 7.81 19.24 -0.26
CA SER D 37 8.03 19.87 1.06
C SER D 37 9.21 19.25 1.81
N SER D 38 9.33 17.92 1.79
CA SER D 38 10.54 17.20 2.21
C SER D 38 11.77 17.74 1.50
N ASP D 39 11.72 17.86 0.17
CA ASP D 39 12.85 18.31 -0.63
C ASP D 39 13.29 19.73 -0.26
N LEU D 40 12.34 20.65 -0.07
CA LEU D 40 12.61 21.99 0.42
C LEU D 40 13.22 21.99 1.83
N ARG D 41 12.66 21.26 2.79
CA ARG D 41 13.21 21.24 4.15
C ARG D 41 14.62 20.67 4.19
N ASN D 42 14.96 19.81 3.25
CA ASN D 42 16.31 19.34 3.05
C ASN D 42 17.18 20.41 2.40
N LEU D 43 16.70 21.05 1.33
CA LEU D 43 17.43 22.11 0.59
C LEU D 43 17.85 23.25 1.51
N LYS D 44 16.99 23.64 2.45
CA LYS D 44 17.32 24.64 3.47
C LYS D 44 18.57 24.28 4.26
N THR D 45 18.75 23.04 4.68
CA THR D 45 19.97 22.63 5.40
C THR D 45 21.21 22.78 4.54
N ALA D 46 21.15 22.52 3.24
CA ALA D 46 22.29 22.78 2.36
C ALA D 46 22.61 24.28 2.27
N LEU D 47 21.60 25.15 2.08
CA LEU D 47 21.82 26.60 2.08
C LEU D 47 22.46 27.09 3.37
N GLU D 48 21.91 26.72 4.51
CA GLU D 48 22.39 27.23 5.79
C GLU D 48 23.60 26.48 6.34
N SER D 49 24.00 25.36 5.72
CA SER D 49 25.34 24.81 5.82
C SER D 49 26.33 25.65 5.03
N ALA D 50 26.04 25.91 3.75
CA ALA D 50 26.94 26.66 2.88
C ALA D 50 27.19 28.09 3.38
N PHE D 51 26.20 28.75 3.99
CA PHE D 51 26.43 30.04 4.61
C PHE D 51 27.50 29.97 5.69
N ALA D 52 27.41 29.00 6.58
CA ALA D 52 28.37 28.87 7.68
C ALA D 52 29.76 28.39 7.23
N ASP D 53 29.97 28.14 5.94
CA ASP D 53 31.30 28.04 5.31
C ASP D 53 31.79 29.41 4.80
N ASP D 54 30.94 30.14 4.06
CA ASP D 54 31.38 31.23 3.18
C ASP D 54 30.92 32.63 3.60
N GLN D 55 30.14 32.77 4.68
CA GLN D 55 29.47 34.00 5.10
C GLN D 55 28.44 34.54 4.10
N THR D 56 28.04 33.73 3.13
CA THR D 56 27.11 34.10 2.08
C THR D 56 26.31 32.89 1.67
N TYR D 57 25.04 33.07 1.32
CA TYR D 57 24.33 32.06 0.56
C TYR D 57 24.93 31.94 -0.83
N PRO D 58 24.81 30.79 -1.50
CA PRO D 58 25.38 30.58 -2.81
C PRO D 58 24.89 31.58 -3.87
N PRO D 59 25.66 31.86 -4.94
CA PRO D 59 25.13 32.50 -6.13
C PRO D 59 24.06 31.60 -6.78
N GLU D 60 23.05 32.19 -7.40
CA GLU D 60 22.08 31.42 -8.20
C GLU D 60 22.74 30.69 -9.38
N SER D 61 22.14 29.58 -9.84
CA SER D 61 22.59 28.78 -10.99
C SER D 61 24.07 28.40 -10.94
N PHE E 1 -17.41 -16.26 -16.12
CA PHE E 1 -17.52 -17.36 -17.11
C PHE E 1 -18.56 -18.38 -16.62
N THR E 2 -18.12 -19.38 -15.87
CA THR E 2 -19.04 -20.44 -15.34
C THR E 2 -19.51 -20.04 -13.94
N LEU E 3 -20.71 -20.46 -13.56
CA LEU E 3 -21.26 -20.13 -12.24
C LEU E 3 -20.32 -20.51 -11.11
N ILE E 4 -19.52 -21.56 -11.28
CA ILE E 4 -18.60 -21.94 -10.20
C ILE E 4 -17.44 -20.95 -10.13
N GLU E 5 -17.05 -20.42 -11.30
CA GLU E 5 -15.98 -19.38 -11.36
C GLU E 5 -16.47 -18.12 -10.63
N LEU E 6 -17.73 -17.73 -10.86
CA LEU E 6 -18.33 -16.60 -10.16
C LEU E 6 -18.70 -16.94 -8.74
N LEU E 7 -18.32 -18.12 -8.24
CA LEU E 7 -18.48 -18.46 -6.83
C LEU E 7 -17.17 -18.46 -6.09
N ILE E 8 -16.05 -18.50 -6.79
CA ILE E 8 -14.75 -18.35 -6.15
C ILE E 8 -14.39 -16.88 -6.03
N VAL E 9 -14.71 -16.09 -7.05
CA VAL E 9 -14.43 -14.65 -7.00
C VAL E 9 -15.10 -14.02 -5.79
N VAL E 10 -16.41 -14.23 -5.65
CA VAL E 10 -17.12 -13.74 -4.47
C VAL E 10 -16.59 -14.37 -3.20
N ALA E 11 -15.92 -15.52 -3.30
CA ALA E 11 -15.30 -16.12 -2.13
C ALA E 11 -13.92 -15.55 -1.84
N ILE E 12 -13.33 -14.83 -2.78
CA ILE E 12 -12.04 -14.18 -2.59
C ILE E 12 -12.20 -12.70 -2.33
N ILE E 13 -13.11 -12.03 -3.04
CA ILE E 13 -13.42 -10.64 -2.74
C ILE E 13 -13.81 -10.49 -1.28
N GLY E 14 -14.52 -11.47 -0.73
CA GLY E 14 -14.84 -11.43 0.69
C GLY E 14 -13.60 -11.56 1.55
N ILE E 15 -12.61 -12.31 1.09
CA ILE E 15 -11.37 -12.46 1.85
C ILE E 15 -10.55 -11.18 1.80
N LEU E 16 -10.25 -10.71 0.60
CA LEU E 16 -9.41 -9.53 0.43
C LEU E 16 -10.07 -8.25 0.84
N ALA E 17 -11.31 -8.28 1.34
CA ALA E 17 -11.94 -7.08 1.85
C ALA E 17 -11.83 -6.94 3.36
N ALA E 18 -11.25 -7.93 4.05
CA ALA E 18 -11.06 -7.90 5.50
C ALA E 18 -9.67 -8.44 5.78
N ILE E 19 -8.70 -7.53 5.87
CA ILE E 19 -7.32 -7.93 6.13
C ILE E 19 -6.77 -7.19 7.34
N ALA E 20 -7.63 -6.92 8.32
CA ALA E 20 -7.22 -6.39 9.62
C ALA E 20 -6.49 -5.05 9.47
N ILE E 21 -7.23 -4.05 9.01
CA ILE E 21 -6.66 -2.72 8.80
C ILE E 21 -6.29 -2.20 10.19
N PRO E 22 -5.06 -1.79 10.42
CA PRO E 22 -4.65 -1.45 11.80
C PRO E 22 -5.06 -0.04 12.16
N GLN E 23 -5.08 0.22 13.46
CA GLN E 23 -5.40 1.56 13.97
C GLN E 23 -4.18 2.45 13.81
N PHE E 24 -4.22 3.31 12.78
CA PHE E 24 -3.15 4.28 12.53
C PHE E 24 -3.46 5.60 13.24
N SER E 25 -3.67 5.50 14.55
CA SER E 25 -3.94 6.68 15.35
C SER E 25 -2.80 6.98 16.29
N ALA E 26 -2.32 5.98 17.00
CA ALA E 26 -1.16 6.18 17.87
C ALA E 26 0.09 6.49 17.05
N TYR E 27 0.19 5.92 15.85
CA TYR E 27 1.41 6.07 15.07
C TYR E 27 1.53 7.44 14.45
N ARG E 28 0.48 8.26 14.51
CA ARG E 28 0.43 9.65 14.03
C ARG E 28 0.47 10.63 15.20
N VAL E 29 -0.19 10.35 16.32
CA VAL E 29 -0.12 11.25 17.49
C VAL E 29 1.30 11.42 18.00
N LYS E 30 2.14 10.37 17.95
CA LYS E 30 3.56 10.46 18.27
C LYS E 30 4.29 11.52 17.43
N ALA E 31 4.00 11.65 16.14
CA ALA E 31 4.59 12.70 15.30
C ALA E 31 4.15 14.09 15.77
N TYR E 32 2.87 14.32 16.01
CA TYR E 32 2.37 15.60 16.53
C TYR E 32 3.03 15.98 17.86
N ASN E 33 3.19 15.03 18.78
CA ASN E 33 3.90 15.25 20.03
C ASN E 33 5.35 15.68 19.80
N SER E 34 6.12 14.89 19.05
CA SER E 34 7.53 15.17 18.77
C SER E 34 7.77 16.40 17.91
N ALA E 35 6.76 17.00 17.30
CA ALA E 35 6.86 18.35 16.78
C ALA E 35 6.87 19.38 17.92
N ALA E 36 5.98 19.27 18.90
CA ALA E 36 5.88 20.20 20.02
C ALA E 36 7.07 20.18 20.97
N SER E 37 7.64 19.02 21.28
CA SER E 37 8.83 18.93 22.15
C SER E 37 10.09 19.44 21.46
N SER E 38 10.30 19.12 20.20
CA SER E 38 11.28 19.78 19.34
C SER E 38 11.13 21.29 19.34
N ASP E 39 9.90 21.78 19.14
CA ASP E 39 9.63 23.21 19.08
C ASP E 39 9.97 23.91 20.39
N LEU E 40 9.60 23.32 21.54
CA LEU E 40 9.99 23.83 22.85
C LEU E 40 11.51 23.82 23.06
N ARG E 41 12.21 22.73 22.75
CA ARG E 41 13.67 22.69 22.95
C ARG E 41 14.39 23.69 22.07
N ASN E 42 13.81 24.06 20.95
CA ASN E 42 14.28 25.15 20.12
C ASN E 42 13.95 26.51 20.74
N LEU E 43 12.71 26.71 21.19
CA LEU E 43 12.23 27.96 21.81
C LEU E 43 13.09 28.35 23.02
N LYS E 44 13.50 27.39 23.82
CA LYS E 44 14.42 27.61 24.93
C LYS E 44 15.72 28.29 24.50
N THR E 45 16.34 27.87 23.40
CA THR E 45 17.56 28.52 22.89
C THR E 45 17.31 29.97 22.51
N ALA E 46 16.16 30.32 21.95
CA ALA E 46 15.84 31.72 21.68
C ALA E 46 15.71 32.53 22.99
N LEU E 47 15.00 32.02 24.00
CA LEU E 47 14.91 32.69 25.30
C LEU E 47 16.28 32.92 25.93
N GLU E 48 17.10 31.89 26.02
CA GLU E 48 18.38 31.99 26.70
C GLU E 48 19.50 32.58 25.84
N SER E 49 19.25 32.80 24.54
CA SER E 49 20.01 33.73 23.72
C SER E 49 19.62 35.17 24.05
N ALA E 50 18.31 35.48 24.04
CA ALA E 50 17.83 36.83 24.30
C ALA E 50 18.21 37.34 25.70
N PHE E 51 18.24 36.46 26.71
CA PHE E 51 18.72 36.87 28.03
C PHE E 51 20.16 37.36 27.98
N ALA E 52 21.05 36.63 27.31
CA ALA E 52 22.46 36.99 27.23
C ALA E 52 22.72 38.21 26.33
N ASP E 53 21.70 38.80 25.72
CA ASP E 53 21.74 40.16 25.14
C ASP E 53 21.31 41.22 26.16
N ASP E 54 20.20 41.01 26.86
CA ASP E 54 19.47 42.08 27.55
C ASP E 54 19.45 41.98 29.09
N GLN E 55 20.06 40.95 29.67
CA GLN E 55 19.98 40.61 31.11
C GLN E 55 18.58 40.28 31.61
N THR E 56 17.65 40.03 30.71
CA THR E 56 16.26 39.75 31.00
C THR E 56 15.69 38.80 29.97
N TYR E 57 14.81 37.91 30.37
CA TYR E 57 13.95 37.24 29.40
C TYR E 57 12.99 38.25 28.78
N PRO E 58 12.48 38.00 27.57
CA PRO E 58 11.59 38.93 26.89
C PRO E 58 10.30 39.23 27.69
N PRO E 59 9.66 40.40 27.49
CA PRO E 59 8.28 40.60 27.91
C PRO E 59 7.35 39.62 27.18
N GLU E 60 6.28 39.17 27.80
CA GLU E 60 5.24 38.39 27.13
C GLU E 60 4.58 39.16 25.98
N SER E 61 4.05 38.44 24.98
CA SER E 61 3.31 39.00 23.82
C SER E 61 4.06 40.14 23.11
N PHE F 1 -68.04 -56.17 -50.58
CA PHE F 1 -68.92 -56.20 -51.78
C PHE F 1 -68.78 -57.57 -52.48
N THR F 2 -67.85 -57.66 -53.43
CA THR F 2 -67.61 -58.93 -54.17
C THR F 2 -66.51 -59.73 -53.47
N LEU F 3 -66.55 -61.07 -53.58
CA LEU F 3 -65.56 -61.92 -52.95
C LEU F 3 -64.14 -61.54 -53.33
N ILE F 4 -63.92 -61.02 -54.54
CA ILE F 4 -62.57 -60.63 -54.91
C ILE F 4 -62.15 -59.37 -54.19
N GLU F 5 -63.13 -58.48 -53.94
CA GLU F 5 -62.88 -57.24 -53.16
C GLU F 5 -62.47 -57.61 -51.73
N LEU F 6 -63.17 -58.58 -51.13
CA LEU F 6 -62.82 -59.10 -49.81
C LEU F 6 -61.60 -60.00 -49.84
N LEU F 7 -60.92 -60.11 -50.98
CA LEU F 7 -59.64 -60.81 -51.05
C LEU F 7 -58.47 -59.87 -51.21
N ILE F 8 -58.72 -58.62 -51.58
CA ILE F 8 -57.66 -57.62 -51.60
C ILE F 8 -57.53 -56.97 -50.23
N VAL F 9 -58.65 -56.73 -49.56
CA VAL F 9 -58.60 -56.14 -48.22
C VAL F 9 -57.77 -57.00 -47.29
N VAL F 10 -58.10 -58.29 -47.21
CA VAL F 10 -57.31 -59.21 -46.40
C VAL F 10 -55.88 -59.31 -46.92
N ALA F 11 -55.64 -58.95 -48.18
CA ALA F 11 -54.29 -58.93 -48.71
C ALA F 11 -53.56 -57.63 -48.39
N ILE F 12 -54.29 -56.59 -47.96
CA ILE F 12 -53.68 -55.33 -47.57
C ILE F 12 -53.60 -55.19 -46.05
N ILE F 13 -54.64 -55.63 -45.34
CA ILE F 13 -54.58 -55.68 -43.88
C ILE F 13 -53.37 -56.48 -43.43
N GLY F 14 -53.05 -57.55 -44.14
CA GLY F 14 -51.84 -58.30 -43.83
C GLY F 14 -50.58 -57.49 -44.07
N ILE F 15 -50.60 -56.63 -45.07
CA ILE F 15 -49.44 -55.79 -45.35
C ILE F 15 -49.28 -54.73 -44.28
N LEU F 16 -50.32 -53.92 -44.07
CA LEU F 16 -50.26 -52.82 -43.13
C LEU F 16 -50.22 -53.25 -41.70
N ALA F 17 -50.19 -54.54 -41.39
CA ALA F 17 -50.03 -55.00 -40.02
C ALA F 17 -48.60 -55.37 -39.68
N ALA F 18 -47.69 -55.32 -40.65
CA ALA F 18 -46.28 -55.64 -40.43
C ALA F 18 -45.46 -54.59 -41.19
N ILE F 19 -45.09 -53.52 -40.49
CA ILE F 19 -44.32 -52.45 -41.12
C ILE F 19 -43.05 -52.17 -40.33
N ALA F 20 -42.47 -53.21 -39.74
CA ALA F 20 -41.15 -53.15 -39.11
C ALA F 20 -41.13 -52.12 -37.99
N ILE F 21 -41.90 -52.38 -36.94
CA ILE F 21 -41.98 -51.47 -35.80
C ILE F 21 -40.60 -51.47 -35.16
N PRO F 22 -39.96 -50.33 -34.97
CA PRO F 22 -38.56 -50.34 -34.52
C PRO F 22 -38.48 -50.50 -33.00
N GLN F 23 -37.29 -50.88 -32.56
CA GLN F 23 -37.04 -51.02 -31.11
C GLN F 23 -36.80 -49.64 -30.52
N PHE F 24 -37.84 -49.11 -29.85
CA PHE F 24 -37.75 -47.83 -29.16
C PHE F 24 -37.31 -48.02 -27.71
N SER F 25 -36.16 -48.68 -27.57
CA SER F 25 -35.60 -48.90 -26.24
C SER F 25 -34.32 -48.11 -26.03
N ALA F 26 -33.42 -48.16 -27.00
CA ALA F 26 -32.22 -47.35 -26.90
C ALA F 26 -32.54 -45.86 -26.98
N TYR F 27 -33.58 -45.50 -27.74
CA TYR F 27 -33.87 -44.10 -27.97
C TYR F 27 -34.51 -43.43 -26.75
N ARG F 28 -34.89 -44.22 -25.73
CA ARG F 28 -35.45 -43.76 -24.46
C ARG F 28 -34.43 -43.87 -23.35
N VAL F 29 -33.60 -44.93 -23.30
CA VAL F 29 -32.56 -45.04 -22.27
C VAL F 29 -31.57 -43.87 -22.31
N LYS F 30 -31.25 -43.35 -23.50
CA LYS F 30 -30.44 -42.13 -23.65
C LYS F 30 -31.03 -40.94 -22.91
N ALA F 31 -32.34 -40.74 -22.92
CA ALA F 31 -32.98 -39.67 -22.16
C ALA F 31 -32.81 -39.88 -20.65
N TYR F 32 -33.08 -41.07 -20.14
CA TYR F 32 -32.86 -41.38 -18.72
C TYR F 32 -31.42 -41.13 -18.27
N ASN F 33 -30.44 -41.53 -19.08
CA ASN F 33 -29.03 -41.26 -18.82
C ASN F 33 -28.75 -39.76 -18.73
N SER F 34 -29.11 -38.99 -19.77
CA SER F 34 -28.86 -37.54 -19.82
C SER F 34 -29.68 -36.74 -18.81
N ALA F 35 -30.65 -37.32 -18.13
CA ALA F 35 -31.21 -36.71 -16.92
C ALA F 35 -30.21 -36.83 -15.76
N ALA F 36 -29.62 -38.00 -15.53
CA ALA F 36 -28.69 -38.24 -14.44
C ALA F 36 -27.35 -37.48 -14.55
N SER F 37 -26.78 -37.35 -15.74
CA SER F 37 -25.54 -36.59 -15.93
C SER F 37 -25.75 -35.08 -15.79
N SER F 38 -26.83 -34.55 -16.34
CA SER F 38 -27.32 -33.20 -16.04
C SER F 38 -27.49 -32.98 -14.55
N ASP F 39 -28.16 -33.90 -13.85
CA ASP F 39 -28.42 -33.78 -12.43
C ASP F 39 -27.13 -33.74 -11.61
N LEU F 40 -26.15 -34.61 -11.93
CA LEU F 40 -24.83 -34.58 -11.32
C LEU F 40 -24.09 -33.25 -11.59
N ARG F 41 -24.03 -32.78 -12.84
CA ARG F 41 -23.32 -31.53 -13.15
C ARG F 41 -23.94 -30.34 -12.45
N ASN F 42 -25.23 -30.39 -12.15
CA ASN F 42 -25.91 -29.43 -11.33
C ASN F 42 -25.55 -29.60 -9.85
N LEU F 43 -25.59 -30.84 -9.33
CA LEU F 43 -25.29 -31.17 -7.94
C LEU F 43 -23.89 -30.71 -7.53
N LYS F 44 -22.91 -30.84 -8.44
CA LYS F 44 -21.56 -30.32 -8.22
C LYS F 44 -21.54 -28.82 -7.90
N THR F 45 -22.31 -28.00 -8.60
CA THR F 45 -22.39 -26.56 -8.31
C THR F 45 -22.94 -26.30 -6.91
N ALA F 46 -23.90 -27.07 -6.42
CA ALA F 46 -24.36 -26.93 -5.05
C ALA F 46 -23.25 -27.29 -4.03
N LEU F 47 -22.54 -28.41 -4.23
CA LEU F 47 -21.41 -28.77 -3.36
C LEU F 47 -20.35 -27.67 -3.32
N GLU F 48 -19.89 -27.20 -4.47
CA GLU F 48 -18.80 -26.24 -4.53
C GLU F 48 -19.25 -24.79 -4.31
N SER F 49 -20.55 -24.53 -4.25
CA SER F 49 -21.11 -23.34 -3.62
C SER F 49 -21.04 -23.45 -2.11
N ALA F 50 -21.55 -24.55 -1.55
CA ALA F 50 -21.58 -24.75 -0.09
C ALA F 50 -20.19 -24.75 0.53
N PHE F 51 -19.17 -25.29 -0.16
CA PHE F 51 -17.80 -25.19 0.33
C PHE F 51 -17.36 -23.75 0.51
N ALA F 52 -17.60 -22.89 -0.48
CA ALA F 52 -17.20 -21.50 -0.43
C ALA F 52 -18.02 -20.65 0.56
N ASP F 53 -19.01 -21.23 1.24
CA ASP F 53 -19.63 -20.67 2.45
C ASP F 53 -18.91 -21.14 3.73
N ASP F 54 -18.66 -22.44 3.86
CA ASP F 54 -18.35 -23.08 5.14
C ASP F 54 -16.92 -23.63 5.30
N GLN F 55 -16.08 -23.54 4.26
CA GLN F 55 -14.76 -24.16 4.17
C GLN F 55 -14.77 -25.69 4.22
N THR F 56 -15.94 -26.29 4.02
CA THR F 56 -16.15 -27.74 4.08
C THR F 56 -17.25 -28.12 3.12
N TYR F 57 -17.13 -29.29 2.49
CA TYR F 57 -18.29 -29.90 1.87
C TYR F 57 -19.28 -30.32 2.94
N PRO F 58 -20.58 -30.43 2.62
CA PRO F 58 -21.59 -30.79 3.59
C PRO F 58 -21.35 -32.16 4.27
N PRO F 59 -21.85 -32.39 5.49
CA PRO F 59 -21.97 -33.74 6.02
C PRO F 59 -22.92 -34.57 5.16
N GLU F 60 -22.69 -35.87 5.04
CA GLU F 60 -23.63 -36.78 4.39
C GLU F 60 -25.01 -36.82 5.08
N SER F 61 -26.07 -37.13 4.35
CA SER F 61 -27.46 -37.27 4.86
C SER F 61 -27.93 -36.08 5.69
N PHE G 1 -60.86 -52.47 -43.31
CA PHE G 1 -62.31 -52.79 -43.43
C PHE G 1 -62.69 -52.85 -44.92
N THR G 2 -63.10 -51.71 -45.49
CA THR G 2 -63.51 -51.65 -46.92
C THR G 2 -62.29 -51.23 -47.76
N LEU G 3 -62.24 -51.67 -49.02
CA LEU G 3 -61.13 -51.34 -49.91
C LEU G 3 -60.89 -49.84 -50.00
N ILE G 4 -61.93 -49.02 -49.87
CA ILE G 4 -61.72 -47.57 -49.94
C ILE G 4 -61.05 -47.07 -48.67
N GLU G 5 -61.37 -47.72 -47.54
CA GLU G 5 -60.74 -47.39 -46.23
C GLU G 5 -59.24 -47.70 -46.33
N LEU G 6 -58.88 -48.86 -46.91
CA LEU G 6 -57.50 -49.22 -47.14
C LEU G 6 -56.87 -48.46 -48.28
N LEU G 7 -57.56 -47.48 -48.85
CA LEU G 7 -56.97 -46.58 -49.83
C LEU G 7 -56.72 -45.19 -49.28
N ILE G 8 -57.32 -44.86 -48.15
CA ILE G 8 -57.00 -43.61 -47.47
C ILE G 8 -55.81 -43.79 -46.56
N VAL G 9 -55.73 -44.93 -45.88
CA VAL G 9 -54.60 -45.21 -44.99
C VAL G 9 -53.29 -45.13 -45.76
N VAL G 10 -53.20 -45.88 -46.86
CA VAL G 10 -52.02 -45.80 -47.71
C VAL G 10 -51.84 -44.40 -48.30
N ALA G 11 -52.90 -43.61 -48.34
CA ALA G 11 -52.77 -42.23 -48.79
C ALA G 11 -52.34 -41.29 -47.67
N ILE G 12 -52.41 -41.74 -46.42
CA ILE G 12 -51.96 -40.94 -45.29
C ILE G 12 -50.59 -41.41 -44.79
N ILE G 13 -50.36 -42.72 -44.75
CA ILE G 13 -49.02 -43.23 -44.43
C ILE G 13 -47.99 -42.62 -45.37
N GLY G 14 -48.35 -42.44 -46.64
CA GLY G 14 -47.44 -41.77 -47.56
C GLY G 14 -47.20 -40.33 -47.17
N ILE G 15 -48.22 -39.66 -46.61
CA ILE G 15 -48.06 -38.28 -46.19
C ILE G 15 -47.17 -38.19 -44.96
N LEU G 16 -47.56 -38.90 -43.90
CA LEU G 16 -46.83 -38.84 -42.63
C LEU G 16 -45.48 -39.50 -42.68
N ALA G 17 -45.04 -40.02 -43.82
CA ALA G 17 -43.69 -40.55 -43.93
C ALA G 17 -42.71 -39.58 -44.55
N ALA G 18 -43.16 -38.40 -44.97
CA ALA G 18 -42.31 -37.37 -45.55
C ALA G 18 -42.76 -36.03 -44.97
N ILE G 19 -42.12 -35.61 -43.88
CA ILE G 19 -42.47 -34.37 -43.23
C ILE G 19 -41.24 -33.47 -43.08
N ALA G 20 -40.32 -33.54 -44.05
CA ALA G 20 -39.19 -32.63 -44.16
C ALA G 20 -38.32 -32.69 -42.90
N ILE G 21 -37.70 -33.84 -42.69
CA ILE G 21 -36.84 -34.04 -41.52
C ILE G 21 -35.66 -33.09 -41.70
N PRO G 22 -35.36 -32.23 -40.74
CA PRO G 22 -34.33 -31.20 -40.98
C PRO G 22 -32.93 -31.76 -40.76
N GLN G 23 -31.96 -31.03 -41.30
CA GLN G 23 -30.56 -31.40 -41.11
C GLN G 23 -30.10 -30.97 -39.73
N PHE G 24 -30.03 -31.94 -38.81
CA PHE G 24 -29.54 -31.71 -37.45
C PHE G 24 -28.03 -31.95 -37.38
N SER G 25 -27.31 -31.23 -38.23
CA SER G 25 -25.86 -31.32 -38.24
C SER G 25 -25.22 -30.03 -37.76
N ALA G 26 -25.67 -28.90 -38.27
CA ALA G 26 -25.16 -27.63 -37.79
C ALA G 26 -25.56 -27.39 -36.34
N TYR G 27 -26.73 -27.88 -35.94
CA TYR G 27 -27.25 -27.57 -34.61
C TYR G 27 -26.53 -28.37 -33.54
N ARG G 28 -25.71 -29.34 -33.91
CA ARG G 28 -24.88 -30.16 -33.02
C ARG G 28 -23.42 -29.73 -33.08
N VAL G 29 -22.88 -29.39 -34.25
CA VAL G 29 -21.48 -28.92 -34.36
C VAL G 29 -21.24 -27.67 -33.51
N LYS G 30 -22.22 -26.77 -33.41
CA LYS G 30 -22.16 -25.61 -32.52
C LYS G 30 -21.91 -26.00 -31.06
N ALA G 31 -22.52 -27.06 -30.56
CA ALA G 31 -22.27 -27.55 -29.20
C ALA G 31 -20.82 -28.04 -29.05
N TYR G 32 -20.32 -28.86 -29.97
CA TYR G 32 -18.94 -29.32 -29.95
C TYR G 32 -17.94 -28.16 -29.96
N ASN G 33 -18.17 -27.14 -30.77
CA ASN G 33 -17.34 -25.93 -30.80
C ASN G 33 -17.35 -25.23 -29.44
N SER G 34 -18.51 -24.90 -28.91
CA SER G 34 -18.65 -24.18 -27.63
C SER G 34 -18.22 -24.99 -26.42
N ALA G 35 -17.96 -26.29 -26.54
CA ALA G 35 -17.20 -27.03 -25.54
C ALA G 35 -15.72 -26.66 -25.59
N ALA G 36 -15.11 -26.62 -26.77
CA ALA G 36 -13.69 -26.31 -26.94
C ALA G 36 -13.31 -24.87 -26.58
N SER G 37 -14.13 -23.87 -26.92
CA SER G 37 -13.85 -22.47 -26.56
C SER G 37 -14.00 -22.22 -25.06
N SER G 38 -15.05 -22.76 -24.43
CA SER G 38 -15.17 -22.85 -22.97
C SER G 38 -13.93 -23.49 -22.35
N ASP G 39 -13.51 -24.63 -22.86
CA ASP G 39 -12.37 -25.37 -22.32
C ASP G 39 -11.07 -24.54 -22.39
N LEU G 40 -10.82 -23.87 -23.52
CA LEU G 40 -9.70 -22.95 -23.66
C LEU G 40 -9.78 -21.77 -22.68
N ARG G 41 -10.92 -21.09 -22.57
CA ARG G 41 -11.05 -19.94 -21.66
C ARG G 41 -10.85 -20.34 -20.21
N ASN G 42 -11.15 -21.59 -19.88
CA ASN G 42 -10.84 -22.16 -18.59
C ASN G 42 -9.34 -22.48 -18.46
N LEU G 43 -8.75 -23.13 -19.47
CA LEU G 43 -7.33 -23.49 -19.50
C LEU G 43 -6.42 -22.29 -19.30
N LYS G 44 -6.77 -21.15 -19.90
CA LYS G 44 -6.05 -19.89 -19.69
C LYS G 44 -5.95 -19.50 -18.21
N THR G 45 -7.01 -19.63 -17.43
CA THR G 45 -6.97 -19.33 -15.99
C THR G 45 -6.00 -20.25 -15.25
N ALA G 46 -5.90 -21.52 -15.61
CA ALA G 46 -4.90 -22.40 -15.02
C ALA G 46 -3.47 -21.95 -15.37
N LEU G 47 -3.18 -21.62 -16.64
CA LEU G 47 -1.86 -21.10 -17.02
C LEU G 47 -1.50 -19.84 -16.25
N GLU G 48 -2.38 -18.85 -16.23
CA GLU G 48 -2.06 -17.57 -15.61
C GLU G 48 -2.26 -17.55 -14.09
N SER G 49 -2.82 -18.61 -13.51
CA SER G 49 -2.66 -18.94 -12.09
C SER G 49 -1.27 -19.50 -11.83
N ALA G 50 -0.85 -20.51 -12.59
CA ALA G 50 0.44 -21.15 -12.39
C ALA G 50 1.62 -20.19 -12.57
N PHE G 51 1.52 -19.23 -13.50
CA PHE G 51 2.55 -18.20 -13.62
C PHE G 51 2.72 -17.41 -12.33
N ALA G 52 1.62 -16.96 -11.73
CA ALA G 52 1.67 -16.16 -10.51
C ALA G 52 2.07 -16.98 -9.26
N ASP G 53 2.32 -18.28 -9.39
CA ASP G 53 3.05 -19.09 -8.40
C ASP G 53 4.56 -19.11 -8.69
N ASP G 54 4.95 -19.36 -9.94
CA ASP G 54 6.32 -19.81 -10.28
C ASP G 54 7.15 -18.81 -11.11
N GLN G 55 6.59 -17.66 -11.49
CA GLN G 55 7.17 -16.69 -12.42
C GLN G 55 7.40 -17.24 -13.84
N THR G 56 6.79 -18.36 -14.16
CA THR G 56 6.93 -19.04 -15.45
C THR G 56 5.65 -19.75 -15.79
N TYR G 57 5.29 -19.80 -17.06
CA TYR G 57 4.31 -20.77 -17.51
C TYR G 57 4.87 -22.19 -17.38
N PRO G 58 4.04 -23.20 -17.25
CA PRO G 58 4.49 -24.57 -17.09
C PRO G 58 5.39 -25.07 -18.25
N PRO G 59 6.27 -26.05 -18.03
CA PRO G 59 6.87 -26.80 -19.12
C PRO G 59 5.78 -27.57 -19.88
N GLU G 60 5.95 -27.75 -21.19
CA GLU G 60 5.06 -28.62 -21.98
C GLU G 60 5.09 -30.08 -21.49
N SER G 61 4.00 -30.83 -21.72
CA SER G 61 3.86 -32.27 -21.37
C SER G 61 4.24 -32.60 -19.93
N PHE H 1 -51.72 -47.86 -39.59
CA PHE H 1 -52.44 -49.17 -39.55
C PHE H 1 -53.91 -48.95 -39.92
N THR H 2 -54.75 -48.71 -38.90
CA THR H 2 -56.21 -48.48 -39.13
C THR H 2 -56.47 -46.98 -39.27
N LEU H 3 -57.50 -46.61 -40.03
CA LEU H 3 -57.84 -45.20 -40.23
C LEU H 3 -58.01 -44.44 -38.93
N ILE H 4 -58.46 -45.11 -37.86
CA ILE H 4 -58.63 -44.41 -36.60
C ILE H 4 -57.28 -44.15 -35.95
N GLU H 5 -56.33 -45.07 -36.18
CA GLU H 5 -54.93 -44.91 -35.68
C GLU H 5 -54.31 -43.69 -36.37
N LEU H 6 -54.51 -43.57 -37.69
CA LEU H 6 -54.04 -42.41 -38.44
C LEU H 6 -54.88 -41.17 -38.20
N LEU H 7 -55.81 -41.22 -37.26
CA LEU H 7 -56.54 -40.04 -36.83
C LEU H 7 -56.13 -39.55 -35.45
N ILE H 8 -55.45 -40.39 -34.69
CA ILE H 8 -54.87 -39.94 -33.43
C ILE H 8 -53.50 -39.32 -33.65
N VAL H 9 -52.72 -39.92 -34.56
CA VAL H 9 -51.39 -39.38 -34.86
C VAL H 9 -51.51 -37.93 -35.32
N VAL H 10 -52.34 -37.68 -36.33
CA VAL H 10 -52.57 -36.31 -36.78
C VAL H 10 -53.20 -35.47 -35.69
N ALA H 11 -53.81 -36.09 -34.68
CA ALA H 11 -54.33 -35.33 -33.55
C ALA H 11 -53.28 -35.07 -32.49
N ILE H 12 -52.14 -35.76 -32.56
CA ILE H 12 -51.05 -35.53 -31.63
C ILE H 12 -49.94 -34.70 -32.27
N ILE H 13 -49.62 -34.97 -33.53
CA ILE H 13 -48.68 -34.12 -34.26
C ILE H 13 -49.12 -32.67 -34.21
N GLY H 14 -50.43 -32.43 -34.28
CA GLY H 14 -50.93 -31.07 -34.14
C GLY H 14 -50.67 -30.52 -32.75
N ILE H 15 -50.71 -31.37 -31.73
CA ILE H 15 -50.46 -30.92 -30.37
C ILE H 15 -48.98 -30.61 -30.19
N LEU H 16 -48.13 -31.58 -30.46
CA LEU H 16 -46.69 -31.42 -30.26
C LEU H 16 -46.05 -30.46 -31.22
N ALA H 17 -46.78 -29.82 -32.12
CA ALA H 17 -46.21 -28.81 -32.99
C ALA H 17 -46.45 -27.40 -32.48
N ALA H 18 -47.19 -27.23 -31.39
CA ALA H 18 -47.45 -25.92 -30.80
C ALA H 18 -47.32 -26.07 -29.29
N ILE H 19 -46.13 -25.80 -28.77
CA ILE H 19 -45.87 -25.91 -27.33
C ILE H 19 -45.31 -24.62 -26.78
N ALA H 20 -45.76 -23.49 -27.34
CA ALA H 20 -45.47 -22.16 -26.79
C ALA H 20 -43.96 -21.91 -26.74
N ILE H 21 -43.34 -21.84 -27.91
CA ILE H 21 -41.89 -21.62 -28.00
C ILE H 21 -41.66 -20.22 -27.46
N PRO H 22 -40.79 -20.02 -26.48
CA PRO H 22 -40.68 -18.71 -25.85
C PRO H 22 -39.79 -17.78 -26.65
N GLN H 23 -39.93 -16.49 -26.37
CA GLN H 23 -39.09 -15.48 -27.02
C GLN H 23 -37.72 -15.47 -26.37
N PHE H 24 -36.75 -16.08 -27.03
CA PHE H 24 -35.36 -16.12 -26.58
C PHE H 24 -34.58 -14.92 -27.16
N SER H 25 -35.11 -13.73 -26.89
CA SER H 25 -34.47 -12.52 -27.34
C SER H 25 -33.92 -11.71 -26.18
N ALA H 26 -34.73 -11.50 -25.15
CA ALA H 26 -34.25 -10.82 -23.97
C ALA H 26 -33.18 -11.64 -23.26
N TYR H 27 -33.28 -12.97 -23.32
CA TYR H 27 -32.37 -13.81 -22.55
C TYR H 27 -30.99 -13.87 -23.17
N ARG H 28 -30.82 -13.35 -24.38
CA ARG H 28 -29.55 -13.26 -25.12
C ARG H 28 -29.02 -11.84 -25.12
N VAL H 29 -29.87 -10.80 -25.23
CA VAL H 29 -29.40 -9.41 -25.18
C VAL H 29 -28.71 -9.09 -23.85
N LYS H 30 -29.19 -9.67 -22.74
CA LYS H 30 -28.52 -9.56 -21.43
C LYS H 30 -27.06 -10.03 -21.47
N ALA H 31 -26.75 -11.12 -22.17
CA ALA H 31 -25.37 -11.58 -22.32
C ALA H 31 -24.53 -10.56 -23.11
N TYR H 32 -25.01 -10.07 -24.25
CA TYR H 32 -24.30 -9.04 -25.01
C TYR H 32 -24.02 -7.78 -24.18
N ASN H 33 -24.98 -7.32 -23.40
CA ASN H 33 -24.81 -6.20 -22.49
C ASN H 33 -23.70 -6.47 -21.47
N SER H 34 -23.79 -7.57 -20.72
CA SER H 34 -22.82 -7.92 -19.68
C SER H 34 -21.44 -8.29 -20.22
N ALA H 35 -21.25 -8.46 -21.53
CA ALA H 35 -19.94 -8.45 -22.13
C ALA H 35 -19.37 -7.02 -22.18
N ALA H 36 -20.14 -6.03 -22.61
CA ALA H 36 -19.71 -4.65 -22.71
C ALA H 36 -19.41 -3.97 -21.38
N SER H 37 -20.21 -4.21 -20.34
CA SER H 37 -19.95 -3.62 -19.01
C SER H 37 -18.73 -4.24 -18.33
N SER H 38 -18.57 -5.56 -18.40
CA SER H 38 -17.32 -6.25 -18.07
C SER H 38 -16.13 -5.65 -18.80
N ASP H 39 -16.24 -5.47 -20.12
CA ASP H 39 -15.16 -4.95 -20.94
C ASP H 39 -14.75 -3.53 -20.52
N LEU H 40 -15.72 -2.65 -20.26
CA LEU H 40 -15.47 -1.32 -19.72
C LEU H 40 -14.81 -1.36 -18.34
N ARG H 41 -15.31 -2.15 -17.39
CA ARG H 41 -14.71 -2.21 -16.05
C ARG H 41 -13.28 -2.74 -16.09
N ASN H 42 -12.95 -3.55 -17.08
CA ASN H 42 -11.60 -3.96 -17.34
C ASN H 42 -10.78 -2.84 -17.98
N LEU H 43 -11.32 -2.17 -19.00
CA LEU H 43 -10.67 -1.06 -19.71
C LEU H 43 -10.25 0.06 -18.77
N LYS H 44 -11.08 0.38 -17.78
CA LYS H 44 -10.74 1.34 -16.73
C LYS H 44 -9.44 0.99 -16.00
N THR H 45 -9.21 -0.26 -15.63
CA THR H 45 -7.95 -0.67 -14.98
C THR H 45 -6.75 -0.43 -15.89
N ALA H 46 -6.86 -0.64 -17.20
CA ALA H 46 -5.76 -0.30 -18.10
C ALA H 46 -5.50 1.21 -18.14
N LEU H 47 -6.53 2.05 -18.24
CA LEU H 47 -6.36 3.52 -18.20
C LEU H 47 -5.68 3.97 -16.91
N GLU H 48 -6.17 3.53 -15.76
CA GLU H 48 -5.67 4.00 -14.48
C GLU H 48 -4.41 3.27 -14.01
N SER H 49 -4.00 2.20 -14.70
CA SER H 49 -2.64 1.68 -14.66
C SER H 49 -1.71 2.58 -15.46
N ALA H 50 -2.06 2.89 -16.71
CA ALA H 50 -1.22 3.71 -17.59
C ALA H 50 -1.00 5.12 -17.03
N PHE H 51 -1.98 5.72 -16.36
CA PHE H 51 -1.77 6.99 -15.70
C PHE H 51 -0.66 6.91 -14.65
N ALA H 52 -0.68 5.91 -13.80
CA ALA H 52 0.32 5.75 -12.74
C ALA H 52 1.72 5.35 -13.27
N ASP H 53 1.88 5.16 -14.59
CA ASP H 53 3.19 5.13 -15.25
C ASP H 53 3.61 6.54 -15.73
N ASP H 54 2.72 7.26 -16.40
CA ASP H 54 3.09 8.40 -17.25
C ASP H 54 2.59 9.78 -16.75
N GLN H 55 1.85 9.83 -15.63
CA GLN H 55 1.16 11.02 -15.13
C GLN H 55 0.08 11.58 -16.08
N THR H 56 -0.34 10.80 -17.05
CA THR H 56 -1.31 11.17 -18.06
C THR H 56 -2.09 9.95 -18.49
N TYR H 57 -3.37 10.12 -18.79
CA TYR H 57 -4.08 9.11 -19.56
C TYR H 57 -3.53 9.07 -20.99
N PRO H 58 -3.64 7.95 -21.69
CA PRO H 58 -3.12 7.82 -23.04
C PRO H 58 -3.69 8.84 -24.03
N PRO H 59 -2.96 9.19 -25.11
CA PRO H 59 -3.56 9.87 -26.25
C PRO H 59 -4.61 8.97 -26.90
N GLU H 60 -5.67 9.54 -27.46
CA GLU H 60 -6.65 8.78 -28.26
C GLU H 60 -6.01 8.12 -29.49
N SER H 61 -6.59 7.02 -29.97
CA SER H 61 -6.16 6.28 -31.18
C SER H 61 -4.67 5.94 -31.21
N PHE I 1 -44.86 -39.77 -36.85
CA PHE I 1 -44.98 -40.83 -37.89
C PHE I 1 -45.98 -41.90 -37.42
N THR I 2 -45.48 -42.92 -36.72
CA THR I 2 -46.35 -44.02 -36.21
C THR I 2 -46.78 -43.69 -34.78
N LEU I 3 -47.96 -44.18 -34.36
CA LEU I 3 -48.46 -43.92 -33.03
C LEU I 3 -47.48 -44.32 -31.94
N ILE I 4 -46.65 -45.33 -32.18
CA ILE I 4 -45.68 -45.73 -31.16
C ILE I 4 -44.55 -44.72 -31.08
N GLU I 5 -44.21 -44.11 -32.23
CA GLU I 5 -43.18 -43.05 -32.29
C GLU I 5 -43.68 -41.84 -31.49
N LEU I 6 -44.96 -41.46 -31.66
CA LEU I 6 -45.57 -40.40 -30.89
C LEU I 6 -45.88 -40.80 -29.46
N LEU I 7 -45.45 -41.99 -29.04
CA LEU I 7 -45.54 -42.39 -27.64
C LEU I 7 -44.20 -42.39 -26.94
N ILE I 8 -43.11 -42.37 -27.69
CA ILE I 8 -41.80 -42.21 -27.09
C ILE I 8 -41.47 -40.73 -26.91
N VAL I 9 -41.86 -39.90 -27.88
CA VAL I 9 -41.61 -38.46 -27.78
C VAL I 9 -42.26 -37.90 -26.52
N VAL I 10 -43.55 -38.16 -26.35
CA VAL I 10 -44.24 -37.74 -25.13
C VAL I 10 -43.64 -38.42 -23.90
N ALA I 11 -42.94 -39.53 -24.07
CA ALA I 11 -42.27 -40.16 -22.95
C ALA I 11 -40.89 -39.56 -22.69
N ILE I 12 -40.36 -38.78 -23.63
CA ILE I 12 -39.08 -38.11 -23.44
C ILE I 12 -39.28 -36.63 -23.11
N ILE I 13 -40.23 -35.97 -23.76
CA ILE I 13 -40.57 -34.60 -23.39
C ILE I 13 -40.91 -34.53 -21.91
N GLY I 14 -41.58 -35.55 -21.38
CA GLY I 14 -41.84 -35.58 -19.95
C GLY I 14 -40.57 -35.70 -19.14
N ILE I 15 -39.57 -36.42 -19.67
CA ILE I 15 -38.30 -36.55 -18.96
C ILE I 15 -37.52 -35.24 -18.98
N LEU I 16 -37.28 -34.72 -20.16
CA LEU I 16 -36.48 -33.51 -20.32
C LEU I 16 -37.17 -32.27 -19.83
N ALA I 17 -38.38 -32.35 -19.28
CA ALA I 17 -39.03 -31.20 -18.69
C ALA I 17 -38.87 -31.12 -17.19
N ALA I 18 -38.25 -32.12 -16.57
CA ALA I 18 -38.01 -32.14 -15.13
C ALA I 18 -36.59 -32.65 -14.91
N ILE I 19 -35.64 -31.72 -14.81
CA ILE I 19 -34.24 -32.08 -14.63
C ILE I 19 -33.66 -31.38 -13.41
N ALA I 20 -34.50 -31.17 -12.38
CA ALA I 20 -34.06 -30.70 -11.07
C ALA I 20 -33.38 -29.33 -11.20
N ILE I 21 -34.16 -28.33 -11.58
CA ILE I 21 -33.64 -26.98 -11.76
C ILE I 21 -33.23 -26.51 -10.36
N PRO I 22 -32.00 -26.06 -10.15
CA PRO I 22 -31.56 -25.78 -8.78
C PRO I 22 -32.00 -24.39 -8.33
N GLN I 23 -31.98 -24.19 -7.02
CA GLN I 23 -32.33 -22.89 -6.45
C GLN I 23 -31.14 -21.95 -6.61
N PHE I 24 -31.23 -21.05 -7.59
CA PHE I 24 -30.21 -20.04 -7.85
C PHE I 24 -30.53 -18.76 -7.07
N SER I 25 -30.69 -18.92 -5.77
CA SER I 25 -30.96 -17.79 -4.90
C SER I 25 -29.79 -17.49 -3.98
N ALA I 26 -29.26 -18.51 -3.32
CA ALA I 26 -28.08 -18.31 -2.50
C ALA I 26 -26.87 -17.93 -3.35
N TYR I 27 -26.80 -18.44 -4.57
CA TYR I 27 -25.61 -18.22 -5.39
C TYR I 27 -25.55 -16.81 -5.95
N ARG I 28 -26.63 -16.04 -5.81
CA ARG I 28 -26.74 -14.64 -6.23
C ARG I 28 -26.68 -13.70 -5.03
N VAL I 29 -27.29 -14.05 -3.89
CA VAL I 29 -27.21 -13.20 -2.69
C VAL I 29 -25.77 -13.01 -2.22
N LYS I 30 -24.91 -14.02 -2.36
CA LYS I 30 -23.47 -13.90 -2.08
C LYS I 30 -22.81 -12.80 -2.89
N ALA I 31 -23.15 -12.61 -4.16
CA ALA I 31 -22.63 -11.52 -4.97
C ALA I 31 -23.09 -10.15 -4.43
N TYR I 32 -24.37 -9.98 -4.14
CA TYR I 32 -24.88 -8.74 -3.55
C TYR I 32 -24.18 -8.39 -2.22
N ASN I 33 -23.96 -9.37 -1.36
CA ASN I 33 -23.22 -9.18 -0.11
C ASN I 33 -21.80 -8.71 -0.38
N SER I 34 -21.02 -9.43 -1.19
CA SER I 34 -19.63 -9.10 -1.50
C SER I 34 -19.46 -7.83 -2.31
N ALA I 35 -20.52 -7.24 -2.86
CA ALA I 35 -20.47 -5.86 -3.33
C ALA I 35 -20.45 -4.88 -2.14
N ALA I 36 -21.30 -5.06 -1.14
CA ALA I 36 -21.39 -4.18 0.02
C ALA I 36 -20.15 -4.20 0.93
N SER I 37 -19.54 -5.37 1.17
CA SER I 37 -18.33 -5.45 2.00
C SER I 37 -17.11 -4.86 1.28
N SER I 38 -16.93 -5.13 0.00
CA SER I 38 -16.00 -4.41 -0.87
C SER I 38 -16.21 -2.90 -0.79
N ASP I 39 -17.44 -2.44 -0.93
CA ASP I 39 -17.76 -1.02 -0.92
C ASP I 39 -17.40 -0.37 0.41
N LEU I 40 -17.71 -1.01 1.54
CA LEU I 40 -17.29 -0.56 2.85
C LEU I 40 -15.76 -0.51 3.01
N ARG I 41 -15.04 -1.57 2.63
CA ARG I 41 -13.58 -1.58 2.77
C ARG I 41 -12.92 -0.50 1.93
N ASN I 42 -13.55 -0.11 0.84
CA ASN I 42 -13.14 1.02 0.05
C ASN I 42 -13.49 2.35 0.73
N LEU I 43 -14.72 2.49 1.24
CA LEU I 43 -15.21 3.69 1.92
C LEU I 43 -14.33 4.06 3.12
N LYS I 44 -13.85 3.07 3.87
CA LYS I 44 -12.90 3.28 4.96
C LYS I 44 -11.63 4.02 4.51
N THR I 45 -11.05 3.66 3.37
CA THR I 45 -9.86 4.37 2.84
C THR I 45 -10.17 5.83 2.54
N ALA I 46 -11.35 6.17 2.03
CA ALA I 46 -11.72 7.56 1.85
C ALA I 46 -11.83 8.31 3.18
N LEU I 47 -12.49 7.73 4.20
CA LEU I 47 -12.56 8.35 5.53
C LEU I 47 -11.18 8.59 6.12
N GLU I 48 -10.31 7.59 6.13
CA GLU I 48 -9.01 7.70 6.77
C GLU I 48 -7.94 8.37 5.89
N SER I 49 -8.25 8.62 4.63
CA SER I 49 -7.55 9.62 3.81
C SER I 49 -7.97 11.03 4.22
N ALA I 50 -9.27 11.30 4.27
CA ALA I 50 -9.79 12.62 4.61
C ALA I 50 -9.37 13.08 6.01
N PHE I 51 -9.29 12.17 6.99
CA PHE I 51 -8.77 12.52 8.30
C PHE I 51 -7.35 13.06 8.22
N ALA I 52 -6.47 12.38 7.50
CA ALA I 52 -5.07 12.79 7.38
C ALA I 52 -4.87 14.07 6.52
N ASP I 53 -5.93 14.64 5.98
CA ASP I 53 -5.96 16.03 5.46
C ASP I 53 -6.38 17.02 6.54
N ASP I 54 -7.46 16.75 7.26
CA ASP I 54 -8.20 17.77 8.03
C ASP I 54 -8.15 17.60 9.56
N GLN I 55 -7.50 16.57 10.08
CA GLN I 55 -7.51 16.17 11.49
C GLN I 55 -8.88 15.78 12.03
N THR I 56 -9.83 15.53 11.15
CA THR I 56 -11.21 15.19 11.48
C THR I 56 -11.78 14.28 10.42
N TYR I 57 -12.63 13.34 10.82
CA TYR I 57 -13.50 12.69 9.85
C TYR I 57 -14.51 13.69 9.31
N PRO I 58 -15.05 13.49 8.11
CA PRO I 58 -15.99 14.40 7.51
C PRO I 58 -17.26 14.63 8.36
N PRO I 59 -17.94 15.78 8.23
CA PRO I 59 -19.31 15.92 8.72
C PRO I 59 -20.24 14.95 7.97
N GLU I 60 -21.27 14.44 8.62
CA GLU I 60 -22.31 13.65 7.95
C GLU I 60 -23.04 14.45 6.85
N SER I 61 -23.58 13.77 5.84
CA SER I 61 -24.37 14.35 4.74
C SER I 61 -23.70 15.54 4.05
N PHE J 1 -79.05 -71.52 -60.27
CA PHE J 1 -79.71 -72.85 -60.26
C PHE J 1 -81.21 -72.66 -60.56
N THR J 2 -82.01 -72.49 -59.50
CA THR J 2 -83.49 -72.30 -59.66
C THR J 2 -83.80 -70.81 -59.72
N LEU J 3 -84.88 -70.43 -60.42
CA LEU J 3 -85.26 -69.03 -60.55
C LEU J 3 -85.40 -68.34 -59.21
N ILE J 4 -85.80 -69.06 -58.17
CA ILE J 4 -85.94 -68.43 -56.86
C ILE J 4 -84.57 -68.16 -56.25
N GLU J 5 -83.60 -69.03 -56.56
CA GLU J 5 -82.19 -68.84 -56.11
C GLU J 5 -81.63 -67.58 -56.77
N LEU J 6 -81.89 -67.39 -58.07
CA LEU J 6 -81.49 -66.20 -58.79
C LEU J 6 -82.36 -65.00 -58.46
N LEU J 7 -83.26 -65.12 -57.48
CA LEU J 7 -84.01 -63.98 -56.98
C LEU J 7 -83.55 -63.54 -55.61
N ILE J 8 -82.81 -64.38 -54.90
CA ILE J 8 -82.20 -63.97 -53.65
C ILE J 8 -80.86 -63.31 -53.89
N VAL J 9 -80.09 -63.82 -54.85
CA VAL J 9 -78.80 -63.23 -55.18
C VAL J 9 -78.97 -61.77 -55.58
N VAL J 10 -79.86 -61.50 -56.54
CA VAL J 10 -80.16 -60.13 -56.93
C VAL J 10 -80.76 -59.35 -55.77
N ALA J 11 -81.32 -60.04 -54.77
CA ALA J 11 -81.81 -59.35 -53.59
C ALA J 11 -80.73 -59.09 -52.57
N ILE J 12 -79.58 -59.74 -52.69
CA ILE J 12 -78.45 -59.52 -51.81
C ILE J 12 -77.40 -58.62 -52.45
N ILE J 13 -77.12 -58.83 -53.74
CA ILE J 13 -76.25 -57.91 -54.47
C ILE J 13 -76.73 -56.48 -54.34
N GLY J 14 -78.05 -56.28 -54.34
CA GLY J 14 -78.58 -54.95 -54.12
C GLY J 14 -78.30 -54.45 -52.72
N ILE J 15 -78.26 -55.34 -51.73
CA ILE J 15 -77.96 -54.95 -50.36
C ILE J 15 -76.49 -54.59 -50.23
N LEU J 16 -75.62 -55.52 -50.58
CA LEU J 16 -74.18 -55.32 -50.42
C LEU J 16 -73.60 -54.30 -51.37
N ALA J 17 -74.39 -53.65 -52.21
CA ALA J 17 -73.90 -52.59 -53.06
C ALA J 17 -74.16 -51.19 -52.48
N ALA J 18 -74.85 -51.10 -51.35
CA ALA J 18 -75.14 -49.83 -50.69
C ALA J 18 -74.94 -50.04 -49.20
N ILE J 19 -73.74 -49.74 -48.71
CA ILE J 19 -73.43 -49.91 -47.30
C ILE J 19 -72.89 -48.63 -46.70
N ALA J 20 -73.39 -47.49 -47.20
CA ALA J 20 -73.12 -46.17 -46.61
C ALA J 20 -71.62 -45.88 -46.59
N ILE J 21 -71.05 -45.74 -47.79
CA ILE J 21 -69.63 -45.46 -47.93
C ILE J 21 -69.41 -44.07 -47.33
N PRO J 22 -68.51 -43.90 -46.38
CA PRO J 22 -68.42 -42.60 -45.69
C PRO J 22 -67.59 -41.61 -46.49
N GLN J 23 -67.75 -40.34 -46.14
CA GLN J 23 -66.98 -39.28 -46.78
C GLN J 23 -65.58 -39.25 -46.19
N PHE J 24 -64.62 -39.80 -46.92
CA PHE J 24 -63.21 -39.79 -46.51
C PHE J 24 -62.50 -38.56 -47.07
N SER J 25 -63.07 -37.40 -46.74
CA SER J 25 -62.47 -36.14 -47.16
C SER J 25 -61.91 -35.37 -45.99
N ALA J 26 -62.68 -35.24 -44.91
CA ALA J 26 -62.16 -34.59 -43.72
C ALA J 26 -61.05 -35.40 -43.09
N TYR J 27 -61.10 -36.72 -43.20
CA TYR J 27 -60.14 -37.57 -42.51
C TYR J 27 -58.79 -37.57 -43.19
N ARG J 28 -58.69 -36.98 -44.39
CA ARG J 28 -57.46 -36.82 -45.16
C ARG J 28 -56.96 -35.38 -45.11
N VAL J 29 -57.85 -34.38 -45.16
CA VAL J 29 -57.42 -32.97 -45.05
C VAL J 29 -56.70 -32.68 -43.74
N LYS J 30 -57.10 -33.32 -42.63
CA LYS J 30 -56.39 -33.24 -41.36
C LYS J 30 -54.92 -33.66 -41.47
N ALA J 31 -54.59 -34.71 -42.23
CA ALA J 31 -53.21 -35.11 -42.46
C ALA J 31 -52.44 -34.03 -43.23
N TYR J 32 -52.98 -33.51 -44.32
CA TYR J 32 -52.34 -32.43 -45.07
C TYR J 32 -52.07 -31.19 -44.20
N ASN J 33 -53.02 -30.80 -43.35
CA ASN J 33 -52.83 -29.71 -42.41
C ASN J 33 -51.68 -29.99 -41.45
N SER J 34 -51.70 -31.12 -40.74
CA SER J 34 -50.68 -31.49 -39.76
C SER J 34 -49.31 -31.78 -40.37
N ALA J 35 -49.18 -31.89 -41.69
CA ALA J 35 -47.88 -31.81 -42.34
C ALA J 35 -47.37 -30.36 -42.35
N ALA J 36 -48.19 -29.38 -42.70
CA ALA J 36 -47.80 -27.98 -42.77
C ALA J 36 -47.48 -27.35 -41.42
N SER J 37 -48.22 -27.66 -40.35
CA SER J 37 -47.93 -27.12 -39.01
C SER J 37 -46.66 -27.73 -38.41
N SER J 38 -46.45 -29.03 -38.55
CA SER J 38 -45.18 -29.70 -38.29
C SER J 38 -44.04 -29.03 -39.05
N ASP J 39 -44.21 -28.79 -40.34
CA ASP J 39 -43.17 -28.21 -41.18
C ASP J 39 -42.80 -26.79 -40.71
N LEU J 40 -43.79 -25.96 -40.38
CA LEU J 40 -43.56 -24.65 -39.79
C LEU J 40 -42.84 -24.72 -38.44
N ARG J 41 -43.28 -25.57 -37.51
CA ARG J 41 -42.62 -25.66 -36.20
C ARG J 41 -41.18 -26.14 -36.31
N ASN J 42 -40.87 -26.89 -37.36
CA ASN J 42 -39.51 -27.25 -37.69
C ASN J 42 -38.76 -26.07 -38.31
N LEU J 43 -39.36 -25.37 -39.27
CA LEU J 43 -38.77 -24.22 -39.97
C LEU J 43 -38.34 -23.12 -38.99
N LYS J 44 -39.15 -22.88 -37.95
CA LYS J 44 -38.81 -21.96 -36.88
C LYS J 44 -37.46 -22.28 -36.21
N THR J 45 -37.17 -23.54 -35.92
CA THR J 45 -35.88 -23.93 -35.33
C THR J 45 -34.72 -23.61 -36.26
N ALA J 46 -34.87 -23.77 -37.58
CA ALA J 46 -33.83 -23.36 -38.51
C ALA J 46 -33.61 -21.84 -38.49
N LEU J 47 -34.68 -21.03 -38.53
CA LEU J 47 -34.55 -19.57 -38.42
C LEU J 47 -33.84 -19.15 -37.13
N GLU J 48 -34.28 -19.65 -35.99
CA GLU J 48 -33.73 -19.21 -34.71
C GLU J 48 -32.43 -19.93 -34.32
N SER J 49 -32.02 -20.95 -35.07
CA SER J 49 -30.64 -21.42 -35.11
C SER J 49 -29.77 -20.45 -35.92
N ALA J 50 -30.18 -20.10 -37.13
CA ALA J 50 -29.41 -19.22 -38.00
C ALA J 50 -29.20 -17.83 -37.40
N PHE J 51 -30.17 -17.30 -36.66
CA PHE J 51 -29.99 -16.04 -35.94
C PHE J 51 -28.83 -16.13 -34.96
N ALA J 52 -28.78 -17.18 -34.15
CA ALA J 52 -27.74 -17.34 -33.14
C ALA J 52 -26.35 -17.67 -33.73
N ASP J 53 -26.23 -17.79 -35.06
CA ASP J 53 -24.95 -17.75 -35.78
C ASP J 53 -24.59 -16.32 -36.20
N ASP J 54 -25.53 -15.60 -36.81
CA ASP J 54 -25.24 -14.40 -37.62
C ASP J 54 -25.76 -13.07 -37.04
N GLN J 55 -26.46 -13.08 -35.90
CA GLN J 55 -27.17 -11.94 -35.32
C GLN J 55 -28.30 -11.39 -36.19
N THR J 56 -28.73 -12.14 -37.19
CA THR J 56 -29.76 -11.76 -38.15
C THR J 56 -30.52 -12.98 -38.60
N TYR J 57 -31.81 -12.85 -38.83
CA TYR J 57 -32.52 -13.84 -39.63
C TYR J 57 -32.02 -13.80 -41.06
N PRO J 58 -32.13 -14.90 -41.82
CA PRO J 58 -31.65 -14.96 -43.18
C PRO J 58 -32.29 -13.90 -44.11
N PRO J 59 -31.62 -13.49 -45.20
CA PRO J 59 -32.29 -12.79 -46.29
C PRO J 59 -33.34 -13.69 -46.93
N GLU J 60 -34.43 -13.13 -47.42
CA GLU J 60 -35.42 -13.89 -48.21
C GLU J 60 -34.81 -14.47 -49.50
N SER J 61 -35.38 -15.57 -50.01
CA SER J 61 -34.97 -16.24 -51.26
C SER J 61 -33.47 -16.53 -51.36
N PHE K 1 -72.35 -63.44 -57.38
CA PHE K 1 -72.48 -64.46 -58.46
C PHE K 1 -73.41 -65.59 -57.99
N THR K 2 -72.85 -66.63 -57.36
CA THR K 2 -73.66 -67.77 -56.86
C THR K 2 -74.04 -67.52 -55.39
N LEU K 3 -75.18 -68.05 -54.96
CA LEU K 3 -75.64 -67.89 -53.59
C LEU K 3 -74.60 -68.29 -52.56
N ILE K 4 -73.75 -69.26 -52.88
CA ILE K 4 -72.73 -69.66 -51.92
C ILE K 4 -71.63 -68.62 -51.84
N GLU K 5 -71.36 -67.95 -52.98
CA GLU K 5 -70.37 -66.84 -53.04
C GLU K 5 -70.87 -65.69 -52.16
N LEU K 6 -72.17 -65.36 -52.26
CA LEU K 6 -72.79 -64.35 -51.42
C LEU K 6 -73.02 -64.83 -50.00
N LEU K 7 -72.53 -66.00 -49.65
CA LEU K 7 -72.56 -66.47 -48.27
C LEU K 7 -71.18 -66.44 -47.62
N ILE K 8 -70.12 -66.35 -48.42
CA ILE K 8 -68.79 -66.17 -47.85
C ILE K 8 -68.52 -64.69 -47.63
N VAL K 9 -68.97 -63.84 -48.56
CA VAL K 9 -68.76 -62.40 -48.40
C VAL K 9 -69.37 -61.92 -47.09
N VAL K 10 -70.65 -62.23 -46.88
CA VAL K 10 -71.30 -61.89 -45.62
C VAL K 10 -70.63 -62.58 -44.44
N ALA K 11 -69.91 -63.67 -44.68
CA ALA K 11 -69.17 -64.32 -43.62
C ALA K 11 -67.80 -63.68 -43.39
N ILE K 12 -67.33 -62.85 -44.31
CA ILE K 12 -66.08 -62.13 -44.15
C ILE K 12 -66.30 -60.68 -43.74
N ILE K 13 -67.31 -60.03 -44.33
CA ILE K 13 -67.68 -58.70 -43.89
C ILE K 13 -67.96 -58.69 -42.39
N GLY K 14 -68.57 -59.75 -41.88
CA GLY K 14 -68.77 -59.86 -40.45
C GLY K 14 -67.47 -59.96 -39.69
N ILE K 15 -66.46 -60.62 -40.29
CA ILE K 15 -65.16 -60.74 -39.64
C ILE K 15 -64.44 -59.40 -39.63
N LEU K 16 -64.25 -58.82 -40.81
CA LEU K 16 -63.50 -57.58 -40.95
C LEU K 16 -64.22 -56.39 -40.37
N ALA K 17 -65.40 -56.53 -39.79
CA ALA K 17 -66.07 -55.43 -39.12
C ALA K 17 -65.85 -55.40 -37.62
N ALA K 18 -65.16 -56.41 -37.07
CA ALA K 18 -64.86 -56.48 -35.64
C ALA K 18 -63.42 -56.94 -35.51
N ILE K 19 -62.50 -55.99 -35.40
CA ILE K 19 -61.07 -56.31 -35.29
C ILE K 19 -60.48 -55.64 -34.06
N ALA K 20 -61.28 -55.51 -32.99
CA ALA K 20 -60.80 -55.06 -31.69
C ALA K 20 -60.17 -53.67 -31.78
N ILE K 21 -61.00 -52.68 -32.09
CA ILE K 21 -60.53 -51.31 -32.23
C ILE K 21 -60.09 -50.88 -30.83
N PRO K 22 -58.86 -50.41 -30.65
CA PRO K 22 -58.37 -50.15 -29.29
C PRO K 22 -58.84 -48.80 -28.77
N GLN K 23 -58.78 -48.65 -27.45
CA GLN K 23 -59.14 -47.40 -26.81
C GLN K 23 -57.99 -46.40 -26.97
N PHE K 24 -58.15 -45.48 -27.92
CA PHE K 24 -57.19 -44.42 -28.16
C PHE K 24 -57.52 -43.18 -27.32
N SER K 25 -57.62 -43.41 -26.02
CA SER K 25 -57.89 -42.32 -25.10
C SER K 25 -56.70 -42.02 -24.21
N ALA K 26 -56.10 -43.04 -23.63
CA ALA K 26 -54.90 -42.84 -22.84
C ALA K 26 -53.73 -42.38 -23.72
N TYR K 27 -53.70 -42.83 -24.96
CA TYR K 27 -52.55 -42.54 -25.82
C TYR K 27 -52.57 -41.11 -26.33
N ARG K 28 -53.66 -40.37 -26.11
CA ARG K 28 -53.83 -38.96 -26.46
C ARG K 28 -53.75 -38.08 -25.23
N VAL K 29 -54.30 -38.49 -24.08
CA VAL K 29 -54.21 -37.70 -22.84
C VAL K 29 -52.76 -37.46 -22.43
N LYS K 30 -51.87 -38.45 -22.64
CA LYS K 30 -50.43 -38.29 -22.41
C LYS K 30 -49.84 -37.12 -23.20
N ALA K 31 -50.23 -36.91 -24.46
CA ALA K 31 -49.78 -35.75 -25.23
C ALA K 31 -50.26 -34.43 -24.61
N TYR K 32 -51.54 -34.31 -24.26
CA TYR K 32 -52.06 -33.12 -23.61
C TYR K 32 -51.33 -32.80 -22.30
N ASN K 33 -51.04 -33.81 -21.49
CA ASN K 33 -50.26 -33.65 -20.27
C ASN K 33 -48.85 -33.11 -20.57
N SER K 34 -48.10 -33.78 -21.43
CA SER K 34 -46.73 -33.38 -21.79
C SER K 34 -46.64 -32.07 -22.56
N ALA K 35 -47.73 -31.49 -23.03
CA ALA K 35 -47.75 -30.09 -23.44
C ALA K 35 -47.71 -29.17 -22.22
N ALA K 36 -48.53 -29.42 -21.19
CA ALA K 36 -48.58 -28.59 -20.00
C ALA K 36 -47.32 -28.62 -19.13
N SER K 37 -46.66 -29.75 -18.97
CA SER K 37 -45.41 -29.83 -18.20
C SER K 37 -44.24 -29.17 -18.92
N SER K 38 -44.11 -29.38 -20.23
CA SER K 38 -43.24 -28.59 -21.11
C SER K 38 -43.49 -27.09 -20.95
N ASP K 39 -44.74 -26.67 -21.03
CA ASP K 39 -45.12 -25.27 -20.94
C ASP K 39 -44.72 -24.65 -19.60
N LEU K 40 -44.96 -25.36 -18.48
CA LEU K 40 -44.50 -24.94 -17.16
C LEU K 40 -42.98 -24.85 -17.08
N ARG K 41 -42.23 -25.86 -17.52
CA ARG K 41 -40.76 -25.82 -17.44
C ARG K 41 -40.17 -24.70 -18.27
N ASN K 42 -40.87 -24.29 -19.31
CA ASN K 42 -40.53 -23.10 -20.07
C ASN K 42 -40.90 -21.82 -19.31
N LEU K 43 -42.11 -21.75 -18.76
CA LEU K 43 -42.61 -20.59 -18.00
C LEU K 43 -41.69 -20.24 -16.83
N LYS K 44 -41.16 -21.24 -16.14
CA LYS K 44 -40.16 -21.04 -15.09
C LYS K 44 -38.94 -20.24 -15.56
N THR K 45 -38.39 -20.53 -16.73
CA THR K 45 -37.26 -19.76 -17.26
C THR K 45 -37.62 -18.30 -17.50
N ALA K 46 -38.84 -17.99 -17.95
CA ALA K 46 -39.26 -16.59 -18.06
C ALA K 46 -39.34 -15.91 -16.68
N LEU K 47 -39.93 -16.55 -15.67
CA LEU K 47 -39.97 -15.99 -14.30
C LEU K 47 -38.57 -15.73 -13.76
N GLU K 48 -37.68 -16.70 -13.83
CA GLU K 48 -36.35 -16.57 -13.24
C GLU K 48 -35.35 -15.82 -14.13
N SER K 49 -35.71 -15.53 -15.38
CA SER K 49 -35.08 -14.48 -16.17
C SER K 49 -35.53 -13.10 -15.68
N ALA K 50 -36.84 -12.88 -15.57
CA ALA K 50 -37.38 -11.59 -15.15
C ALA K 50 -36.93 -11.18 -13.75
N PHE K 51 -36.77 -12.12 -12.82
CA PHE K 51 -36.21 -11.81 -11.52
C PHE K 51 -34.81 -11.21 -11.64
N ALA K 52 -33.94 -11.82 -12.42
CA ALA K 52 -32.57 -11.36 -12.57
C ALA K 52 -32.45 -10.05 -13.38
N ASP K 53 -33.56 -9.48 -13.86
CA ASP K 53 -33.64 -8.09 -14.32
C ASP K 53 -34.04 -7.14 -13.18
N ASP K 54 -35.09 -7.49 -12.43
CA ASP K 54 -35.83 -6.53 -11.59
C ASP K 54 -35.72 -6.76 -10.07
N GLN K 55 -35.01 -7.80 -9.62
CA GLN K 55 -34.94 -8.25 -8.22
C GLN K 55 -36.28 -8.71 -7.65
N THR K 56 -37.26 -8.96 -8.50
CA THR K 56 -38.62 -9.36 -8.12
C THR K 56 -39.19 -10.24 -9.20
N TYR K 57 -39.98 -11.23 -8.81
CA TYR K 57 -40.87 -11.87 -9.77
C TYR K 57 -41.94 -10.88 -10.22
N PRO K 58 -42.52 -11.06 -11.41
CA PRO K 58 -43.52 -10.15 -11.93
C PRO K 58 -44.76 -10.00 -11.03
N PRO K 59 -45.49 -8.88 -11.09
CA PRO K 59 -46.84 -8.80 -10.53
C PRO K 59 -47.76 -9.77 -11.29
N GLU K 60 -48.75 -10.34 -10.62
CA GLU K 60 -49.79 -11.15 -11.28
C GLU K 60 -50.59 -10.32 -12.31
N SER K 61 -51.15 -10.99 -13.32
CA SER K 61 -52.00 -10.39 -14.38
C SER K 61 -51.39 -9.15 -15.04
N PHE L 1 -13.11 -8.76 -9.60
CA PHE L 1 -13.92 -8.85 -10.86
C PHE L 1 -13.81 -10.27 -11.42
N THR L 2 -12.82 -10.51 -12.28
CA THR L 2 -12.61 -11.85 -12.90
C THR L 2 -11.63 -12.65 -12.06
N LEU L 3 -11.75 -13.98 -12.06
CA LEU L 3 -10.86 -14.84 -11.29
C LEU L 3 -9.39 -14.58 -11.58
N ILE L 4 -9.06 -14.18 -12.80
CA ILE L 4 -7.66 -13.91 -13.11
C ILE L 4 -7.21 -12.60 -12.46
N GLU L 5 -8.14 -11.65 -12.36
CA GLU L 5 -7.87 -10.36 -11.67
C GLU L 5 -7.58 -10.63 -10.19
N LEU L 6 -8.40 -11.50 -9.56
CA LEU L 6 -8.17 -11.92 -8.18
C LEU L 6 -7.02 -12.89 -8.05
N LEU L 7 -6.26 -13.14 -9.11
CA LEU L 7 -5.04 -13.92 -9.03
C LEU L 7 -3.80 -13.06 -9.18
N ILE L 8 -3.93 -11.84 -9.67
CA ILE L 8 -2.82 -10.91 -9.69
C ILE L 8 -2.73 -10.15 -8.37
N VAL L 9 -3.88 -9.79 -7.81
CA VAL L 9 -3.89 -9.08 -6.53
C VAL L 9 -3.19 -9.91 -5.47
N VAL L 10 -3.61 -11.17 -5.30
CA VAL L 10 -2.94 -12.06 -4.37
C VAL L 10 -1.49 -12.29 -4.76
N ALA L 11 -1.14 -12.06 -6.02
CA ALA L 11 0.25 -12.15 -6.44
C ALA L 11 1.04 -10.89 -6.17
N ILE L 12 0.36 -9.78 -5.89
CA ILE L 12 1.01 -8.52 -5.56
C ILE L 12 0.99 -8.26 -4.06
N ILE L 13 -0.12 -8.57 -3.40
CA ILE L 13 -0.17 -8.49 -1.94
C ILE L 13 0.94 -9.32 -1.33
N GLY L 14 1.25 -10.47 -1.93
CA GLY L 14 2.37 -11.26 -1.45
C GLY L 14 3.69 -10.56 -1.66
N ILE L 15 3.81 -9.77 -2.74
CA ILE L 15 5.05 -9.04 -2.99
C ILE L 15 5.20 -7.89 -2.01
N LEU L 16 4.20 -7.02 -1.94
CA LEU L 16 4.26 -5.84 -1.10
C LEU L 16 4.17 -6.15 0.37
N ALA L 17 4.09 -7.41 0.79
CA ALA L 17 4.11 -7.75 2.19
C ALA L 17 5.50 -8.18 2.67
N ALA L 18 6.48 -8.27 1.77
CA ALA L 18 7.85 -8.63 2.13
C ALA L 18 8.77 -7.72 1.36
N ILE L 19 9.18 -6.61 1.98
CA ILE L 19 10.05 -5.65 1.33
C ILE L 19 11.28 -5.38 2.19
N ALA L 20 11.74 -6.41 2.91
CA ALA L 20 13.01 -6.36 3.64
C ALA L 20 13.03 -5.23 4.66
N ILE L 21 12.16 -5.36 5.67
CA ILE L 21 12.06 -4.36 6.72
C ILE L 21 13.39 -4.38 7.47
N PRO L 22 14.09 -3.26 7.60
CA PRO L 22 15.44 -3.32 8.16
C PRO L 22 15.41 -3.35 9.68
N GLN L 23 16.54 -3.76 10.26
CA GLN L 23 16.67 -3.79 11.71
C GLN L 23 16.94 -2.38 12.22
N PHE L 24 15.92 -1.73 12.75
CA PHE L 24 16.03 -0.40 13.34
C PHE L 24 16.36 -0.50 14.83
N SER L 25 17.45 -1.20 15.12
CA SER L 25 17.89 -1.35 16.49
C SER L 25 19.20 -0.61 16.73
N ALA L 26 20.17 -0.80 15.85
CA ALA L 26 21.42 -0.06 15.97
C ALA L 26 21.19 1.43 15.74
N TYR L 27 20.23 1.79 14.88
CA TYR L 27 20.06 3.19 14.52
C TYR L 27 19.38 3.98 15.61
N ARG L 28 18.88 3.32 16.66
CA ARG L 28 18.26 3.92 17.84
C ARG L 28 19.18 3.84 19.05
N VAL L 29 19.94 2.75 19.24
CA VAL L 29 20.89 2.67 20.36
C VAL L 29 21.95 3.77 20.29
N LYS L 30 22.39 4.15 19.09
CA LYS L 30 23.29 5.30 18.90
C LYS L 30 22.73 6.60 19.50
N ALA L 31 21.44 6.87 19.37
CA ALA L 31 20.82 8.04 19.99
C ALA L 31 20.87 7.95 21.52
N TYR L 32 20.49 6.82 22.11
CA TYR L 32 20.57 6.63 23.56
C TYR L 32 22.00 6.83 24.08
N ASN L 33 23.00 6.31 23.40
CA ASN L 33 24.40 6.51 23.75
C ASN L 33 24.77 8.00 23.72
N SER L 34 24.54 8.69 22.61
CA SER L 34 24.88 10.10 22.45
C SER L 34 24.06 11.05 23.33
N ALA L 35 23.00 10.60 23.98
CA ALA L 35 22.41 11.33 25.08
C ALA L 35 23.30 11.26 26.34
N ALA L 36 23.79 10.08 26.69
CA ALA L 36 24.63 9.89 27.88
C ALA L 36 26.00 10.55 27.80
N SER L 37 26.68 10.54 26.66
CA SER L 37 27.98 11.20 26.49
C SER L 37 27.86 12.73 26.50
N SER L 38 26.86 13.28 25.82
CA SER L 38 26.43 14.67 25.97
C SER L 38 26.18 15.03 27.42
N ASP L 39 25.40 14.22 28.13
CA ASP L 39 25.05 14.48 29.51
C ASP L 39 26.28 14.51 30.43
N LEU L 40 27.21 13.56 30.26
CA LEU L 40 28.49 13.58 30.96
C LEU L 40 29.33 14.80 30.65
N ARG L 41 29.50 15.17 29.37
CA ARG L 41 30.32 16.34 29.01
C ARG L 41 29.73 17.63 29.56
N ASN L 42 28.43 17.67 29.76
CA ASN L 42 27.76 18.75 30.45
C ASN L 42 28.00 18.68 31.96
N LEU L 43 27.82 17.50 32.57
CA LEU L 43 28.02 17.28 34.01
C LEU L 43 29.41 17.69 34.47
N LYS L 44 30.43 17.42 33.67
CA LYS L 44 31.80 17.88 33.94
C LYS L 44 31.89 19.39 34.13
N THR L 45 31.23 20.20 33.32
CA THR L 45 31.23 21.66 33.48
C THR L 45 30.60 22.08 34.81
N ALA L 46 29.55 21.40 35.28
CA ALA L 46 29.00 21.69 36.60
C ALA L 46 30.01 21.35 37.72
N LEU L 47 30.66 20.19 37.68
CA LEU L 47 31.70 19.84 38.66
C LEU L 47 32.82 20.87 38.69
N GLU L 48 33.39 21.20 37.54
CA GLU L 48 34.55 22.08 37.49
C GLU L 48 34.19 23.57 37.55
N SER L 49 32.90 23.92 37.48
CA SER L 49 32.38 25.19 37.96
C SER L 49 32.32 25.21 39.48
N ALA L 50 31.72 24.19 40.10
CA ALA L 50 31.56 24.14 41.55
C ALA L 50 32.91 24.10 42.29
N PHE L 51 33.93 23.45 41.72
CA PHE L 51 35.26 23.50 42.31
C PHE L 51 35.78 24.93 42.40
N ALA L 52 35.67 25.70 41.32
CA ALA L 52 36.17 27.07 41.29
C ALA L 52 35.33 28.05 42.14
N ASP L 53 34.26 27.59 42.79
CA ASP L 53 33.59 28.29 43.90
C ASP L 53 34.19 27.90 45.26
N ASP L 54 34.34 26.60 45.51
CA ASP L 54 34.50 26.05 46.87
C ASP L 54 35.88 25.44 47.18
N GLN L 55 36.80 25.40 46.21
CA GLN L 55 38.09 24.68 46.27
C GLN L 55 37.96 23.16 46.44
N THR L 56 36.78 22.61 46.21
CA THR L 56 36.47 21.20 46.37
C THR L 56 35.42 20.79 45.36
N TYR L 57 35.51 19.58 44.84
CA TYR L 57 34.35 18.98 44.19
C TYR L 57 33.26 18.72 45.21
N PRO L 58 31.99 18.66 44.81
CA PRO L 58 30.88 18.44 45.72
C PRO L 58 31.00 17.13 46.52
N PRO L 59 30.38 17.04 47.71
CA PRO L 59 30.14 15.75 48.35
C PRO L 59 29.20 14.90 47.49
N GLU L 60 29.36 13.59 47.49
CA GLU L 60 28.40 12.68 46.84
C GLU L 60 26.98 12.80 47.43
N SER L 61 25.95 12.47 46.65
CA SER L 61 24.53 12.46 47.06
C SER L 61 24.07 13.76 47.75
N PHE M 1 -6.25 -4.93 -2.06
CA PHE M 1 -7.70 -5.17 -2.27
C PHE M 1 -7.98 -5.34 -3.76
N THR M 2 -8.27 -4.23 -4.46
CA THR M 2 -8.56 -4.27 -5.91
C THR M 2 -7.27 -4.00 -6.70
N LEU M 3 -7.15 -4.55 -7.90
CA LEU M 3 -5.97 -4.37 -8.73
C LEU M 3 -5.62 -2.91 -8.92
N ILE M 4 -6.61 -2.02 -8.94
CA ILE M 4 -6.30 -0.61 -9.11
C ILE M 4 -5.69 -0.02 -7.84
N GLU M 5 -6.13 -0.56 -6.70
CA GLU M 5 -5.57 -0.15 -5.38
C GLU M 5 -4.09 -0.56 -5.32
N LEU M 6 -3.77 -1.77 -5.78
CA LEU M 6 -2.40 -2.26 -5.86
C LEU M 6 -1.64 -1.64 -7.02
N LEU M 7 -2.22 -0.67 -7.71
CA LEU M 7 -1.52 0.10 -8.72
C LEU M 7 -1.21 1.52 -8.27
N ILE M 8 -1.87 1.99 -7.21
CA ILE M 8 -1.51 3.28 -6.63
C ILE M 8 -0.40 3.10 -5.61
N VAL M 9 -0.45 2.01 -4.84
CA VAL M 9 0.59 1.75 -3.84
C VAL M 9 1.95 1.68 -4.52
N VAL M 10 2.07 0.83 -5.54
CA VAL M 10 3.31 0.77 -6.30
C VAL M 10 3.63 2.09 -6.98
N ALA M 11 2.63 2.95 -7.17
CA ALA M 11 2.89 4.27 -7.72
C ALA M 11 3.31 5.27 -6.65
N ILE M 12 3.11 4.95 -5.38
CA ILE M 12 3.53 5.81 -4.28
C ILE M 12 4.83 5.30 -3.65
N ILE M 13 4.96 3.99 -3.49
CA ILE M 13 6.23 3.42 -3.02
C ILE M 13 7.37 3.88 -3.92
N GLY M 14 7.12 3.98 -5.23
CA GLY M 14 8.13 4.51 -6.12
C GLY M 14 8.44 5.97 -5.84
N ILE M 15 7.44 6.74 -5.42
CA ILE M 15 7.66 8.14 -5.10
C ILE M 15 8.46 8.27 -3.81
N LEU M 16 7.96 7.69 -2.74
CA LEU M 16 8.58 7.81 -1.43
C LEU M 16 9.89 7.08 -1.31
N ALA M 17 10.39 6.42 -2.37
CA ALA M 17 11.69 5.80 -2.33
C ALA M 17 12.78 6.66 -2.95
N ALA M 18 12.44 7.82 -3.50
CA ALA M 18 13.39 8.75 -4.10
C ALA M 18 13.00 10.15 -3.67
N ILE M 19 13.59 10.62 -2.57
CA ILE M 19 13.27 11.95 -2.05
C ILE M 19 14.54 12.78 -1.88
N ALA M 20 15.52 12.56 -2.77
CA ALA M 20 16.72 13.39 -2.86
C ALA M 20 17.49 13.38 -1.54
N ILE M 21 18.02 12.22 -1.19
CA ILE M 21 18.78 12.07 0.05
C ILE M 21 20.03 12.93 -0.12
N PRO M 22 20.32 13.85 0.79
CA PRO M 22 21.42 14.79 0.55
C PRO M 22 22.76 14.17 0.92
N GLN M 23 23.82 14.78 0.41
CA GLN M 23 25.18 14.34 0.72
C GLN M 23 25.56 14.86 2.10
N PHE M 24 25.50 13.98 3.10
CA PHE M 24 25.90 14.30 4.47
C PHE M 24 27.38 13.98 4.68
N SER M 25 28.20 14.58 3.83
CA SER M 25 29.64 14.40 3.94
C SER M 25 30.34 15.68 4.35
N ALA M 26 30.01 16.79 3.72
CA ALA M 26 30.56 18.06 4.13
C ALA M 26 30.07 18.46 5.52
N TYR M 27 28.84 18.07 5.87
CA TYR M 27 28.26 18.52 7.12
C TYR M 27 28.84 17.78 8.31
N ARG M 28 29.62 16.73 8.09
CA ARG M 28 30.33 15.95 9.10
C ARG M 28 31.82 16.27 9.12
N VAL M 29 32.46 16.48 7.96
CA VAL M 29 33.88 16.85 7.93
C VAL M 29 34.15 18.15 8.69
N LYS M 30 33.24 19.12 8.63
CA LYS M 30 33.31 20.35 9.43
C LYS M 30 33.42 20.07 10.93
N ALA M 31 32.71 19.10 11.48
CA ALA M 31 32.83 18.72 12.88
C ALA M 31 34.23 18.15 13.18
N TYR M 32 34.73 17.23 12.37
CA TYR M 32 36.08 16.68 12.54
C TYR M 32 37.15 17.77 12.51
N ASN M 33 37.05 18.74 11.60
CA ASN M 33 37.95 19.88 11.54
C ASN M 33 37.90 20.70 12.83
N SER M 34 36.72 21.16 13.24
CA SER M 34 36.55 21.98 14.44
C SER M 34 36.83 21.25 15.75
N ALA M 35 37.01 19.93 15.75
CA ALA M 35 37.64 19.25 16.87
C ALA M 35 39.15 19.52 16.90
N ALA M 36 39.84 19.42 15.77
CA ALA M 36 41.28 19.62 15.69
C ALA M 36 41.74 21.07 15.95
N SER M 37 41.02 22.07 15.47
CA SER M 37 41.37 23.48 15.74
C SER M 37 41.12 23.88 17.19
N SER M 38 40.00 23.46 17.78
CA SER M 38 39.77 23.50 19.22
C SER M 38 40.90 22.85 20.00
N ASP M 39 41.29 21.64 19.61
CA ASP M 39 42.33 20.89 20.29
C ASP M 39 43.69 21.62 20.26
N LEU M 40 44.06 22.17 19.11
CA LEU M 40 45.25 23.01 18.98
C LEU M 40 45.18 24.27 19.84
N ARG M 41 44.08 25.03 19.81
CA ARG M 41 43.97 26.26 20.60
C ARG M 41 44.02 25.97 22.10
N ASN M 42 43.63 24.78 22.51
CA ASN M 42 43.81 24.30 23.87
C ASN M 42 45.26 23.91 24.13
N LEU M 43 45.88 23.14 23.23
CA LEU M 43 47.27 22.68 23.33
C LEU M 43 48.25 23.84 23.50
N LYS M 44 48.02 24.94 22.79
CA LYS M 44 48.80 26.17 22.95
C LYS M 44 48.82 26.69 24.39
N THR M 45 47.69 26.70 25.10
CA THR M 45 47.67 27.11 26.51
C THR M 45 48.51 26.21 27.39
N ALA M 46 48.55 24.90 27.14
CA ALA M 46 49.45 24.02 27.89
C ALA M 46 50.92 24.35 27.61
N LEU M 47 51.33 24.55 26.34
CA LEU M 47 52.70 24.95 26.02
C LEU M 47 53.09 26.25 26.71
N GLU M 48 52.28 27.29 26.58
CA GLU M 48 52.63 28.60 27.12
C GLU M 48 52.33 28.76 28.61
N SER M 49 51.66 27.79 29.24
CA SER M 49 51.69 27.58 30.68
C SER M 49 53.02 26.96 31.10
N ALA M 50 53.42 25.86 30.45
CA ALA M 50 54.65 25.17 30.81
C ALA M 50 55.91 26.03 30.63
N PHE M 51 55.94 26.91 29.63
CA PHE M 51 57.04 27.86 29.50
C PHE M 51 57.17 28.75 30.74
N ALA M 52 56.06 29.32 31.20
CA ALA M 52 56.08 30.22 32.36
C ALA M 52 56.33 29.50 33.69
N ASP M 53 56.50 28.16 33.69
CA ASP M 53 57.10 27.41 34.80
C ASP M 53 58.62 27.27 34.62
N ASP M 54 59.09 26.88 33.44
CA ASP M 54 60.43 26.32 33.25
C ASP M 54 61.39 27.19 32.41
N GLN M 55 60.94 28.34 31.89
CA GLN M 55 61.66 29.18 30.93
C GLN M 55 61.95 28.50 29.59
N THR M 56 61.29 27.39 29.31
CA THR M 56 61.47 26.59 28.10
C THR M 56 60.17 25.94 27.72
N TYR M 57 59.90 25.80 26.43
CA TYR M 57 58.89 24.85 25.99
C TYR M 57 59.36 23.43 26.28
N PRO M 58 58.44 22.47 26.43
CA PRO M 58 58.79 21.10 26.74
C PRO M 58 59.72 20.45 25.69
N PRO M 59 60.52 19.44 26.06
CA PRO M 59 61.14 18.56 25.09
C PRO M 59 60.07 17.79 24.31
N GLU M 60 60.32 17.48 23.04
CA GLU M 60 59.43 16.60 22.26
C GLU M 60 59.32 15.20 22.87
N SER M 61 58.21 14.50 22.62
CA SER M 61 57.95 13.12 23.07
C SER M 61 58.20 12.88 24.56
N PHE N 1 2.85 -0.48 1.87
CA PHE N 1 2.04 -1.72 1.96
C PHE N 1 0.62 -1.44 1.47
N THR N 2 -0.28 -1.06 2.39
CA THR N 2 -1.68 -0.76 2.04
C THR N 2 -1.83 0.74 1.77
N LEU N 3 -2.78 1.11 0.90
CA LEU N 3 -3.01 2.51 0.55
C LEU N 3 -3.22 3.38 1.78
N ILE N 4 -3.80 2.84 2.85
CA ILE N 4 -4.00 3.66 4.04
C ILE N 4 -2.68 3.89 4.77
N GLU N 5 -1.78 2.89 4.68
CA GLU N 5 -0.42 3.01 5.28
C GLU N 5 0.34 4.12 4.53
N LEU N 6 0.24 4.14 3.20
CA LEU N 6 0.84 5.20 2.40
C LEU N 6 0.07 6.50 2.47
N LEU N 7 -0.93 6.60 3.34
CA LEU N 7 -1.61 7.85 3.61
C LEU N 7 -1.26 8.43 4.96
N ILE N 8 -0.69 7.62 5.85
CA ILE N 8 -0.18 8.14 7.11
C ILE N 8 1.24 8.64 6.94
N VAL N 9 2.05 7.94 6.15
CA VAL N 9 3.43 8.36 5.91
C VAL N 9 3.45 9.76 5.32
N VAL N 10 2.71 9.97 4.23
CA VAL N 10 2.60 11.31 3.66
C VAL N 10 1.96 12.29 4.63
N ALA N 11 1.24 11.80 5.63
CA ALA N 11 0.69 12.67 6.65
C ALA N 11 1.68 12.96 7.75
N ILE N 12 2.77 12.20 7.85
CA ILE N 12 3.81 12.44 8.83
C ILE N 12 5.02 13.14 8.21
N ILE N 13 5.40 12.74 7.00
CA ILE N 13 6.44 13.46 6.27
C ILE N 13 6.10 14.94 6.17
N GLY N 14 4.82 15.25 5.97
CA GLY N 14 4.41 16.65 5.98
C GLY N 14 4.60 17.30 7.33
N ILE N 15 4.42 16.54 8.41
CA ILE N 15 4.61 17.09 9.75
C ILE N 15 6.10 17.33 10.01
N LEU N 16 6.90 16.29 9.89
CA LEU N 16 8.32 16.38 10.19
C LEU N 16 9.11 17.20 9.20
N ALA N 17 8.47 17.80 8.19
CA ALA N 17 9.18 18.70 7.30
C ALA N 17 9.00 20.17 7.67
N ALA N 18 8.20 20.47 8.69
CA ALA N 18 7.98 21.85 9.14
C ALA N 18 8.00 21.81 10.66
N ILE N 19 9.17 22.06 11.25
CA ILE N 19 9.31 22.05 12.69
C ILE N 19 9.91 23.36 13.19
N ALA N 20 9.60 24.46 12.51
CA ALA N 20 9.94 25.80 12.96
C ALA N 20 11.45 25.96 13.12
N ILE N 21 12.16 25.89 11.99
CA ILE N 21 13.61 26.01 11.99
C ILE N 21 13.91 27.45 12.44
N PRO N 22 14.72 27.66 13.46
CA PRO N 22 14.87 29.02 13.99
C PRO N 22 15.88 29.82 13.18
N GLN N 23 15.81 31.14 13.35
CA GLN N 23 16.76 32.03 12.68
C GLN N 23 18.08 32.01 13.44
N PHE N 24 19.05 31.27 12.89
CA PHE N 24 20.40 31.21 13.46
C PHE N 24 21.29 32.29 12.85
N SER N 25 20.82 33.52 12.97
CA SER N 25 21.59 34.66 12.47
C SER N 25 22.10 35.53 13.60
N ALA N 26 21.24 35.87 14.55
CA ALA N 26 21.69 36.62 15.70
C ALA N 26 22.64 35.80 16.56
N TYR N 27 22.45 34.48 16.61
CA TYR N 27 23.24 33.65 17.50
C TYR N 27 24.66 33.45 16.99
N ARG N 28 24.95 33.86 15.75
CA ARG N 28 26.27 33.81 15.12
C ARG N 28 26.90 35.18 15.04
N VAL N 29 26.13 36.25 14.78
CA VAL N 29 26.69 37.61 14.76
C VAL N 29 27.31 37.99 16.10
N LYS N 30 26.72 37.56 17.22
CA LYS N 30 27.30 37.74 18.56
C LYS N 30 28.71 37.17 18.67
N ALA N 31 29.00 36.01 18.09
CA ALA N 31 30.35 35.45 18.08
C ALA N 31 31.31 36.34 17.28
N TYR N 32 30.95 36.77 16.07
CA TYR N 32 31.78 37.67 15.28
C TYR N 32 32.08 38.99 16.02
N ASN N 33 31.09 39.57 16.70
CA ASN N 33 31.30 40.75 17.51
C ASN N 33 32.30 40.50 18.63
N SER N 34 32.08 39.48 19.47
CA SER N 34 32.95 39.16 20.60
C SER N 34 34.34 38.66 20.19
N ALA N 35 34.60 38.36 18.93
CA ALA N 35 35.96 38.24 18.43
C ALA N 35 36.62 39.62 18.31
N ALA N 36 35.95 40.61 17.74
CA ALA N 36 36.49 41.95 17.55
C ALA N 36 36.73 42.73 18.84
N SER N 37 35.86 42.63 19.84
CA SER N 37 36.05 43.31 21.13
C SER N 37 37.18 42.68 21.95
N SER N 38 37.26 41.35 22.00
CA SER N 38 38.43 40.61 22.48
C SER N 38 39.70 41.08 21.80
N ASP N 39 39.70 41.15 20.47
CA ASP N 39 40.87 41.52 19.70
C ASP N 39 41.34 42.94 20.02
N LEU N 40 40.41 43.90 20.14
CA LEU N 40 40.72 45.26 20.58
C LEU N 40 41.28 45.29 22.01
N ARG N 41 40.67 44.62 22.98
CA ARG N 41 41.16 44.64 24.36
C ARG N 41 42.53 44.02 24.47
N ASN N 42 42.88 43.12 23.57
CA ASN N 42 44.22 42.59 23.45
C ASN N 42 45.16 43.61 22.79
N LEU N 43 44.74 44.22 21.68
CA LEU N 43 45.52 45.21 20.94
C LEU N 43 45.95 46.39 21.81
N LYS N 44 45.07 46.84 22.71
CA LYS N 44 45.40 47.86 23.70
C LYS N 44 46.62 47.50 24.55
N THR N 45 46.74 46.27 25.03
CA THR N 45 47.91 45.85 25.80
C THR N 45 49.19 45.93 24.99
N ALA N 46 49.16 45.61 23.69
CA ALA N 46 50.34 45.80 22.85
C ALA N 46 50.71 47.29 22.70
N LEU N 47 49.75 48.18 22.45
CA LEU N 47 50.02 49.62 22.40
C LEU N 47 50.63 50.14 23.69
N GLU N 48 50.02 49.84 24.83
CA GLU N 48 50.48 50.39 26.10
C GLU N 48 51.64 49.61 26.73
N SER N 49 52.03 48.47 26.15
CA SER N 49 53.34 47.87 26.34
C SER N 49 54.38 48.64 25.54
N ALA N 50 54.15 48.86 24.25
CA ALA N 50 55.10 49.54 23.38
C ALA N 50 55.38 50.99 23.83
N PHE N 51 54.39 51.69 24.37
CA PHE N 51 54.65 53.01 24.94
C PHE N 51 55.67 52.96 26.07
N ALA N 52 55.53 52.02 27.01
CA ALA N 52 56.43 51.90 28.13
C ALA N 52 57.83 51.36 27.76
N ASP N 53 58.07 51.06 26.48
CA ASP N 53 59.42 50.89 25.91
C ASP N 53 59.97 52.21 25.36
N ASP N 54 59.18 52.93 24.57
CA ASP N 54 59.68 53.97 23.66
C ASP N 54 59.25 55.41 24.00
N GLN N 55 58.44 55.61 25.05
CA GLN N 55 57.79 56.88 25.40
C GLN N 55 56.82 57.42 24.33
N THR N 56 56.43 56.58 23.40
CA THR N 56 55.56 56.93 22.28
C THR N 56 54.72 55.73 21.89
N TYR N 57 53.48 55.95 21.49
CA TYR N 57 52.76 54.93 20.75
C TYR N 57 53.42 54.73 19.38
N PRO N 58 53.27 53.55 18.77
CA PRO N 58 53.88 53.27 17.48
C PRO N 58 53.46 54.25 16.36
N PRO N 59 54.28 54.46 15.32
CA PRO N 59 53.81 55.06 14.08
C PRO N 59 52.74 54.18 13.44
N GLU N 60 51.77 54.77 12.74
CA GLU N 60 50.80 54.01 11.95
C GLU N 60 51.48 53.20 10.82
N SER N 61 50.86 52.10 10.39
CA SER N 61 51.32 51.24 9.28
C SER N 61 52.79 50.80 9.41
N PHE O 1 9.97 7.23 4.63
CA PHE O 1 9.85 6.09 3.69
C PHE O 1 8.75 5.13 4.17
N THR O 2 9.12 4.14 4.99
CA THR O 2 8.14 3.16 5.52
C THR O 2 7.63 3.64 6.88
N LEU O 3 6.40 3.29 7.24
CA LEU O 3 5.81 3.70 8.51
C LEU O 3 6.68 3.33 9.70
N ILE O 4 7.45 2.25 9.62
CA ILE O 4 8.31 1.90 10.73
C ILE O 4 9.50 2.83 10.82
N GLU O 5 9.96 3.29 9.65
CA GLU O 5 11.08 4.28 9.58
C GLU O 5 10.61 5.60 10.23
N LEU O 6 9.37 6.02 9.92
CA LEU O 6 8.79 7.20 10.54
C LEU O 6 8.35 6.95 11.98
N LEU O 7 8.66 5.79 12.54
CA LEU O 7 8.43 5.53 13.95
C LEU O 7 9.71 5.50 14.76
N ILE O 8 10.85 5.39 14.09
CA ILE O 8 12.13 5.51 14.78
C ILE O 8 12.55 6.97 14.86
N VAL O 9 12.30 7.74 13.79
CA VAL O 9 12.64 9.16 13.79
C VAL O 9 11.94 9.87 14.93
N VAL O 10 10.61 9.72 15.03
CA VAL O 10 9.89 10.29 16.14
C VAL O 10 10.33 9.71 17.47
N ALA O 11 10.95 8.53 17.45
CA ALA O 11 11.50 7.97 18.67
C ALA O 11 12.89 8.50 19.00
N ILE O 12 13.55 9.14 18.04
CA ILE O 12 14.86 9.75 18.26
C ILE O 12 14.75 11.25 18.45
N ILE O 13 13.90 11.91 17.66
CA ILE O 13 13.62 13.33 17.89
C ILE O 13 13.19 13.57 19.32
N GLY O 14 12.41 12.65 19.88
CA GLY O 14 12.04 12.76 21.29
C GLY O 14 13.23 12.64 22.21
N ILE O 15 14.22 11.81 21.83
CA ILE O 15 15.41 11.65 22.64
C ILE O 15 16.28 12.90 22.57
N LEU O 16 16.66 13.30 21.36
CA LEU O 16 17.54 14.44 21.16
C LEU O 16 16.91 15.76 21.49
N ALA O 17 15.66 15.81 21.94
CA ALA O 17 15.06 17.06 22.37
C ALA O 17 15.11 17.25 23.88
N ALA O 18 15.61 16.28 24.63
CA ALA O 18 15.74 16.38 26.08
C ALA O 18 17.10 15.80 26.45
N ILE O 19 18.11 16.67 26.55
CA ILE O 19 19.46 16.24 26.87
C ILE O 19 19.99 17.00 28.08
N ALA O 20 19.10 17.36 29.01
CA ALA O 20 19.48 17.94 30.29
C ALA O 20 20.26 19.23 30.11
N ILE O 21 19.58 20.24 29.57
CA ILE O 21 20.21 21.54 29.33
C ILE O 21 20.55 22.11 30.70
N PRO O 22 21.79 22.48 30.98
CA PRO O 22 22.15 22.87 32.33
C PRO O 22 21.77 24.32 32.63
N GLN O 23 21.72 24.64 33.92
CA GLN O 23 21.43 26.00 34.34
C GLN O 23 22.69 26.85 34.19
N PHE O 24 22.73 27.65 33.12
CA PHE O 24 23.85 28.57 32.87
C PHE O 24 23.55 29.94 33.51
N SER O 25 23.29 29.91 34.81
CA SER O 25 23.04 31.13 35.53
C SER O 25 24.15 31.44 36.52
N ALA O 26 24.57 30.44 37.30
CA ALA O 26 25.69 30.65 38.20
C ALA O 26 26.99 30.87 37.42
N TYR O 27 27.11 30.24 36.25
CA TYR O 27 28.37 30.30 35.52
C TYR O 27 28.57 31.64 34.84
N ARG O 28 27.55 32.50 34.82
CA ARG O 28 27.58 33.86 34.28
C ARG O 28 27.61 34.89 35.39
N VAL O 29 26.90 34.70 36.50
CA VAL O 29 26.94 35.64 37.63
C VAL O 29 28.36 35.79 38.19
N LYS O 30 29.15 34.71 38.22
CA LYS O 30 30.56 34.76 38.61
C LYS O 30 31.36 35.75 37.75
N ALA O 31 31.14 35.83 36.44
CA ALA O 31 31.80 36.81 35.59
C ALA O 31 31.40 38.24 35.97
N TYR O 32 30.11 38.53 36.14
CA TYR O 32 29.65 39.84 36.57
C TYR O 32 30.27 40.27 37.91
N ASN O 33 30.36 39.36 38.88
CA ASN O 33 31.02 39.61 40.15
C ASN O 33 32.48 39.97 39.96
N SER O 34 33.26 39.12 39.28
CA SER O 34 34.69 39.34 39.06
C SER O 34 35.02 40.51 38.15
N ALA O 35 34.05 41.12 37.47
CA ALA O 35 34.23 42.44 36.89
C ALA O 35 34.24 43.52 37.98
N ALA O 36 33.30 43.49 38.92
CA ALA O 36 33.20 44.48 39.98
C ALA O 36 34.34 44.45 40.99
N SER O 37 34.86 43.29 41.39
CA SER O 37 36.00 43.19 42.31
C SER O 37 37.30 43.63 41.66
N SER O 38 37.55 43.23 40.41
CA SER O 38 38.59 43.81 39.56
C SER O 38 38.50 45.34 39.49
N ASP O 39 37.31 45.86 39.22
CA ASP O 39 37.09 47.29 39.07
C ASP O 39 37.40 48.04 40.37
N LEU O 40 36.97 47.53 41.52
CA LEU O 40 37.32 48.08 42.82
C LEU O 40 38.83 48.02 43.10
N ARG O 41 39.50 46.90 42.87
CA ARG O 41 40.95 46.81 43.14
C ARG O 41 41.74 47.74 42.24
N ASN O 42 41.22 48.07 41.08
CA ASN O 42 41.77 49.11 40.22
C ASN O 42 41.47 50.51 40.77
N LEU O 43 40.22 50.77 41.15
CA LEU O 43 39.77 52.06 41.69
C LEU O 43 40.58 52.48 42.91
N LYS O 44 40.93 51.55 43.78
CA LYS O 44 41.81 51.80 44.92
C LYS O 44 43.16 52.40 44.51
N THR O 45 43.79 51.90 43.46
CA THR O 45 45.06 52.47 42.98
C THR O 45 44.90 53.91 42.51
N ALA O 46 43.78 54.27 41.89
CA ALA O 46 43.53 55.68 41.55
C ALA O 46 43.37 56.55 42.81
N LEU O 47 42.60 56.11 43.81
CA LEU O 47 42.48 56.86 45.07
C LEU O 47 43.83 57.06 45.75
N GLU O 48 44.61 56.01 45.92
CA GLU O 48 45.87 56.10 46.65
C GLU O 48 47.04 56.60 45.81
N SER O 49 46.85 56.76 44.49
CA SER O 49 47.68 57.63 43.66
C SER O 49 47.34 59.09 43.91
N ALA O 50 46.05 59.45 43.83
CA ALA O 50 45.61 60.83 44.00
C ALA O 50 45.95 61.39 45.40
N PHE O 51 45.90 60.57 46.44
CA PHE O 51 46.35 61.01 47.76
C PHE O 51 47.81 61.45 47.75
N ALA O 52 48.69 60.65 47.16
CA ALA O 52 50.11 60.95 47.12
C ALA O 52 50.47 62.12 46.18
N ASP O 53 49.49 62.71 45.49
CA ASP O 53 49.61 64.04 44.86
C ASP O 53 49.19 65.17 45.81
N ASP O 54 48.03 65.04 46.47
CA ASP O 54 47.32 66.16 47.08
C ASP O 54 47.24 66.14 48.62
N GLN O 55 47.77 65.11 49.27
CA GLN O 55 47.63 64.85 50.71
C GLN O 55 46.19 64.60 51.18
N THR O 56 45.29 64.33 50.24
CA THR O 56 43.87 64.12 50.49
C THR O 56 43.32 63.15 49.48
N TYR O 57 42.38 62.31 49.89
CA TYR O 57 41.54 61.63 48.91
C TYR O 57 40.64 62.65 48.21
N PRO O 58 40.19 62.36 46.99
CA PRO O 58 39.35 63.28 46.23
C PRO O 58 38.05 63.68 46.96
N PRO O 59 37.46 64.84 46.67
CA PRO O 59 36.08 65.12 47.03
C PRO O 59 35.15 64.15 46.30
N GLU O 60 34.03 63.77 46.90
CA GLU O 60 32.99 62.99 46.22
C GLU O 60 32.40 63.73 45.01
N SER O 61 31.88 62.99 44.02
CA SER O 61 31.23 63.52 42.81
C SER O 61 32.04 64.60 42.07
N PHE P 1 14.30 14.79 10.96
CA PHE P 1 13.55 14.67 9.68
C PHE P 1 13.62 13.22 9.19
N THR P 2 14.64 12.91 8.37
CA THR P 2 14.82 11.53 7.83
C THR P 2 15.76 10.74 8.75
N LEU P 3 15.58 9.42 8.80
CA LEU P 3 16.41 8.57 9.65
C LEU P 3 17.89 8.77 9.40
N ILE P 4 18.29 9.10 8.17
CA ILE P 4 19.70 9.30 7.90
C ILE P 4 20.18 10.62 8.51
N GLU P 5 19.27 11.61 8.53
CA GLU P 5 19.57 12.93 9.17
C GLU P 5 19.78 12.71 10.67
N LEU P 6 18.92 11.90 11.31
CA LEU P 6 19.08 11.55 12.71
C LEU P 6 20.19 10.54 12.94
N LEU P 7 20.98 10.23 11.92
CA LEU P 7 22.17 9.41 12.08
C LEU P 7 23.45 10.21 11.95
N ILE P 8 23.36 11.41 11.39
CA ILE P 8 24.52 12.31 11.37
C ILE P 8 24.58 13.12 12.65
N VAL P 9 23.42 13.55 13.16
CA VAL P 9 23.39 14.32 14.40
C VAL P 9 24.02 13.51 15.53
N VAL P 10 23.55 12.28 15.73
CA VAL P 10 24.16 11.41 16.73
C VAL P 10 25.61 11.11 16.40
N ALA P 11 26.01 11.29 15.14
CA ALA P 11 27.42 11.11 14.79
C ALA P 11 28.23 12.37 15.03
N ILE P 12 27.59 13.51 15.23
CA ILE P 12 28.27 14.75 15.53
C ILE P 12 28.21 15.09 17.01
N ILE P 13 27.05 14.86 17.65
CA ILE P 13 26.96 15.00 19.09
C ILE P 13 28.02 14.17 19.79
N GLY P 14 28.30 12.98 19.25
CA GLY P 14 29.38 12.18 19.80
C GLY P 14 30.73 12.83 19.63
N ILE P 15 30.91 13.55 18.51
CA ILE P 15 32.19 14.23 18.27
C ILE P 15 32.34 15.42 19.21
N LEU P 16 31.37 16.33 19.18
CA LEU P 16 31.44 17.55 19.98
C LEU P 16 31.29 17.31 21.46
N ALA P 17 31.14 16.07 21.93
CA ALA P 17 31.11 15.79 23.35
C ALA P 17 32.45 15.35 23.90
N ALA P 18 33.46 15.19 23.05
CA ALA P 18 34.81 14.79 23.48
C ALA P 18 35.81 15.64 22.69
N ILE P 19 36.21 16.76 23.28
CA ILE P 19 37.14 17.66 22.62
C ILE P 19 38.35 17.93 23.52
N ALA P 20 38.75 16.92 24.30
CA ALA P 20 39.99 16.97 25.07
C ALA P 20 40.01 18.13 26.05
N ILE P 21 39.10 18.08 27.02
CA ILE P 21 38.99 19.14 28.01
C ILE P 21 40.29 19.11 28.81
N PRO P 22 41.03 20.20 28.92
CA PRO P 22 42.36 20.13 29.54
C PRO P 22 42.27 20.17 31.06
N GLN P 23 43.35 19.75 31.70
CA GLN P 23 43.43 19.79 33.16
C GLN P 23 43.74 21.22 33.60
N PHE P 24 42.71 21.92 34.07
CA PHE P 24 42.85 23.28 34.60
C PHE P 24 43.12 23.24 36.11
N SER P 25 44.17 22.51 36.46
CA SER P 25 44.56 22.42 37.85
C SER P 25 45.89 23.13 38.11
N ALA P 26 46.88 22.86 37.28
CA ALA P 26 48.14 23.57 37.41
C ALA P 26 47.98 25.05 37.11
N TYR P 27 47.07 25.40 36.20
CA TYR P 27 46.96 26.77 35.76
C TYR P 27 46.26 27.65 36.79
N ARG P 28 45.70 27.05 37.85
CA ARG P 28 45.06 27.71 38.98
C ARG P 28 45.94 27.68 40.22
N VAL P 29 46.64 26.58 40.48
CA VAL P 29 47.55 26.51 41.65
C VAL P 29 48.65 27.57 41.57
N LYS P 30 49.15 27.89 40.37
CA LYS P 30 50.10 28.99 40.17
C LYS P 30 49.56 30.34 40.68
N ALA P 31 48.28 30.65 40.49
CA ALA P 31 47.67 31.87 41.02
C ALA P 31 47.67 31.85 42.56
N TYR P 32 47.23 30.76 43.19
CA TYR P 32 47.25 30.63 44.65
C TYR P 32 48.66 30.81 45.22
N ASN P 33 49.68 30.22 44.59
CA ASN P 33 51.07 30.40 44.98
C ASN P 33 51.48 31.87 44.91
N SER P 34 51.32 32.51 43.76
CA SER P 34 51.72 33.91 43.55
C SER P 34 50.89 34.92 44.34
N ALA P 35 49.80 34.53 44.98
CA ALA P 35 49.19 35.34 46.03
C ALA P 35 50.03 35.29 47.31
N ALA P 36 50.48 34.12 47.74
CA ALA P 36 51.25 33.95 48.96
C ALA P 36 52.66 34.57 48.91
N SER P 37 53.37 34.48 47.79
CA SER P 37 54.70 35.09 47.65
C SER P 37 54.62 36.62 47.58
N SER P 38 53.67 37.16 46.84
CA SER P 38 53.30 38.58 46.90
C SER P 38 53.00 39.01 48.33
N ASP P 39 52.16 38.27 49.04
CA ASP P 39 51.76 38.60 50.40
C ASP P 39 52.97 38.64 51.37
N LEU P 40 53.87 37.66 51.27
CA LEU P 40 55.12 37.65 52.02
C LEU P 40 56.02 38.84 51.68
N ARG P 41 56.25 39.13 50.40
CA ARG P 41 57.13 40.26 50.02
C ARG P 41 56.56 41.59 50.48
N ASN P 42 55.25 41.69 50.63
CA ASN P 42 54.59 42.82 51.24
C ASN P 42 54.77 42.81 52.76
N LEU P 43 54.54 41.68 53.42
CA LEU P 43 54.67 41.52 54.87
C LEU P 43 56.06 41.90 55.37
N LYS P 44 57.10 41.56 54.62
CA LYS P 44 58.46 41.99 54.93
C LYS P 44 58.61 43.51 55.06
N THR P 45 58.01 44.29 54.17
CA THR P 45 58.05 45.76 54.27
C THR P 45 57.38 46.26 55.55
N ALA P 46 56.30 45.64 56.01
CA ALA P 46 55.72 46.01 57.29
C ALA P 46 56.66 45.69 58.47
N LEU P 47 57.28 44.51 58.50
CA LEU P 47 58.26 44.17 59.54
C LEU P 47 59.42 45.17 59.56
N GLU P 48 60.04 45.42 58.43
CA GLU P 48 61.23 46.27 58.39
C GLU P 48 60.91 47.77 58.35
N SER P 49 59.65 48.15 58.22
CA SER P 49 59.15 49.47 58.63
C SER P 49 59.04 49.55 60.14
N ALA P 50 58.37 48.59 60.78
CA ALA P 50 58.16 48.60 62.22
C ALA P 50 59.48 48.55 63.01
N PHE P 51 60.50 47.85 62.52
CA PHE P 51 61.81 47.89 63.15
C PHE P 51 62.38 49.30 63.19
N ALA P 52 62.33 50.03 62.08
CA ALA P 52 62.88 51.38 62.00
C ALA P 52 62.04 52.42 62.77
N ASP P 53 60.93 52.02 63.41
CA ASP P 53 60.25 52.79 64.45
C ASP P 53 60.78 52.45 65.84
N ASP P 54 60.88 51.15 66.17
CA ASP P 54 60.97 50.67 67.55
C ASP P 54 62.32 50.03 67.94
N GLN P 55 63.27 49.90 67.01
CA GLN P 55 64.52 49.16 67.16
C GLN P 55 64.34 47.65 67.40
N THR P 56 63.16 47.13 67.14
CA THR P 56 62.79 45.75 67.36
C THR P 56 61.77 45.32 66.32
N TYR P 57 61.83 44.08 65.87
CA TYR P 57 60.68 43.49 65.20
C TYR P 57 59.54 43.31 66.19
N PRO P 58 58.29 43.28 65.73
CA PRO P 58 57.14 43.14 66.62
C PRO P 58 57.18 41.87 67.49
N PRO P 59 56.51 41.85 68.65
CA PRO P 59 56.20 40.60 69.34
C PRO P 59 55.27 39.75 68.49
N GLU P 60 55.38 38.42 68.55
CA GLU P 60 54.42 37.53 67.91
C GLU P 60 52.98 37.71 68.44
N SER P 61 51.97 37.39 67.63
CA SER P 61 50.54 37.44 67.98
C SER P 61 50.10 38.78 68.60
N ALA Q 1 -38.55 -12.13 -54.14
CA ALA Q 1 -38.89 -11.79 -52.75
C ALA Q 1 -39.91 -12.80 -52.18
N GLY Q 2 -40.11 -12.84 -50.86
CA GLY Q 2 -41.26 -13.51 -50.25
C GLY Q 2 -41.21 -15.03 -50.10
N LYS Q 3 -40.13 -15.70 -50.52
CA LYS Q 3 -39.99 -17.17 -50.44
C LYS Q 3 -38.98 -17.58 -49.38
N ILE Q 4 -39.06 -18.83 -48.96
CA ILE Q 4 -38.17 -19.49 -47.99
C ILE Q 4 -36.70 -19.17 -48.29
N PRO Q 5 -35.89 -18.82 -47.27
CA PRO Q 5 -34.51 -18.46 -47.51
C PRO Q 5 -33.67 -19.67 -47.92
N THR Q 6 -32.85 -19.52 -48.95
CA THR Q 6 -31.97 -20.61 -49.35
C THR Q 6 -30.62 -20.51 -48.65
N THR Q 7 -30.28 -19.34 -48.12
CA THR Q 7 -28.96 -19.14 -47.51
C THR Q 7 -29.01 -18.06 -46.42
N THR Q 8 -28.31 -18.25 -45.30
CA THR Q 8 -28.24 -17.23 -44.25
C THR Q 8 -27.09 -16.24 -44.50
N MET Q 9 -27.07 -15.08 -43.84
CA MET Q 9 -26.14 -13.99 -44.22
C MET Q 9 -24.67 -14.34 -44.05
N GLY Q 10 -24.32 -15.28 -43.18
CA GLY Q 10 -22.96 -15.82 -43.05
C GLY Q 10 -22.54 -16.75 -44.21
N GLY Q 11 -23.32 -16.80 -45.28
CA GLY Q 11 -23.04 -17.56 -46.50
C GLY Q 11 -23.38 -19.04 -46.42
N LYS Q 12 -23.81 -19.55 -45.26
CA LYS Q 12 -24.13 -20.98 -45.11
C LYS Q 12 -25.54 -21.30 -45.63
N ASP Q 13 -25.69 -22.47 -46.22
CA ASP Q 13 -26.97 -22.98 -46.70
C ASP Q 13 -27.95 -23.16 -45.53
N PHE Q 14 -29.21 -22.78 -45.77
CA PHE Q 14 -30.27 -22.72 -44.76
C PHE Q 14 -30.71 -24.10 -44.21
N THR Q 15 -30.08 -25.17 -44.67
CA THR Q 15 -30.32 -26.51 -44.13
C THR Q 15 -31.76 -26.90 -43.73
N PHE Q 16 -32.73 -26.61 -44.59
CA PHE Q 16 -34.09 -27.05 -44.34
C PHE Q 16 -34.86 -27.03 -45.65
N LYS Q 17 -35.49 -28.14 -46.00
CA LYS Q 17 -36.32 -28.14 -47.21
C LYS Q 17 -37.77 -28.46 -46.83
N PRO Q 18 -38.79 -27.85 -47.46
CA PRO Q 18 -40.17 -28.11 -47.08
C PRO Q 18 -40.68 -29.49 -47.52
N SER Q 19 -41.81 -29.90 -46.94
CA SER Q 19 -42.54 -31.14 -47.24
C SER Q 19 -43.01 -31.23 -48.69
N THR Q 20 -43.41 -32.43 -49.11
CA THR Q 20 -43.69 -32.78 -50.51
C THR Q 20 -44.63 -31.82 -51.27
N ASN Q 21 -45.63 -31.26 -50.60
CA ASN Q 21 -46.72 -30.53 -51.24
C ASN Q 21 -47.12 -29.25 -50.49
N VAL Q 22 -46.21 -28.67 -49.70
CA VAL Q 22 -46.48 -27.47 -48.89
C VAL Q 22 -45.89 -26.22 -49.52
N SER Q 23 -46.75 -25.21 -49.65
CA SER Q 23 -46.36 -23.87 -49.99
C SER Q 23 -45.87 -23.15 -48.74
N VAL Q 24 -44.83 -22.35 -48.89
CA VAL Q 24 -44.24 -21.52 -47.82
C VAL Q 24 -44.03 -20.11 -48.34
N SER Q 25 -44.29 -19.11 -47.52
CA SER Q 25 -43.93 -17.73 -47.80
C SER Q 25 -43.31 -17.12 -46.55
N TYR Q 26 -42.23 -16.38 -46.74
CA TYR Q 26 -41.38 -15.86 -45.68
C TYR Q 26 -41.05 -14.40 -45.98
N PHE Q 27 -41.16 -13.55 -44.98
CA PHE Q 27 -40.91 -12.12 -45.06
C PHE Q 27 -40.03 -11.67 -43.90
N THR Q 28 -39.14 -10.73 -44.14
CA THR Q 28 -38.20 -10.19 -43.14
C THR Q 28 -38.03 -8.68 -43.29
N THR Q 29 -37.31 -7.99 -42.40
CA THR Q 29 -37.27 -6.53 -42.45
C THR Q 29 -36.67 -6.04 -43.76
N ASN Q 30 -35.50 -6.57 -44.16
CA ASN Q 30 -34.73 -6.05 -45.30
C ASN Q 30 -34.74 -6.96 -46.54
N GLY Q 31 -35.86 -7.64 -46.76
CA GLY Q 31 -36.12 -8.41 -47.97
C GLY Q 31 -35.06 -9.46 -48.31
N ALA Q 32 -34.70 -9.54 -49.59
CA ALA Q 32 -33.69 -10.44 -50.10
C ALA Q 32 -32.25 -9.89 -49.98
N THR Q 33 -32.04 -8.72 -49.35
CA THR Q 33 -30.80 -7.94 -49.51
C THR Q 33 -29.64 -8.49 -48.69
N SER Q 34 -28.90 -9.44 -49.27
CA SER Q 34 -27.74 -10.11 -48.67
C SER Q 34 -26.47 -9.24 -48.66
N THR Q 35 -26.57 -7.98 -48.23
CA THR Q 35 -25.53 -6.94 -48.36
C THR Q 35 -24.34 -7.13 -47.41
N ALA Q 36 -24.26 -8.23 -46.67
CA ALA Q 36 -23.17 -8.59 -45.77
C ALA Q 36 -22.89 -7.58 -44.64
N GLY Q 37 -23.83 -6.68 -44.36
CA GLY Q 37 -23.71 -5.70 -43.30
C GLY Q 37 -25.06 -5.32 -42.72
N THR Q 38 -26.15 -5.96 -43.12
CA THR Q 38 -27.48 -5.68 -42.56
C THR Q 38 -27.83 -6.68 -41.44
N VAL Q 39 -28.86 -6.37 -40.66
CA VAL Q 39 -29.39 -7.25 -39.62
C VAL Q 39 -30.92 -7.28 -39.68
N ASN Q 40 -31.47 -8.37 -40.21
CA ASN Q 40 -32.87 -8.70 -40.02
C ASN Q 40 -33.11 -9.14 -38.58
N THR Q 41 -33.68 -8.25 -37.79
CA THR Q 41 -34.12 -8.52 -36.42
C THR Q 41 -35.40 -9.34 -36.33
N ASP Q 42 -36.12 -9.53 -37.44
CA ASP Q 42 -37.45 -10.15 -37.44
C ASP Q 42 -37.75 -10.95 -38.70
N TYR Q 43 -38.76 -11.81 -38.58
CA TYR Q 43 -39.34 -12.56 -39.67
C TYR Q 43 -40.83 -12.77 -39.43
N ALA Q 44 -41.57 -12.99 -40.49
CA ALA Q 44 -42.94 -13.46 -40.50
C ALA Q 44 -43.04 -14.52 -41.56
N VAL Q 45 -43.60 -15.67 -41.22
CA VAL Q 45 -43.51 -16.86 -42.07
C VAL Q 45 -44.80 -17.64 -42.00
N ASN Q 46 -45.23 -18.20 -43.11
CA ASN Q 46 -46.50 -18.91 -43.19
C ASN Q 46 -46.37 -20.11 -44.12
N THR Q 47 -47.19 -21.12 -43.89
CA THR Q 47 -47.22 -22.35 -44.68
C THR Q 47 -48.65 -22.79 -44.89
N LYS Q 48 -48.91 -23.45 -46.01
CA LYS Q 48 -50.13 -24.20 -46.24
C LYS Q 48 -49.83 -25.38 -47.15
N ASN Q 49 -50.39 -26.54 -46.87
CA ASN Q 49 -50.43 -27.62 -47.84
C ASN Q 49 -51.33 -27.21 -49.00
N SER Q 50 -50.90 -27.41 -50.25
CA SER Q 50 -51.65 -26.98 -51.44
C SER Q 50 -53.11 -27.45 -51.39
N SER Q 51 -53.32 -28.64 -50.84
CA SER Q 51 -54.59 -29.34 -50.73
C SER Q 51 -55.28 -29.18 -49.37
N GLY Q 52 -54.73 -28.40 -48.44
CA GLY Q 52 -55.25 -28.23 -47.09
C GLY Q 52 -56.18 -27.03 -46.99
N ASN Q 53 -57.12 -27.03 -46.07
CA ASN Q 53 -57.95 -25.86 -45.77
C ASN Q 53 -57.36 -24.96 -44.67
N ARG Q 54 -56.10 -25.15 -44.27
CA ARG Q 54 -55.44 -24.33 -43.24
C ARG Q 54 -54.14 -23.72 -43.76
N VAL Q 55 -53.96 -22.45 -43.46
CA VAL Q 55 -52.70 -21.72 -43.50
C VAL Q 55 -52.26 -21.41 -42.08
N PHE Q 56 -51.02 -21.73 -41.78
CA PHE Q 56 -50.39 -21.63 -40.48
C PHE Q 56 -49.31 -20.58 -40.55
N THR Q 57 -49.14 -19.79 -39.51
CA THR Q 57 -48.15 -18.72 -39.51
C THR Q 57 -47.59 -18.43 -38.14
N SER Q 58 -46.37 -17.92 -38.14
CA SER Q 58 -45.69 -17.44 -36.97
C SER Q 58 -44.79 -16.27 -37.33
N THR Q 59 -44.42 -15.50 -36.33
CA THR Q 59 -43.52 -14.37 -36.43
C THR Q 59 -42.42 -14.46 -35.39
N ASN Q 60 -41.41 -13.62 -35.48
CA ASN Q 60 -40.26 -13.63 -34.59
C ASN Q 60 -40.65 -13.55 -33.11
N ASN Q 61 -41.33 -12.48 -32.67
CA ASN Q 61 -41.58 -12.27 -31.24
C ASN Q 61 -42.97 -12.76 -30.85
N THR Q 62 -43.33 -13.99 -31.22
CA THR Q 62 -44.55 -14.65 -30.74
C THR Q 62 -44.29 -16.12 -30.41
N SER Q 63 -44.84 -16.60 -29.31
CA SER Q 63 -45.10 -18.03 -29.14
C SER Q 63 -46.37 -18.42 -29.91
N ASN Q 64 -46.69 -19.71 -29.95
CA ASN Q 64 -47.78 -20.35 -30.70
C ASN Q 64 -47.61 -20.30 -32.23
N ILE Q 65 -48.35 -21.15 -32.94
CA ILE Q 65 -48.50 -21.15 -34.38
C ILE Q 65 -49.95 -20.84 -34.68
N TRP Q 66 -50.19 -19.77 -35.43
CA TRP Q 66 -51.50 -19.18 -35.58
C TRP Q 66 -52.11 -19.63 -36.89
N TYR Q 67 -53.36 -20.09 -36.89
CA TYR Q 67 -54.00 -20.54 -38.13
C TYR Q 67 -55.23 -19.69 -38.43
N ILE Q 68 -55.83 -19.97 -39.58
CA ILE Q 68 -57.08 -19.30 -39.99
C ILE Q 68 -58.16 -20.32 -40.27
N GLU Q 69 -57.82 -21.36 -41.04
CA GLU Q 69 -58.73 -22.46 -41.34
C GLU Q 69 -59.99 -21.97 -42.04
N ASN Q 70 -59.84 -21.43 -43.25
CA ASN Q 70 -60.98 -21.08 -44.09
C ASN Q 70 -61.23 -22.24 -45.04
N ASP Q 71 -62.41 -22.83 -44.94
CA ASP Q 71 -62.73 -23.99 -45.78
C ASP Q 71 -62.79 -23.61 -47.24
N ALA Q 72 -62.88 -22.31 -47.54
CA ALA Q 72 -63.06 -21.88 -48.92
C ALA Q 72 -61.88 -22.29 -49.80
N TRP Q 73 -60.69 -21.78 -49.51
CA TRP Q 73 -59.53 -22.12 -50.32
C TRP Q 73 -59.07 -23.53 -49.96
N LYS Q 74 -58.92 -24.39 -50.97
CA LYS Q 74 -58.49 -25.75 -50.73
C LYS Q 74 -57.47 -26.19 -51.76
N GLY Q 75 -57.32 -25.42 -52.85
CA GLY Q 75 -56.38 -25.77 -53.88
C GLY Q 75 -55.42 -24.64 -54.20
N LYS Q 76 -55.24 -23.70 -53.26
CA LYS Q 76 -54.36 -22.53 -53.37
C LYS Q 76 -53.00 -22.79 -52.72
N ALA Q 77 -51.98 -22.02 -53.07
CA ALA Q 77 -50.73 -21.88 -52.34
C ALA Q 77 -50.66 -20.49 -51.66
N VAL Q 78 -49.81 -20.28 -50.65
CA VAL Q 78 -49.74 -18.97 -49.96
C VAL Q 78 -49.24 -17.78 -50.81
N SER Q 79 -48.78 -18.03 -52.03
CA SER Q 79 -48.54 -16.96 -53.01
C SER Q 79 -49.83 -16.24 -53.43
N ASP Q 80 -50.99 -16.88 -53.34
CA ASP Q 80 -52.24 -16.29 -53.78
C ASP Q 80 -52.70 -15.21 -52.80
N SER Q 81 -53.36 -14.19 -53.34
CA SER Q 81 -53.76 -13.06 -52.51
C SER Q 81 -54.89 -13.44 -51.56
N ASP Q 82 -55.84 -14.25 -52.04
CA ASP Q 82 -57.02 -14.60 -51.26
C ASP Q 82 -56.73 -15.75 -50.30
N VAL Q 83 -55.74 -15.54 -49.44
CA VAL Q 83 -55.39 -16.53 -48.42
C VAL Q 83 -55.26 -15.84 -47.07
N THR Q 84 -55.21 -14.51 -47.09
CA THR Q 84 -55.05 -13.70 -45.88
C THR Q 84 -53.78 -14.09 -45.13
N ALA Q 85 -52.65 -14.13 -45.83
CA ALA Q 85 -51.32 -14.36 -45.27
C ALA Q 85 -50.72 -13.09 -44.64
N LEU Q 86 -49.63 -13.25 -43.89
CA LEU Q 86 -48.90 -12.16 -43.24
C LEU Q 86 -47.79 -11.73 -44.19
N GLY Q 87 -48.06 -10.73 -45.00
CA GLY Q 87 -47.12 -10.27 -46.00
C GLY Q 87 -45.98 -9.48 -45.40
N THR Q 88 -45.19 -8.86 -46.30
CA THR Q 88 -44.12 -7.93 -45.93
C THR Q 88 -44.72 -6.83 -45.06
N GLY Q 89 -43.98 -6.37 -44.04
CA GLY Q 89 -44.55 -5.54 -43.01
C GLY Q 89 -45.31 -6.43 -42.04
N ASP Q 90 -45.88 -5.79 -41.01
CA ASP Q 90 -46.54 -6.49 -39.91
C ASP Q 90 -45.74 -7.74 -39.54
N VAL Q 91 -44.42 -7.59 -39.44
CA VAL Q 91 -43.54 -8.73 -39.37
C VAL Q 91 -43.35 -9.23 -37.93
N GLY Q 92 -43.42 -8.34 -36.94
CA GLY Q 92 -43.38 -8.78 -35.57
C GLY Q 92 -44.71 -9.30 -35.08
N LYS Q 93 -45.70 -8.42 -35.04
CA LYS Q 93 -47.06 -8.72 -34.61
C LYS Q 93 -47.06 -9.58 -33.35
N SER Q 94 -46.49 -9.03 -32.29
CA SER Q 94 -46.46 -9.71 -31.00
C SER Q 94 -47.86 -9.94 -30.43
N ASP Q 95 -48.89 -9.37 -31.03
CA ASP Q 95 -50.25 -9.49 -30.54
C ASP Q 95 -51.21 -9.59 -31.72
N PHE Q 96 -52.36 -10.21 -31.45
CA PHE Q 96 -53.39 -10.43 -32.47
C PHE Q 96 -54.75 -10.09 -31.88
N SER Q 97 -55.52 -9.29 -32.61
CA SER Q 97 -56.77 -8.77 -32.05
C SER Q 97 -57.97 -9.65 -32.39
N GLY Q 98 -58.31 -9.75 -33.68
CA GLY Q 98 -59.51 -10.47 -34.06
C GLY Q 98 -59.47 -11.20 -35.39
N THR Q 99 -58.29 -11.47 -35.93
CA THR Q 99 -58.19 -12.04 -37.27
C THR Q 99 -57.84 -13.53 -37.26
N GLU Q 100 -56.74 -13.90 -36.64
CA GLU Q 100 -56.29 -15.29 -36.57
C GLU Q 100 -56.19 -15.69 -35.11
N TRP Q 101 -56.22 -17.00 -34.86
CA TRP Q 101 -56.23 -17.44 -33.47
C TRP Q 101 -55.77 -18.89 -33.36
N LYS Q 102 -55.00 -19.17 -32.29
CA LYS Q 102 -54.62 -20.53 -31.83
C LYS Q 102 -54.95 -20.74 -30.36
N SER Q 103 -55.24 -19.69 -29.60
CA SER Q 103 -55.57 -19.82 -28.18
C SER Q 103 -56.98 -20.38 -28.04
N GLN Q 104 -57.45 -20.49 -26.80
CA GLN Q 104 -58.75 -21.09 -26.53
C GLN Q 104 -59.91 -20.17 -26.91
N ALA R 1 -20.60 -55.56 -49.12
CA ALA R 1 -20.81 -54.10 -49.20
C ALA R 1 -22.27 -53.78 -49.54
N GLY R 2 -22.72 -52.53 -49.37
CA GLY R 2 -23.98 -52.04 -49.96
C GLY R 2 -25.29 -52.44 -49.28
N LYS R 3 -25.27 -53.19 -48.18
CA LYS R 3 -26.48 -53.62 -47.45
C LYS R 3 -26.63 -52.89 -46.12
N ILE R 4 -27.85 -52.92 -45.59
CA ILE R 4 -28.25 -52.34 -44.30
C ILE R 4 -27.23 -52.69 -43.20
N PRO R 5 -26.82 -51.74 -42.36
CA PRO R 5 -25.82 -52.00 -41.35
C PRO R 5 -26.38 -52.90 -40.24
N THR R 6 -25.61 -53.91 -39.84
CA THR R 6 -26.06 -54.76 -38.74
C THR R 6 -25.53 -54.25 -37.40
N THR R 7 -24.51 -53.40 -37.43
CA THR R 7 -23.89 -52.92 -36.19
C THR R 7 -23.26 -51.53 -36.37
N THR R 8 -23.38 -50.65 -35.38
CA THR R 8 -22.74 -49.32 -35.45
C THR R 8 -21.31 -49.38 -34.89
N MET R 9 -20.46 -48.37 -35.16
CA MET R 9 -19.03 -48.47 -34.87
C MET R 9 -18.69 -48.63 -33.38
N GLY R 10 -19.55 -48.16 -32.47
CA GLY R 10 -19.43 -48.41 -31.04
C GLY R 10 -19.74 -49.84 -30.60
N GLY R 11 -19.88 -50.77 -31.55
CA GLY R 11 -20.10 -52.19 -31.31
C GLY R 11 -21.54 -52.57 -31.01
N LYS R 12 -22.46 -51.61 -30.90
CA LYS R 12 -23.86 -51.90 -30.58
C LYS R 12 -24.65 -52.32 -31.82
N ASP R 13 -25.58 -53.26 -31.66
CA ASP R 13 -26.47 -53.71 -32.71
C ASP R 13 -27.37 -52.57 -33.20
N PHE R 14 -27.55 -52.50 -34.52
CA PHE R 14 -28.24 -51.41 -35.21
C PHE R 14 -29.74 -51.31 -34.93
N THR R 15 -30.25 -52.17 -34.06
CA THR R 15 -31.66 -52.08 -33.62
C THR R 15 -32.74 -51.67 -34.62
N PHE R 16 -32.71 -52.26 -35.81
CA PHE R 16 -33.77 -51.99 -36.79
C PHE R 16 -33.78 -53.12 -37.81
N LYS R 17 -34.93 -53.73 -38.02
CA LYS R 17 -35.01 -54.76 -39.07
C LYS R 17 -36.04 -54.33 -40.12
N PRO R 18 -35.83 -54.58 -41.42
CA PRO R 18 -36.77 -54.15 -42.44
C PRO R 18 -38.07 -54.96 -42.46
N SER R 19 -39.07 -54.41 -43.15
CA SER R 19 -40.39 -55.02 -43.39
C SER R 19 -40.32 -56.35 -44.14
N THR R 20 -41.42 -57.09 -44.13
CA THR R 20 -41.51 -58.49 -44.61
C THR R 20 -40.92 -58.74 -46.00
N ASN R 21 -41.06 -57.81 -46.93
CA ASN R 21 -40.77 -58.03 -48.36
C ASN R 21 -40.04 -56.84 -49.01
N VAL R 22 -39.33 -56.02 -48.23
CA VAL R 22 -38.63 -54.83 -48.73
C VAL R 22 -37.14 -55.07 -48.87
N SER R 23 -36.63 -54.75 -50.06
CA SER R 23 -35.21 -54.66 -50.32
C SER R 23 -34.69 -53.32 -49.85
N VAL R 24 -33.50 -53.31 -49.28
CA VAL R 24 -32.80 -52.12 -48.82
C VAL R 24 -31.36 -52.15 -49.31
N SER R 25 -30.83 -51.01 -49.73
CA SER R 25 -29.41 -50.85 -50.02
C SER R 25 -28.92 -49.56 -49.39
N TYR R 26 -27.75 -49.62 -48.77
CA TYR R 26 -27.17 -48.56 -47.96
C TYR R 26 -25.70 -48.38 -48.31
N PHE R 27 -25.27 -47.15 -48.48
CA PHE R 27 -23.91 -46.79 -48.84
C PHE R 27 -23.42 -45.66 -47.95
N THR R 28 -22.14 -45.67 -47.59
CA THR R 28 -21.51 -44.67 -46.72
C THR R 28 -20.10 -44.33 -47.20
N THR R 29 -19.40 -43.36 -46.60
CA THR R 29 -18.13 -42.92 -47.15
C THR R 29 -17.11 -44.05 -47.16
N ASN R 30 -16.93 -44.75 -46.03
CA ASN R 30 -15.85 -45.73 -45.83
C ASN R 30 -16.33 -47.20 -45.81
N GLY R 31 -17.37 -47.49 -46.59
CA GLY R 31 -17.84 -48.85 -46.83
C GLY R 31 -18.17 -49.65 -45.58
N ALA R 32 -17.77 -50.91 -45.56
CA ALA R 32 -17.95 -51.82 -44.44
C ALA R 32 -16.86 -51.71 -43.36
N THR R 33 -15.92 -50.76 -43.47
CA THR R 33 -14.64 -50.80 -42.73
C THR R 33 -14.79 -50.36 -41.27
N SER R 34 -15.13 -51.31 -40.40
CA SER R 34 -15.31 -51.12 -38.96
C SER R 34 -14.00 -50.98 -38.18
N THR R 35 -13.08 -50.14 -38.65
CA THR R 35 -11.68 -50.04 -38.17
C THR R 35 -11.54 -49.36 -36.80
N ALA R 36 -12.63 -49.06 -36.11
CA ALA R 36 -12.66 -48.47 -34.76
C ALA R 36 -11.95 -47.11 -34.61
N GLY R 37 -11.68 -46.43 -35.73
CA GLY R 37 -11.05 -45.13 -35.74
C GLY R 37 -11.47 -44.28 -36.92
N THR R 38 -12.42 -44.73 -37.74
CA THR R 38 -12.92 -43.95 -38.88
C THR R 38 -14.22 -43.21 -38.50
N VAL R 39 -14.62 -42.24 -39.33
CA VAL R 39 -15.87 -41.51 -39.18
C VAL R 39 -16.57 -41.39 -40.53
N ASN R 40 -17.62 -42.17 -40.72
CA ASN R 40 -18.58 -41.94 -41.78
C ASN R 40 -19.43 -40.72 -41.45
N THR R 41 -19.12 -39.60 -42.10
CA THR R 41 -19.89 -38.36 -42.02
C THR R 41 -21.20 -38.38 -42.80
N ASP R 42 -21.41 -39.40 -43.65
CA ASP R 42 -22.54 -39.44 -44.59
C ASP R 42 -23.07 -40.85 -44.86
N TYR R 43 -24.29 -40.90 -45.39
CA TYR R 43 -24.92 -42.10 -45.89
C TYR R 43 -25.83 -41.75 -47.06
N ALA R 44 -26.10 -42.73 -47.91
CA ALA R 44 -27.11 -42.72 -48.93
C ALA R 44 -27.80 -44.06 -48.87
N VAL R 45 -29.13 -44.06 -48.83
CA VAL R 45 -29.89 -45.27 -48.50
C VAL R 45 -31.16 -45.30 -49.32
N ASN R 46 -31.56 -46.47 -49.77
CA ASN R 46 -32.72 -46.63 -50.62
C ASN R 46 -33.46 -47.91 -50.29
N THR R 47 -34.76 -47.94 -50.55
CA THR R 47 -35.63 -49.08 -50.29
C THR R 47 -36.61 -49.25 -51.44
N LYS R 48 -37.01 -50.49 -51.70
CA LYS R 48 -38.15 -50.81 -52.55
C LYS R 48 -38.79 -52.08 -52.06
N ASN R 49 -40.12 -52.15 -52.03
CA ASN R 49 -40.82 -53.41 -51.88
C ASN R 49 -40.58 -54.24 -53.14
N SER R 50 -40.25 -55.52 -53.01
CA SER R 50 -39.93 -56.40 -54.15
C SER R 50 -41.00 -56.34 -55.24
N SER R 51 -42.25 -56.19 -54.81
CA SER R 51 -43.46 -56.16 -55.63
C SER R 51 -43.97 -54.75 -55.95
N GLY R 52 -43.28 -53.69 -55.53
CA GLY R 52 -43.70 -52.31 -55.70
C GLY R 52 -43.12 -51.70 -56.97
N ASN R 53 -43.78 -50.72 -57.56
CA ASN R 53 -43.24 -49.94 -58.67
C ASN R 53 -42.46 -48.69 -58.22
N ARG R 54 -42.15 -48.54 -56.92
CA ARG R 54 -41.41 -47.38 -56.40
C ARG R 54 -40.18 -47.82 -55.62
N VAL R 55 -39.08 -47.13 -55.89
CA VAL R 55 -37.87 -47.09 -55.07
C VAL R 55 -37.77 -45.71 -54.44
N PHE R 56 -37.55 -45.69 -53.14
CA PHE R 56 -37.49 -44.53 -52.29
C PHE R 56 -36.09 -44.37 -51.77
N THR R 57 -35.58 -43.15 -51.66
CA THR R 57 -34.23 -42.93 -51.20
C THR R 57 -34.06 -41.61 -50.46
N SER R 58 -33.07 -41.59 -49.59
CA SER R 58 -32.64 -40.42 -48.86
C SER R 58 -31.14 -40.48 -48.64
N THR R 59 -30.57 -39.33 -48.35
CA THR R 59 -29.16 -39.15 -48.03
C THR R 59 -29.00 -38.36 -46.75
N ASN R 60 -27.79 -38.29 -46.21
CA ASN R 60 -27.51 -37.60 -44.96
C ASN R 60 -28.00 -36.14 -44.95
N ASN R 61 -27.49 -35.29 -45.85
CA ASN R 61 -27.77 -33.86 -45.78
C ASN R 61 -28.93 -33.47 -46.72
N THR R 62 -30.04 -34.19 -46.65
CA THR R 62 -31.29 -33.81 -47.33
C THR R 62 -32.49 -34.03 -46.45
N SER R 63 -33.44 -33.10 -46.46
CA SER R 63 -34.83 -33.39 -46.09
C SER R 63 -35.54 -34.09 -47.25
N ASN R 64 -36.79 -34.51 -47.04
CA ASN R 64 -37.63 -35.30 -47.95
C ASN R 64 -37.14 -36.72 -48.20
N ILE R 65 -38.03 -37.58 -48.71
CA ILE R 65 -37.75 -38.92 -49.22
C ILE R 65 -38.06 -38.90 -50.70
N TRP R 66 -37.07 -39.20 -51.53
CA TRP R 66 -37.11 -38.99 -52.97
C TRP R 66 -37.44 -40.29 -53.66
N TYR R 67 -38.42 -40.30 -54.58
CA TYR R 67 -38.79 -41.50 -55.29
C TYR R 67 -38.54 -41.36 -56.79
N ILE R 68 -38.77 -42.45 -57.51
CA ILE R 68 -38.65 -42.45 -58.97
C ILE R 68 -39.96 -42.92 -59.60
N GLU R 69 -40.50 -44.02 -59.09
CA GLU R 69 -41.78 -44.56 -59.55
C GLU R 69 -41.75 -44.89 -61.03
N ASN R 70 -40.93 -45.86 -61.42
CA ASN R 70 -40.94 -46.39 -62.78
C ASN R 70 -41.80 -47.63 -62.80
N ASP R 71 -42.88 -47.60 -63.58
CA ASP R 71 -43.80 -48.72 -63.62
C ASP R 71 -43.14 -49.96 -64.20
N ALA R 72 -42.00 -49.79 -64.88
CA ALA R 72 -41.36 -50.91 -65.56
C ALA R 72 -40.97 -52.01 -64.58
N TRP R 73 -40.06 -51.72 -63.66
CA TRP R 73 -39.62 -52.73 -62.71
C TRP R 73 -40.70 -52.92 -61.66
N LYS R 74 -41.12 -54.18 -61.46
CA LYS R 74 -42.15 -54.47 -60.48
C LYS R 74 -41.80 -55.71 -59.67
N GLY R 75 -40.82 -56.47 -60.13
CA GLY R 75 -40.43 -57.68 -59.42
C GLY R 75 -38.95 -57.71 -59.11
N LYS R 76 -38.30 -56.55 -59.08
CA LYS R 76 -36.87 -56.36 -58.79
C LYS R 76 -36.63 -56.02 -57.31
N ALA R 77 -35.42 -56.20 -56.81
CA ALA R 77 -34.91 -55.63 -55.56
C ALA R 77 -33.86 -54.55 -55.87
N VAL R 78 -33.55 -53.64 -54.95
CA VAL R 78 -32.57 -52.55 -55.22
C VAL R 78 -31.12 -53.01 -55.47
N SER R 79 -30.81 -54.30 -55.28
CA SER R 79 -29.55 -54.88 -55.74
C SER R 79 -29.41 -54.87 -57.27
N ASP R 80 -30.51 -54.85 -58.02
CA ASP R 80 -30.47 -54.91 -59.47
C ASP R 80 -29.99 -53.57 -60.04
N SER R 81 -29.28 -53.65 -61.17
CA SER R 81 -28.70 -52.44 -61.75
C SER R 81 -29.77 -51.54 -62.35
N ASP R 82 -30.78 -52.15 -62.99
CA ASP R 82 -31.81 -51.39 -63.70
C ASP R 82 -32.91 -50.92 -62.75
N VAL R 83 -32.49 -50.18 -61.72
CA VAL R 83 -33.43 -49.60 -60.77
C VAL R 83 -33.12 -48.12 -60.57
N THR R 84 -31.95 -47.70 -61.05
CA THR R 84 -31.49 -46.31 -60.91
C THR R 84 -31.42 -45.89 -59.44
N ALA R 85 -30.77 -46.71 -58.62
CA ALA R 85 -30.51 -46.43 -57.21
C ALA R 85 -29.31 -45.48 -57.02
N LEU R 86 -29.14 -44.98 -55.79
CA LEU R 86 -28.03 -44.11 -55.41
C LEU R 86 -26.93 -44.98 -54.84
N GLY R 87 -25.98 -45.37 -55.70
CA GLY R 87 -24.92 -46.25 -55.30
C GLY R 87 -23.87 -45.59 -54.44
N THR R 88 -22.76 -46.31 -54.23
CA THR R 88 -21.57 -45.78 -53.55
C THR R 88 -21.12 -44.52 -54.28
N GLY R 89 -20.64 -43.51 -53.55
CA GLY R 89 -20.45 -42.21 -54.11
C GLY R 89 -21.78 -41.50 -54.17
N ASP R 90 -21.76 -40.25 -54.67
CA ASP R 90 -22.93 -39.38 -54.68
C ASP R 90 -23.72 -39.55 -53.39
N VAL R 91 -23.02 -39.56 -52.26
CA VAL R 91 -23.62 -40.00 -51.02
C VAL R 91 -24.32 -38.85 -50.28
N GLY R 92 -23.83 -37.62 -50.44
CA GLY R 92 -24.53 -36.49 -49.87
C GLY R 92 -25.70 -36.05 -50.72
N LYS R 93 -25.41 -35.59 -51.92
CA LYS R 93 -26.40 -35.11 -52.89
C LYS R 93 -27.44 -34.23 -52.23
N SER R 94 -26.97 -33.12 -51.66
CA SER R 94 -27.86 -32.15 -51.04
C SER R 94 -28.83 -31.53 -52.03
N ASP R 95 -28.66 -31.77 -53.32
CA ASP R 95 -29.51 -31.18 -54.35
C ASP R 95 -29.74 -32.20 -55.45
N PHE R 96 -30.85 -32.01 -56.17
CA PHE R 96 -31.26 -32.91 -57.24
C PHE R 96 -31.72 -32.07 -58.42
N SER R 97 -31.22 -32.38 -59.61
CA SER R 97 -31.48 -31.53 -60.77
C SER R 97 -32.69 -32.00 -61.58
N GLY R 98 -32.61 -33.19 -62.17
CA GLY R 98 -33.68 -33.64 -63.04
C GLY R 98 -33.96 -35.13 -63.07
N THR R 99 -33.51 -35.87 -62.06
CA THR R 99 -33.63 -37.32 -62.10
C THR R 99 -34.74 -37.85 -61.21
N GLU R 100 -34.71 -37.55 -59.92
CA GLU R 100 -35.71 -38.01 -58.97
C GLU R 100 -36.38 -36.79 -58.33
N TRP R 101 -37.57 -37.00 -57.78
CA TRP R 101 -38.30 -35.85 -57.26
C TRP R 101 -39.35 -36.29 -56.26
N LYS R 102 -39.51 -35.48 -55.19
CA LYS R 102 -40.62 -35.56 -54.21
C LYS R 102 -41.32 -34.20 -54.02
N SER R 103 -40.73 -33.11 -54.49
CA SER R 103 -41.34 -31.79 -54.36
C SER R 103 -42.51 -31.67 -55.36
N GLN R 104 -43.11 -30.49 -55.41
CA GLN R 104 -44.29 -30.27 -56.25
C GLN R 104 -43.93 -30.17 -57.73
N ALA S 1 -0.10 -18.18 28.00
CA ALA S 1 1.15 -17.87 27.30
C ALA S 1 0.98 -18.03 25.77
N GLY S 2 1.91 -17.52 24.96
CA GLY S 2 2.03 -17.89 23.55
C GLY S 2 1.05 -17.25 22.56
N LYS S 3 0.14 -16.38 22.99
CA LYS S 3 -0.85 -15.71 22.13
C LYS S 3 -0.53 -14.23 21.94
N ILE S 4 -1.11 -13.65 20.88
CA ILE S 4 -1.00 -12.23 20.51
C ILE S 4 -1.19 -11.33 21.73
N PRO S 5 -0.35 -10.30 21.92
CA PRO S 5 -0.45 -9.45 23.09
C PRO S 5 -1.69 -8.57 23.04
N THR S 6 -2.42 -8.49 24.15
CA THR S 6 -3.59 -7.61 24.19
C THR S 6 -3.22 -6.23 24.70
N THR S 7 -2.07 -6.10 25.37
CA THR S 7 -1.68 -4.82 25.96
C THR S 7 -0.15 -4.68 26.05
N THR S 8 0.40 -3.49 25.78
CA THR S 8 1.84 -3.27 25.93
C THR S 8 2.20 -2.83 27.35
N MET S 9 3.47 -2.88 27.75
CA MET S 9 3.85 -2.72 29.17
C MET S 9 3.51 -1.35 29.75
N GLY S 10 3.43 -0.30 28.93
CA GLY S 10 2.94 1.02 29.33
C GLY S 10 1.44 1.10 29.60
N GLY S 11 0.75 -0.04 29.64
CA GLY S 11 -0.68 -0.17 29.96
C GLY S 11 -1.61 0.12 28.79
N LYS S 12 -1.10 0.54 27.63
CA LYS S 12 -1.94 0.85 26.47
C LYS S 12 -2.34 -0.41 25.70
N ASP S 13 -3.56 -0.42 25.18
CA ASP S 13 -4.08 -1.50 24.35
C ASP S 13 -3.26 -1.63 23.06
N PHE S 14 -2.98 -2.88 22.66
CA PHE S 14 -2.10 -3.23 21.56
C PHE S 14 -2.60 -2.84 20.16
N THR S 15 -3.77 -2.20 20.10
CA THR S 15 -4.29 -1.65 18.84
C THR S 15 -4.10 -2.43 17.54
N PHE S 16 -4.36 -3.74 17.59
CA PHE S 16 -4.31 -4.55 16.37
C PHE S 16 -5.11 -5.82 16.59
N LYS S 17 -6.04 -6.12 15.70
CA LYS S 17 -6.78 -7.38 15.83
C LYS S 17 -6.53 -8.23 14.58
N PRO S 18 -6.41 -9.55 14.66
CA PRO S 18 -6.15 -10.38 13.48
C PRO S 18 -7.35 -10.51 12.54
N SER S 19 -7.08 -10.98 11.33
CA SER S 19 -8.05 -11.28 10.28
C SER S 19 -9.07 -12.36 10.68
N THR S 20 -10.14 -12.46 9.91
CA THR S 20 -11.33 -13.27 10.23
C THR S 20 -11.07 -14.72 10.65
N ASN S 21 -10.06 -15.38 10.07
CA ASN S 21 -9.86 -16.82 10.20
C ASN S 21 -8.37 -17.19 10.38
N VAL S 22 -7.54 -16.28 10.89
CA VAL S 22 -6.10 -16.51 11.05
C VAL S 22 -5.74 -16.79 12.50
N SER S 23 -5.01 -17.88 12.68
CA SER S 23 -4.36 -18.21 13.93
C SER S 23 -3.05 -17.45 14.04
N VAL S 24 -2.74 -16.96 15.23
CA VAL S 24 -1.49 -16.26 15.56
C VAL S 24 -0.89 -16.84 16.83
N SER S 25 0.43 -16.98 16.87
CA SER S 25 1.15 -17.31 18.09
C SER S 25 2.36 -16.40 18.20
N TYR S 26 2.61 -15.90 19.40
CA TYR S 26 3.60 -14.88 19.70
C TYR S 26 4.36 -15.27 20.95
N PHE S 27 5.68 -15.14 20.91
CA PHE S 27 6.58 -15.49 21.99
C PHE S 27 7.60 -14.37 22.20
N THR S 28 7.97 -14.11 23.44
CA THR S 28 8.91 -13.06 23.82
C THR S 28 9.84 -13.52 24.94
N THR S 29 10.85 -12.74 25.34
CA THR S 29 11.84 -13.23 26.31
C THR S 29 11.18 -13.59 27.64
N ASN S 30 10.36 -12.68 28.21
CA ASN S 30 9.83 -12.82 29.57
C ASN S 30 8.32 -13.13 29.63
N GLY S 31 7.84 -13.90 28.64
CA GLY S 31 6.49 -14.44 28.64
C GLY S 31 5.37 -13.41 28.77
N ALA S 32 4.37 -13.73 29.58
CA ALA S 32 3.25 -12.88 29.89
C ALA S 32 3.52 -11.87 31.02
N THR S 33 4.75 -11.80 31.55
CA THR S 33 5.02 -11.17 32.88
C THR S 33 5.04 -9.64 32.80
N SER S 34 3.88 -9.03 32.94
CA SER S 34 3.67 -7.56 32.91
C SER S 34 4.11 -6.86 34.20
N THR S 35 5.32 -7.16 34.70
CA THR S 35 5.80 -6.76 36.04
C THR S 35 6.18 -5.27 36.15
N ALA S 36 5.90 -4.46 35.13
CA ALA S 36 6.13 -3.01 35.10
C ALA S 36 7.60 -2.57 35.31
N GLY S 37 8.56 -3.48 35.17
CA GLY S 37 9.97 -3.21 35.32
C GLY S 37 10.83 -4.11 34.47
N THR S 38 10.24 -4.95 33.61
CA THR S 38 11.02 -5.83 32.72
C THR S 38 11.15 -5.20 31.31
N VAL S 39 12.05 -5.73 30.50
CA VAL S 39 12.23 -5.32 29.10
C VAL S 39 12.38 -6.56 28.22
N ASN S 40 11.32 -6.88 27.47
CA ASN S 40 11.41 -7.78 26.35
C ASN S 40 12.14 -7.09 25.20
N THR S 41 13.39 -7.46 25.00
CA THR S 41 14.22 -7.02 23.88
C THR S 41 13.89 -7.71 22.57
N ASP S 42 13.07 -8.77 22.57
CA ASP S 42 12.83 -9.61 21.40
C ASP S 42 11.43 -10.20 21.35
N TYR S 43 11.04 -10.64 20.17
CA TYR S 43 9.83 -11.39 19.91
C TYR S 43 10.06 -12.38 18.76
N ALA S 44 9.26 -13.43 18.73
CA ALA S 44 9.11 -14.35 17.63
C ALA S 44 7.64 -14.60 17.45
N VAL S 45 7.14 -14.46 16.23
CA VAL S 45 5.71 -14.40 15.97
C VAL S 45 5.39 -15.13 14.68
N ASN S 46 4.28 -15.83 14.64
CA ASN S 46 3.90 -16.62 13.48
C ASN S 46 2.39 -16.58 13.28
N THR S 47 1.95 -16.76 12.05
CA THR S 47 0.54 -16.75 11.66
C THR S 47 0.28 -17.84 10.65
N LYS S 48 -0.93 -18.37 10.66
CA LYS S 48 -1.46 -19.21 9.57
C LYS S 48 -2.95 -19.00 9.48
N ASN S 49 -3.50 -18.91 8.27
CA ASN S 49 -4.94 -19.05 8.07
C ASN S 49 -5.33 -20.50 8.39
N SER S 50 -6.40 -20.71 9.15
CA SER S 50 -6.83 -22.05 9.58
C SER S 50 -6.94 -23.01 8.40
N SER S 51 -7.35 -22.50 7.25
CA SER S 51 -7.60 -23.20 6.00
C SER S 51 -6.43 -23.12 5.01
N GLY S 52 -5.31 -22.49 5.35
CA GLY S 52 -4.17 -22.29 4.45
C GLY S 52 -3.13 -23.40 4.61
N ASN S 53 -2.36 -23.67 3.56
CA ASN S 53 -1.22 -24.58 3.65
C ASN S 53 0.09 -23.88 4.01
N ARG S 54 0.07 -22.62 4.44
CA ARG S 54 1.28 -21.86 4.82
C ARG S 54 1.17 -21.30 6.22
N VAL S 55 2.25 -21.45 6.97
CA VAL S 55 2.55 -20.72 8.20
C VAL S 55 3.71 -19.77 7.93
N PHE S 56 3.52 -18.52 8.32
CA PHE S 56 4.42 -17.41 8.09
C PHE S 56 4.96 -16.95 9.43
N THR S 57 6.22 -16.56 9.49
CA THR S 57 6.82 -16.15 10.74
C THR S 57 7.92 -15.12 10.57
N SER S 58 8.11 -14.33 11.62
CA SER S 58 9.18 -13.37 11.72
C SER S 58 9.61 -13.25 13.17
N THR S 59 10.81 -12.72 13.36
CA THR S 59 11.41 -12.45 14.66
C THR S 59 11.93 -11.03 14.71
N ASN S 60 12.30 -10.56 15.90
CA ASN S 60 12.76 -9.20 16.11
C ASN S 60 13.91 -8.79 15.17
N ASN S 61 15.05 -9.47 15.22
CA ASN S 61 16.24 -9.03 14.47
C ASN S 61 16.37 -9.77 13.14
N THR S 62 15.29 -9.81 12.35
CA THR S 62 15.33 -10.31 10.97
C THR S 62 14.50 -9.43 10.05
N SER S 63 15.01 -9.14 8.85
CA SER S 63 14.16 -8.78 7.72
C SER S 63 13.51 -10.04 7.12
N ASN S 64 12.63 -9.86 6.15
CA ASN S 64 11.80 -10.88 5.49
C ASN S 64 10.75 -11.52 6.39
N ILE S 65 9.76 -12.16 5.78
CA ILE S 65 8.76 -13.01 6.42
C ILE S 65 8.98 -14.42 5.91
N TRP S 66 9.23 -15.36 6.81
CA TRP S 66 9.72 -16.68 6.48
C TRP S 66 8.57 -17.67 6.50
N TYR S 67 8.41 -18.49 5.47
CA TYR S 67 7.32 -19.47 5.43
C TYR S 67 7.87 -20.89 5.39
N ILE S 68 6.95 -21.85 5.44
CA ILE S 68 7.30 -23.26 5.33
C ILE S 68 6.53 -23.91 4.19
N GLU S 69 5.22 -23.67 4.13
CA GLU S 69 4.37 -24.17 3.06
C GLU S 69 4.40 -25.69 2.97
N ASN S 70 3.90 -26.35 4.01
CA ASN S 70 3.71 -27.80 3.98
C ASN S 70 2.28 -28.08 3.60
N ASP S 71 2.09 -28.75 2.46
CA ASP S 71 0.74 -29.02 1.99
C ASP S 71 -0.02 -29.94 2.93
N ALA S 72 0.70 -30.62 3.83
CA ALA S 72 0.06 -31.60 4.71
C ALA S 72 -1.00 -30.96 5.58
N TRP S 73 -0.61 -30.05 6.47
CA TRP S 73 -1.57 -29.41 7.36
C TRP S 73 -2.37 -28.38 6.57
N LYS S 74 -3.69 -28.47 6.64
CA LYS S 74 -4.55 -27.54 5.92
C LYS S 74 -5.71 -27.09 6.79
N GLY S 75 -5.95 -27.79 7.89
CA GLY S 75 -7.04 -27.44 8.77
C GLY S 75 -6.61 -27.24 10.20
N LYS S 76 -5.31 -26.95 10.42
CA LYS S 76 -4.69 -26.71 11.73
C LYS S 76 -4.61 -25.22 12.05
N ALA S 77 -4.45 -24.86 13.31
CA ALA S 77 -4.01 -23.53 13.77
C ALA S 77 -2.57 -23.62 14.33
N VAL S 78 -1.84 -22.52 14.45
CA VAL S 78 -0.44 -22.57 14.96
C VAL S 78 -0.27 -23.01 16.42
N SER S 79 -1.37 -23.17 17.18
CA SER S 79 -1.34 -23.85 18.48
C SER S 79 -0.95 -25.33 18.37
N ASP S 80 -1.17 -25.98 17.24
CA ASP S 80 -0.90 -27.40 17.09
C ASP S 80 0.61 -27.65 16.98
N SER S 81 1.04 -28.79 17.51
CA SER S 81 2.47 -29.08 17.55
C SER S 81 3.02 -29.38 16.16
N ASP S 82 2.24 -30.08 15.33
CA ASP S 82 2.70 -30.51 14.02
C ASP S 82 2.53 -29.40 12.98
N VAL S 83 3.14 -28.26 13.26
CA VAL S 83 3.11 -27.12 12.34
C VAL S 83 4.53 -26.58 12.16
N THR S 84 5.43 -27.02 13.03
CA THR S 84 6.83 -26.56 13.01
C THR S 84 6.92 -25.04 13.14
N ALA S 85 6.24 -24.49 14.15
CA ALA S 85 6.28 -23.07 14.51
C ALA S 85 7.54 -22.73 15.33
N LEU S 86 7.79 -21.43 15.50
CA LEU S 86 8.91 -20.90 16.29
C LEU S 86 8.40 -20.64 17.69
N GLY S 87 8.58 -21.62 18.57
CA GLY S 87 8.08 -21.53 19.93
C GLY S 87 8.88 -20.58 20.80
N THR S 88 8.58 -20.64 22.11
CA THR S 88 9.36 -19.93 23.14
C THR S 88 10.81 -20.34 23.02
N GLY S 89 11.74 -19.41 23.23
CA GLY S 89 13.12 -19.63 22.89
C GLY S 89 13.29 -19.43 21.39
N ASP S 90 14.53 -19.60 20.92
CA ASP S 90 14.90 -19.31 19.54
C ASP S 90 14.18 -18.07 19.04
N VAL S 91 14.18 -17.03 19.87
CA VAL S 91 13.31 -15.89 19.64
C VAL S 91 13.93 -14.86 18.72
N GLY S 92 15.26 -14.72 18.73
CA GLY S 92 15.91 -13.84 17.78
C GLY S 92 16.06 -14.47 16.41
N LYS S 93 16.85 -15.55 16.35
CA LYS S 93 17.12 -16.31 15.13
C LYS S 93 17.40 -15.37 13.95
N SER S 94 18.46 -14.58 14.11
CA SER S 94 18.88 -13.68 13.05
C SER S 94 19.29 -14.41 11.79
N ASP S 95 19.43 -15.73 11.84
CA ASP S 95 19.87 -16.52 10.69
C ASP S 95 19.10 -17.83 10.66
N PHE S 96 19.01 -18.40 9.46
CA PHE S 96 18.28 -19.65 9.23
C PHE S 96 19.12 -20.55 8.33
N SER S 97 19.27 -21.81 8.73
CA SER S 97 20.20 -22.69 8.03
C SER S 97 19.51 -23.51 6.94
N GLY S 98 18.58 -24.39 7.34
CA GLY S 98 17.97 -25.29 6.37
C GLY S 98 16.53 -25.67 6.61
N THR S 99 15.79 -24.90 7.42
CA THR S 99 14.45 -25.30 7.81
C THR S 99 13.37 -24.51 7.08
N GLU S 100 13.39 -23.19 7.20
CA GLU S 100 12.41 -22.32 6.56
C GLU S 100 13.13 -21.37 5.62
N TRP S 101 12.38 -20.81 4.67
CA TRP S 101 13.05 -19.97 3.67
C TRP S 101 12.05 -19.05 2.99
N LYS S 102 12.49 -17.81 2.73
CA LYS S 102 11.82 -16.80 1.87
C LYS S 102 12.75 -16.25 0.80
N SER S 103 14.05 -16.46 0.90
CA SER S 103 14.99 -15.97 -0.10
C SER S 103 14.90 -16.82 -1.37
N GLN S 104 15.76 -16.54 -2.33
CA GLN S 104 15.71 -17.22 -3.63
C GLN S 104 16.24 -18.64 -3.55
N ALA T 1 33.95 -11.03 -4.37
CA ALA T 1 33.84 -9.57 -4.57
C ALA T 1 32.43 -9.20 -5.06
N GLY T 2 32.06 -7.92 -5.02
CA GLY T 2 30.89 -7.40 -5.76
C GLY T 2 29.50 -7.66 -5.17
N LYS T 3 29.38 -8.32 -4.01
CA LYS T 3 28.10 -8.63 -3.37
C LYS T 3 27.88 -7.78 -2.11
N ILE T 4 26.62 -7.69 -1.69
CA ILE T 4 26.16 -6.99 -0.49
C ILE T 4 27.05 -7.31 0.73
N PRO T 5 27.46 -6.32 1.52
CA PRO T 5 28.35 -6.56 2.63
C PRO T 5 27.65 -7.33 3.75
N THR T 6 28.30 -8.35 4.29
CA THR T 6 27.72 -9.08 5.41
C THR T 6 28.17 -8.50 6.74
N THR T 7 29.25 -7.71 6.74
CA THR T 7 29.79 -7.18 7.99
C THR T 7 30.52 -5.85 7.77
N THR T 8 30.37 -4.88 8.68
CA THR T 8 31.11 -3.61 8.57
C THR T 8 32.48 -3.70 9.25
N MET T 9 33.41 -2.77 8.98
CA MET T 9 34.81 -2.94 9.40
C MET T 9 35.00 -2.99 10.92
N GLY T 10 34.11 -2.41 11.71
CA GLY T 10 34.09 -2.54 13.17
C GLY T 10 33.66 -3.92 13.68
N GLY T 11 33.54 -4.90 12.80
CA GLY T 11 33.21 -6.29 13.11
C GLY T 11 31.72 -6.56 13.32
N LYS T 12 30.86 -5.54 13.28
CA LYS T 12 29.41 -5.72 13.50
C LYS T 12 28.71 -6.19 12.22
N ASP T 13 27.71 -7.06 12.38
CA ASP T 13 26.88 -7.54 11.28
C ASP T 13 26.10 -6.39 10.63
N PHE T 14 26.03 -6.41 9.30
CA PHE T 14 25.48 -5.34 8.46
C PHE T 14 23.98 -5.12 8.61
N THR T 15 23.33 -5.89 9.48
CA THR T 15 21.91 -5.67 9.81
C THR T 15 20.94 -5.28 8.69
N PHE T 16 21.03 -5.96 7.55
CA PHE T 16 20.07 -5.72 6.47
C PHE T 16 20.06 -6.91 5.54
N LYS T 17 18.90 -7.47 5.27
CA LYS T 17 18.84 -8.58 4.31
C LYS T 17 17.94 -8.18 3.13
N PRO T 18 18.24 -8.54 1.88
CA PRO T 18 17.41 -8.13 0.75
C PRO T 18 16.07 -8.86 0.68
N SER T 19 15.17 -8.32 -0.13
CA SER T 19 13.83 -8.86 -0.44
C SER T 19 13.88 -10.24 -1.09
N THR T 20 12.73 -10.92 -1.11
CA THR T 20 12.59 -12.34 -1.50
C THR T 20 13.27 -12.75 -2.81
N ASN T 21 13.27 -11.87 -3.82
CA ASN T 21 13.66 -12.22 -5.18
C ASN T 21 14.52 -11.14 -5.87
N VAL T 22 15.22 -10.31 -5.09
CA VAL T 22 16.03 -9.21 -5.61
C VAL T 22 17.51 -9.54 -5.60
N SER T 23 18.13 -9.34 -6.75
CA SER T 23 19.57 -9.37 -6.91
C SER T 23 20.15 -8.02 -6.49
N VAL T 24 21.29 -8.05 -5.82
CA VAL T 24 22.04 -6.85 -5.39
C VAL T 24 23.50 -7.01 -5.75
N SER T 25 24.13 -5.94 -6.21
CA SER T 25 25.57 -5.89 -6.38
C SER T 25 26.10 -4.59 -5.81
N TYR T 26 27.21 -4.67 -5.09
CA TYR T 26 27.78 -3.58 -4.30
C TYR T 26 29.28 -3.53 -4.54
N PHE T 27 29.81 -2.34 -4.77
CA PHE T 27 31.21 -2.08 -5.03
C PHE T 27 31.70 -0.92 -4.18
N THR T 28 32.94 -0.98 -3.72
CA THR T 28 33.56 0.04 -2.87
C THR T 28 35.03 0.27 -3.25
N THR T 29 35.74 1.24 -2.67
CA THR T 29 37.08 1.57 -3.13
C THR T 29 38.02 0.38 -2.97
N ASN T 30 38.06 -0.25 -1.78
CA ASN T 30 39.05 -1.27 -1.42
C ASN T 30 38.47 -2.70 -1.34
N GLY T 31 37.48 -3.00 -2.17
CA GLY T 31 36.94 -4.34 -2.35
C GLY T 31 36.45 -5.02 -1.07
N ALA T 32 36.78 -6.29 -0.93
CA ALA T 32 36.44 -7.10 0.24
C ALA T 32 37.46 -6.96 1.40
N THR T 33 38.46 -6.08 1.30
CA THR T 33 39.66 -6.13 2.15
C THR T 33 39.42 -5.58 3.55
N SER T 34 38.95 -6.43 4.46
CA SER T 34 38.65 -6.11 5.86
C SER T 34 39.91 -5.99 6.74
N THR T 35 40.92 -5.25 6.29
CA THR T 35 42.28 -5.19 6.88
C THR T 35 42.36 -4.42 8.21
N ALA T 36 41.23 -4.00 8.78
CA ALA T 36 41.13 -3.30 10.06
C ALA T 36 41.91 -1.98 10.17
N GLY T 37 42.31 -1.40 9.03
CA GLY T 37 43.03 -0.15 8.99
C GLY T 37 42.77 0.61 7.71
N THR T 38 41.85 0.16 6.85
CA THR T 38 41.50 0.88 5.62
C THR T 38 40.24 1.73 5.81
N VAL T 39 39.97 2.64 4.89
CA VAL T 39 38.76 3.46 4.87
C VAL T 39 38.18 3.52 3.46
N ASN T 40 37.10 2.79 3.24
CA ASN T 40 36.24 2.99 2.08
C ASN T 40 35.47 4.29 2.25
N THR T 41 35.89 5.33 1.55
CA THR T 41 35.20 6.61 1.48
C THR T 41 33.97 6.59 0.57
N ASP T 42 33.75 5.54 -0.21
CA ASP T 42 32.71 5.48 -1.24
C ASP T 42 32.12 4.10 -1.44
N TYR T 43 30.95 4.06 -2.07
CA TYR T 43 30.28 2.87 -2.55
C TYR T 43 29.49 3.18 -3.81
N ALA T 44 29.24 2.15 -4.60
CA ALA T 44 28.30 2.14 -5.70
C ALA T 44 27.53 0.86 -5.61
N VAL T 45 26.21 0.93 -5.67
CA VAL T 45 25.33 -0.18 -5.33
C VAL T 45 24.14 -0.21 -6.25
N ASN T 46 23.70 -1.39 -6.65
CA ASN T 46 22.60 -1.55 -7.58
C ASN T 46 21.76 -2.75 -7.21
N THR T 47 20.50 -2.73 -7.59
CA THR T 47 19.53 -3.79 -7.34
C THR T 47 18.64 -3.98 -8.54
N LYS T 48 18.18 -5.21 -8.73
CA LYS T 48 17.10 -5.53 -9.66
C LYS T 48 16.33 -6.73 -9.13
N ASN T 49 15.01 -6.71 -9.22
CA ASN T 49 14.21 -7.92 -9.04
C ASN T 49 14.49 -8.85 -10.21
N SER T 50 14.73 -10.14 -9.94
CA SER T 50 15.09 -11.11 -10.99
C SER T 50 14.12 -11.08 -12.17
N SER T 51 12.85 -10.82 -11.87
CA SER T 51 11.71 -10.79 -12.77
C SER T 51 11.33 -9.39 -13.25
N GLY T 52 12.06 -8.34 -12.85
CA GLY T 52 11.73 -6.94 -13.17
C GLY T 52 12.46 -6.47 -14.42
N ASN T 53 11.91 -5.51 -15.14
CA ASN T 53 12.60 -4.86 -16.25
C ASN T 53 13.41 -3.63 -15.83
N ARG T 54 13.62 -3.38 -14.53
CA ARG T 54 14.40 -2.24 -14.03
C ARG T 54 15.53 -2.68 -13.12
N VAL T 55 16.69 -2.08 -13.33
CA VAL T 55 17.83 -2.05 -12.42
C VAL T 55 17.97 -0.63 -11.89
N PHE T 56 18.08 -0.53 -10.58
CA PHE T 56 18.14 0.70 -9.81
C PHE T 56 19.50 0.81 -9.18
N THR T 57 20.07 2.00 -9.12
CA THR T 57 21.40 2.19 -8.57
C THR T 57 21.60 3.53 -7.91
N SER T 58 22.51 3.56 -6.96
CA SER T 58 22.96 4.76 -6.29
C SER T 58 24.42 4.63 -5.94
N THR T 59 25.05 5.76 -5.68
CA THR T 59 26.43 5.89 -5.25
C THR T 59 26.53 6.78 -4.03
N ASN T 60 27.69 6.81 -3.39
CA ASN T 60 27.92 7.58 -2.17
C ASN T 60 27.53 9.06 -2.32
N ASN T 61 28.17 9.81 -3.23
CA ASN T 61 27.97 11.25 -3.30
C ASN T 61 26.94 11.63 -4.36
N THR T 62 25.77 10.99 -4.33
CA THR T 62 24.61 11.39 -5.14
C THR T 62 23.32 11.31 -4.35
N SER T 63 22.44 12.29 -4.52
CA SER T 63 21.02 12.12 -4.25
C SER T 63 20.35 11.37 -5.42
N ASN T 64 19.07 11.04 -5.28
CA ASN T 64 18.25 10.24 -6.20
C ASN T 64 18.67 8.76 -6.31
N ILE T 65 17.77 7.93 -6.82
CA ILE T 65 18.01 6.54 -7.20
C ILE T 65 17.83 6.46 -8.71
N TRP T 66 18.85 6.03 -9.41
CA TRP T 66 18.94 6.13 -10.86
C TRP T 66 18.57 4.80 -11.49
N TYR T 67 17.70 4.78 -12.48
CA TYR T 67 17.30 3.53 -13.13
C TYR T 67 17.68 3.55 -14.60
N ILE T 68 17.44 2.42 -15.27
CA ILE T 68 17.68 2.30 -16.70
C ILE T 68 16.40 1.86 -17.41
N GLU T 69 15.74 0.83 -16.87
CA GLU T 69 14.48 0.34 -17.40
C GLU T 69 14.60 -0.12 -18.84
N ASN T 70 15.39 -1.15 -19.09
CA ASN T 70 15.46 -1.79 -20.39
C ASN T 70 14.52 -2.98 -20.40
N ASP T 71 13.51 -2.94 -21.27
CA ASP T 71 12.53 -4.00 -21.31
C ASP T 71 13.16 -5.33 -21.74
N ALA T 72 14.35 -5.27 -22.31
CA ALA T 72 14.97 -6.48 -22.85
C ALA T 72 15.20 -7.52 -21.77
N TRP T 73 16.06 -7.22 -20.80
CA TRP T 73 16.34 -8.17 -19.74
C TRP T 73 15.17 -8.21 -18.77
N LYS T 74 14.66 -9.42 -18.52
CA LYS T 74 13.52 -9.58 -17.61
C LYS T 74 13.72 -10.76 -16.69
N GLY T 75 14.69 -11.62 -17.00
CA GLY T 75 14.95 -12.78 -16.18
C GLY T 75 16.39 -12.88 -15.73
N LYS T 76 17.11 -11.76 -15.73
CA LYS T 76 18.52 -11.64 -15.33
C LYS T 76 18.65 -11.19 -13.87
N ALA T 77 19.81 -11.41 -13.26
CA ALA T 77 20.25 -10.76 -12.02
C ALA T 77 21.38 -9.78 -12.31
N VAL T 78 21.68 -8.81 -11.43
CA VAL T 78 22.75 -7.81 -11.70
C VAL T 78 24.18 -8.38 -11.79
N SER T 79 24.39 -9.66 -11.47
CA SER T 79 25.64 -10.35 -11.77
C SER T 79 25.91 -10.47 -13.28
N ASP T 80 24.88 -10.45 -14.13
CA ASP T 80 25.04 -10.62 -15.57
C ASP T 80 25.64 -9.37 -16.19
N SER T 81 26.44 -9.57 -17.23
CA SER T 81 27.14 -8.45 -17.86
C SER T 81 26.18 -7.56 -18.61
N ASP T 82 25.20 -8.14 -19.29
CA ASP T 82 24.28 -7.39 -20.14
C ASP T 82 23.14 -6.77 -19.32
N VAL T 83 23.52 -5.97 -18.33
CA VAL T 83 22.54 -5.27 -17.50
C VAL T 83 22.94 -3.80 -17.38
N THR T 84 24.17 -3.48 -17.80
CA THR T 84 24.71 -2.13 -17.72
C THR T 84 24.68 -1.59 -16.29
N ALA T 85 25.20 -2.38 -15.35
CA ALA T 85 25.36 -2.01 -13.94
C ALA T 85 26.61 -1.12 -13.72
N LEU T 86 26.71 -0.54 -12.53
CA LEU T 86 27.83 0.31 -12.12
C LEU T 86 28.83 -0.59 -11.39
N GLY T 87 29.81 -1.09 -12.13
CA GLY T 87 30.78 -2.02 -11.58
C GLY T 87 31.80 -1.33 -10.68
N THR T 88 32.83 -2.11 -10.31
CA THR T 88 34.00 -1.59 -9.58
C THR T 88 34.60 -0.42 -10.37
N GLY T 89 35.07 0.60 -9.66
CA GLY T 89 35.39 1.86 -10.30
C GLY T 89 34.12 2.63 -10.55
N ASP T 90 34.26 3.82 -11.12
CA ASP T 90 33.17 4.76 -11.30
C ASP T 90 32.24 4.75 -10.08
N VAL T 91 32.86 4.78 -8.90
CA VAL T 91 32.13 4.49 -7.67
C VAL T 91 31.46 5.73 -7.10
N GLY T 92 32.03 6.90 -7.29
CA GLY T 92 31.36 8.13 -6.87
C GLY T 92 30.30 8.56 -7.85
N LYS T 93 30.72 8.90 -9.07
CA LYS T 93 29.85 9.35 -10.14
C LYS T 93 28.81 10.34 -9.64
N SER T 94 29.31 11.47 -9.12
CA SER T 94 28.44 12.53 -8.65
C SER T 94 27.59 13.14 -9.77
N ASP T 95 27.85 12.79 -11.01
CA ASP T 95 27.13 13.35 -12.15
C ASP T 95 26.93 12.26 -13.20
N PHE T 96 25.90 12.45 -14.02
CA PHE T 96 25.52 11.49 -15.05
C PHE T 96 25.21 12.26 -16.32
N SER T 97 25.78 11.82 -17.45
CA SER T 97 25.68 12.59 -18.68
C SER T 97 24.51 12.14 -19.55
N GLY T 98 24.56 10.90 -20.04
CA GLY T 98 23.54 10.45 -20.98
C GLY T 98 23.17 8.97 -20.91
N THR T 99 23.48 8.29 -19.81
CA THR T 99 23.28 6.85 -19.75
C THR T 99 22.06 6.45 -18.93
N GLU T 100 22.00 6.86 -17.67
CA GLU T 100 20.90 6.55 -16.78
C GLU T 100 20.26 7.84 -16.30
N TRP T 101 19.01 7.75 -15.83
CA TRP T 101 18.32 8.98 -15.47
C TRP T 101 17.16 8.70 -14.53
N LYS T 102 16.97 9.58 -13.54
CA LYS T 102 15.79 9.66 -12.66
C LYS T 102 15.16 11.05 -12.63
N SER T 103 15.85 12.07 -13.14
CA SER T 103 15.32 13.42 -13.16
C SER T 103 14.26 13.53 -14.26
N GLN T 104 13.73 14.74 -14.44
CA GLN T 104 12.65 14.97 -15.40
C GLN T 104 13.13 14.93 -16.84
N ALA U 1 19.52 32.83 -14.50
CA ALA U 1 19.10 33.32 -13.15
C ALA U 1 17.99 32.42 -12.60
N GLY U 2 17.68 32.53 -11.30
CA GLY U 2 16.44 31.98 -10.71
C GLY U 2 16.38 30.48 -10.45
N LYS U 3 17.44 29.71 -10.72
CA LYS U 3 17.48 28.25 -10.51
C LYS U 3 18.37 27.88 -9.33
N ILE U 4 18.17 26.67 -8.81
CA ILE U 4 18.94 26.04 -7.72
C ILE U 4 20.44 26.25 -7.93
N PRO U 5 21.20 26.63 -6.89
CA PRO U 5 22.61 26.89 -7.04
C PRO U 5 23.39 25.60 -7.28
N THR U 6 24.30 25.60 -8.25
CA THR U 6 25.14 24.43 -8.48
C THR U 6 26.43 24.50 -7.70
N THR U 7 26.80 25.70 -7.23
CA THR U 7 28.09 25.87 -6.54
C THR U 7 28.03 27.04 -5.55
N THR U 8 28.64 26.90 -4.37
CA THR U 8 28.70 28.01 -3.40
C THR U 8 29.93 28.90 -3.64
N MET U 9 29.98 30.11 -3.09
CA MET U 9 31.01 31.10 -3.48
C MET U 9 32.43 30.67 -3.17
N GLY U 10 32.65 29.81 -2.19
CA GLY U 10 33.96 29.18 -1.91
C GLY U 10 34.40 28.14 -2.94
N GLY U 11 33.70 28.04 -4.07
CA GLY U 11 34.02 27.15 -5.20
C GLY U 11 33.58 25.71 -5.01
N LYS U 12 33.02 25.33 -3.86
CA LYS U 12 32.59 23.95 -3.61
C LYS U 12 31.21 23.67 -4.21
N ASP U 13 31.02 22.46 -4.72
CA ASP U 13 29.74 21.99 -5.26
C ASP U 13 28.67 21.98 -4.16
N PHE U 14 27.46 22.41 -4.52
CA PHE U 14 26.33 22.63 -3.62
C PHE U 14 25.76 21.35 -2.99
N THR U 15 26.35 20.20 -3.31
CA THR U 15 25.97 18.92 -2.67
C THR U 15 24.49 18.66 -2.36
N PHE U 16 23.62 18.93 -3.31
CA PHE U 16 22.20 18.60 -3.14
C PHE U 16 21.54 18.55 -4.50
N LYS U 17 20.86 17.45 -4.80
CA LYS U 17 20.12 17.40 -6.07
C LYS U 17 18.63 17.21 -5.78
N PRO U 18 17.70 17.81 -6.54
CA PRO U 18 16.28 17.67 -6.25
C PRO U 18 15.72 16.30 -6.61
N SER U 19 14.52 16.02 -6.10
CA SER U 19 13.73 14.81 -6.35
C SER U 19 13.36 14.63 -7.82
N THR U 20 12.92 13.41 -8.16
CA THR U 20 12.71 12.96 -9.55
C THR U 20 11.91 13.90 -10.46
N ASN U 21 10.90 14.59 -9.92
CA ASN U 21 9.90 15.32 -10.71
C ASN U 21 9.54 16.69 -10.10
N VAL U 22 10.43 17.27 -9.29
CA VAL U 22 10.18 18.55 -8.61
C VAL U 22 10.90 19.71 -9.29
N SER U 23 10.13 20.75 -9.58
CA SER U 23 10.63 22.03 -10.00
C SER U 23 11.08 22.83 -8.79
N VAL U 24 12.19 23.54 -8.91
CA VAL U 24 12.75 24.42 -7.87
C VAL U 24 13.09 25.76 -8.50
N SER U 25 12.84 26.85 -7.77
CA SER U 25 13.32 28.17 -8.14
C SER U 25 13.88 28.85 -6.91
N TYR U 26 15.02 29.50 -7.08
CA TYR U 26 15.82 30.06 -6.00
C TYR U 26 16.28 31.47 -6.39
N PHE U 27 16.15 32.41 -5.47
CA PHE U 27 16.51 33.80 -5.66
C PHE U 27 17.32 34.31 -4.47
N THR U 28 18.29 35.17 -4.71
CA THR U 28 19.19 35.73 -3.69
C THR U 28 19.47 37.21 -3.96
N THR U 29 20.17 37.93 -3.07
CA THR U 29 20.32 39.37 -3.24
C THR U 29 21.04 39.71 -4.53
N ASN U 30 22.20 39.07 -4.80
CA ASN U 30 23.09 39.44 -5.91
C ASN U 30 23.11 38.42 -7.07
N GLY U 31 21.97 37.79 -7.31
CA GLY U 31 21.75 36.93 -8.48
C GLY U 31 22.76 35.79 -8.64
N ALA U 32 23.19 35.58 -9.87
CA ALA U 32 24.19 34.57 -10.22
C ALA U 32 25.64 35.04 -10.04
N THR U 33 25.87 36.25 -9.50
CA THR U 33 27.18 36.94 -9.62
C THR U 33 28.24 36.38 -8.67
N SER U 34 28.95 35.34 -9.11
CA SER U 34 30.02 34.67 -8.35
C SER U 34 31.34 35.45 -8.33
N THR U 35 31.29 36.74 -8.01
CA THR U 35 32.41 37.70 -8.14
C THR U 35 33.51 37.53 -7.09
N ALA U 36 33.45 36.48 -6.26
CA ALA U 36 34.45 36.14 -5.24
C ALA U 36 34.72 37.23 -4.17
N GLY U 37 33.82 38.21 -4.04
CA GLY U 37 33.93 39.28 -3.07
C GLY U 37 32.58 39.80 -2.64
N THR U 38 31.47 39.17 -3.06
CA THR U 38 30.12 39.59 -2.64
C THR U 38 29.62 38.73 -1.47
N VAL U 39 28.56 39.17 -0.81
CA VAL U 39 27.89 38.41 0.26
C VAL U 39 26.38 38.47 0.07
N ASN U 40 25.79 37.38 -0.40
CA ASN U 40 24.37 37.16 -0.30
C ASN U 40 24.00 36.86 1.14
N THR U 41 23.42 37.85 1.82
CA THR U 41 22.87 37.73 3.17
C THR U 41 21.53 37.01 3.21
N ASP U 42 20.88 36.76 2.08
CA ASP U 42 19.51 36.24 2.02
C ASP U 42 19.25 35.34 0.82
N TYR U 43 18.18 34.56 0.92
CA TYR U 43 17.63 33.75 -0.15
C TYR U 43 16.12 33.66 -0.01
N ALA U 44 15.44 33.40 -1.11
CA ALA U 44 14.05 33.01 -1.18
C ALA U 44 13.95 31.87 -2.15
N VAL U 45 13.30 30.78 -1.76
CA VAL U 45 13.36 29.52 -2.50
C VAL U 45 12.03 28.84 -2.47
N ASN U 46 11.63 28.21 -3.55
CA ASN U 46 10.34 27.57 -3.68
C ASN U 46 10.45 26.29 -4.49
N THR U 47 9.55 25.36 -4.25
CA THR U 47 9.49 24.07 -4.91
C THR U 47 8.06 23.69 -5.20
N LYS U 48 7.83 22.96 -6.28
CA LYS U 48 6.58 22.27 -6.55
C LYS U 48 6.87 21.00 -7.32
N ASN U 49 6.20 19.90 -7.00
CA ASN U 49 6.16 18.74 -7.87
C ASN U 49 5.38 19.11 -9.13
N SER U 50 5.89 18.77 -10.32
CA SER U 50 5.26 19.14 -11.60
C SER U 50 3.78 18.77 -11.63
N SER U 51 3.44 17.64 -11.00
CA SER U 51 2.12 17.03 -10.92
C SER U 51 1.35 17.37 -9.65
N GLY U 52 1.89 18.19 -8.75
CA GLY U 52 1.27 18.51 -7.45
C GLY U 52 0.43 19.77 -7.54
N ASN U 53 -0.58 19.91 -6.69
CA ASN U 53 -1.35 21.15 -6.56
C ASN U 53 -0.78 22.11 -5.51
N ARG U 54 0.44 21.88 -4.99
CA ARG U 54 1.07 22.74 -3.98
C ARG U 54 2.44 23.22 -4.44
N VAL U 55 2.68 24.50 -4.23
CA VAL U 55 3.99 25.14 -4.24
C VAL U 55 4.34 25.54 -2.81
N PHE U 56 5.54 25.17 -2.39
CA PHE U 56 6.07 25.36 -1.06
C PHE U 56 7.23 26.33 -1.13
N THR U 57 7.37 27.20 -0.15
CA THR U 57 8.43 28.19 -0.16
C THR U 57 8.91 28.57 1.21
N SER U 58 10.15 29.01 1.26
CA SER U 58 10.79 29.54 2.45
C SER U 58 11.79 30.62 2.05
N THR U 59 12.13 31.45 3.01
CA THR U 59 13.11 32.51 2.90
C THR U 59 14.12 32.44 4.02
N ASN U 60 15.20 33.21 3.94
CA ASN U 60 16.26 33.20 4.92
C ASN U 60 15.77 33.43 6.36
N ASN U 61 15.15 34.58 6.64
CA ASN U 61 14.80 34.94 8.02
C ASN U 61 13.36 34.58 8.35
N THR U 62 12.94 33.34 8.06
CA THR U 62 11.65 32.79 8.50
C THR U 62 11.78 31.36 8.96
N SER U 63 11.12 31.01 10.05
CA SER U 63 10.75 29.62 10.33
C SER U 63 9.51 29.25 9.49
N ASN U 64 9.10 27.97 9.53
CA ASN U 64 8.03 27.34 8.74
C ASN U 64 8.33 27.24 7.24
N ILE U 65 7.58 26.37 6.56
CA ILE U 65 7.54 26.25 5.11
C ILE U 65 6.13 26.64 4.67
N TRP U 66 6.03 27.64 3.82
CA TRP U 66 4.77 28.31 3.51
C TRP U 66 4.23 27.78 2.19
N TYR U 67 2.96 27.39 2.12
CA TYR U 67 2.38 26.88 0.89
C TYR U 67 1.24 27.76 0.42
N ILE U 68 0.71 27.43 -0.75
CA ILE U 68 -0.45 28.13 -1.31
C ILE U 68 -1.58 27.16 -1.58
N GLU U 69 -1.26 26.04 -2.23
CA GLU U 69 -2.22 24.98 -2.51
C GLU U 69 -3.39 25.48 -3.35
N ASN U 70 -3.11 25.90 -4.58
CA ASN U 70 -4.16 26.24 -5.54
C ASN U 70 -4.41 25.02 -6.41
N ASP U 71 -5.64 24.51 -6.36
CA ASP U 71 -5.97 23.30 -7.12
C ASP U 71 -5.89 23.55 -8.62
N ALA U 72 -5.88 24.83 -9.02
CA ALA U 72 -5.92 25.14 -10.44
C ALA U 72 -4.71 24.58 -11.17
N TRP U 73 -3.51 25.04 -10.84
CA TRP U 73 -2.32 24.56 -11.52
C TRP U 73 -1.98 23.16 -11.02
N LYS U 74 -1.82 22.21 -11.93
CA LYS U 74 -1.51 20.84 -11.55
C LYS U 74 -0.44 20.26 -12.46
N GLY U 75 -0.17 20.92 -13.58
CA GLY U 75 0.82 20.42 -14.50
C GLY U 75 1.88 21.45 -14.84
N LYS U 76 2.05 22.46 -13.97
CA LYS U 76 3.02 23.56 -14.11
C LYS U 76 4.31 23.27 -13.33
N ALA U 77 5.39 23.95 -13.66
CA ALA U 77 6.60 24.07 -12.84
C ALA U 77 6.72 25.51 -12.29
N VAL U 78 7.50 25.75 -11.23
CA VAL U 78 7.61 27.11 -10.64
C VAL U 78 8.25 28.18 -11.55
N SER U 79 8.79 27.80 -12.71
CA SER U 79 9.17 28.76 -13.75
C SER U 79 7.97 29.52 -14.33
N ASP U 80 6.76 28.97 -14.29
CA ASP U 80 5.59 29.59 -14.88
C ASP U 80 5.14 30.77 -14.02
N SER U 81 4.60 31.79 -14.70
CA SER U 81 4.21 33.01 -14.00
C SER U 81 2.99 32.79 -13.12
N ASP U 82 2.03 31.99 -13.61
CA ASP U 82 0.77 31.79 -12.90
C ASP U 82 0.90 30.71 -11.82
N VAL U 83 1.84 30.93 -10.91
CA VAL U 83 2.04 30.02 -9.79
C VAL U 83 2.12 30.82 -8.49
N THR U 84 2.26 32.14 -8.61
CA THR U 84 2.38 33.05 -7.47
C THR U 84 3.57 32.65 -6.58
N ALA U 85 4.74 32.47 -7.19
CA ALA U 85 6.01 32.21 -6.51
C ALA U 85 6.64 33.49 -5.94
N LEU U 86 7.66 33.33 -5.10
CA LEU U 86 8.41 34.42 -4.49
C LEU U 86 9.62 34.69 -5.38
N GLY U 87 9.48 35.65 -6.29
CA GLY U 87 10.52 35.95 -7.24
C GLY U 87 11.68 36.72 -6.63
N THR U 88 12.56 37.20 -7.51
CA THR U 88 13.67 38.10 -7.12
C THR U 88 13.08 39.31 -6.41
N GLY U 89 13.78 39.81 -5.38
CA GLY U 89 13.20 40.75 -4.47
C GLY U 89 12.30 40.02 -3.49
N ASP U 90 11.70 40.77 -2.57
CA ASP U 90 10.91 40.22 -1.47
C ASP U 90 11.59 38.96 -0.93
N VAL U 91 12.90 39.04 -0.73
CA VAL U 91 13.70 37.85 -0.50
C VAL U 91 13.74 37.48 0.98
N GLY U 92 13.66 38.45 1.89
CA GLY U 92 13.58 38.13 3.29
C GLY U 92 12.18 37.74 3.71
N LYS U 93 11.25 38.69 3.59
CA LYS U 93 9.84 38.50 3.94
C LYS U 93 9.69 37.76 5.27
N SER U 94 10.22 38.38 6.32
CA SER U 94 10.10 37.82 7.66
C SER U 94 8.67 37.72 8.13
N ASP U 95 7.72 38.30 7.40
CA ASP U 95 6.32 38.31 7.80
C ASP U 95 5.45 38.15 6.57
N PHE U 96 4.24 37.64 6.78
CA PHE U 96 3.28 37.40 5.70
C PHE U 96 1.91 37.87 6.15
N SER U 97 1.23 38.64 5.30
CA SER U 97 -0.01 39.29 5.72
C SER U 97 -1.24 38.46 5.36
N GLY U 98 -1.49 38.26 4.06
CA GLY U 98 -2.70 37.59 3.64
C GLY U 98 -2.62 36.75 2.39
N THR U 99 -1.42 36.36 1.96
CA THR U 99 -1.25 35.66 0.69
C THR U 99 -1.01 34.17 0.86
N GLU U 100 0.02 33.78 1.59
CA GLU U 100 0.36 32.38 1.81
C GLU U 100 0.32 32.09 3.30
N TRP U 101 0.19 30.82 3.66
CA TRP U 101 0.04 30.51 5.07
C TRP U 101 0.39 29.05 5.34
N LYS U 102 1.05 28.82 6.49
CA LYS U 102 1.30 27.49 7.09
C LYS U 102 0.85 27.42 8.56
N SER U 103 0.58 28.56 9.19
CA SER U 103 0.13 28.58 10.58
C SER U 103 -1.32 28.12 10.66
N GLN U 104 -1.89 28.16 11.86
CA GLN U 104 -3.24 27.66 12.09
C GLN U 104 -4.30 28.62 11.53
N ALA V 1 -1.66 39.01 27.48
CA ALA V 1 -0.72 38.30 28.38
C ALA V 1 -0.58 36.83 27.96
N GLY V 2 0.42 36.11 28.46
CA GLY V 2 0.47 34.64 28.41
C GLY V 2 0.88 33.99 27.08
N LYS V 3 1.19 34.75 26.03
CA LYS V 3 1.59 34.21 24.71
C LYS V 3 3.07 34.43 24.43
N ILE V 4 3.60 33.66 23.49
CA ILE V 4 4.99 33.71 23.00
C ILE V 4 5.44 35.15 22.76
N PRO V 5 6.64 35.55 23.21
CA PRO V 5 7.09 36.91 23.05
C PRO V 5 7.38 37.24 21.59
N THR V 6 6.91 38.40 21.13
CA THR V 6 7.22 38.82 19.76
C THR V 6 8.48 39.66 19.72
N THR V 7 8.90 40.22 20.85
CA THR V 7 10.05 41.11 20.88
C THR V 7 10.76 41.09 22.24
N THR V 8 12.10 41.12 22.26
CA THR V 8 12.85 41.17 23.53
C THR V 8 13.05 42.62 23.99
N MET V 9 13.41 42.86 25.26
CA MET V 9 13.38 44.21 25.83
C MET V 9 14.34 45.20 25.15
N GLY V 10 15.42 44.73 24.53
CA GLY V 10 16.31 45.55 23.71
C GLY V 10 15.72 45.98 22.36
N GLY V 11 14.42 45.76 22.14
CA GLY V 11 13.67 46.17 20.96
C GLY V 11 13.83 45.24 19.76
N LYS V 12 14.66 44.20 19.85
CA LYS V 12 14.87 43.28 18.71
C LYS V 12 13.77 42.22 18.64
N ASP V 13 13.39 41.84 17.43
CA ASP V 13 12.42 40.78 17.17
C ASP V 13 12.93 39.44 17.70
N PHE V 14 12.01 38.67 18.32
CA PHE V 14 12.31 37.43 19.03
C PHE V 14 12.77 36.27 18.13
N THR V 15 12.89 36.51 16.83
CA THR V 15 13.46 35.53 15.89
C THR V 15 13.13 34.04 16.08
N PHE V 16 11.86 33.73 16.32
CA PHE V 16 11.44 32.33 16.40
C PHE V 16 9.94 32.26 16.18
N LYS V 17 9.51 31.42 15.24
CA LYS V 17 8.07 31.24 15.04
C LYS V 17 7.70 29.79 15.30
N PRO V 18 6.55 29.47 15.91
CA PRO V 18 6.20 28.08 16.20
C PRO V 18 5.81 27.27 14.96
N SER V 19 5.77 25.95 15.13
CA SER V 19 5.36 24.96 14.13
C SER V 19 3.92 25.13 13.66
N THR V 20 3.57 24.48 12.57
CA THR V 20 2.30 24.68 11.84
C THR V 20 1.03 24.63 12.68
N ASN V 21 0.98 23.78 13.71
CA ASN V 21 -0.25 23.47 14.44
C ASN V 21 -0.04 23.38 15.96
N VAL V 22 0.99 24.04 16.50
CA VAL V 22 1.33 23.99 17.93
C VAL V 22 0.88 25.24 18.65
N SER V 23 0.17 25.03 19.75
CA SER V 23 -0.16 26.05 20.72
C SER V 23 1.01 26.24 21.65
N VAL V 24 1.29 27.48 22.02
CA VAL V 24 2.35 27.87 22.97
C VAL V 24 1.78 28.84 23.98
N SER V 25 2.17 28.71 25.24
CA SER V 25 1.88 29.70 26.26
C SER V 25 3.14 29.95 27.07
N TYR V 26 3.41 31.22 27.36
CA TYR V 26 4.65 31.70 27.97
C TYR V 26 4.32 32.69 29.07
N PHE V 27 4.97 32.56 30.21
CA PHE V 27 4.77 33.40 31.37
C PHE V 27 6.12 33.82 31.94
N THR V 28 6.22 35.04 32.45
CA THR V 28 7.45 35.61 33.02
C THR V 28 7.14 36.45 34.26
N THR V 29 8.15 36.95 34.99
CA THR V 29 7.88 37.62 36.25
C THR V 29 7.00 38.85 36.07
N ASN V 30 7.35 39.73 35.12
CA ASN V 30 6.70 41.05 34.95
C ASN V 30 5.81 41.17 33.70
N GLY V 31 5.17 40.06 33.34
CA GLY V 31 4.15 40.03 32.29
C GLY V 31 4.59 40.58 30.94
N ALA V 32 3.71 41.35 30.31
CA ALA V 32 3.96 42.01 29.04
C ALA V 32 4.70 43.35 29.17
N THR V 33 5.13 43.76 30.37
CA THR V 33 5.50 45.16 30.67
C THR V 33 6.88 45.54 30.13
N SER V 34 6.94 45.97 28.87
CA SER V 34 8.15 46.38 28.15
C SER V 34 8.66 47.78 28.58
N THR V 35 8.75 48.04 29.88
CA THR V 35 9.01 49.38 30.47
C THR V 35 10.45 49.88 30.31
N ALA V 36 11.30 49.17 29.55
CA ALA V 36 12.69 49.54 29.24
C ALA V 36 13.61 49.73 30.47
N GLY V 37 13.21 49.22 31.64
CA GLY V 37 13.98 49.30 32.85
C GLY V 37 13.71 48.14 33.78
N THR V 38 12.94 47.14 33.37
CA THR V 38 12.67 45.95 34.20
C THR V 38 13.60 44.79 33.81
N VAL V 39 13.67 43.77 34.65
CA VAL V 39 14.43 42.54 34.38
C VAL V 39 13.59 41.32 34.78
N ASN V 40 13.06 40.63 33.77
CA ASN V 40 12.55 39.29 33.94
C ASN V 40 13.71 38.32 34.12
N THR V 41 13.93 37.90 35.36
CA THR V 41 14.92 36.88 35.73
C THR V 41 14.46 35.46 35.39
N ASP V 42 13.19 35.25 35.03
CA ASP V 42 12.61 33.90 34.87
C ASP V 42 11.54 33.83 33.78
N TYR V 43 11.27 32.61 33.35
CA TYR V 43 10.18 32.27 32.46
C TYR V 43 9.65 30.87 32.78
N ALA V 44 8.41 30.62 32.41
CA ALA V 44 7.79 29.32 32.39
C ALA V 44 7.02 29.22 31.09
N VAL V 45 7.22 28.16 30.34
CA VAL V 45 6.77 28.07 28.96
C VAL V 45 6.29 26.67 28.66
N ASN V 46 5.24 26.53 27.89
CA ASN V 46 4.65 25.25 27.58
C ASN V 46 4.13 25.23 26.15
N THR V 47 4.07 24.04 25.55
CA THR V 47 3.61 23.82 24.19
C THR V 47 2.77 22.56 24.13
N LYS V 48 1.81 22.53 23.22
CA LYS V 48 1.11 21.32 22.81
C LYS V 48 0.71 21.44 21.36
N ASN V 49 0.85 20.38 20.58
CA ASN V 49 0.21 20.29 19.28
C ASN V 49 -1.31 20.21 19.49
N SER V 50 -2.10 20.99 18.76
CA SER V 50 -3.55 21.05 18.93
C SER V 50 -4.18 19.66 18.94
N SER V 51 -3.63 18.75 18.13
CA SER V 51 -4.05 17.38 17.90
C SER V 51 -3.30 16.34 18.73
N GLY V 52 -2.37 16.74 19.60
CA GLY V 52 -1.53 15.82 20.38
C GLY V 52 -2.13 15.55 21.75
N ASN V 53 -1.84 14.40 22.34
CA ASN V 53 -2.22 14.10 23.72
C ASN V 53 -1.15 14.52 24.75
N ARG V 54 -0.13 15.29 24.36
CA ARG V 54 0.93 15.75 25.27
C ARG V 54 1.07 17.25 25.26
N VAL V 55 1.19 17.81 26.46
CA VAL V 55 1.68 19.17 26.73
C VAL V 55 3.05 19.06 27.38
N PHE V 56 3.99 19.82 26.84
CA PHE V 56 5.39 19.84 27.22
C PHE V 56 5.70 21.18 27.83
N THR V 57 6.53 21.23 28.86
CA THR V 57 6.85 22.48 29.52
C THR V 57 8.24 22.50 30.12
N SER V 58 8.78 23.70 30.22
CA SER V 58 10.04 23.98 30.87
C SER V 58 9.98 25.34 31.53
N THR V 59 10.89 25.55 32.47
CA THR V 59 11.07 26.81 33.19
C THR V 59 12.53 27.23 33.16
N ASN V 60 12.82 28.44 33.60
CA ASN V 60 14.17 29.00 33.58
C ASN V 60 15.20 28.10 34.28
N ASN V 61 15.04 27.83 35.57
CA ASN V 61 16.07 27.14 36.33
C ASN V 61 15.77 25.64 36.44
N THR V 62 15.48 24.99 35.32
CA THR V 62 15.38 23.52 35.24
C THR V 62 16.05 22.99 33.97
N SER V 63 16.77 21.88 34.08
CA SER V 63 17.02 21.00 32.97
C SER V 63 15.78 20.13 32.70
N ASN V 64 15.81 19.34 31.62
CA ASN V 64 14.73 18.50 31.10
C ASN V 64 13.52 19.29 30.55
N ILE V 65 12.70 18.61 29.75
CA ILE V 65 11.40 19.07 29.27
C ILE V 65 10.35 18.15 29.87
N TRP V 66 9.42 18.71 30.61
CA TRP V 66 8.51 17.97 31.48
C TRP V 66 7.18 17.83 30.77
N TYR V 67 6.61 16.62 30.71
CA TYR V 67 5.32 16.41 30.06
C TYR V 67 4.29 15.90 31.06
N ILE V 68 3.06 15.77 30.56
CA ILE V 68 1.97 15.21 31.37
C ILE V 68 1.35 14.01 30.66
N GLU V 69 1.06 14.16 29.37
CA GLU V 69 0.52 13.08 28.54
C GLU V 69 -0.80 12.56 29.10
N ASN V 70 -1.83 13.40 29.10
CA ASN V 70 -3.18 12.96 29.43
C ASN V 70 -3.92 12.68 28.14
N ASP V 71 -4.33 11.42 27.97
CA ASP V 71 -5.00 11.01 26.74
C ASP V 71 -6.33 11.73 26.57
N ALA V 72 -6.85 12.32 27.65
CA ALA V 72 -8.17 12.93 27.60
C ALA V 72 -8.23 14.06 26.58
N TRP V 73 -7.47 15.13 26.80
CA TRP V 73 -7.49 16.26 25.89
C TRP V 73 -6.72 15.89 24.63
N LYS V 74 -7.34 16.07 23.47
CA LYS V 74 -6.69 15.73 22.21
C LYS V 74 -6.95 16.82 21.17
N GLY V 75 -7.91 17.68 21.43
CA GLY V 75 -8.24 18.73 20.48
C GLY V 75 -8.21 20.10 21.11
N LYS V 76 -7.50 20.26 22.22
CA LYS V 76 -7.34 21.51 22.97
C LYS V 76 -6.05 22.24 22.58
N ALA V 77 -5.96 23.54 22.86
CA ALA V 77 -4.71 24.32 22.89
C ALA V 77 -4.35 24.68 24.35
N VAL V 78 -3.10 25.04 24.65
CA VAL V 78 -2.70 25.36 26.05
C VAL V 78 -3.37 26.61 26.66
N SER V 79 -4.11 27.39 25.87
CA SER V 79 -4.99 28.42 26.41
C SER V 79 -6.14 27.86 27.27
N ASP V 80 -6.55 26.61 27.06
CA ASP V 80 -7.66 26.02 27.78
C ASP V 80 -7.26 25.71 29.22
N SER V 81 -8.23 25.82 30.13
CA SER V 81 -7.93 25.63 31.55
C SER V 81 -7.65 24.17 31.86
N ASP V 82 -8.39 23.27 31.24
CA ASP V 82 -8.29 21.83 31.54
C ASP V 82 -7.14 21.19 30.77
N VAL V 83 -5.94 21.73 30.98
CA VAL V 83 -4.74 21.18 30.36
C VAL V 83 -3.66 21.03 31.42
N THR V 84 -3.86 21.64 32.59
CA THR V 84 -2.91 21.61 33.69
C THR V 84 -1.55 22.16 33.26
N ALA V 85 -1.57 23.35 32.64
CA ALA V 85 -0.37 24.11 32.26
C ALA V 85 0.25 24.86 33.45
N LEU V 86 1.48 25.37 33.26
CA LEU V 86 2.19 26.15 34.25
C LEU V 86 1.90 27.62 33.98
N GLY V 87 0.90 28.16 34.67
CA GLY V 87 0.48 29.53 34.46
C GLY V 87 1.43 30.54 35.05
N THR V 88 0.97 31.80 35.06
CA THR V 88 1.67 32.91 35.72
C THR V 88 1.91 32.53 37.18
N GLY V 89 3.06 32.91 37.73
CA GLY V 89 3.49 32.38 39.00
C GLY V 89 4.07 30.99 38.78
N ASP V 90 4.53 30.38 39.87
CA ASP V 90 5.25 29.10 39.82
C ASP V 90 6.18 29.07 38.62
N VAL V 91 6.92 30.16 38.41
CA VAL V 91 7.64 30.36 37.17
C VAL V 91 9.02 29.71 37.18
N GLY V 92 9.66 29.63 38.35
CA GLY V 92 10.91 28.92 38.43
C GLY V 92 10.73 27.42 38.51
N LYS V 93 10.10 26.97 39.60
CA LYS V 93 9.81 25.56 39.86
C LYS V 93 11.03 24.68 39.54
N SER V 94 12.11 24.96 40.25
CA SER V 94 13.33 24.16 40.10
C SER V 94 13.13 22.71 40.49
N ASP V 95 12.00 22.36 41.08
CA ASP V 95 11.73 20.99 41.53
C ASP V 95 10.27 20.66 41.29
N PHE V 96 10.00 19.36 41.16
CA PHE V 96 8.66 18.85 40.90
C PHE V 96 8.40 17.65 41.80
N SER V 97 7.25 17.65 42.46
CA SER V 97 7.00 16.63 43.48
C SER V 97 6.23 15.43 42.92
N GLY V 98 5.01 15.64 42.47
CA GLY V 98 4.18 14.53 42.03
C GLY V 98 3.21 14.80 40.89
N THR V 99 3.41 15.86 40.14
CA THR V 99 2.44 16.25 39.12
C THR V 99 2.87 15.90 37.70
N GLU V 100 4.03 16.39 37.27
CA GLU V 100 4.55 16.13 35.93
C GLU V 100 5.90 15.44 36.06
N TRP V 101 6.33 14.78 34.99
CA TRP V 101 7.55 14.00 35.10
C TRP V 101 8.14 13.73 33.72
N LYS V 102 9.47 13.79 33.62
CA LYS V 102 10.30 13.34 32.48
C LYS V 102 11.40 12.38 32.90
N SER V 103 11.71 12.28 34.19
CA SER V 103 12.75 11.39 34.67
C SER V 103 12.24 9.94 34.62
N GLN V 104 13.06 9.01 35.10
CA GLN V 104 12.73 7.59 35.03
C GLN V 104 11.67 7.19 36.04
N ALA W 1 -25.90 -42.98 6.47
CA ALA W 1 -24.68 -42.61 5.73
C ALA W 1 -24.90 -42.71 4.22
N GLY W 2 -24.02 -42.14 3.39
CA GLY W 2 -23.94 -42.44 1.96
C GLY W 2 -24.98 -41.79 1.03
N LYS W 3 -25.89 -40.97 1.54
CA LYS W 3 -26.93 -40.29 0.75
C LYS W 3 -26.66 -38.79 0.61
N ILE W 4 -27.29 -38.18 -0.40
CA ILE W 4 -27.25 -36.75 -0.71
C ILE W 4 -27.40 -35.89 0.56
N PRO W 5 -26.59 -34.86 0.76
CA PRO W 5 -26.67 -34.06 1.97
C PRO W 5 -27.94 -33.22 2.00
N THR W 6 -28.62 -33.21 3.14
CA THR W 6 -29.81 -32.37 3.27
C THR W 6 -29.45 -31.00 3.82
N THR W 7 -28.28 -30.87 4.45
CA THR W 7 -27.91 -29.60 5.09
C THR W 7 -26.39 -29.43 5.12
N THR W 8 -25.88 -28.21 4.89
CA THR W 8 -24.44 -27.95 4.99
C THR W 8 -24.03 -27.56 6.42
N MET W 9 -22.74 -27.60 6.77
CA MET W 9 -22.33 -27.48 8.19
C MET W 9 -22.67 -26.15 8.83
N GLY W 10 -22.82 -25.07 8.06
CA GLY W 10 -23.33 -23.78 8.55
C GLY W 10 -24.83 -23.75 8.87
N GLY W 11 -25.48 -24.92 8.88
CA GLY W 11 -26.88 -25.09 9.24
C GLY W 11 -27.87 -24.78 8.13
N LYS W 12 -27.41 -24.30 6.97
CA LYS W 12 -28.31 -23.96 5.86
C LYS W 12 -28.70 -25.20 5.05
N ASP W 13 -29.94 -25.23 4.57
CA ASP W 13 -30.46 -26.29 3.70
C ASP W 13 -29.68 -26.33 2.38
N PHE W 14 -29.38 -27.55 1.93
CA PHE W 14 -28.53 -27.83 0.77
C PHE W 14 -29.11 -27.39 -0.58
N THR W 15 -30.29 -26.78 -0.56
CA THR W 15 -30.87 -26.20 -1.79
C THR W 15 -30.71 -26.93 -3.13
N PHE W 16 -30.94 -28.23 -3.12
CA PHE W 16 -30.90 -28.99 -4.38
C PHE W 16 -31.66 -30.29 -4.19
N LYS W 17 -32.62 -30.57 -5.06
CA LYS W 17 -33.32 -31.85 -4.96
C LYS W 17 -33.10 -32.64 -6.26
N PRO W 18 -32.93 -33.98 -6.24
CA PRO W 18 -32.69 -34.73 -7.46
C PRO W 18 -33.93 -34.86 -8.36
N SER W 19 -33.68 -35.27 -9.61
CA SER W 19 -34.69 -35.55 -10.63
C SER W 19 -35.65 -36.67 -10.24
N THR W 20 -36.76 -36.76 -10.97
CA THR W 20 -37.91 -37.63 -10.65
C THR W 20 -37.59 -39.09 -10.29
N ASN W 21 -36.60 -39.68 -10.94
CA ASN W 21 -36.34 -41.12 -10.89
C ASN W 21 -34.85 -41.47 -10.78
N VAL W 22 -34.02 -40.55 -10.27
CA VAL W 22 -32.56 -40.75 -10.15
C VAL W 22 -32.14 -41.08 -8.74
N SER W 23 -31.38 -42.16 -8.63
CA SER W 23 -30.67 -42.53 -7.42
C SER W 23 -29.39 -41.73 -7.33
N VAL W 24 -29.03 -41.29 -6.13
CA VAL W 24 -27.80 -40.56 -5.83
C VAL W 24 -27.14 -41.18 -4.60
N SER W 25 -25.82 -41.29 -4.62
CA SER W 25 -25.05 -41.64 -3.44
C SER W 25 -23.85 -40.72 -3.32
N TYR W 26 -23.58 -40.25 -2.11
CA TYR W 26 -22.60 -39.22 -1.81
C TYR W 26 -21.78 -39.64 -0.60
N PHE W 27 -20.47 -39.48 -0.69
CA PHE W 27 -19.53 -39.84 0.35
C PHE W 27 -18.52 -38.71 0.57
N THR W 28 -18.11 -38.49 1.81
CA THR W 28 -17.18 -37.43 2.20
C THR W 28 -16.20 -37.91 3.26
N THR W 29 -15.20 -37.12 3.66
CA THR W 29 -14.17 -37.63 4.57
C THR W 29 -14.77 -38.06 5.90
N ASN W 30 -15.58 -37.20 6.54
CA ASN W 30 -16.06 -37.42 7.91
C ASN W 30 -17.56 -37.78 8.01
N GLY W 31 -18.05 -38.51 7.02
CA GLY W 31 -19.39 -39.09 7.03
C GLY W 31 -20.52 -38.09 7.26
N ALA W 32 -21.49 -38.50 8.09
CA ALA W 32 -22.62 -37.67 8.47
C ALA W 32 -22.34 -36.71 9.64
N THR W 33 -21.09 -36.63 10.13
CA THR W 33 -20.79 -36.05 11.46
C THR W 33 -20.81 -34.52 11.45
N SER W 34 -21.98 -33.94 11.66
CA SER W 34 -22.23 -32.49 11.70
C SER W 34 -21.76 -31.82 13.01
N THR W 35 -20.54 -32.11 13.46
CA THR W 35 -20.01 -31.76 14.79
C THR W 35 -19.66 -30.27 14.95
N ALA W 36 -20.00 -29.42 13.98
CA ALA W 36 -19.80 -27.96 14.00
C ALA W 36 -18.35 -27.49 14.19
N GLY W 37 -17.38 -28.38 13.97
CA GLY W 37 -15.96 -28.07 14.08
C GLY W 37 -15.11 -28.91 13.16
N THR W 38 -15.70 -29.73 12.29
CA THR W 38 -14.95 -30.54 11.32
C THR W 38 -14.88 -29.84 9.96
N VAL W 39 -13.99 -30.32 9.08
CA VAL W 39 -13.89 -29.85 7.70
C VAL W 39 -13.74 -31.03 6.75
N ASN W 40 -14.81 -31.35 6.03
CA ASN W 40 -14.74 -32.20 4.87
C ASN W 40 -14.08 -31.44 3.72
N THR W 41 -12.82 -31.76 3.46
CA THR W 41 -12.04 -31.25 2.33
C THR W 41 -12.41 -31.89 1.01
N ASP W 42 -13.20 -32.97 0.99
CA ASP W 42 -13.46 -33.77 -0.20
C ASP W 42 -14.85 -34.40 -0.23
N TYR W 43 -15.27 -34.80 -1.42
CA TYR W 43 -16.46 -35.57 -1.66
C TYR W 43 -16.25 -36.50 -2.86
N ALA W 44 -17.02 -37.57 -2.91
CA ALA W 44 -17.19 -38.45 -4.05
C ALA W 44 -18.65 -38.72 -4.18
N VAL W 45 -19.20 -38.56 -5.38
CA VAL W 45 -20.65 -38.52 -5.58
C VAL W 45 -21.00 -39.20 -6.89
N ASN W 46 -22.09 -39.93 -6.93
CA ASN W 46 -22.49 -40.68 -8.09
C ASN W 46 -24.01 -40.67 -8.23
N THR W 47 -24.49 -40.82 -9.46
CA THR W 47 -25.90 -40.83 -9.80
C THR W 47 -26.18 -41.87 -10.85
N LYS W 48 -27.38 -42.45 -10.83
CA LYS W 48 -27.91 -43.25 -11.92
C LYS W 48 -29.42 -43.08 -11.95
N ASN W 49 -30.01 -42.96 -13.13
CA ASN W 49 -31.45 -43.13 -13.28
C ASN W 49 -31.79 -44.59 -13.03
N SER W 50 -32.82 -44.87 -12.22
CA SER W 50 -33.21 -46.24 -11.84
C SER W 50 -33.33 -47.15 -13.06
N SER W 51 -33.80 -46.60 -14.18
CA SER W 51 -34.07 -47.25 -15.45
C SER W 51 -32.95 -47.09 -16.48
N GLY W 52 -31.83 -46.45 -16.15
CA GLY W 52 -30.73 -46.18 -17.08
C GLY W 52 -29.66 -47.26 -17.01
N ASN W 53 -28.92 -47.46 -18.08
CA ASN W 53 -27.76 -48.36 -18.08
C ASN W 53 -26.44 -47.62 -17.74
N ARG W 54 -26.49 -46.37 -17.25
CA ARG W 54 -25.28 -45.60 -16.89
C ARG W 54 -25.36 -45.11 -15.45
N VAL W 55 -24.25 -45.27 -14.75
CA VAL W 55 -23.91 -44.58 -13.50
C VAL W 55 -22.80 -43.59 -13.79
N PHE W 56 -23.01 -42.36 -13.32
CA PHE W 56 -22.15 -41.21 -13.53
C PHE W 56 -21.57 -40.80 -12.21
N THR W 57 -20.31 -40.39 -12.16
CA THR W 57 -19.68 -40.01 -10.92
C THR W 57 -18.62 -38.94 -11.08
N SER W 58 -18.41 -38.19 -10.01
CA SER W 58 -17.37 -37.21 -9.90
C SER W 58 -16.88 -37.14 -8.47
N THR W 59 -15.70 -36.59 -8.30
CA THR W 59 -15.05 -36.35 -7.02
C THR W 59 -14.57 -34.92 -6.91
N ASN W 60 -14.16 -34.49 -5.72
CA ASN W 60 -13.72 -33.13 -5.47
C ASN W 60 -12.63 -32.65 -6.43
N ASN W 61 -11.46 -33.30 -6.45
CA ASN W 61 -10.33 -32.80 -7.21
C ASN W 61 -10.23 -33.47 -8.58
N THR W 62 -11.33 -33.50 -9.34
CA THR W 62 -11.33 -33.94 -10.75
C THR W 62 -12.22 -33.05 -11.59
N SER W 63 -11.77 -32.70 -12.79
CA SER W 63 -12.66 -32.30 -13.88
C SER W 63 -13.30 -33.55 -14.51
N ASN W 64 -14.22 -33.36 -15.44
CA ASN W 64 -15.05 -34.37 -16.11
C ASN W 64 -16.05 -35.08 -15.19
N ILE W 65 -17.04 -35.73 -15.80
CA ILE W 65 -18.00 -36.63 -15.17
C ILE W 65 -17.75 -38.02 -15.75
N TRP W 66 -17.44 -38.97 -14.91
CA TRP W 66 -16.93 -40.28 -15.30
C TRP W 66 -18.06 -41.29 -15.28
N TYR W 67 -18.23 -42.07 -16.34
CA TYR W 67 -19.30 -43.08 -16.38
C TYR W 67 -18.71 -44.47 -16.51
N ILE W 68 -19.60 -45.47 -16.47
CA ILE W 68 -19.21 -46.87 -16.65
C ILE W 68 -20.01 -47.48 -17.80
N GLU W 69 -21.32 -47.28 -17.80
CA GLU W 69 -22.20 -47.75 -18.87
C GLU W 69 -22.13 -49.26 -19.01
N ASN W 70 -22.57 -49.98 -17.99
CA ASN W 70 -22.72 -51.43 -18.08
C ASN W 70 -24.17 -51.74 -18.42
N ASP W 71 -24.38 -52.37 -19.57
CA ASP W 71 -25.74 -52.65 -20.02
C ASP W 71 -26.44 -53.64 -19.09
N ALA W 72 -25.67 -54.33 -18.25
CA ALA W 72 -26.25 -55.36 -17.40
C ALA W 72 -27.29 -54.79 -16.45
N TRP W 73 -26.89 -53.91 -15.54
CA TRP W 73 -27.83 -53.34 -14.59
C TRP W 73 -28.69 -52.30 -15.30
N LYS W 74 -30.01 -52.44 -15.18
CA LYS W 74 -30.91 -51.49 -15.83
C LYS W 74 -32.05 -51.13 -14.90
N GLY W 75 -32.23 -51.88 -13.82
CA GLY W 75 -33.30 -51.60 -12.89
C GLY W 75 -32.82 -51.44 -11.47
N LYS W 76 -31.53 -51.13 -11.29
CA LYS W 76 -30.86 -50.92 -9.99
C LYS W 76 -30.82 -49.45 -9.61
N ALA W 77 -30.61 -49.13 -8.34
CA ALA W 77 -30.19 -47.83 -7.84
C ALA W 77 -28.73 -47.90 -7.33
N VAL W 78 -28.01 -46.78 -7.18
CA VAL W 78 -26.60 -46.81 -6.74
C VAL W 78 -26.37 -47.31 -5.30
N SER W 79 -27.43 -47.54 -4.52
CA SER W 79 -27.34 -48.26 -3.25
C SER W 79 -26.91 -49.73 -3.43
N ASP W 80 -27.17 -50.34 -4.59
CA ASP W 80 -26.85 -51.74 -4.81
C ASP W 80 -25.35 -51.93 -4.97
N SER W 81 -24.86 -53.09 -4.53
CA SER W 81 -23.43 -53.34 -4.54
C SER W 81 -22.93 -53.56 -5.97
N ASP W 82 -23.71 -54.25 -6.79
CA ASP W 82 -23.29 -54.61 -8.14
C ASP W 82 -23.53 -53.46 -9.12
N VAL W 83 -22.94 -52.31 -8.80
CA VAL W 83 -23.04 -51.15 -9.68
C VAL W 83 -21.64 -50.56 -9.89
N THR W 84 -20.68 -50.99 -9.07
CA THR W 84 -19.31 -50.50 -9.12
C THR W 84 -19.26 -48.99 -8.92
N ALA W 85 -19.92 -48.50 -7.87
CA ALA W 85 -19.89 -47.10 -7.45
C ALA W 85 -18.62 -46.75 -6.65
N LEU W 86 -18.39 -45.46 -6.44
CA LEU W 86 -17.26 -44.94 -5.67
C LEU W 86 -17.73 -44.75 -4.24
N GLY W 87 -17.49 -45.75 -3.40
CA GLY W 87 -17.94 -45.75 -2.04
C GLY W 87 -17.13 -44.83 -1.15
N THR W 88 -17.37 -44.93 0.16
CA THR W 88 -16.58 -44.24 1.19
C THR W 88 -15.12 -44.61 1.01
N GLY W 89 -14.22 -43.67 1.23
CA GLY W 89 -12.84 -43.83 0.81
C GLY W 89 -12.74 -43.57 -0.67
N ASP W 90 -11.51 -43.67 -1.19
CA ASP W 90 -11.20 -43.32 -2.57
C ASP W 90 -11.98 -42.07 -2.99
N VAL W 91 -11.96 -41.07 -2.12
CA VAL W 91 -12.88 -39.95 -2.26
C VAL W 91 -12.31 -38.86 -3.16
N GLY W 92 -10.99 -38.68 -3.19
CA GLY W 92 -10.40 -37.74 -4.12
C GLY W 92 -10.28 -38.32 -5.52
N LYS W 93 -9.47 -39.37 -5.65
CA LYS W 93 -9.23 -40.06 -6.92
C LYS W 93 -9.02 -39.06 -8.05
N SER W 94 -7.98 -38.25 -7.90
CA SER W 94 -7.62 -37.29 -8.94
C SER W 94 -7.22 -37.96 -10.25
N ASP W 95 -7.06 -39.27 -10.27
CA ASP W 95 -6.65 -40.00 -11.46
C ASP W 95 -7.37 -41.33 -11.52
N PHE W 96 -7.50 -41.86 -12.74
CA PHE W 96 -8.20 -43.11 -13.01
C PHE W 96 -7.37 -43.94 -13.97
N SER W 97 -7.17 -45.21 -13.63
CA SER W 97 -6.24 -46.04 -14.40
C SER W 97 -6.95 -46.84 -15.50
N GLY W 98 -7.83 -47.75 -15.12
CA GLY W 98 -8.46 -48.62 -16.10
C GLY W 98 -9.88 -49.06 -15.82
N THR W 99 -10.60 -48.35 -14.95
CA THR W 99 -11.93 -48.80 -14.54
C THR W 99 -13.05 -48.01 -15.18
N GLU W 100 -13.07 -46.69 -15.01
CA GLU W 100 -14.10 -45.83 -15.58
C GLU W 100 -13.44 -44.81 -16.49
N TRP W 101 -14.23 -44.23 -17.40
CA TRP W 101 -13.63 -43.34 -18.37
C TRP W 101 -14.66 -42.41 -18.98
N LYS W 102 -14.27 -41.15 -19.20
CA LYS W 102 -15.00 -40.13 -19.99
C LYS W 102 -14.14 -39.50 -21.07
N SER W 103 -12.82 -39.69 -21.03
CA SER W 103 -11.93 -39.12 -22.03
C SER W 103 -12.05 -39.92 -23.32
N GLN W 104 -11.24 -39.57 -24.32
CA GLN W 104 -11.31 -40.19 -25.63
C GLN W 104 -10.74 -41.61 -25.64
N ALA X 1 6.70 -33.38 -26.75
CA ALA X 1 6.54 -31.92 -26.89
C ALA X 1 5.11 -31.57 -27.30
N GLY X 2 4.69 -30.31 -27.19
CA GLY X 2 3.49 -29.79 -27.85
C GLY X 2 2.13 -30.12 -27.24
N LYS X 3 2.07 -30.84 -26.11
CA LYS X 3 0.82 -31.22 -25.42
C LYS X 3 0.62 -30.43 -24.13
N ILE X 4 -0.62 -30.40 -23.66
CA ILE X 4 -1.06 -29.77 -22.40
C ILE X 4 -0.11 -30.11 -21.25
N PRO X 5 0.30 -29.14 -20.42
CA PRO X 5 1.23 -29.41 -19.35
C PRO X 5 0.60 -30.25 -18.24
N THR X 6 1.32 -31.27 -17.78
CA THR X 6 0.80 -32.06 -16.67
C THR X 6 1.27 -31.52 -15.33
N THR X 7 2.32 -30.70 -15.34
CA THR X 7 2.89 -30.21 -14.08
C THR X 7 3.57 -28.84 -14.27
N THR X 8 3.43 -27.92 -13.32
CA THR X 8 4.13 -26.63 -13.40
C THR X 8 5.52 -26.70 -12.77
N MET X 9 6.41 -25.73 -13.03
CA MET X 9 7.83 -25.86 -12.67
C MET X 9 8.09 -25.98 -11.17
N GLY X 10 7.20 -25.46 -10.33
CA GLY X 10 7.24 -25.65 -8.87
C GLY X 10 6.88 -27.06 -8.40
N GLY X 11 6.75 -28.02 -9.32
CA GLY X 11 6.47 -29.42 -9.06
C GLY X 11 5.01 -29.76 -8.81
N LYS X 12 4.12 -28.76 -8.77
CA LYS X 12 2.68 -29.00 -8.51
C LYS X 12 1.95 -29.44 -9.78
N ASP X 13 0.99 -30.34 -9.63
CA ASP X 13 0.13 -30.81 -10.70
C ASP X 13 -0.71 -29.65 -11.28
N PHE X 14 -0.82 -29.61 -12.60
CA PHE X 14 -1.44 -28.53 -13.37
C PHE X 14 -2.95 -28.37 -13.16
N THR X 15 -3.54 -29.20 -12.30
CA THR X 15 -4.95 -29.04 -11.92
C THR X 15 -5.97 -28.64 -12.98
N PHE X 16 -5.91 -29.26 -14.15
CA PHE X 16 -6.92 -29.00 -15.18
C PHE X 16 -6.91 -30.15 -16.16
N LYS X 17 -8.07 -30.75 -16.41
CA LYS X 17 -8.13 -31.81 -17.42
C LYS X 17 -9.09 -31.38 -18.54
N PRO X 18 -8.83 -31.69 -19.82
CA PRO X 18 -9.71 -31.26 -20.90
C PRO X 18 -11.04 -32.02 -20.95
N SER X 19 -11.98 -31.48 -21.71
CA SER X 19 -13.30 -32.05 -21.99
C SER X 19 -13.24 -33.40 -22.70
N THR X 20 -14.36 -34.12 -22.71
CA THR X 20 -14.47 -35.53 -23.15
C THR X 20 -13.83 -35.85 -24.50
N ASN X 21 -13.90 -34.94 -25.47
CA ASN X 21 -13.55 -35.22 -26.87
C ASN X 21 -12.75 -34.07 -27.53
N VAL X 22 -12.05 -33.25 -26.74
CA VAL X 22 -11.29 -32.10 -27.25
C VAL X 22 -9.80 -32.39 -27.30
N SER X 23 -9.23 -32.12 -28.47
CA SER X 23 -7.80 -32.09 -28.68
C SER X 23 -7.25 -30.75 -28.23
N VAL X 24 -6.09 -30.76 -27.59
CA VAL X 24 -5.38 -29.56 -27.14
C VAL X 24 -3.92 -29.66 -27.57
N SER X 25 -3.33 -28.55 -27.99
CA SER X 25 -1.90 -28.45 -28.22
C SER X 25 -1.40 -27.15 -27.61
N TYR X 26 -0.26 -27.22 -26.94
CA TYR X 26 0.31 -26.16 -26.13
C TYR X 26 1.79 -26.04 -26.42
N PHE X 27 2.28 -24.82 -26.60
CA PHE X 27 3.65 -24.50 -26.91
C PHE X 27 4.15 -23.36 -26.03
N THR X 28 5.40 -23.41 -25.62
CA THR X 28 6.02 -22.40 -24.75
C THR X 28 7.46 -22.12 -25.17
N THR X 29 8.16 -21.14 -24.58
CA THR X 29 9.48 -20.76 -25.07
C THR X 29 10.46 -21.92 -24.99
N ASN X 30 10.55 -22.59 -23.83
CA ASN X 30 11.60 -23.59 -23.56
C ASN X 30 11.08 -25.04 -23.51
N GLY X 31 10.06 -25.33 -24.33
CA GLY X 31 9.57 -26.69 -24.54
C GLY X 31 9.15 -27.43 -23.28
N ALA X 32 9.51 -28.70 -23.21
CA ALA X 32 9.25 -29.57 -22.07
C ALA X 32 10.30 -29.44 -20.94
N THR X 33 11.27 -28.52 -21.04
CA THR X 33 12.50 -28.58 -20.23
C THR X 33 12.30 -28.10 -18.80
N SER X 34 11.90 -29.00 -17.92
CA SER X 34 11.64 -28.76 -16.49
C SER X 34 12.92 -28.63 -15.65
N THR X 35 13.89 -27.84 -16.11
CA THR X 35 15.27 -27.76 -15.57
C THR X 35 15.38 -27.04 -14.22
N ALA X 36 14.26 -26.68 -13.58
CA ALA X 36 14.17 -26.05 -12.26
C ALA X 36 14.92 -24.70 -12.12
N GLY X 37 15.26 -24.06 -13.25
CA GLY X 37 15.94 -22.79 -13.27
C GLY X 37 15.60 -21.98 -14.50
N THR X 38 14.66 -22.43 -15.34
CA THR X 38 14.25 -21.66 -16.53
C THR X 38 12.97 -20.87 -16.24
N VAL X 39 12.64 -19.93 -17.12
CA VAL X 39 11.40 -19.14 -17.05
C VAL X 39 10.77 -19.05 -18.45
N ASN X 40 9.70 -19.81 -18.66
CA ASN X 40 8.80 -19.58 -19.77
C ASN X 40 7.98 -18.33 -19.52
N THR X 41 8.35 -17.25 -20.19
CA THR X 41 7.61 -15.98 -20.18
C THR X 41 6.35 -16.00 -21.03
N ASP X 42 6.13 -17.03 -21.86
CA ASP X 42 5.06 -17.06 -22.85
C ASP X 42 4.50 -18.46 -23.09
N TYR X 43 3.32 -18.50 -23.68
CA TYR X 43 2.67 -19.70 -24.17
C TYR X 43 1.81 -19.37 -25.40
N ALA X 44 1.57 -20.36 -26.22
CA ALA X 44 0.60 -20.36 -27.29
C ALA X 44 -0.14 -21.68 -27.23
N VAL X 45 -1.46 -21.63 -27.23
CA VAL X 45 -2.28 -22.80 -26.91
C VAL X 45 -3.52 -22.82 -27.78
N ASN X 46 -3.92 -23.99 -28.22
CA ASN X 46 -5.05 -24.15 -29.12
C ASN X 46 -5.84 -25.40 -28.77
N THR X 47 -7.12 -25.40 -29.11
CA THR X 47 -8.04 -26.50 -28.85
C THR X 47 -8.97 -26.68 -30.03
N LYS X 48 -9.40 -27.91 -30.27
CA LYS X 48 -10.51 -28.22 -31.17
C LYS X 48 -11.21 -29.46 -30.66
N ASN X 49 -12.54 -29.48 -30.69
CA ASN X 49 -13.28 -30.72 -30.54
C ASN X 49 -13.01 -31.60 -31.76
N SER X 50 -12.73 -32.89 -31.57
CA SER X 50 -12.37 -33.81 -32.67
C SER X 50 -13.40 -33.76 -33.80
N SER X 51 -14.66 -33.56 -33.45
CA SER X 51 -15.84 -33.52 -34.31
C SER X 51 -16.28 -32.11 -34.71
N GLY X 52 -15.58 -31.06 -34.29
CA GLY X 52 -15.95 -29.66 -34.53
C GLY X 52 -15.29 -29.12 -35.78
N ASN X 53 -15.90 -28.13 -36.43
CA ASN X 53 -15.28 -27.42 -37.55
C ASN X 53 -14.48 -26.18 -37.10
N ARG X 54 -14.22 -25.99 -35.80
CA ARG X 54 -13.47 -24.84 -35.28
C ARG X 54 -12.29 -25.28 -34.43
N VAL X 55 -11.16 -24.64 -34.67
CA VAL X 55 -9.99 -24.61 -33.79
C VAL X 55 -9.87 -23.21 -33.20
N PHE X 56 -9.72 -23.16 -31.89
CA PHE X 56 -9.67 -21.97 -31.08
C PHE X 56 -8.28 -21.83 -30.49
N THR X 57 -7.75 -20.62 -30.40
CA THR X 57 -6.41 -20.42 -29.89
C THR X 57 -6.23 -19.09 -29.18
N SER X 58 -5.29 -19.08 -28.27
CA SER X 58 -4.85 -17.90 -27.56
C SER X 58 -3.36 -17.99 -27.26
N THR X 59 -2.77 -16.85 -26.98
CA THR X 59 -1.38 -16.70 -26.60
C THR X 59 -1.26 -15.87 -25.34
N ASN X 60 -0.07 -15.81 -24.74
CA ASN X 60 0.17 -15.09 -23.51
C ASN X 60 -0.26 -13.62 -23.57
N ASN X 61 0.31 -12.81 -24.48
CA ASN X 61 0.07 -11.37 -24.47
C ASN X 61 -1.03 -10.99 -25.47
N THR X 62 -2.17 -11.67 -25.43
CA THR X 62 -3.37 -11.28 -26.19
C THR X 62 -4.63 -11.43 -25.35
N SER X 63 -5.54 -10.47 -25.43
CA SER X 63 -6.95 -10.70 -25.12
C SER X 63 -7.62 -11.42 -26.30
N ASN X 64 -8.89 -11.81 -26.13
CA ASN X 64 -9.72 -12.59 -27.05
C ASN X 64 -9.26 -14.04 -27.24
N ILE X 65 -10.15 -14.89 -27.76
CA ILE X 65 -9.89 -16.24 -28.21
C ILE X 65 -10.12 -16.27 -29.70
N TRP X 66 -9.11 -16.64 -30.47
CA TRP X 66 -9.08 -16.46 -31.91
C TRP X 66 -9.42 -17.78 -32.58
N TYR X 67 -10.35 -17.79 -33.55
CA TYR X 67 -10.72 -19.01 -34.23
C TYR X 67 -10.40 -18.92 -35.72
N ILE X 68 -10.63 -20.03 -36.42
CA ILE X 68 -10.45 -20.08 -37.87
C ILE X 68 -11.73 -20.53 -38.55
N GLU X 69 -12.34 -21.60 -38.02
CA GLU X 69 -13.61 -22.12 -38.53
C GLU X 69 -13.52 -22.50 -40.00
N ASN X 70 -12.71 -23.51 -40.32
CA ASN X 70 -12.67 -24.07 -41.66
C ASN X 70 -13.57 -25.30 -41.68
N ASP X 71 -14.61 -25.25 -42.51
CA ASP X 71 -15.56 -26.36 -42.56
C ASP X 71 -14.92 -27.63 -43.07
N ALA X 72 -13.74 -27.51 -43.70
CA ALA X 72 -13.10 -28.67 -44.30
C ALA X 72 -12.80 -29.75 -43.27
N TRP X 73 -11.92 -29.46 -42.32
CA TRP X 73 -11.56 -30.45 -41.32
C TRP X 73 -12.70 -30.58 -40.32
N LYS X 74 -13.16 -31.81 -40.09
CA LYS X 74 -14.25 -32.03 -39.16
C LYS X 74 -13.97 -33.25 -38.29
N GLY X 75 -12.99 -34.06 -38.68
CA GLY X 75 -12.68 -35.25 -37.92
C GLY X 75 -11.21 -35.33 -37.53
N LYS X 76 -10.52 -34.18 -37.50
CA LYS X 76 -9.11 -34.03 -37.15
C LYS X 76 -8.94 -33.64 -35.68
N ALA X 77 -7.75 -33.85 -35.12
CA ALA X 77 -7.29 -33.25 -33.86
C ALA X 77 -6.19 -32.20 -34.16
N VAL X 78 -5.89 -31.27 -33.24
CA VAL X 78 -4.87 -30.22 -33.51
C VAL X 78 -3.42 -30.74 -33.67
N SER X 79 -3.17 -32.02 -33.42
CA SER X 79 -1.90 -32.66 -33.81
C SER X 79 -1.68 -32.71 -35.33
N ASP X 80 -2.75 -32.68 -36.14
CA ASP X 80 -2.64 -32.79 -37.58
C ASP X 80 -2.11 -31.49 -38.17
N SER X 81 -1.33 -31.63 -39.25
CA SER X 81 -0.70 -30.46 -39.85
C SER X 81 -1.71 -29.55 -40.53
N ASP X 82 -2.71 -30.14 -41.19
CA ASP X 82 -3.68 -29.38 -41.97
C ASP X 82 -4.80 -28.85 -41.09
N VAL X 83 -4.41 -28.08 -40.07
CA VAL X 83 -5.37 -27.44 -39.18
C VAL X 83 -5.02 -25.97 -39.02
N THR X 84 -3.82 -25.59 -39.47
CA THR X 84 -3.31 -24.22 -39.35
C THR X 84 -3.31 -23.75 -37.89
N ALA X 85 -2.72 -24.57 -37.00
CA ALA X 85 -2.52 -24.25 -35.59
C ALA X 85 -1.30 -23.33 -35.37
N LEU X 86 -1.17 -22.79 -34.16
CA LEU X 86 -0.06 -21.93 -33.75
C LEU X 86 0.99 -22.81 -33.10
N GLY X 87 1.96 -23.26 -33.90
CA GLY X 87 2.99 -24.17 -33.43
C GLY X 87 4.01 -23.49 -32.53
N THR X 88 5.07 -24.25 -32.25
CA THR X 88 6.25 -23.73 -31.53
C THR X 88 6.78 -22.51 -32.29
N GLY X 89 7.25 -21.49 -31.56
CA GLY X 89 7.51 -20.21 -32.15
C GLY X 89 6.20 -19.47 -32.31
N ASP X 90 6.29 -18.25 -32.84
CA ASP X 90 5.16 -17.33 -32.94
C ASP X 90 4.29 -17.44 -31.68
N VAL X 91 4.93 -17.44 -30.53
CA VAL X 91 4.27 -17.81 -29.29
C VAL X 91 3.57 -16.62 -28.63
N GLY X 92 4.10 -15.41 -28.80
CA GLY X 92 3.41 -14.24 -28.31
C GLY X 92 2.30 -13.79 -29.22
N LYS X 93 2.66 -13.38 -30.43
CA LYS X 93 1.74 -12.91 -31.46
C LYS X 93 0.69 -11.97 -30.87
N SER X 94 1.18 -10.86 -30.32
CA SER X 94 0.29 -9.85 -29.78
C SER X 94 -0.62 -9.23 -30.83
N ASP X 95 -0.39 -9.51 -32.11
CA ASP X 95 -1.18 -8.93 -33.18
C ASP X 95 -1.39 -9.98 -34.27
N PHE X 96 -2.45 -9.79 -35.04
CA PHE X 96 -2.84 -10.71 -36.11
C PHE X 96 -3.22 -9.90 -37.33
N SER X 97 -2.68 -10.27 -38.49
CA SER X 97 -2.85 -9.45 -39.69
C SER X 97 -4.04 -9.91 -40.54
N GLY X 98 -3.97 -11.12 -41.08
CA GLY X 98 -5.00 -11.57 -41.99
C GLY X 98 -5.33 -13.05 -41.98
N THR X 99 -4.95 -13.77 -40.93
CA THR X 99 -5.12 -15.22 -40.91
C THR X 99 -6.29 -15.69 -40.07
N GLU X 100 -6.31 -15.33 -38.79
CA GLU X 100 -7.37 -15.73 -37.88
C GLU X 100 -8.02 -14.48 -37.32
N TRP X 101 -9.25 -14.63 -36.81
CA TRP X 101 -9.97 -13.45 -36.37
C TRP X 101 -11.08 -13.81 -35.40
N LYS X 102 -11.26 -12.97 -34.37
CA LYS X 102 -12.41 -12.97 -33.43
C LYS X 102 -13.08 -11.60 -33.33
N SER X 103 -12.44 -10.54 -33.81
CA SER X 103 -13.01 -9.21 -33.76
C SER X 103 -14.13 -9.08 -34.81
N GLN X 104 -14.69 -7.88 -34.93
CA GLN X 104 -15.82 -7.66 -35.82
C GLN X 104 -15.39 -7.62 -37.29
N ALA Y 1 -9.48 10.38 -34.38
CA ALA Y 1 -9.87 10.80 -33.01
C ALA Y 1 -10.93 9.83 -32.44
N GLY Y 2 -11.19 9.87 -31.13
CA GLY Y 2 -12.39 9.27 -30.53
C GLY Y 2 -12.39 7.75 -30.33
N LYS Y 3 -11.32 7.02 -30.68
CA LYS Y 3 -11.23 5.56 -30.52
C LYS Y 3 -10.27 5.16 -29.40
N ILE Y 4 -10.42 3.92 -28.93
CA ILE Y 4 -9.59 3.29 -27.91
C ILE Y 4 -8.10 3.55 -28.15
N PRO Y 5 -7.32 3.91 -27.13
CA PRO Y 5 -5.92 4.22 -27.32
C PRO Y 5 -5.10 2.96 -27.64
N THR Y 6 -4.24 3.04 -28.64
CA THR Y 6 -3.39 1.91 -28.96
C THR Y 6 -2.06 1.99 -28.22
N THR Y 7 -1.71 3.17 -27.72
CA THR Y 7 -0.40 3.36 -27.07
C THR Y 7 -0.46 4.48 -26.02
N THR Y 8 0.19 4.32 -24.87
CA THR Y 8 0.25 5.38 -23.86
C THR Y 8 1.44 6.32 -24.11
N MET Y 9 1.48 7.51 -23.50
CA MET Y 9 2.46 8.55 -23.89
C MET Y 9 3.92 8.16 -23.65
N GLY Y 10 4.20 7.25 -22.71
CA GLY Y 10 5.53 6.67 -22.52
C GLY Y 10 5.97 5.68 -23.61
N GLY Y 11 5.23 5.61 -24.71
CA GLY Y 11 5.52 4.79 -25.88
C GLY Y 11 5.14 3.32 -25.75
N LYS Y 12 4.64 2.88 -24.60
CA LYS Y 12 4.26 1.48 -24.39
C LYS Y 12 2.87 1.18 -24.95
N ASP Y 13 2.70 -0.02 -25.51
CA ASP Y 13 1.42 -0.51 -26.02
C ASP Y 13 0.39 -0.61 -24.88
N PHE Y 14 -0.84 -0.19 -25.18
CA PHE Y 14 -1.95 -0.06 -24.22
C PHE Y 14 -2.45 -1.39 -23.63
N THR Y 15 -1.83 -2.49 -24.03
CA THR Y 15 -2.16 -3.80 -23.43
C THR Y 15 -3.61 -4.14 -23.08
N PHE Y 16 -4.53 -3.85 -23.98
CA PHE Y 16 -5.92 -4.23 -23.77
C PHE Y 16 -6.63 -4.25 -25.11
N LYS Y 17 -7.30 -5.35 -25.43
CA LYS Y 17 -8.08 -5.39 -26.68
C LYS Y 17 -9.54 -5.63 -26.35
N PRO Y 18 -10.53 -5.02 -27.04
CA PRO Y 18 -11.93 -5.22 -26.71
C PRO Y 18 -12.46 -6.60 -27.10
N SER Y 19 -13.63 -6.94 -26.56
CA SER Y 19 -14.39 -8.16 -26.84
C SER Y 19 -14.81 -8.30 -28.30
N THR Y 20 -15.22 -9.50 -28.68
CA THR Y 20 -15.47 -9.91 -30.08
C THR Y 20 -16.33 -8.96 -30.91
N ASN Y 21 -17.35 -8.33 -30.31
CA ASN Y 21 -18.38 -7.60 -31.02
C ASN Y 21 -18.76 -6.27 -30.35
N VAL Y 22 -17.86 -5.69 -29.54
CA VAL Y 22 -18.14 -4.45 -28.79
C VAL Y 22 -17.48 -3.25 -29.45
N SER Y 23 -18.30 -2.23 -29.66
CA SER Y 23 -17.85 -0.90 -30.04
C SER Y 23 -17.38 -0.15 -28.81
N VAL Y 24 -16.30 0.61 -28.94
CA VAL Y 24 -15.74 1.46 -27.90
C VAL Y 24 -15.45 2.84 -28.46
N SER Y 25 -15.72 3.89 -27.69
CA SER Y 25 -15.29 5.24 -28.02
C SER Y 25 -14.70 5.88 -26.77
N TYR Y 26 -13.59 6.58 -26.95
CA TYR Y 26 -12.77 7.13 -25.88
C TYR Y 26 -12.38 8.55 -26.23
N PHE Y 27 -12.49 9.45 -25.26
CA PHE Y 27 -12.18 10.86 -25.40
C PHE Y 27 -11.35 11.34 -24.23
N THR Y 28 -10.41 12.24 -24.47
CA THR Y 28 -9.50 12.79 -23.46
C THR Y 28 -9.27 14.28 -23.67
N THR Y 29 -8.56 14.99 -22.78
CA THR Y 29 -8.47 16.44 -22.88
C THR Y 29 -7.80 16.86 -24.19
N ASN Y 30 -6.64 16.28 -24.53
CA ASN Y 30 -5.80 16.72 -25.65
C ASN Y 30 -5.79 15.75 -26.85
N GLY Y 31 -6.93 15.09 -27.09
CA GLY Y 31 -7.16 14.28 -28.28
C GLY Y 31 -6.13 13.19 -28.53
N ALA Y 32 -5.73 13.04 -29.78
CA ALA Y 32 -4.72 12.08 -30.22
C ALA Y 32 -3.27 12.59 -30.06
N THR Y 33 -3.05 13.78 -29.48
CA THR Y 33 -1.78 14.51 -29.63
C THR Y 33 -0.67 13.96 -28.73
N SER Y 34 0.06 12.96 -29.24
CA SER Y 34 1.17 12.28 -28.56
C SER Y 34 2.47 13.12 -28.54
N THR Y 35 2.39 14.39 -28.17
CA THR Y 35 3.48 15.39 -28.29
C THR Y 35 4.62 15.21 -27.29
N ALA Y 36 4.63 14.13 -26.51
CA ALA Y 36 5.67 13.78 -25.55
C ALA Y 36 5.94 14.83 -24.45
N GLY Y 37 5.03 15.76 -24.24
CA GLY Y 37 5.14 16.80 -23.23
C GLY Y 37 3.79 17.24 -22.72
N THR Y 38 2.69 16.61 -23.12
CA THR Y 38 1.34 16.97 -22.64
C THR Y 38 0.92 16.04 -21.49
N VAL Y 39 -0.14 16.41 -20.78
CA VAL Y 39 -0.74 15.59 -19.72
C VAL Y 39 -2.25 15.61 -19.84
N ASN Y 40 -2.82 14.52 -20.33
CA ASN Y 40 -4.24 14.25 -20.20
C ASN Y 40 -4.55 13.87 -18.76
N THR Y 41 -5.12 14.81 -18.02
CA THR Y 41 -5.61 14.61 -16.66
C THR Y 41 -6.93 13.85 -16.58
N ASP Y 42 -7.62 13.62 -17.71
CA ASP Y 42 -8.96 13.06 -17.74
C ASP Y 42 -9.25 12.21 -18.97
N TYR Y 43 -10.29 11.39 -18.86
CA TYR Y 43 -10.85 10.62 -19.95
C TYR Y 43 -12.36 10.46 -19.75
N ALA Y 44 -13.07 10.22 -20.83
CA ALA Y 44 -14.45 9.80 -20.88
C ALA Y 44 -14.54 8.69 -21.90
N VAL Y 45 -15.15 7.57 -21.54
CA VAL Y 45 -15.07 6.35 -22.32
C VAL Y 45 -16.39 5.62 -22.27
N ASN Y 46 -16.79 5.02 -23.37
CA ASN Y 46 -18.07 4.35 -23.47
C ASN Y 46 -17.96 3.11 -24.35
N THR Y 47 -18.82 2.13 -24.11
CA THR Y 47 -18.85 0.87 -24.84
C THR Y 47 -20.29 0.46 -25.09
N LYS Y 48 -20.53 -0.23 -26.19
CA LYS Y 48 -21.78 -0.95 -26.44
C LYS Y 48 -21.47 -2.18 -27.28
N ASN Y 49 -22.09 -3.31 -26.98
CA ASN Y 49 -22.13 -4.43 -27.90
C ASN Y 49 -22.97 -4.04 -29.12
N SER Y 50 -22.49 -4.30 -30.34
CA SER Y 50 -23.18 -3.91 -31.57
C SER Y 50 -24.65 -4.33 -31.56
N SER Y 51 -24.92 -5.48 -30.97
CA SER Y 51 -26.22 -6.14 -30.88
C SER Y 51 -26.96 -5.89 -29.56
N GLY Y 52 -26.42 -5.08 -28.64
CA GLY Y 52 -26.99 -4.84 -27.32
C GLY Y 52 -27.87 -3.60 -27.31
N ASN Y 53 -28.85 -3.54 -26.42
CA ASN Y 53 -29.66 -2.33 -26.21
C ASN Y 53 -29.07 -1.40 -25.14
N ARG Y 54 -27.83 -1.61 -24.68
CA ARG Y 54 -27.19 -0.77 -23.65
C ARG Y 54 -25.86 -0.23 -24.14
N VAL Y 55 -25.65 1.05 -23.89
CA VAL Y 55 -24.35 1.73 -23.91
C VAL Y 55 -23.97 2.09 -22.49
N PHE Y 56 -22.75 1.73 -22.12
CA PHE Y 56 -22.16 1.88 -20.80
C PHE Y 56 -21.05 2.89 -20.88
N THR Y 57 -20.89 3.72 -19.87
CA THR Y 57 -19.87 4.75 -19.87
C THR Y 57 -19.35 5.09 -18.50
N SER Y 58 -18.11 5.56 -18.47
CA SER Y 58 -17.46 6.07 -17.30
C SER Y 58 -16.52 7.19 -17.67
N THR Y 59 -16.16 7.99 -16.68
CA THR Y 59 -15.21 9.09 -16.80
C THR Y 59 -14.16 9.01 -15.71
N ASN Y 60 -13.11 9.81 -15.80
CA ASN Y 60 -12.01 9.80 -14.85
C ASN Y 60 -12.45 9.95 -13.40
N ASN Y 61 -13.10 11.06 -13.04
CA ASN Y 61 -13.40 11.35 -11.63
C ASN Y 61 -14.82 10.92 -11.27
N THR Y 62 -15.21 9.69 -11.60
CA THR Y 62 -16.47 9.08 -11.14
C THR Y 62 -16.26 7.63 -10.74
N SER Y 63 -16.88 7.20 -9.64
CA SER Y 63 -17.20 5.80 -9.43
C SER Y 63 -18.45 5.42 -10.24
N ASN Y 64 -18.82 4.13 -10.23
CA ASN Y 64 -19.89 3.51 -11.00
C ASN Y 64 -19.66 3.48 -12.52
N ILE Y 65 -20.40 2.62 -13.22
CA ILE Y 65 -20.50 2.55 -14.67
C ILE Y 65 -21.92 2.92 -15.03
N TRP Y 66 -22.10 3.95 -15.83
CA TRP Y 66 -23.39 4.59 -16.07
C TRP Y 66 -23.95 4.10 -17.38
N TYR Y 67 -25.21 3.67 -17.42
CA TYR Y 67 -25.83 3.19 -18.66
C TYR Y 67 -27.01 4.06 -19.04
N ILE Y 68 -27.58 3.76 -20.21
CA ILE Y 68 -28.77 4.45 -20.69
C ILE Y 68 -29.89 3.44 -20.97
N GLU Y 69 -29.55 2.36 -21.68
CA GLU Y 69 -30.50 1.29 -21.97
C GLU Y 69 -31.71 1.79 -22.74
N ASN Y 70 -31.48 2.26 -23.96
CA ASN Y 70 -32.57 2.61 -24.86
C ASN Y 70 -32.83 1.43 -25.78
N ASP Y 71 -34.04 0.87 -25.70
CA ASP Y 71 -34.36 -0.31 -26.49
C ASP Y 71 -34.35 0.00 -27.98
N ALA Y 72 -34.39 1.30 -28.34
CA ALA Y 72 -34.49 1.67 -29.74
C ALA Y 72 -33.30 1.18 -30.55
N TRP Y 73 -32.11 1.66 -30.24
CA TRP Y 73 -30.92 1.25 -30.98
C TRP Y 73 -30.52 -0.15 -30.54
N LYS Y 74 -30.37 -1.05 -31.51
CA LYS Y 74 -30.00 -2.42 -31.19
C LYS Y 74 -28.94 -2.93 -32.17
N GLY Y 75 -28.74 -2.23 -33.27
CA GLY Y 75 -27.76 -2.64 -34.25
C GLY Y 75 -26.76 -1.56 -34.58
N LYS Y 76 -26.58 -0.60 -33.68
CA LYS Y 76 -25.65 0.54 -33.80
C LYS Y 76 -24.33 0.26 -33.09
N ALA Y 77 -23.28 1.00 -33.43
CA ALA Y 77 -22.04 1.12 -32.65
C ALA Y 77 -21.95 2.53 -32.04
N VAL Y 78 -21.14 2.76 -31.00
CA VAL Y 78 -21.05 4.10 -30.36
C VAL Y 78 -20.49 5.22 -31.23
N SER Y 79 -19.98 4.91 -32.43
CA SER Y 79 -19.67 5.93 -33.44
C SER Y 79 -20.91 6.67 -33.95
N ASP Y 80 -22.10 6.08 -33.87
CA ASP Y 80 -23.31 6.68 -34.39
C ASP Y 80 -23.76 7.82 -33.48
N SER Y 81 -24.37 8.84 -34.09
CA SER Y 81 -24.77 10.02 -33.32
C SER Y 81 -25.95 9.71 -32.40
N ASP Y 82 -26.89 8.92 -32.89
CA ASP Y 82 -28.12 8.64 -32.15
C ASP Y 82 -27.92 7.52 -31.12
N VAL Y 83 -26.94 7.74 -30.24
CA VAL Y 83 -26.67 6.78 -29.16
C VAL Y 83 -26.57 7.53 -27.83
N THR Y 84 -26.47 8.86 -27.91
CA THR Y 84 -26.34 9.71 -26.73
C THR Y 84 -25.11 9.32 -25.91
N ALA Y 85 -23.95 9.21 -26.56
CA ALA Y 85 -22.65 8.96 -25.94
C ALA Y 85 -22.04 10.24 -25.34
N LEU Y 86 -20.99 10.07 -24.54
CA LEU Y 86 -20.24 11.16 -23.92
C LEU Y 86 -19.08 11.50 -24.83
N GLY Y 87 -19.29 12.49 -25.69
CA GLY Y 87 -18.30 12.88 -26.67
C GLY Y 87 -17.14 13.65 -26.06
N THR Y 88 -16.31 14.21 -26.96
CA THR Y 88 -15.22 15.12 -26.58
C THR Y 88 -15.81 16.27 -25.78
N GLY Y 89 -15.10 16.76 -24.76
CA GLY Y 89 -15.68 17.64 -23.79
C GLY Y 89 -16.51 16.83 -22.81
N ASP Y 90 -17.10 17.52 -21.84
CA ASP Y 90 -17.82 16.90 -20.73
C ASP Y 90 -17.08 15.65 -20.28
N VAL Y 91 -15.77 15.76 -20.13
CA VAL Y 91 -14.92 14.58 -19.97
C VAL Y 91 -14.80 14.15 -18.51
N GLY Y 92 -14.88 15.07 -17.57
CA GLY Y 92 -14.91 14.69 -16.17
C GLY Y 92 -16.28 14.25 -15.72
N LYS Y 93 -17.24 15.17 -15.76
CA LYS Y 93 -18.62 14.91 -15.37
C LYS Y 93 -18.71 14.11 -14.07
N SER Y 94 -18.15 14.70 -13.01
CA SER Y 94 -18.20 14.08 -11.69
C SER Y 94 -19.62 13.92 -11.18
N ASP Y 95 -20.61 14.49 -11.84
CA ASP Y 95 -21.99 14.43 -11.40
C ASP Y 95 -22.90 14.31 -12.60
N PHE Y 96 -24.09 13.75 -12.38
CA PHE Y 96 -25.08 13.52 -13.42
C PHE Y 96 -26.44 13.93 -12.89
N SER Y 97 -27.18 14.71 -13.68
CA SER Y 97 -28.43 15.30 -13.21
C SER Y 97 -29.65 14.45 -13.56
N GLY Y 98 -29.93 14.30 -14.85
CA GLY Y 98 -31.14 13.60 -15.25
C GLY Y 98 -31.07 12.82 -16.54
N THR Y 99 -29.87 12.48 -17.02
CA THR Y 99 -29.74 11.85 -18.33
C THR Y 99 -29.46 10.36 -18.25
N GLU Y 100 -28.38 9.98 -17.57
CA GLU Y 100 -27.99 8.57 -17.42
C GLU Y 100 -27.96 8.23 -15.94
N TRP Y 101 -28.04 6.94 -15.64
CA TRP Y 101 -28.13 6.56 -14.23
C TRP Y 101 -27.72 5.11 -14.03
N LYS Y 102 -27.00 4.84 -12.93
CA LYS Y 102 -26.69 3.50 -12.39
C LYS Y 102 -27.08 3.36 -10.93
N SER Y 103 -27.36 4.46 -10.23
CA SER Y 103 -27.75 4.40 -8.82
C SER Y 103 -29.19 3.89 -8.71
N GLN Y 104 -29.71 3.86 -7.49
CA GLN Y 104 -31.04 3.30 -7.23
C GLN Y 104 -32.14 4.25 -7.70
N ALA Z 1 -29.20 14.03 8.58
CA ALA Z 1 -28.21 13.31 9.41
C ALA Z 1 -28.05 11.87 8.92
N GLY Z 2 -27.00 11.16 9.36
CA GLY Z 2 -26.91 9.70 9.23
C GLY Z 2 -26.54 9.11 7.87
N LYS Z 3 -26.29 9.93 6.84
CA LYS Z 3 -25.93 9.48 5.49
C LYS Z 3 -24.46 9.74 5.17
N ILE Z 4 -23.94 9.03 4.17
CA ILE Z 4 -22.58 9.14 3.63
C ILE Z 4 -22.18 10.62 3.45
N PRO Z 5 -20.98 11.02 3.86
CA PRO Z 5 -20.58 12.41 3.75
C PRO Z 5 -20.34 12.82 2.30
N THR Z 6 -20.87 13.97 1.90
CA THR Z 6 -20.63 14.46 0.55
C THR Z 6 -19.40 15.35 0.49
N THR Z 7 -18.95 15.86 1.64
CA THR Z 7 -17.83 16.80 1.67
C THR Z 7 -17.06 16.73 2.99
N THR Z 8 -15.72 16.81 2.97
CA THR Z 8 -14.95 16.83 4.21
C THR Z 8 -14.76 18.26 4.72
N MET Z 9 -14.36 18.45 5.99
CA MET Z 9 -14.40 19.78 6.62
C MET Z 9 -13.51 20.82 5.96
N GLY Z 10 -12.43 20.42 5.28
CA GLY Z 10 -11.60 21.30 4.45
C GLY Z 10 -12.26 21.77 3.15
N GLY Z 11 -13.55 21.52 2.98
CA GLY Z 11 -14.36 21.95 1.84
C GLY Z 11 -14.22 21.08 0.60
N LYS Z 12 -13.35 20.07 0.60
CA LYS Z 12 -13.16 19.20 -0.57
C LYS Z 12 -14.23 18.11 -0.65
N ASP Z 13 -14.64 17.78 -1.86
CA ASP Z 13 -15.60 16.71 -2.13
C ASP Z 13 -15.03 15.35 -1.69
N PHE Z 14 -15.88 14.53 -1.07
CA PHE Z 14 -15.53 13.26 -0.44
C PHE Z 14 -15.06 12.16 -1.40
N THR Z 15 -15.00 12.47 -2.69
CA THR Z 15 -14.44 11.54 -3.68
C THR Z 15 -14.72 10.04 -3.55
N PHE Z 16 -15.96 9.68 -3.29
CA PHE Z 16 -16.33 8.27 -3.25
C PHE Z 16 -17.84 8.16 -3.43
N LYS Z 17 -18.28 7.35 -4.38
CA LYS Z 17 -19.72 7.13 -4.54
C LYS Z 17 -20.04 5.65 -4.32
N PRO Z 18 -21.16 5.27 -3.69
CA PRO Z 18 -21.45 3.87 -3.44
C PRO Z 18 -21.86 3.10 -4.71
N SER Z 19 -21.85 1.77 -4.60
CA SER Z 19 -22.27 0.82 -5.63
C SER Z 19 -23.73 0.96 -6.03
N THR Z 20 -24.11 0.35 -7.15
CA THR Z 20 -25.41 0.52 -7.82
C THR Z 20 -26.65 0.41 -6.94
N ASN Z 21 -26.64 -0.49 -5.95
CA ASN Z 21 -27.82 -0.88 -5.18
C ASN Z 21 -27.55 -1.02 -3.68
N VAL Z 22 -26.52 -0.35 -3.15
CA VAL Z 22 -26.13 -0.46 -1.73
C VAL Z 22 -26.59 0.75 -0.94
N SER Z 23 -27.26 0.46 0.17
CA SER Z 23 -27.57 1.43 1.19
C SER Z 23 -26.37 1.62 2.09
N VAL Z 24 -26.11 2.86 2.51
CA VAL Z 24 -25.04 3.23 3.43
C VAL Z 24 -25.60 4.14 4.51
N SER Z 25 -25.16 3.97 5.75
CA SER Z 25 -25.44 4.90 6.82
C SER Z 25 -24.15 5.16 7.60
N TYR Z 26 -23.91 6.42 7.93
CA TYR Z 26 -22.67 6.90 8.51
C TYR Z 26 -22.98 7.85 9.66
N PHE Z 27 -22.29 7.68 10.78
CA PHE Z 27 -22.47 8.46 11.98
C PHE Z 27 -21.11 8.90 12.53
N THR Z 28 -21.04 10.10 13.09
CA THR Z 28 -19.80 10.68 13.64
C THR Z 28 -20.08 11.45 14.92
N THR Z 29 -19.07 11.96 15.64
CA THR Z 29 -19.31 12.57 16.94
C THR Z 29 -20.23 13.77 16.83
N ASN Z 30 -19.95 14.71 15.91
CA ASN Z 30 -20.64 16.01 15.83
C ASN Z 30 -21.57 16.15 14.62
N GLY Z 31 -22.20 15.04 14.22
CA GLY Z 31 -23.26 15.02 13.23
C GLY Z 31 -22.89 15.65 11.88
N ALA Z 32 -23.82 16.42 11.32
CA ALA Z 32 -23.64 17.14 10.07
C ALA Z 32 -22.93 18.50 10.23
N THR Z 33 -22.46 18.87 11.43
CA THR Z 33 -22.13 20.27 11.78
C THR Z 33 -20.77 20.70 11.21
N SER Z 34 -20.78 21.19 9.97
CA SER Z 34 -19.61 21.68 9.24
C SER Z 34 -19.12 23.07 9.70
N THR Z 35 -18.99 23.27 11.01
CA THR Z 35 -18.77 24.59 11.64
C THR Z 35 -17.34 25.15 11.45
N ALA Z 36 -16.50 24.50 10.64
CA ALA Z 36 -15.13 24.93 10.29
C ALA Z 36 -14.18 25.09 11.49
N GLY Z 37 -14.52 24.52 12.65
CA GLY Z 37 -13.70 24.57 13.84
C GLY Z 37 -13.91 23.37 14.73
N THR Z 38 -14.66 22.36 14.30
CA THR Z 38 -14.86 21.13 15.08
C THR Z 38 -13.91 20.02 14.61
N VAL Z 39 -13.78 18.96 15.41
CA VAL Z 39 -13.00 17.77 15.05
C VAL Z 39 -13.77 16.51 15.41
N ASN Z 40 -14.33 15.85 14.40
CA ASN Z 40 -14.78 14.48 14.53
C ASN Z 40 -13.59 13.54 14.63
N THR Z 41 -13.31 13.08 15.83
CA THR Z 41 -12.28 12.07 16.12
C THR Z 41 -12.71 10.65 15.74
N ASP Z 42 -13.98 10.41 15.42
CA ASP Z 42 -14.53 9.07 15.22
C ASP Z 42 -15.63 9.01 14.17
N TYR Z 43 -15.89 7.81 13.68
CA TYR Z 43 -17.00 7.47 12.83
C TYR Z 43 -17.47 6.03 13.10
N ALA Z 44 -18.71 5.75 12.77
CA ALA Z 44 -19.29 4.44 12.70
C ALA Z 44 -20.10 4.38 11.43
N VAL Z 45 -19.90 3.35 10.62
CA VAL Z 45 -20.41 3.31 9.26
C VAL Z 45 -20.85 1.91 8.91
N ASN Z 46 -21.93 1.78 8.18
CA ASN Z 46 -22.49 0.49 7.84
C ASN Z 46 -23.06 0.51 6.42
N THR Z 47 -23.11 -0.65 5.79
CA THR Z 47 -23.61 -0.82 4.42
C THR Z 47 -24.41 -2.11 4.34
N LYS Z 48 -25.40 -2.12 3.46
CA LYS Z 48 -26.09 -3.34 3.03
C LYS Z 48 -26.54 -3.17 1.60
N ASN Z 49 -26.40 -4.19 0.76
CA ASN Z 49 -27.08 -4.24 -0.51
C ASN Z 49 -28.58 -4.37 -0.25
N SER Z 50 -29.43 -3.59 -0.92
CA SER Z 50 -30.87 -3.59 -0.69
C SER Z 50 -31.47 -5.00 -0.73
N SER Z 51 -30.91 -5.85 -1.58
CA SER Z 51 -31.31 -7.22 -1.86
C SER Z 51 -30.49 -8.28 -1.11
N GLY Z 52 -29.54 -7.88 -0.26
CA GLY Z 52 -28.64 -8.80 0.45
C GLY Z 52 -29.18 -9.16 1.82
N ASN Z 53 -28.83 -10.33 2.36
CA ASN Z 53 -29.15 -10.70 3.73
C ASN Z 53 -28.06 -10.29 4.73
N ARG Z 54 -27.08 -9.47 4.35
CA ARG Z 54 -25.99 -9.02 5.24
C ARG Z 54 -25.91 -7.50 5.29
N VAL Z 55 -25.76 -6.99 6.51
CA VAL Z 55 -25.30 -5.64 6.82
C VAL Z 55 -23.91 -5.73 7.42
N PHE Z 56 -23.01 -4.93 6.88
CA PHE Z 56 -21.60 -4.88 7.21
C PHE Z 56 -21.31 -3.55 7.87
N THR Z 57 -20.44 -3.52 8.87
CA THR Z 57 -20.13 -2.29 9.57
C THR Z 57 -18.72 -2.25 10.11
N SER Z 58 -18.22 -1.04 10.25
CA SER Z 58 -16.94 -0.75 10.87
C SER Z 58 -17.02 0.58 11.59
N THR Z 59 -16.09 0.78 12.50
CA THR Z 59 -15.91 2.00 13.27
C THR Z 59 -14.47 2.47 13.22
N ASN Z 60 -14.20 3.68 13.68
CA ASN Z 60 -12.87 4.27 13.64
C ASN Z 60 -11.78 3.38 14.27
N ASN Z 61 -11.89 3.05 15.56
CA ASN Z 61 -10.81 2.36 16.25
C ASN Z 61 -11.05 0.85 16.31
N THR Z 62 -11.37 0.24 15.16
CA THR Z 62 -11.43 -1.22 15.02
C THR Z 62 -10.80 -1.68 13.71
N SER Z 63 -10.03 -2.77 13.75
CA SER Z 63 -9.80 -3.59 12.57
C SER Z 63 -11.02 -4.49 12.32
N ASN Z 64 -11.01 -5.23 11.20
CA ASN Z 64 -12.08 -6.08 10.68
C ASN Z 64 -13.33 -5.32 10.21
N ILE Z 65 -14.17 -5.98 9.41
CA ILE Z 65 -15.49 -5.53 9.01
C ILE Z 65 -16.50 -6.51 9.60
N TRP Z 66 -17.41 -6.02 10.41
CA TRP Z 66 -18.26 -6.83 11.25
C TRP Z 66 -19.62 -6.98 10.59
N TYR Z 67 -20.15 -8.21 10.50
CA TYR Z 67 -21.45 -8.42 9.89
C TYR Z 67 -22.43 -9.01 10.90
N ILE Z 68 -23.68 -9.17 10.45
CA ILE Z 68 -24.72 -9.79 11.26
C ILE Z 68 -25.33 -10.97 10.52
N GLU Z 69 -25.67 -10.78 9.26
CA GLU Z 69 -26.21 -11.84 8.41
C GLU Z 69 -27.49 -12.42 8.98
N ASN Z 70 -28.54 -11.61 9.06
CA ASN Z 70 -29.86 -12.10 9.42
C ASN Z 70 -30.64 -12.37 8.14
N ASP Z 71 -31.02 -13.62 7.93
CA ASP Z 71 -31.73 -13.99 6.71
C ASP Z 71 -33.08 -13.31 6.62
N ALA Z 72 -33.59 -12.80 7.74
CA ALA Z 72 -34.92 -12.23 7.77
C ALA Z 72 -35.05 -11.06 6.80
N TRP Z 73 -34.31 -9.97 7.04
CA TRP Z 73 -34.41 -8.81 6.18
C TRP Z 73 -33.66 -9.10 4.88
N LYS Z 74 -34.34 -8.89 3.75
CA LYS Z 74 -33.72 -9.14 2.45
C LYS Z 74 -34.06 -8.03 1.47
N GLY Z 75 -35.04 -7.21 1.81
CA GLY Z 75 -35.44 -6.13 0.92
C GLY Z 75 -35.43 -4.78 1.60
N LYS Z 76 -34.66 -4.64 2.70
CA LYS Z 76 -34.52 -3.42 3.50
C LYS Z 76 -33.26 -2.63 3.10
N ALA Z 77 -33.20 -1.36 3.44
CA ALA Z 77 -31.99 -0.54 3.45
C ALA Z 77 -31.58 -0.23 4.90
N VAL Z 78 -30.33 0.16 5.18
CA VAL Z 78 -29.89 0.43 6.58
C VAL Z 78 -30.57 1.63 7.26
N SER Z 79 -31.37 2.41 6.55
CA SER Z 79 -32.26 3.40 7.16
C SER Z 79 -33.35 2.77 8.03
N ASP Z 80 -33.73 1.51 7.79
CA ASP Z 80 -34.80 0.86 8.52
C ASP Z 80 -34.33 0.49 9.93
N SER Z 81 -35.27 0.54 10.88
CA SER Z 81 -34.91 0.30 12.27
C SER Z 81 -34.58 -1.17 12.51
N ASP Z 82 -35.31 -2.07 11.87
CA ASP Z 82 -35.16 -3.51 12.11
C ASP Z 82 -34.02 -4.08 11.27
N VAL Z 83 -32.83 -3.51 11.45
CA VAL Z 83 -31.63 -4.00 10.77
C VAL Z 83 -30.51 -4.16 11.78
N THR Z 84 -30.69 -3.61 12.98
CA THR Z 84 -29.69 -3.66 14.05
C THR Z 84 -28.37 -3.04 13.59
N ALA Z 85 -28.45 -1.83 13.04
CA ALA Z 85 -27.29 -1.02 12.64
C ALA Z 85 -26.65 -0.29 13.84
N LEU Z 86 -25.45 0.26 13.62
CA LEU Z 86 -24.71 1.02 14.63
C LEU Z 86 -25.06 2.49 14.43
N GLY Z 87 -26.05 2.96 15.18
CA GLY Z 87 -26.53 4.32 15.05
C GLY Z 87 -25.58 5.35 15.65
N THR Z 88 -26.08 6.59 15.73
CA THR Z 88 -25.39 7.69 16.41
C THR Z 88 -25.08 7.25 17.85
N GLY Z 89 -23.93 7.64 18.37
CA GLY Z 89 -23.43 7.07 19.59
C GLY Z 89 -22.82 5.71 19.29
N ASP Z 90 -22.30 5.07 20.33
CA ASP Z 90 -21.55 3.82 20.20
C ASP Z 90 -20.66 3.86 18.97
N VAL Z 91 -19.96 4.99 18.79
CA VAL Z 91 -19.31 5.27 17.53
C VAL Z 91 -17.90 4.66 17.47
N GLY Z 92 -17.21 4.55 18.60
CA GLY Z 92 -15.93 3.87 18.60
C GLY Z 92 -16.08 2.37 18.63
N LYS Z 93 -16.64 1.86 19.71
CA LYS Z 93 -16.88 0.44 19.92
C LYS Z 93 -15.66 -0.39 19.52
N SER Z 94 -14.55 -0.11 20.21
CA SER Z 94 -13.31 -0.87 19.97
C SER Z 94 -13.45 -2.34 20.30
N ASP Z 95 -14.56 -2.75 20.92
CA ASP Z 95 -14.75 -4.14 21.32
C ASP Z 95 -16.22 -4.52 21.11
N PHE Z 96 -16.46 -5.81 20.93
CA PHE Z 96 -17.79 -6.35 20.70
C PHE Z 96 -17.97 -7.60 21.56
N SER Z 97 -19.10 -7.66 22.27
CA SER Z 97 -19.29 -8.74 23.24
C SER Z 97 -20.03 -9.94 22.65
N GLY Z 98 -21.29 -9.74 22.26
CA GLY Z 98 -22.08 -10.86 21.79
C GLY Z 98 -23.11 -10.58 20.72
N THR Z 99 -22.97 -9.48 19.99
CA THR Z 99 -23.99 -9.08 19.03
C THR Z 99 -23.60 -9.35 17.58
N GLU Z 100 -22.48 -8.81 17.14
CA GLU Z 100 -22.00 -8.98 15.77
C GLU Z 100 -20.62 -9.63 15.82
N TRP Z 101 -20.21 -10.24 14.71
CA TRP Z 101 -18.96 -10.97 14.73
C TRP Z 101 -18.42 -11.17 13.32
N LYS Z 102 -17.09 -11.06 13.18
CA LYS Z 102 -16.30 -11.43 11.99
C LYS Z 102 -15.15 -12.37 12.33
N SER Z 103 -14.79 -12.52 13.60
CA SER Z 103 -13.70 -13.41 14.00
C SER Z 103 -14.17 -14.86 13.90
N GLN Z 104 -13.32 -15.78 14.31
CA GLN Z 104 -13.59 -17.21 14.20
C GLN Z 104 -14.62 -17.68 15.22
N ALA AA 1 -56.66 -11.03 -10.38
CA ALA AA 1 -55.61 -11.74 -9.62
C ALA AA 1 -55.41 -13.16 -10.17
N GLY AA 2 -54.33 -13.84 -9.81
CA GLY AA 2 -54.20 -15.30 -9.99
C GLY AA 2 -53.87 -15.82 -11.40
N LYS AA 3 -53.68 -14.95 -12.40
CA LYS AA 3 -53.35 -15.34 -13.78
C LYS AA 3 -51.91 -14.99 -14.14
N ILE AA 4 -51.42 -15.66 -15.19
CA ILE AA 4 -50.09 -15.47 -15.77
C ILE AA 4 -49.74 -13.98 -15.92
N PRO AA 5 -48.53 -13.55 -15.54
CA PRO AA 5 -48.18 -12.14 -15.59
C PRO AA 5 -48.02 -11.66 -17.05
N THR AA 6 -48.60 -10.52 -17.36
CA THR AA 6 -48.43 -9.96 -18.71
C THR AA 6 -47.23 -9.04 -18.77
N THR AA 7 -46.76 -8.55 -17.62
CA THR AA 7 -45.66 -7.58 -17.60
C THR AA 7 -44.84 -7.68 -16.32
N THR AA 8 -43.52 -7.55 -16.38
CA THR AA 8 -42.69 -7.55 -15.18
C THR AA 8 -42.52 -6.14 -14.61
N MET AA 9 -42.08 -5.98 -13.35
CA MET AA 9 -42.15 -4.67 -12.66
C MET AA 9 -41.31 -3.58 -13.31
N GLY AA 10 -40.26 -3.92 -14.05
CA GLY AA 10 -39.49 -2.98 -14.87
C GLY AA 10 -40.20 -2.48 -16.12
N GLY AA 11 -41.50 -2.77 -16.26
CA GLY AA 11 -42.36 -2.32 -17.35
C GLY AA 11 -42.26 -3.13 -18.64
N LYS AA 12 -41.35 -4.11 -18.70
CA LYS AA 12 -41.18 -4.93 -19.92
C LYS AA 12 -42.21 -6.06 -20.00
N ASP AA 13 -42.66 -6.35 -21.22
CA ASP AA 13 -43.58 -7.44 -21.49
C ASP AA 13 -42.95 -8.79 -21.13
N PHE AA 14 -43.76 -9.67 -20.51
CA PHE AA 14 -43.34 -10.94 -19.94
C PHE AA 14 -42.87 -11.99 -20.97
N THR AA 15 -42.87 -11.63 -22.24
CA THR AA 15 -42.32 -12.49 -23.30
C THR AA 15 -42.54 -14.01 -23.22
N PHE AA 16 -43.77 -14.42 -22.92
CA PHE AA 16 -44.10 -15.85 -22.93
C PHE AA 16 -45.59 -16.01 -23.06
N LYS AA 17 -46.04 -16.79 -24.02
CA LYS AA 17 -47.48 -17.05 -24.13
C LYS AA 17 -47.75 -18.55 -23.96
N PRO AA 18 -48.82 -18.99 -23.31
CA PRO AA 18 -49.06 -20.42 -23.11
C PRO AA 18 -49.49 -21.15 -24.38
N SER AA 19 -49.43 -22.47 -24.34
CA SER AA 19 -49.86 -23.40 -25.39
C SER AA 19 -51.35 -23.29 -25.72
N THR AA 20 -51.73 -23.87 -26.85
CA THR AA 20 -53.07 -23.70 -27.47
C THR AA 20 -54.26 -23.91 -26.53
N ASN AA 21 -54.19 -24.84 -25.59
CA ASN AA 21 -55.33 -25.30 -24.79
C ASN AA 21 -54.99 -25.50 -23.30
N VAL AA 22 -53.97 -24.82 -22.79
CA VAL AA 22 -53.52 -24.97 -21.40
C VAL AA 22 -53.98 -23.80 -20.53
N SER AA 23 -54.59 -24.16 -19.42
CA SER AA 23 -54.90 -23.25 -18.34
C SER AA 23 -53.67 -23.06 -17.47
N VAL AA 24 -53.43 -21.82 -17.03
CA VAL AA 24 -52.34 -21.46 -16.13
C VAL AA 24 -52.88 -20.61 -14.99
N SER AA 25 -52.39 -20.82 -13.78
CA SER AA 25 -52.66 -19.94 -12.66
C SER AA 25 -51.36 -19.67 -11.92
N TYR AA 26 -51.14 -18.42 -11.55
CA TYR AA 26 -49.90 -17.91 -10.99
C TYR AA 26 -50.20 -17.02 -9.79
N PHE AA 27 -49.46 -17.21 -8.71
CA PHE AA 27 -49.60 -16.48 -7.47
C PHE AA 27 -48.25 -16.03 -6.96
N THR AA 28 -48.19 -14.85 -6.36
CA THR AA 28 -46.96 -14.24 -5.84
C THR AA 28 -47.22 -13.53 -4.51
N THR AA 29 -46.18 -13.03 -3.82
CA THR AA 29 -46.39 -12.48 -2.48
C THR AA 29 -47.36 -11.30 -2.50
N ASN AA 30 -47.15 -10.31 -3.39
CA ASN AA 30 -47.88 -9.05 -3.39
C ASN AA 30 -48.87 -8.89 -4.55
N GLY AA 31 -49.47 -10.00 -4.97
CA GLY AA 31 -50.57 -10.01 -5.93
C GLY AA 31 -50.28 -9.32 -7.26
N ALA AA 32 -51.24 -8.57 -7.75
CA ALA AA 32 -51.14 -7.79 -8.98
C ALA AA 32 -50.47 -6.41 -8.78
N THR AA 33 -49.97 -6.08 -7.59
CA THR AA 33 -49.67 -4.68 -7.19
C THR AA 33 -48.36 -4.18 -7.80
N SER AA 34 -48.43 -3.63 -9.02
CA SER AA 34 -47.30 -3.08 -9.77
C SER AA 34 -46.85 -1.70 -9.27
N THR AA 35 -46.67 -1.53 -7.96
CA THR AA 35 -46.46 -0.24 -7.29
C THR AA 35 -45.06 0.38 -7.50
N ALA AA 36 -44.23 -0.21 -8.38
CA ALA AA 36 -42.91 0.28 -8.75
C ALA AA 36 -41.91 0.43 -7.59
N GLY AA 37 -42.18 -0.20 -6.44
CA GLY AA 37 -41.31 -0.17 -5.28
C GLY AA 37 -41.44 -1.42 -4.44
N THR AA 38 -42.18 -2.43 -4.88
CA THR AA 38 -42.31 -3.70 -4.14
C THR AA 38 -41.33 -4.75 -4.70
N VAL AA 39 -41.14 -5.83 -3.96
CA VAL AA 39 -40.34 -6.98 -4.39
C VAL AA 39 -41.05 -8.28 -4.05
N ASN AA 40 -41.63 -8.92 -5.06
CA ASN AA 40 -42.03 -10.31 -4.98
C ASN AA 40 -40.81 -11.21 -4.96
N THR AA 41 -40.46 -11.71 -3.79
CA THR AA 41 -39.39 -12.69 -3.59
C THR AA 41 -39.78 -14.10 -4.01
N ASP AA 42 -41.05 -14.38 -4.30
CA ASP AA 42 -41.56 -15.73 -4.53
C ASP AA 42 -42.71 -15.79 -5.54
N TYR AA 43 -42.94 -16.98 -6.06
CA TYR AA 43 -44.08 -17.32 -6.89
C TYR AA 43 -44.48 -18.78 -6.65
N ALA AA 44 -45.74 -19.09 -6.95
CA ALA AA 44 -46.28 -20.42 -7.04
C ALA AA 44 -47.13 -20.45 -8.28
N VAL AA 45 -46.93 -21.45 -9.14
CA VAL AA 45 -47.49 -21.45 -10.49
C VAL AA 45 -47.89 -22.85 -10.87
N ASN AA 46 -49.00 -22.99 -11.57
CA ASN AA 46 -49.53 -24.28 -11.94
C ASN AA 46 -50.16 -24.23 -13.33
N THR AA 47 -50.19 -25.36 -14.02
CA THR AA 47 -50.74 -25.49 -15.36
C THR AA 47 -51.50 -26.79 -15.47
N LYS AA 48 -52.52 -26.82 -16.31
CA LYS AA 48 -53.18 -28.03 -16.77
C LYS AA 48 -53.70 -27.83 -18.17
N ASN AA 49 -53.55 -28.80 -19.05
CA ASN AA 49 -54.30 -28.82 -20.30
C ASN AA 49 -55.78 -29.02 -19.98
N SER AA 50 -56.67 -28.25 -20.59
CA SER AA 50 -58.12 -28.30 -20.31
C SER AA 50 -58.66 -29.73 -20.38
N SER AA 51 -58.10 -30.52 -21.29
CA SER AA 51 -58.47 -31.90 -21.61
C SER AA 51 -57.58 -32.96 -20.93
N GLY AA 52 -56.62 -32.56 -20.10
CA GLY AA 52 -55.67 -33.47 -19.47
C GLY AA 52 -56.14 -33.90 -18.09
N ASN AA 53 -55.73 -35.08 -17.63
CA ASN AA 53 -55.97 -35.52 -16.26
C ASN AA 53 -54.86 -35.11 -15.27
N ARG AA 54 -53.92 -34.24 -15.67
CA ARG AA 54 -52.82 -33.80 -14.80
C ARG AA 54 -52.78 -32.28 -14.69
N VAL AA 55 -52.59 -31.81 -13.47
CA VAL AA 55 -52.17 -30.46 -13.11
C VAL AA 55 -50.76 -30.52 -12.57
N PHE AA 56 -49.90 -29.67 -13.11
CA PHE AA 56 -48.48 -29.58 -12.83
C PHE AA 56 -48.21 -28.27 -12.13
N THR AA 57 -47.31 -28.25 -11.17
CA THR AA 57 -47.01 -27.05 -10.43
C THR AA 57 -45.58 -26.98 -9.93
N SER AA 58 -45.11 -25.75 -9.76
CA SER AA 58 -43.83 -25.44 -9.18
C SER AA 58 -43.91 -24.15 -8.41
N THR AA 59 -42.96 -23.96 -7.52
CA THR AA 59 -42.79 -22.76 -6.71
C THR AA 59 -41.37 -22.24 -6.81
N ASN AA 60 -41.11 -21.04 -6.30
CA ASN AA 60 -39.81 -20.40 -6.36
C ASN AA 60 -38.68 -21.27 -5.82
N ASN AA 61 -38.72 -21.67 -4.54
CA ASN AA 61 -37.59 -22.35 -3.91
C ASN AA 61 -37.78 -23.86 -3.92
N THR AA 62 -38.11 -24.44 -5.07
CA THR AA 62 -38.13 -25.90 -5.28
C THR AA 62 -37.55 -26.27 -6.63
N SER AA 63 -36.75 -27.33 -6.66
CA SER AA 63 -36.53 -28.11 -7.88
C SER AA 63 -37.73 -29.04 -8.12
N ASN AA 64 -37.74 -29.74 -9.27
CA ASN AA 64 -38.80 -30.59 -9.79
C ASN AA 64 -40.09 -29.85 -10.17
N ILE AA 65 -40.93 -30.51 -10.97
CA ILE AA 65 -42.30 -30.09 -11.31
C ILE AA 65 -43.23 -31.14 -10.71
N TRP AA 66 -44.13 -30.70 -9.85
CA TRP AA 66 -44.93 -31.58 -9.01
C TRP AA 66 -46.30 -31.76 -9.62
N TYR AA 67 -46.79 -32.99 -9.74
CA TYR AA 67 -48.11 -33.23 -10.32
C TYR AA 67 -49.03 -33.89 -9.29
N ILE AA 68 -50.29 -34.07 -9.69
CA ILE AA 68 -51.28 -34.76 -8.87
C ILE AA 68 -51.87 -35.94 -9.63
N GLU AA 69 -52.28 -35.70 -10.88
CA GLU AA 69 -52.81 -36.74 -11.75
C GLU AA 69 -54.04 -37.39 -11.16
N ASN AA 70 -55.12 -36.64 -11.01
CA ASN AA 70 -56.41 -37.18 -10.61
C ASN AA 70 -57.23 -37.42 -11.87
N ASP AA 71 -57.58 -38.68 -12.12
CA ASP AA 71 -58.31 -39.02 -13.32
C ASP AA 71 -59.70 -38.39 -13.34
N ALA AA 72 -60.17 -37.93 -12.17
CA ALA AA 72 -61.53 -37.41 -12.07
C ALA AA 72 -61.73 -36.21 -12.97
N TRP AA 73 -61.02 -35.11 -12.72
CA TRP AA 73 -61.18 -33.91 -13.53
C TRP AA 73 -60.48 -34.12 -14.86
N LYS AA 74 -61.21 -33.89 -15.96
CA LYS AA 74 -60.64 -34.08 -17.29
C LYS AA 74 -61.06 -32.93 -18.21
N GLY AA 75 -62.05 -32.15 -17.80
CA GLY AA 75 -62.51 -31.06 -18.62
C GLY AA 75 -62.52 -29.74 -17.89
N LYS AA 76 -61.72 -29.63 -16.81
CA LYS AA 76 -61.58 -28.43 -15.97
C LYS AA 76 -60.38 -27.59 -16.40
N ALA AA 77 -60.34 -26.32 -16.00
CA ALA AA 77 -59.15 -25.46 -16.00
C ALA AA 77 -58.70 -25.20 -14.55
N VAL AA 78 -57.46 -24.78 -14.31
CA VAL AA 78 -56.97 -24.55 -12.92
C VAL AA 78 -57.66 -23.40 -12.16
N SER AA 79 -58.51 -22.61 -12.80
CA SER AA 79 -59.42 -21.69 -12.12
C SER AA 79 -60.45 -22.39 -11.23
N ASP AA 80 -60.79 -23.65 -11.52
CA ASP AA 80 -61.81 -24.37 -10.77
C ASP AA 80 -61.28 -24.78 -9.40
N SER AA 81 -62.17 -24.80 -8.42
CA SER AA 81 -61.75 -25.09 -7.05
C SER AA 81 -61.36 -26.55 -6.88
N ASP AA 82 -62.09 -27.46 -7.54
CA ASP AA 82 -61.88 -28.89 -7.36
C ASP AA 82 -60.75 -29.39 -8.26
N VAL AA 83 -59.57 -28.78 -8.10
CA VAL AA 83 -58.39 -29.20 -8.85
C VAL AA 83 -57.22 -29.36 -7.89
N THR AA 84 -57.38 -28.87 -6.67
CA THR AA 84 -56.33 -28.93 -5.64
C THR AA 84 -55.06 -28.24 -6.12
N ALA AA 85 -55.19 -27.01 -6.62
CA ALA AA 85 -54.07 -26.15 -7.03
C ALA AA 85 -53.41 -25.46 -5.82
N LEU AA 86 -52.25 -24.85 -6.06
CA LEU AA 86 -51.49 -24.10 -5.06
C LEU AA 86 -51.90 -22.64 -5.18
N GLY AA 87 -52.88 -22.24 -4.37
CA GLY AA 87 -53.40 -20.89 -4.43
C GLY AA 87 -52.47 -19.85 -3.82
N THR AA 88 -53.01 -18.64 -3.68
CA THR AA 88 -52.31 -17.54 -2.96
C THR AA 88 -51.94 -18.02 -1.57
N GLY AA 89 -50.78 -17.61 -1.07
CA GLY AA 89 -50.21 -18.22 0.11
C GLY AA 89 -49.57 -19.54 -0.28
N ASP AA 90 -48.99 -20.21 0.72
CA ASP AA 90 -48.21 -21.42 0.51
C ASP AA 90 -47.37 -21.30 -0.76
N VAL AA 91 -46.72 -20.15 -0.92
CA VAL AA 91 -46.12 -19.79 -2.19
C VAL AA 91 -44.70 -20.33 -2.33
N GLY AA 92 -43.96 -20.47 -1.23
CA GLY AA 92 -42.66 -21.10 -1.31
C GLY AA 92 -42.75 -22.61 -1.34
N LYS AA 93 -43.27 -23.19 -0.26
CA LYS AA 93 -43.44 -24.63 -0.09
C LYS AA 93 -42.21 -25.40 -0.58
N SER AA 94 -41.08 -25.11 0.07
CA SER AA 94 -39.83 -25.80 -0.24
C SER AA 94 -39.91 -27.30 0.02
N ASP AA 95 -40.98 -27.78 0.67
CA ASP AA 95 -41.11 -29.18 1.02
C ASP AA 95 -42.56 -29.59 0.86
N PHE AA 96 -42.77 -30.89 0.64
CA PHE AA 96 -44.09 -31.46 0.43
C PHE AA 96 -44.21 -32.75 1.23
N SER AA 97 -45.30 -32.89 1.99
CA SER AA 97 -45.41 -34.00 2.92
C SER AA 97 -46.13 -35.20 2.31
N GLY AA 98 -47.40 -35.04 1.97
CA GLY AA 98 -48.19 -36.17 1.50
C GLY AA 98 -49.26 -35.87 0.47
N THR AA 99 -49.19 -34.75 -0.21
CA THR AA 99 -50.26 -34.33 -1.11
C THR AA 99 -49.91 -34.54 -2.58
N GLU AA 100 -48.82 -33.93 -3.06
CA GLU AA 100 -48.40 -34.04 -4.44
C GLU AA 100 -47.00 -34.64 -4.48
N TRP AA 101 -46.63 -35.19 -5.62
CA TRP AA 101 -45.35 -35.88 -5.68
C TRP AA 101 -44.85 -36.01 -7.11
N LYS AA 102 -43.54 -35.85 -7.30
CA LYS AA 102 -42.78 -36.14 -8.54
C LYS AA 102 -41.59 -37.06 -8.29
N SER AA 103 -41.17 -37.23 -7.04
CA SER AA 103 -40.05 -38.10 -6.71
C SER AA 103 -40.47 -39.57 -6.85
N GLN AA 104 -39.56 -40.47 -6.52
CA GLN AA 104 -39.80 -41.90 -6.69
C GLN AA 104 -40.76 -42.45 -5.64
N ALA BA 1 25.62 6.79 49.22
CA ALA BA 1 26.92 7.03 48.56
C ALA BA 1 26.80 6.82 47.05
N GLY BA 2 27.77 7.27 46.25
CA GLY BA 2 27.93 6.84 44.86
C GLY BA 2 27.00 7.47 43.81
N LYS BA 3 26.11 8.38 44.17
CA LYS BA 3 25.18 9.05 43.24
C LYS BA 3 25.55 10.50 43.00
N ILE BA 4 25.04 11.06 41.91
CA ILE BA 4 25.20 12.46 41.49
C ILE BA 4 25.00 13.42 42.67
N PRO BA 5 25.87 14.43 42.85
CA PRO BA 5 25.75 15.33 43.97
C PRO BA 5 24.54 16.24 43.84
N THR BA 6 23.78 16.39 44.92
CA THR BA 6 22.64 17.31 44.89
C THR BA 6 23.04 18.70 45.36
N THR BA 7 24.16 18.81 46.05
CA THR BA 7 24.58 20.10 46.61
C THR BA 7 26.09 20.20 46.75
N THR BA 8 26.70 21.35 46.47
CA THR BA 8 28.15 21.53 46.65
C THR BA 8 28.47 22.02 48.07
N MET BA 9 29.72 21.94 48.52
CA MET BA 9 30.05 22.15 49.94
C MET BA 9 29.74 23.56 50.45
N GLY BA 10 29.71 24.57 49.59
CA GLY BA 10 29.27 25.93 49.92
C GLY BA 10 27.76 26.06 50.14
N GLY BA 11 27.03 24.95 50.20
CA GLY BA 11 25.59 24.88 50.46
C GLY BA 11 24.71 25.15 49.25
N LYS BA 12 25.28 25.50 48.09
CA LYS BA 12 24.48 25.80 46.89
C LYS BA 12 24.07 24.52 46.15
N ASP BA 13 22.87 24.52 45.59
CA ASP BA 13 22.34 23.43 44.78
C ASP BA 13 23.21 23.22 43.52
N PHE BA 14 23.46 21.96 43.19
CA PHE BA 14 24.38 21.53 42.14
C PHE BA 14 23.92 21.89 40.71
N THR BA 15 22.79 22.56 40.58
CA THR BA 15 22.33 23.07 39.28
C THR BA 15 22.54 22.22 38.02
N PHE BA 16 22.24 20.94 38.11
CA PHE BA 16 22.31 20.07 36.92
C PHE BA 16 21.45 18.84 37.17
N LYS BA 17 20.54 18.54 36.26
CA LYS BA 17 19.76 17.31 36.40
C LYS BA 17 20.02 16.40 35.19
N PRO BA 18 20.09 15.08 35.33
CA PRO BA 18 20.38 14.20 34.20
C PRO BA 18 19.21 14.07 33.23
N SER BA 19 19.50 13.54 32.04
CA SER BA 19 18.56 13.23 30.97
C SER BA 19 17.50 12.21 31.37
N THR BA 20 16.44 12.11 30.57
CA THR BA 20 15.21 11.34 30.87
C THR BA 20 15.42 9.92 31.36
N ASN BA 21 16.42 9.20 30.85
CA ASN BA 21 16.57 7.76 31.04
C ASN BA 21 18.03 7.34 31.29
N VAL BA 22 18.88 8.25 31.78
CA VAL BA 22 20.31 7.98 32.02
C VAL BA 22 20.61 7.75 33.49
N SER BA 23 21.29 6.63 33.74
CA SER BA 23 21.88 6.33 35.03
C SER BA 23 23.21 7.05 35.15
N VAL BA 24 23.50 7.59 36.33
CA VAL BA 24 24.75 8.25 36.67
C VAL BA 24 25.29 7.71 37.98
N SER BA 25 26.60 7.53 38.08
CA SER BA 25 27.25 7.23 39.34
C SER BA 25 28.49 8.09 39.47
N TYR BA 26 28.72 8.64 40.66
CA TYR BA 26 29.73 9.64 40.95
C TYR BA 26 30.43 9.27 42.24
N PHE BA 27 31.75 9.35 42.25
CA PHE BA 27 32.60 9.03 43.37
C PHE BA 27 33.65 10.12 43.57
N THR BA 28 33.99 10.41 44.82
CA THR BA 28 34.96 11.45 45.19
C THR BA 28 35.82 11.00 46.37
N THR BA 29 36.85 11.76 46.77
CA THR BA 29 37.78 11.28 47.79
C THR BA 29 37.06 11.00 49.10
N ASN BA 30 36.27 11.95 49.61
CA ASN BA 30 35.67 11.89 50.96
C ASN BA 30 34.15 11.63 50.97
N GLY BA 31 33.68 10.84 50.00
CA GLY BA 31 32.31 10.34 49.96
C GLY BA 31 31.23 11.41 50.03
N ALA BA 32 30.19 11.14 50.80
CA ALA BA 32 29.08 12.06 51.03
C ALA BA 32 29.35 13.10 52.14
N THR BA 33 30.56 13.15 52.72
CA THR BA 33 30.80 13.82 54.01
C THR BA 33 30.88 15.34 53.88
N SER BA 34 29.73 16.01 53.95
CA SER BA 34 29.58 17.47 53.85
C SER BA 34 29.99 18.21 55.14
N THR BA 35 31.17 17.89 55.70
CA THR BA 35 31.62 18.33 57.03
C THR BA 35 32.04 19.81 57.10
N ALA BA 36 31.83 20.59 56.03
CA ALA BA 36 32.12 22.02 55.95
C ALA BA 36 33.58 22.43 56.22
N GLY BA 37 34.52 21.47 56.14
CA GLY BA 37 35.93 21.71 56.33
C GLY BA 37 36.79 20.74 55.56
N THR BA 38 36.21 19.89 54.70
CA THR BA 38 36.98 18.96 53.87
C THR BA 38 37.18 19.53 52.47
N VAL BA 39 38.10 18.93 51.70
CA VAL BA 39 38.34 19.28 50.29
C VAL BA 39 38.47 18.01 49.45
N ASN BA 40 37.44 17.69 48.69
CA ASN BA 40 37.53 16.75 47.60
C ASN BA 40 38.33 17.35 46.46
N THR BA 41 39.58 16.94 46.32
CA THR BA 41 40.47 17.31 45.22
C THR BA 41 40.15 16.58 43.92
N ASP BA 42 39.30 15.54 43.93
CA ASP BA 42 39.07 14.66 42.79
C ASP BA 42 37.64 14.13 42.71
N TYR BA 43 37.29 13.65 41.53
CA TYR BA 43 36.06 12.92 41.26
C TYR BA 43 36.30 11.88 40.16
N ALA BA 44 35.47 10.86 40.13
CA ALA BA 44 35.34 9.90 39.07
C ALA BA 44 33.86 9.69 38.84
N VAL BA 45 33.41 9.80 37.60
CA VAL BA 45 31.99 9.89 37.28
C VAL BA 45 31.69 9.14 36.02
N ASN BA 46 30.56 8.46 35.96
CA ASN BA 46 30.19 7.64 34.82
C ASN BA 46 28.70 7.72 34.57
N THR BA 47 28.29 7.50 33.32
CA THR BA 47 26.90 7.55 32.89
C THR BA 47 26.64 6.43 31.90
N LYS BA 48 25.42 5.93 31.88
CA LYS BA 48 24.90 5.07 30.82
C LYS BA 48 23.42 5.32 30.66
N ASN BA 49 22.92 5.38 29.44
CA ASN BA 49 21.49 5.28 29.19
C ASN BA 49 21.03 3.87 29.55
N SER BA 50 19.93 3.71 30.27
CA SER BA 50 19.45 2.41 30.73
C SER BA 50 19.35 1.40 29.59
N SER BA 51 18.99 1.88 28.41
CA SER BA 51 18.77 1.14 27.17
C SER BA 51 19.97 1.14 26.22
N GLY BA 52 21.10 1.75 26.58
CA GLY BA 52 22.28 1.88 25.72
C GLY BA 52 23.26 0.75 25.95
N ASN BA 53 24.07 0.40 24.96
CA ASN BA 53 25.17 -0.54 25.11
C ASN BA 53 26.50 0.13 25.51
N ARG BA 54 26.50 1.41 25.88
CA ARG BA 54 27.72 2.15 26.28
C ARG BA 54 27.58 2.76 27.65
N VAL BA 55 28.63 2.61 28.45
CA VAL BA 55 28.91 3.38 29.66
C VAL BA 55 30.10 4.28 29.39
N PHE BA 56 29.94 5.55 29.73
CA PHE BA 56 30.88 6.62 29.48
C PHE BA 56 31.40 7.11 30.82
N THR BA 57 32.66 7.46 30.92
CA THR BA 57 33.23 7.90 32.18
C THR BA 57 34.37 8.89 32.00
N SER BA 58 34.55 9.72 33.02
CA SER BA 58 35.63 10.65 33.13
C SER BA 58 36.03 10.80 34.59
N THR BA 59 37.23 11.30 34.80
CA THR BA 59 37.79 11.61 36.10
C THR BA 59 38.35 13.02 36.14
N ASN BA 60 38.71 13.51 37.31
CA ASN BA 60 39.21 14.87 37.48
C ASN BA 60 40.40 15.20 36.57
N ASN BA 61 41.52 14.48 36.70
CA ASN BA 61 42.74 14.86 35.98
C ASN BA 61 42.89 14.06 34.68
N THR BA 62 41.84 14.02 33.85
CA THR BA 62 41.92 13.47 32.49
C THR BA 62 41.15 14.35 31.51
N SER BA 63 41.71 14.57 30.32
CA SER BA 63 40.92 14.91 29.15
C SER BA 63 40.26 13.65 28.57
N ASN BA 64 39.41 13.81 27.55
CA ASN BA 64 38.57 12.81 26.91
C ASN BA 64 37.46 12.23 27.79
N ILE BA 65 36.47 11.59 27.17
CA ILE BA 65 35.42 10.81 27.81
C ILE BA 65 35.62 9.37 27.36
N TRP BA 66 35.80 8.46 28.30
CA TRP BA 66 36.27 7.10 28.04
C TRP BA 66 35.07 6.17 28.06
N TYR BA 67 34.92 5.30 27.06
CA TYR BA 67 33.81 4.36 27.02
C TYR BA 67 34.31 2.93 27.05
N ILE BA 68 33.35 2.00 27.11
CA ILE BA 68 33.67 0.57 27.07
C ILE BA 68 32.92 -0.10 25.92
N GLU BA 69 31.63 0.19 25.80
CA GLU BA 69 30.79 -0.33 24.72
C GLU BA 69 30.77 -1.85 24.69
N ASN BA 70 30.22 -2.46 25.74
CA ASN BA 70 29.98 -3.90 25.76
C ASN BA 70 28.54 -4.15 25.33
N ASP BA 71 28.37 -4.86 24.22
CA ASP BA 71 27.03 -5.10 23.70
C ASP BA 71 26.21 -5.96 24.66
N ALA BA 72 26.88 -6.62 25.61
CA ALA BA 72 26.17 -7.54 26.49
C ALA BA 72 25.10 -6.83 27.30
N TRP BA 73 25.50 -5.91 28.17
CA TRP BA 73 24.53 -5.20 29.00
C TRP BA 73 23.79 -4.18 28.14
N LYS BA 74 22.46 -4.23 28.16
CA LYS BA 74 21.67 -3.30 27.38
C LYS BA 74 20.49 -2.78 28.18
N GLY BA 75 20.19 -3.42 29.30
CA GLY BA 75 19.07 -3.00 30.12
C GLY BA 75 19.46 -2.76 31.56
N LYS BA 76 20.75 -2.50 31.81
CA LYS BA 76 21.34 -2.23 33.13
C LYS BA 76 21.46 -0.72 33.40
N ALA BA 77 21.59 -0.32 34.65
CA ALA BA 77 22.05 1.00 35.08
C ALA BA 77 23.46 0.89 35.70
N VAL BA 78 24.24 1.98 35.80
CA VAL BA 78 25.61 1.90 36.36
C VAL BA 78 25.70 1.51 37.85
N SER BA 79 24.58 1.41 38.56
CA SER BA 79 24.54 0.79 39.89
C SER BA 79 24.88 -0.71 39.86
N ASP BA 80 24.68 -1.40 38.74
CA ASP BA 80 24.90 -2.83 38.65
C ASP BA 80 26.41 -3.12 38.62
N SER BA 81 26.79 -4.26 39.21
CA SER BA 81 28.20 -4.60 39.31
C SER BA 81 28.78 -4.97 37.95
N ASP BA 82 28.03 -5.68 37.13
CA ASP BA 82 28.51 -6.18 35.85
C ASP BA 82 28.42 -5.10 34.76
N VAL BA 83 29.04 -3.96 35.03
CA VAL BA 83 29.10 -2.87 34.05
C VAL BA 83 30.53 -2.38 33.91
N THR BA 84 31.41 -2.81 34.83
CA THR BA 84 32.81 -2.40 34.85
C THR BA 84 32.94 -0.88 34.92
N ALA BA 85 32.24 -0.26 35.87
CA ALA BA 85 32.33 1.16 36.18
C ALA BA 85 33.56 1.50 37.04
N LEU BA 86 33.85 2.80 37.17
CA LEU BA 86 34.96 3.31 37.97
C LEU BA 86 34.40 3.65 39.35
N GLY BA 87 34.51 2.71 40.27
CA GLY BA 87 33.98 2.85 41.60
C GLY BA 87 34.78 3.81 42.46
N THR BA 88 34.43 3.82 43.76
CA THR BA 88 35.19 4.55 44.79
C THR BA 88 36.64 4.08 44.74
N GLY BA 89 37.58 4.99 44.96
CA GLY BA 89 38.97 4.71 44.67
C GLY BA 89 39.19 4.84 43.18
N ASP BA 90 40.44 4.62 42.76
CA ASP BA 90 40.88 4.83 41.38
C ASP BA 90 40.21 6.08 40.82
N VAL BA 91 40.23 7.15 41.60
CA VAL BA 91 39.39 8.31 41.30
C VAL BA 91 40.09 9.29 40.35
N GLY BA 92 41.42 9.38 40.40
CA GLY BA 92 42.13 10.20 39.45
C GLY BA 92 42.31 9.51 38.12
N LYS BA 93 43.06 8.40 38.13
CA LYS BA 93 43.35 7.60 36.95
C LYS BA 93 43.70 8.47 35.75
N SER BA 94 44.79 9.24 35.91
CA SER BA 94 45.27 10.08 34.83
C SER BA 94 45.71 9.28 33.61
N ASP BA 95 45.79 7.96 33.72
CA ASP BA 95 46.26 7.11 32.63
C ASP BA 95 45.45 5.83 32.61
N PHE BA 96 45.38 5.21 31.43
CA PHE BA 96 44.62 3.98 31.23
C PHE BA 96 45.45 3.02 30.41
N SER BA 97 45.55 1.77 30.84
CA SER BA 97 46.47 0.83 30.22
C SER BA 97 45.79 -0.02 29.14
N GLY BA 98 44.83 -0.84 29.53
CA GLY BA 98 44.22 -1.75 28.58
C GLY BA 98 42.75 -2.08 28.78
N THR BA 99 42.02 -1.26 29.54
CA THR BA 99 40.64 -1.59 29.88
C THR BA 99 39.62 -0.80 29.09
N GLU BA 100 39.68 0.52 29.15
CA GLU BA 100 38.74 1.39 28.44
C GLU BA 100 39.53 2.29 27.50
N TRP BA 101 38.85 2.83 26.49
CA TRP BA 101 39.57 3.60 25.50
C TRP BA 101 38.64 4.53 24.74
N LYS BA 102 39.14 5.75 24.44
CA LYS BA 102 38.52 6.74 23.53
C LYS BA 102 39.51 7.22 22.47
N SER BA 103 40.80 6.96 22.63
CA SER BA 103 41.79 7.38 21.65
C SER BA 103 41.71 6.49 20.41
N GLN BA 104 42.62 6.70 19.46
CA GLN BA 104 42.58 5.98 18.19
C GLN BA 104 43.07 4.54 18.35
N ALA CA 1 61.09 11.34 18.06
CA ALA CA 1 61.03 12.81 17.79
C ALA CA 1 59.66 13.19 17.23
N GLY CA 2 59.33 14.48 17.20
CA GLY CA 2 58.21 15.01 16.40
C GLY CA 2 56.79 14.83 16.95
N LYS CA 3 56.60 14.22 18.12
CA LYS CA 3 55.28 13.99 18.73
C LYS CA 3 55.05 14.89 19.95
N ILE CA 4 53.78 15.04 20.31
CA ILE CA 4 53.30 15.80 21.47
C ILE CA 4 54.14 15.50 22.71
N PRO CA 5 54.54 16.52 23.49
CA PRO CA 5 55.38 16.29 24.64
C PRO CA 5 54.61 15.60 25.76
N THR CA 6 55.21 14.59 26.37
CA THR CA 6 54.57 13.92 27.50
C THR CA 6 54.98 14.55 28.81
N THR CA 7 56.08 15.30 28.82
CA THR CA 7 56.60 15.87 30.08
C THR CA 7 57.39 17.16 29.82
N THR CA 8 57.23 18.17 30.68
CA THR CA 8 58.01 19.41 30.55
C THR CA 8 59.35 19.31 31.29
N MET CA 9 60.32 20.19 31.01
CA MET CA 9 61.70 20.01 31.49
C MET CA 9 61.83 20.02 33.02
N GLY CA 10 60.93 20.66 33.74
CA GLY CA 10 60.85 20.60 35.21
C GLY CA 10 60.36 19.26 35.76
N GLY CA 11 60.23 18.23 34.92
CA GLY CA 11 59.84 16.87 35.28
C GLY CA 11 58.34 16.66 35.44
N LYS CA 12 57.52 17.71 35.33
CA LYS CA 12 56.06 17.58 35.49
C LYS CA 12 55.39 17.08 34.21
N ASP CA 13 54.36 16.25 34.37
CA ASP CA 13 53.56 15.75 33.26
C ASP CA 13 52.84 16.90 32.53
N PHE CA 14 52.82 16.81 31.20
CA PHE CA 14 52.34 17.87 30.31
C PHE CA 14 50.83 18.14 30.39
N THR CA 15 50.13 17.43 31.26
CA THR CA 15 48.71 17.70 31.51
C THR CA 15 47.80 18.08 30.35
N PHE CA 16 47.90 17.36 29.24
CA PHE CA 16 46.99 17.58 28.11
C PHE CA 16 46.99 16.34 27.23
N LYS CA 17 45.81 15.80 26.95
CA LYS CA 17 45.75 14.66 26.02
C LYS CA 17 44.91 15.04 24.80
N PRO CA 18 45.24 14.61 23.58
CA PRO CA 18 44.47 14.99 22.41
C PRO CA 18 43.11 14.31 22.32
N SER CA 19 42.26 14.84 21.45
CA SER CA 19 40.92 14.32 21.11
C SER CA 19 40.95 12.92 20.53
N THR CA 20 39.78 12.28 20.49
CA THR CA 20 39.61 10.85 20.15
C THR CA 20 40.33 10.36 18.89
N ASN CA 21 40.39 11.19 17.84
CA ASN CA 21 40.81 10.77 16.51
C ASN CA 21 41.74 11.79 15.82
N VAL CA 22 42.43 12.64 16.59
CA VAL CA 22 43.31 13.69 16.04
C VAL CA 22 44.76 13.30 16.13
N SER CA 23 45.43 13.44 14.99
CA SER CA 23 46.88 13.36 14.89
C SER CA 23 47.48 14.69 15.28
N VAL CA 24 48.59 14.68 16.00
CA VAL CA 24 49.36 15.85 16.39
C VAL CA 24 50.83 15.63 16.10
N SER CA 25 51.52 16.66 15.63
CA SER CA 25 52.97 16.65 15.51
C SER CA 25 53.52 17.97 16.05
N TYR CA 26 54.60 17.89 16.81
CA TYR CA 26 55.18 18.99 17.57
C TYR CA 26 56.68 18.99 17.38
N PHE CA 27 57.26 20.14 17.13
CA PHE CA 27 58.67 20.34 16.91
C PHE CA 27 59.18 21.53 17.72
N THR CA 28 60.39 21.45 18.24
CA THR CA 28 61.01 22.49 19.07
C THR CA 28 62.50 22.64 18.73
N THR CA 29 63.21 23.62 19.30
CA THR CA 29 64.58 23.88 18.88
C THR CA 29 65.48 22.67 19.13
N ASN CA 30 65.45 22.10 20.34
CA ASN CA 30 66.39 21.06 20.78
C ASN CA 30 65.77 19.65 20.92
N GLY CA 31 64.80 19.36 20.05
CA GLY CA 31 64.23 18.02 19.90
C GLY CA 31 63.67 17.42 21.19
N ALA CA 32 63.94 16.13 21.40
CA ALA CA 32 63.54 15.40 22.59
C ALA CA 32 64.51 15.55 23.78
N THR CA 33 65.54 16.39 23.68
CA THR CA 33 66.72 16.34 24.57
C THR CA 33 66.44 16.96 25.95
N SER CA 34 65.91 16.17 26.87
CA SER CA 34 65.57 16.55 28.25
C SER CA 34 66.80 16.68 29.17
N THR CA 35 67.85 17.37 28.73
CA THR CA 35 69.18 17.40 29.36
C THR CA 35 69.24 18.23 30.65
N ALA CA 36 68.10 18.72 31.16
CA ALA CA 36 67.97 19.47 32.42
C ALA CA 36 68.80 20.77 32.50
N GLY CA 37 69.26 21.29 31.36
CA GLY CA 37 70.02 22.51 31.28
C GLY CA 37 69.83 23.22 29.96
N THR CA 38 68.93 22.77 29.09
CA THR CA 38 68.65 23.44 27.81
C THR CA 38 67.41 24.34 27.93
N VAL CA 39 67.21 25.22 26.95
CA VAL CA 39 66.03 26.08 26.85
C VAL CA 39 65.51 26.08 25.41
N ASN CA 40 64.41 25.38 25.18
CA ASN CA 40 63.61 25.56 23.99
C ASN CA 40 62.86 26.88 24.07
N THR CA 41 63.35 27.87 23.34
CA THR CA 41 62.70 29.18 23.18
C THR CA 41 61.51 29.16 22.25
N ASP CA 42 61.29 28.07 21.49
CA ASP CA 42 60.28 28.02 20.43
C ASP CA 42 59.65 26.64 20.26
N TYR CA 43 58.51 26.62 19.59
CA TYR CA 43 57.82 25.43 19.15
C TYR CA 43 57.08 25.70 17.84
N ALA CA 44 56.83 24.65 17.08
CA ALA CA 44 55.94 24.62 15.95
C ALA CA 44 55.11 23.36 16.06
N VAL CA 45 53.80 23.48 15.95
CA VAL CA 45 52.88 22.41 16.30
C VAL CA 45 51.73 22.38 15.35
N ASN CA 46 51.25 21.20 14.98
CA ASN CA 46 50.20 21.04 14.01
C ASN CA 46 49.30 19.88 14.39
N THR CA 47 48.04 19.92 13.97
CA THR CA 47 47.04 18.92 14.24
C THR CA 47 46.19 18.68 13.00
N LYS CA 48 45.69 17.46 12.84
CA LYS CA 48 44.64 17.14 11.88
C LYS CA 48 43.81 16.00 12.44
N ASN CA 49 42.49 16.06 12.30
CA ASN CA 49 41.65 14.88 12.50
C ASN CA 49 41.95 13.88 11.39
N SER CA 50 42.14 12.60 11.70
CA SER CA 50 42.50 11.57 10.73
C SER CA 50 41.57 11.59 9.52
N SER CA 51 40.30 11.89 9.75
CA SER CA 51 39.20 11.92 8.79
C SER CA 51 38.89 13.32 8.25
N GLY CA 52 39.63 14.35 8.63
CA GLY CA 52 39.35 15.75 8.24
C GLY CA 52 40.15 16.14 7.00
N ASN CA 53 39.67 17.09 6.22
CA ASN CA 53 40.41 17.67 5.11
C ASN CA 53 41.25 18.89 5.51
N ARG CA 54 41.42 19.18 6.81
CA ARG CA 54 42.21 20.33 7.29
C ARG CA 54 43.30 19.88 8.26
N VAL CA 55 44.48 20.43 8.06
CA VAL CA 55 45.59 20.47 9.02
C VAL CA 55 45.75 21.90 9.49
N PHE CA 56 45.82 22.07 10.80
CA PHE CA 56 45.89 23.32 11.52
C PHE CA 56 47.23 23.42 12.19
N THR CA 57 47.84 24.60 12.22
CA THR CA 57 49.15 24.76 12.82
C THR CA 57 49.36 26.13 13.42
N SER CA 58 50.24 26.17 14.40
CA SER CA 58 50.71 27.38 15.04
C SER CA 58 52.15 27.22 15.46
N THR CA 59 52.80 28.34 15.69
CA THR CA 59 54.17 28.44 16.16
C THR CA 59 54.26 29.38 17.35
N ASN CA 60 55.39 29.41 18.03
CA ASN CA 60 55.60 30.22 19.22
C ASN CA 60 55.28 31.71 19.00
N ASN CA 61 55.97 32.39 18.09
CA ASN CA 61 55.82 33.84 17.94
C ASN CA 61 54.84 34.20 16.83
N THR CA 62 53.64 33.60 16.84
CA THR CA 62 52.53 34.00 15.96
C THR CA 62 51.21 33.99 16.71
N SER CA 63 50.37 34.99 16.48
CA SER CA 63 48.93 34.88 16.69
C SER CA 63 48.30 34.10 15.53
N ASN CA 64 47.00 33.81 15.63
CA ASN CA 64 46.19 33.00 14.72
C ASN CA 64 46.56 31.51 14.68
N ILE CA 65 45.65 30.69 14.18
CA ILE CA 65 45.86 29.27 13.86
C ILE CA 65 45.73 29.13 12.36
N TRP CA 66 46.76 28.64 11.71
CA TRP CA 66 46.92 28.68 10.26
C TRP CA 66 46.53 27.33 9.69
N TYR CA 67 45.68 27.30 8.65
CA TYR CA 67 45.28 26.04 8.05
C TYR CA 67 45.71 25.98 6.59
N ILE CA 68 45.46 24.82 5.97
CA ILE CA 68 45.74 24.63 4.55
C ILE CA 68 44.48 24.20 3.81
N GLU CA 69 43.77 23.21 4.37
CA GLU CA 69 42.50 22.75 3.82
C GLU CA 69 42.67 22.22 2.39
N ASN CA 70 43.43 21.15 2.23
CA ASN CA 70 43.53 20.46 0.95
C ASN CA 70 42.55 19.30 0.97
N ASP CA 71 41.58 19.33 0.05
CA ASP CA 71 40.55 18.30 0.02
C ASP CA 71 41.15 16.94 -0.33
N ALA CA 72 42.38 16.93 -0.86
CA ALA CA 72 42.97 15.68 -1.32
C ALA CA 72 43.13 14.68 -0.19
N TRP CA 73 43.96 15.01 0.80
CA TRP CA 73 44.17 14.09 1.91
C TRP CA 73 42.96 14.12 2.83
N LYS CA 74 42.40 12.94 3.12
CA LYS CA 74 41.23 12.87 3.98
C LYS CA 74 41.36 11.71 4.97
N GLY CA 75 42.31 10.82 4.72
CA GLY CA 75 42.48 9.69 5.60
C GLY CA 75 43.90 9.56 6.11
N LYS CA 76 44.67 10.66 6.09
CA LYS CA 76 46.06 10.76 6.54
C LYS CA 76 46.16 11.26 7.99
N ALA CA 77 47.28 11.02 8.66
CA ALA CA 77 47.69 11.71 9.88
C ALA CA 77 48.87 12.66 9.59
N VAL CA 78 49.18 13.64 10.44
CA VAL CA 78 50.28 14.59 10.17
C VAL CA 78 51.69 13.98 10.16
N SER CA 79 51.85 12.71 10.55
CA SER CA 79 53.09 11.96 10.32
C SER CA 79 53.41 11.77 8.83
N ASP CA 80 52.41 11.79 7.93
CA ASP CA 80 52.62 11.54 6.53
C ASP CA 80 53.28 12.75 5.87
N SER CA 81 54.12 12.48 4.86
CA SER CA 81 54.88 13.54 4.22
C SER CA 81 53.98 14.45 3.39
N ASP CA 82 52.99 13.86 2.71
CA ASP CA 82 52.14 14.60 1.79
C ASP CA 82 50.99 15.29 2.53
N VAL CA 83 51.36 16.12 3.51
CA VAL CA 83 50.37 16.89 4.27
C VAL CA 83 50.82 18.34 4.33
N THR CA 84 52.07 18.61 3.96
CA THR CA 84 52.66 19.94 3.99
C THR CA 84 52.58 20.54 5.40
N ALA CA 85 53.04 19.78 6.39
CA ALA CA 85 53.18 20.21 7.78
C ALA CA 85 54.44 21.07 8.01
N LEU CA 86 54.51 21.70 9.18
CA LEU CA 86 55.65 22.52 9.60
C LEU CA 86 56.59 21.63 10.41
N GLY CA 87 57.57 21.06 9.74
CA GLY CA 87 58.50 20.13 10.36
C GLY CA 87 59.50 20.82 11.26
N THR CA 88 60.49 20.03 11.70
CA THR CA 88 61.65 20.54 12.45
C THR CA 88 62.31 21.65 11.65
N GLY CA 89 62.80 22.69 12.31
CA GLY CA 89 63.19 23.90 11.64
C GLY CA 89 61.94 24.71 11.32
N ASP CA 90 62.15 25.87 10.70
CA ASP CA 90 61.09 26.84 10.43
C ASP CA 90 60.13 26.90 11.62
N VAL CA 91 60.70 26.97 12.82
CA VAL CA 91 59.92 26.75 14.03
C VAL CA 91 59.26 28.04 14.53
N GLY CA 92 59.87 29.19 14.30
CA GLY CA 92 59.23 30.44 14.64
C GLY CA 92 58.22 30.87 13.61
N LYS CA 93 58.70 31.14 12.40
CA LYS CA 93 57.89 31.57 11.27
C LYS CA 93 56.86 32.63 11.68
N SER CA 94 57.38 33.74 12.18
CA SER CA 94 56.53 34.86 12.57
C SER CA 94 55.75 35.44 11.40
N ASP CA 95 56.04 35.03 10.17
CA ASP CA 95 55.39 35.57 8.99
C ASP CA 95 55.19 34.44 7.98
N PHE CA 96 54.19 34.62 7.12
CA PHE CA 96 53.83 33.64 6.10
C PHE CA 96 53.58 34.35 4.78
N SER CA 97 54.18 33.85 3.71
CA SER CA 97 54.15 34.57 2.44
C SER CA 97 53.00 34.11 1.54
N GLY CA 98 53.03 32.85 1.12
CA GLY CA 98 52.04 32.39 0.16
C GLY CA 98 51.60 30.94 0.27
N THR CA 99 51.86 30.29 1.41
CA THR CA 99 51.60 28.86 1.53
C THR CA 99 50.34 28.54 2.32
N GLU CA 100 50.25 29.01 3.56
CA GLU CA 100 49.10 28.76 4.42
C GLU CA 100 48.49 30.10 4.82
N TRP CA 101 47.23 30.08 5.23
CA TRP CA 101 46.56 31.34 5.52
C TRP CA 101 45.36 31.13 6.42
N LYS CA 102 45.15 32.07 7.36
CA LYS CA 102 43.95 32.22 8.20
C LYS CA 102 43.37 33.63 8.13
N SER CA 103 44.12 34.61 7.61
CA SER CA 103 43.63 35.98 7.52
C SER CA 103 42.62 36.07 6.38
N GLN CA 104 42.13 37.28 6.11
CA GLN CA 104 41.10 37.50 5.12
C GLN CA 104 41.63 37.38 3.69
N ALA DA 1 48.53 55.23 5.52
CA ALA DA 1 48.07 55.80 6.81
C ALA DA 1 46.91 54.96 7.37
N GLY DA 2 46.56 55.12 8.65
CA GLY DA 2 45.29 54.65 9.21
C GLY DA 2 45.16 53.16 9.53
N LYS DA 3 46.20 52.35 9.33
CA LYS DA 3 46.18 50.90 9.61
C LYS DA 3 47.02 50.54 10.83
N ILE DA 4 46.76 49.36 11.39
CA ILE DA 4 47.47 48.76 12.53
C ILE DA 4 48.99 48.90 12.37
N PRO DA 5 49.72 49.30 13.41
CA PRO DA 5 51.15 49.51 13.30
C PRO DA 5 51.89 48.18 13.15
N THR DA 6 52.83 48.12 12.21
CA THR DA 6 53.63 46.91 12.06
C THR DA 6 54.89 46.97 12.90
N THR DA 7 55.29 48.17 13.31
CA THR DA 7 56.56 48.33 14.05
C THR DA 7 56.51 49.55 14.99
N THR DA 8 57.07 49.43 16.20
CA THR DA 8 57.13 50.58 17.12
C THR DA 8 58.39 51.41 16.89
N MET DA 9 58.47 52.64 17.39
CA MET DA 9 59.53 53.59 17.00
C MET DA 9 60.95 53.12 17.38
N GLY DA 10 61.10 52.28 18.40
CA GLY DA 10 62.36 51.64 18.75
C GLY DA 10 62.81 50.54 17.77
N GLY DA 11 62.14 50.41 16.63
CA GLY DA 11 62.48 49.48 15.56
C GLY DA 11 61.98 48.06 15.77
N LYS DA 12 61.36 47.74 16.93
CA LYS DA 12 60.89 46.39 17.22
C LYS DA 12 59.52 46.14 16.58
N ASP DA 13 59.30 44.91 16.11
CA ASP DA 13 58.04 44.46 15.54
C ASP DA 13 56.92 44.53 16.60
N PHE DA 14 55.74 44.99 16.18
CA PHE DA 14 54.59 45.27 17.04
C PHE DA 14 53.95 44.04 17.69
N THR DA 15 54.51 42.86 17.44
CA THR DA 15 54.07 41.62 18.12
C THR DA 15 52.57 41.42 18.38
N PHE DA 16 51.73 41.69 17.39
CA PHE DA 16 50.30 41.41 17.52
C PHE DA 16 49.69 41.32 16.13
N LYS DA 17 48.99 40.24 15.85
CA LYS DA 17 48.30 40.16 14.56
C LYS DA 17 46.79 40.02 14.79
N PRO DA 18 45.91 40.63 14.00
CA PRO DA 18 44.48 40.54 14.22
C PRO DA 18 43.88 39.18 13.91
N SER DA 19 42.65 38.96 14.38
CA SER DA 19 41.83 37.77 14.15
C SER DA 19 41.51 37.53 12.68
N THR DA 20 41.04 36.33 12.36
CA THR DA 20 40.86 35.81 10.99
C THR DA 20 40.13 36.74 10.02
N ASN DA 21 39.13 37.49 10.49
CA ASN DA 21 38.19 38.22 9.64
C ASN DA 21 37.85 39.62 10.17
N VAL DA 22 38.73 40.22 11.00
CA VAL DA 22 38.50 41.53 11.62
C VAL DA 22 39.28 42.63 10.91
N SER DA 23 38.55 43.67 10.56
CA SER DA 23 39.12 44.93 10.11
C SER DA 23 39.55 45.75 11.30
N VAL DA 24 40.68 46.43 11.20
CA VAL DA 24 41.22 47.33 12.21
C VAL DA 24 41.65 48.63 11.55
N SER DA 25 41.39 49.75 12.21
CA SER DA 25 41.94 51.04 11.81
C SER DA 25 42.49 51.75 13.03
N TYR DA 26 43.65 52.36 12.89
CA TYR DA 26 44.43 52.95 13.97
C TYR DA 26 44.94 54.31 13.54
N PHE DA 27 44.83 55.30 14.41
CA PHE DA 27 45.24 56.67 14.19
C PHE DA 27 46.02 57.19 15.38
N THR DA 28 47.03 58.01 15.14
CA THR DA 28 47.90 58.59 16.17
C THR DA 28 48.25 60.04 15.85
N THR DA 29 48.94 60.77 16.74
CA THR DA 29 49.14 62.20 16.51
C THR DA 29 49.93 62.46 15.23
N ASN DA 30 51.06 61.78 15.03
CA ASN DA 30 52.01 62.07 13.95
C ASN DA 30 52.04 61.00 12.84
N GLY DA 31 50.87 60.40 12.57
CA GLY DA 31 50.67 59.51 11.43
C GLY DA 31 51.64 58.34 11.35
N ALA DA 32 52.11 58.05 10.15
CA ALA DA 32 53.09 57.00 9.88
C ALA DA 32 54.55 57.42 10.09
N THR DA 33 54.81 58.64 10.59
CA THR DA 33 56.14 59.29 10.49
C THR DA 33 57.14 58.74 11.51
N SER DA 34 57.83 57.66 11.14
CA SER DA 34 58.85 56.97 11.95
C SER DA 34 60.20 57.72 12.01
N THR DA 35 60.18 59.03 12.27
CA THR DA 35 61.33 59.94 12.14
C THR DA 35 62.39 59.78 13.24
N ALA DA 36 62.28 58.77 14.11
CA ALA DA 36 63.22 58.44 15.17
C ALA DA 36 63.49 59.56 16.20
N GLY DA 37 62.61 60.57 16.26
CA GLY DA 37 62.72 61.67 17.19
C GLY DA 37 61.38 62.25 17.55
N THR DA 38 60.27 61.65 17.12
CA THR DA 38 58.92 62.13 17.47
C THR DA 38 58.36 61.33 18.65
N VAL DA 39 57.28 61.83 19.25
CA VAL DA 39 56.55 61.14 20.33
C VAL DA 39 55.05 61.25 20.08
N ASN DA 40 54.44 60.15 19.64
CA ASN DA 40 53.01 59.99 19.69
C ASN DA 40 52.57 59.77 21.13
N THR DA 41 52.01 60.80 21.74
CA THR DA 41 51.41 60.75 23.07
C THR DA 41 50.05 60.07 23.10
N ASP DA 42 49.43 59.80 21.96
CA ASP DA 42 48.05 59.31 21.86
C ASP DA 42 47.79 58.38 20.69
N TYR DA 43 46.70 57.64 20.78
CA TYR DA 43 46.16 56.81 19.73
C TYR DA 43 44.63 56.77 19.82
N ALA DA 44 43.98 56.48 18.71
CA ALA DA 44 42.59 56.14 18.60
C ALA DA 44 42.50 54.97 17.67
N VAL DA 45 41.79 53.92 18.08
CA VAL DA 45 41.84 52.62 17.40
C VAL DA 45 40.47 51.99 17.41
N ASN DA 46 40.10 51.33 16.33
CA ASN DA 46 38.79 50.73 16.18
C ASN DA 46 38.88 49.41 15.44
N THR DA 47 37.94 48.53 15.68
CA THR DA 47 37.86 47.20 15.06
C THR DA 47 36.43 46.87 14.73
N LYS DA 48 36.22 46.10 13.68
CA LYS DA 48 34.95 45.43 13.39
C LYS DA 48 35.22 44.13 12.67
N ASN DA 49 34.51 43.06 13.03
CA ASN DA 49 34.46 41.87 12.20
C ASN DA 49 33.74 42.21 10.89
N SER DA 50 34.28 41.81 9.74
CA SER DA 50 33.71 42.14 8.42
C SER DA 50 32.22 41.81 8.35
N SER DA 51 31.82 40.73 9.01
CA SER DA 51 30.48 40.18 9.07
C SER DA 51 29.67 40.58 10.30
N GLY DA 52 30.21 41.43 11.18
CA GLY DA 52 29.56 41.82 12.44
C GLY DA 52 28.76 43.11 12.27
N ASN DA 53 27.73 43.31 13.08
CA ASN DA 53 26.99 44.58 13.13
C ASN DA 53 27.57 45.56 14.16
N ARG DA 54 28.75 45.31 14.74
CA ARG DA 54 29.37 46.19 15.73
C ARG DA 54 30.78 46.61 15.31
N VAL DA 55 31.06 47.89 15.46
CA VAL DA 55 32.39 48.49 15.48
C VAL DA 55 32.70 48.93 16.90
N PHE DA 56 33.87 48.55 17.38
CA PHE DA 56 34.36 48.76 18.72
C PHE DA 56 35.54 49.69 18.66
N THR DA 57 35.69 50.59 19.61
CA THR DA 57 36.78 51.55 19.59
C THR DA 57 37.22 51.97 20.97
N SER DA 58 38.48 52.37 21.05
CA SER DA 58 39.08 52.94 22.24
C SER DA 58 40.12 53.96 21.83
N THR DA 59 40.46 54.82 22.78
CA THR DA 59 41.49 55.84 22.65
C THR DA 59 42.45 55.79 23.82
N ASN DA 60 43.56 56.51 23.74
CA ASN DA 60 44.59 56.51 24.77
C ASN DA 60 44.06 56.82 26.17
N ASN DA 61 43.46 57.99 26.39
CA ASN DA 61 43.08 58.42 27.73
C ASN DA 61 41.61 58.12 28.02
N THR DA 62 41.17 56.89 27.77
CA THR DA 62 39.84 56.41 28.18
C THR DA 62 39.91 54.98 28.71
N SER DA 63 39.19 54.70 29.79
CA SER DA 63 38.76 53.34 30.10
C SER DA 63 37.54 52.97 29.23
N ASN DA 64 37.09 51.72 29.31
CA ASN DA 64 36.04 51.09 28.51
C ASN DA 64 36.38 50.91 27.02
N ILE DA 65 35.63 50.04 26.34
CA ILE DA 65 35.63 49.86 24.90
C ILE DA 65 34.26 50.28 24.40
N TRP DA 66 34.21 51.25 23.51
CA TRP DA 66 33.00 51.94 23.12
C TRP DA 66 32.48 51.38 21.81
N TYR DA 67 31.21 51.03 21.71
CA TYR DA 67 30.65 50.48 20.48
C TYR DA 67 29.56 51.39 19.93
N ILE DA 68 29.06 51.02 18.75
CA ILE DA 68 27.95 51.74 18.12
C ILE DA 68 26.79 50.79 17.84
N GLU DA 69 27.10 49.63 17.26
CA GLU DA 69 26.11 48.59 16.99
C GLU DA 69 24.99 49.11 16.08
N ASN DA 70 25.33 49.46 14.85
CA ASN DA 70 24.34 49.79 13.84
C ASN DA 70 24.06 48.55 13.00
N ASP DA 71 22.82 48.08 13.04
CA ASP DA 71 22.47 46.86 12.32
C ASP DA 71 22.61 47.04 10.81
N ALA DA 72 22.69 48.29 10.36
CA ALA DA 72 22.71 48.56 8.93
C ALA DA 72 23.92 47.92 8.26
N TRP DA 73 25.12 48.36 8.61
CA TRP DA 73 26.32 47.80 8.00
C TRP DA 73 26.59 46.43 8.58
N LYS DA 74 26.76 45.43 7.70
CA LYS DA 74 27.00 44.08 8.16
C LYS DA 74 28.09 43.42 7.32
N GLY DA 75 28.41 44.02 6.18
CA GLY DA 75 29.43 43.46 5.31
C GLY DA 75 30.53 44.44 4.97
N LYS DA 76 30.70 45.47 5.80
CA LYS DA 76 31.72 46.53 5.66
C LYS DA 76 32.97 46.23 6.49
N ALA DA 77 34.09 46.86 6.18
CA ALA DA 77 35.27 46.98 7.03
C ALA DA 77 35.41 48.42 7.53
N VAL DA 78 36.16 48.69 8.61
CA VAL DA 78 36.29 50.08 9.14
C VAL DA 78 36.99 51.08 8.22
N SER DA 79 37.57 50.63 7.10
CA SER DA 79 38.02 51.53 6.03
C SER DA 79 36.87 52.32 5.37
N ASP DA 80 35.64 51.80 5.40
CA ASP DA 80 34.51 52.44 4.74
C ASP DA 80 34.07 53.67 5.53
N SER DA 81 33.58 54.68 4.79
CA SER DA 81 33.22 55.94 5.43
C SER DA 81 31.95 55.79 6.27
N ASP DA 82 30.99 55.00 5.79
CA ASP DA 82 29.69 54.87 6.45
C ASP DA 82 29.75 53.84 7.58
N VAL DA 83 30.68 54.06 8.52
CA VAL DA 83 30.81 53.20 9.68
C VAL DA 83 30.86 54.05 10.94
N THR DA 84 31.05 55.36 10.77
CA THR DA 84 31.16 56.30 11.88
C THR DA 84 32.30 55.90 12.83
N ALA DA 85 33.49 55.66 12.28
CA ALA DA 85 34.72 55.38 13.01
C ALA DA 85 35.38 56.68 13.55
N LEU DA 86 36.36 56.50 14.43
CA LEU DA 86 37.12 57.60 15.02
C LEU DA 86 38.38 57.79 14.18
N GLY DA 87 38.30 58.71 13.22
CA GLY DA 87 39.38 58.95 12.29
C GLY DA 87 40.55 59.69 12.92
N THR DA 88 41.48 60.11 12.05
CA THR DA 88 42.59 60.99 12.44
C THR DA 88 42.02 62.24 13.10
N GLY DA 89 42.70 62.77 14.12
CA GLY DA 89 42.11 63.77 14.98
C GLY DA 89 41.16 63.09 15.94
N ASP DA 90 40.56 63.92 16.81
CA ASP DA 90 39.72 63.42 17.90
C ASP DA 90 40.33 62.17 18.51
N VAL DA 91 41.63 62.22 18.75
CA VAL DA 91 42.39 61.02 19.08
C VAL DA 91 42.36 60.70 20.56
N GLY DA 92 42.28 61.71 21.43
CA GLY DA 92 42.13 61.46 22.84
C GLY DA 92 40.70 61.13 23.22
N LYS DA 93 39.81 62.10 23.03
CA LYS DA 93 38.39 61.97 23.34
C LYS DA 93 38.17 61.29 24.68
N SER DA 94 38.68 61.93 25.73
CA SER DA 94 38.50 61.43 27.08
C SER DA 94 37.04 61.40 27.51
N ASP DA 95 36.14 61.99 26.72
CA ASP DA 95 34.72 62.05 27.07
C ASP DA 95 33.89 61.88 25.80
N PHE DA 96 32.66 61.42 25.99
CA PHE DA 96 31.73 61.16 24.90
C PHE DA 96 30.37 61.69 25.28
N SER DA 97 29.75 62.45 24.37
CA SER DA 97 28.52 63.16 24.71
C SER DA 97 27.27 62.35 24.33
N GLY DA 98 27.07 62.12 23.04
CA GLY DA 98 25.85 61.47 22.60
C GLY DA 98 25.95 60.56 21.38
N THR DA 99 27.15 60.12 21.03
CA THR DA 99 27.33 59.36 19.80
C THR DA 99 27.51 57.87 20.02
N GLU DA 100 28.50 57.48 20.80
CA GLU DA 100 28.78 56.09 21.10
C GLU DA 100 28.68 55.86 22.60
N TRP DA 101 28.50 54.61 23.00
CA TRP DA 101 28.28 54.36 24.42
C TRP DA 101 28.58 52.91 24.77
N LYS DA 102 29.19 52.69 25.94
CA LYS DA 102 29.37 51.38 26.61
C LYS DA 102 28.87 51.40 28.05
N SER DA 103 28.62 52.57 28.64
CA SER DA 103 28.12 52.65 30.00
C SER DA 103 26.65 52.25 30.04
N GLN DA 104 26.05 52.35 31.22
CA GLN DA 104 24.67 51.91 31.42
C GLN DA 104 23.66 52.88 30.79
N ALA EA 1 26.11 63.90 46.24
CA ALA EA 1 26.98 63.20 47.21
C ALA EA 1 27.07 61.70 46.87
N GLY EA 2 28.03 60.97 47.45
CA GLY EA 2 28.03 59.50 47.46
C GLY EA 2 28.45 58.77 46.19
N LYS EA 3 28.84 59.46 45.12
CA LYS EA 3 29.27 58.86 43.85
C LYS EA 3 30.77 59.00 43.63
N ILE EA 4 31.30 58.16 42.74
CA ILE EA 4 32.71 58.14 42.31
C ILE EA 4 33.23 59.55 42.02
N PRO EA 5 34.43 59.91 42.50
CA PRO EA 5 34.94 61.26 42.29
C PRO EA 5 35.31 61.51 40.84
N THR EA 6 34.90 62.66 40.30
CA THR EA 6 35.27 63.00 38.93
C THR EA 6 36.58 63.79 38.90
N THR EA 7 36.96 64.38 40.03
CA THR EA 7 38.15 65.24 40.06
C THR EA 7 38.81 65.24 41.44
N THR EA 8 40.14 65.23 41.52
CA THR EA 8 40.83 65.31 42.81
C THR EA 8 41.08 66.78 43.22
N MET EA 9 41.40 67.06 44.49
CA MET EA 9 41.40 68.44 45.00
C MET EA 9 42.42 69.36 44.32
N GLY EA 10 43.51 68.81 43.77
CA GLY EA 10 44.47 69.57 42.94
C GLY EA 10 43.95 69.95 41.56
N GLY EA 11 42.65 69.77 41.29
CA GLY EA 11 41.97 70.14 40.07
C GLY EA 11 42.12 69.16 38.91
N LYS EA 12 42.92 68.09 39.08
CA LYS EA 12 43.13 67.11 38.01
C LYS EA 12 42.00 66.08 37.94
N ASP EA 13 41.65 65.67 36.73
CA ASP EA 13 40.65 64.64 36.48
C ASP EA 13 41.08 63.29 37.08
N PHE EA 14 40.12 62.60 37.70
CA PHE EA 14 40.33 61.38 38.48
C PHE EA 14 40.79 60.16 37.66
N THR EA 15 40.97 60.34 36.35
CA THR EA 15 41.54 59.29 35.49
C THR EA 15 41.14 57.83 35.74
N PHE EA 16 39.86 57.58 35.93
CA PHE EA 16 39.37 56.21 36.07
C PHE EA 16 37.89 56.18 35.78
N LYS EA 17 37.46 55.31 34.85
CA LYS EA 17 36.03 55.18 34.61
C LYS EA 17 35.58 53.74 34.93
N PRO EA 18 34.40 53.51 35.49
CA PRO EA 18 33.97 52.15 35.83
C PRO EA 18 33.61 51.29 34.62
N SER EA 19 33.51 49.99 34.84
CA SER EA 19 33.11 48.97 33.87
C SER EA 19 31.69 49.17 33.35
N THR EA 20 31.36 48.49 32.26
CA THR EA 20 30.13 48.68 31.47
C THR EA 20 28.82 48.73 32.25
N ASN EA 21 28.69 47.93 33.32
CA ASN EA 21 27.43 47.70 34.01
C ASN EA 21 27.57 47.67 35.54
N VAL EA 22 28.61 48.32 36.09
CA VAL EA 22 28.88 48.33 37.54
C VAL EA 22 28.46 49.63 38.18
N SER EA 23 27.69 49.50 39.25
CA SER EA 23 27.37 50.58 40.16
C SER EA 23 28.51 50.77 41.14
N VAL EA 24 28.83 52.02 41.46
CA VAL EA 24 29.85 52.40 42.43
C VAL EA 24 29.28 53.45 43.37
N SER EA 25 29.61 53.36 44.65
CA SER EA 25 29.33 54.41 45.62
C SER EA 25 30.56 54.65 46.47
N TYR EA 26 30.87 55.92 46.71
CA TYR EA 26 32.10 56.37 47.34
C TYR EA 26 31.76 57.44 48.37
N PHE EA 27 32.35 57.34 49.55
CA PHE EA 27 32.15 58.23 50.67
C PHE EA 27 33.48 58.63 51.28
N THR EA 28 33.61 59.87 51.74
CA THR EA 28 34.83 60.41 52.32
C THR EA 28 34.52 61.32 53.51
N THR EA 29 35.51 61.83 54.26
CA THR EA 29 35.22 62.57 55.47
C THR EA 29 34.40 63.82 55.19
N ASN EA 30 34.81 64.65 54.21
CA ASN EA 30 34.23 65.98 53.97
C ASN EA 30 33.40 66.06 52.68
N GLY EA 31 32.72 64.96 52.33
CA GLY EA 31 31.75 64.92 51.25
C GLY EA 31 32.26 65.39 49.89
N ALA EA 32 31.44 66.17 49.19
CA ALA EA 32 31.77 66.76 47.90
C ALA EA 32 32.56 68.07 48.00
N THR EA 33 32.96 68.51 49.20
CA THR EA 33 33.37 69.92 49.45
C THR EA 33 34.79 70.21 48.95
N SER EA 34 34.91 70.58 47.68
CA SER EA 34 36.17 70.91 47.00
C SER EA 34 36.72 72.31 47.37
N THR EA 35 36.77 72.63 48.68
CA THR EA 35 37.05 73.98 49.20
C THR EA 35 38.51 74.42 49.08
N ALA EA 36 39.36 73.65 48.40
CA ALA EA 36 40.78 73.94 48.13
C ALA EA 36 41.65 74.16 49.39
N GLY EA 37 41.18 73.72 50.55
CA GLY EA 37 41.91 73.83 51.79
C GLY EA 37 41.56 72.73 52.77
N THR EA 38 40.76 71.74 52.37
CA THR EA 38 40.41 70.60 53.25
C THR EA 38 41.31 69.40 52.95
N VAL EA 39 41.31 68.41 53.83
CA VAL EA 39 42.02 67.14 53.66
C VAL EA 39 41.13 65.98 54.06
N ASN EA 40 40.61 65.26 53.08
CA ASN EA 40 40.04 63.94 53.29
C ASN EA 40 41.16 62.94 53.57
N THR EA 41 41.31 62.58 54.83
CA THR EA 41 42.23 61.54 55.29
C THR EA 41 41.74 60.12 55.00
N ASP EA 42 40.48 59.93 54.59
CA ASP EA 42 39.85 58.62 54.46
C ASP EA 42 38.83 58.53 53.33
N TYR EA 43 38.52 57.31 52.95
CA TYR EA 43 37.45 56.96 52.04
C TYR EA 43 36.86 55.60 52.40
N ALA EA 44 35.63 55.37 51.99
CA ALA EA 44 34.96 54.09 51.99
C ALA EA 44 34.24 53.97 50.68
N VAL EA 45 34.43 52.86 49.98
CA VAL EA 45 34.03 52.72 48.59
C VAL EA 45 33.50 51.33 48.33
N ASN EA 46 32.48 51.20 47.52
CA ASN EA 46 31.84 49.93 47.25
C ASN EA 46 31.39 49.85 45.81
N THR EA 47 31.30 48.64 45.27
CA THR EA 47 30.90 48.37 43.89
C THR EA 47 30.01 47.15 43.85
N LYS EA 48 29.09 47.11 42.91
CA LYS EA 48 28.36 45.91 42.53
C LYS EA 48 28.02 45.98 41.05
N ASN EA 49 28.15 44.87 40.33
CA ASN EA 49 27.56 44.75 39.01
C ASN EA 49 26.04 44.74 39.16
N SER EA 50 25.31 45.50 38.35
CA SER EA 50 23.85 45.62 38.47
C SER EA 50 23.17 44.26 38.50
N SER EA 51 23.72 43.30 37.78
CA SER EA 51 23.24 41.94 37.59
C SER EA 51 23.92 40.91 38.50
N GLY EA 52 24.83 41.32 39.39
CA GLY EA 52 25.60 40.41 40.24
C GLY EA 52 24.93 40.22 41.60
N ASN EA 53 25.16 39.09 42.25
CA ASN EA 53 24.71 38.87 43.62
C ASN EA 53 25.75 39.30 44.67
N ARG EA 54 26.82 40.01 44.29
CA ARG EA 54 27.86 40.47 45.23
C ARG EA 54 28.05 41.98 45.15
N VAL EA 55 28.16 42.59 46.33
CA VAL EA 55 28.68 43.93 46.56
C VAL EA 55 30.02 43.81 47.27
N PHE EA 56 31.00 44.50 46.74
CA PHE EA 56 32.39 44.48 47.18
C PHE EA 56 32.73 45.83 47.74
N THR EA 57 33.52 45.90 48.80
CA THR EA 57 33.86 47.17 49.41
C THR EA 57 35.23 47.17 50.07
N SER EA 58 35.81 48.35 50.14
CA SER EA 58 37.05 48.62 50.83
C SER EA 58 37.02 50.01 51.42
N THR EA 59 37.89 50.23 52.39
CA THR EA 59 38.10 51.50 53.05
C THR EA 59 39.57 51.87 53.07
N ASN EA 60 39.89 53.09 53.45
CA ASN EA 60 41.26 53.60 53.47
C ASN EA 60 42.23 52.70 54.25
N ASN EA 61 42.00 52.50 55.55
CA ASN EA 61 42.97 51.81 56.39
C ASN EA 61 42.61 50.32 56.56
N THR EA 62 42.34 49.62 55.45
CA THR EA 62 42.19 48.16 55.43
C THR EA 62 42.88 47.55 54.23
N SER EA 63 43.55 46.42 54.43
CA SER EA 63 43.82 45.47 53.35
C SER EA 63 42.56 44.63 53.08
N ASN EA 64 42.60 43.80 52.04
CA ASN EA 64 41.50 42.98 51.51
C ASN EA 64 40.36 43.77 50.87
N ILE EA 65 39.54 43.09 50.07
CA ILE EA 65 38.28 43.59 49.52
C ILE EA 65 37.17 42.75 50.11
N TRP EA 66 36.23 43.36 50.79
CA TRP EA 66 35.26 42.70 51.63
C TRP EA 66 33.95 42.57 50.89
N TYR EA 67 33.34 41.38 50.86
CA TYR EA 67 32.08 41.20 50.16
C TYR EA 67 30.99 40.77 51.14
N ILE EA 68 29.76 40.66 50.61
CA ILE EA 68 28.62 40.19 51.39
C ILE EA 68 27.99 38.98 50.71
N GLU EA 69 27.75 39.08 49.40
CA GLU EA 69 27.20 37.98 48.61
C GLU EA 69 25.85 37.54 49.12
N ASN EA 70 24.86 38.42 49.05
CA ASN EA 70 23.48 38.05 49.34
C ASN EA 70 22.78 37.73 48.03
N ASP EA 71 22.32 36.48 47.90
CA ASP EA 71 21.69 36.04 46.66
C ASP EA 71 20.40 36.80 46.40
N ALA EA 72 19.86 37.46 47.43
CA ALA EA 72 18.56 38.11 47.29
C ALA EA 72 18.59 39.19 46.22
N TRP EA 73 19.38 40.24 46.43
CA TRP EA 73 19.45 41.33 45.46
C TRP EA 73 20.26 40.87 44.26
N LYS EA 74 19.69 41.01 43.06
CA LYS EA 74 20.38 40.60 41.85
C LYS EA 74 20.20 41.64 40.75
N GLY EA 75 19.26 42.55 40.92
CA GLY EA 75 19.01 43.56 39.92
C GLY EA 75 19.07 44.97 40.48
N LYS EA 76 19.75 45.15 41.62
CA LYS EA 76 19.93 46.44 42.32
C LYS EA 76 21.25 47.10 41.94
N ALA EA 77 21.40 48.39 42.17
CA ALA EA 77 22.66 49.12 42.21
C ALA EA 77 22.99 49.54 43.67
N VAL EA 78 24.23 49.87 44.01
CA VAL EA 78 24.58 50.24 45.41
C VAL EA 78 23.94 51.54 45.92
N SER EA 79 23.26 52.30 45.08
CA SER EA 79 22.40 53.41 45.52
C SER EA 79 21.20 52.92 46.35
N ASP EA 80 20.75 51.68 46.20
CA ASP EA 80 19.58 51.17 46.89
C ASP EA 80 19.92 50.91 48.36
N SER EA 81 18.91 51.11 49.22
CA SER EA 81 19.15 50.98 50.66
C SER EA 81 19.36 49.53 51.05
N ASP EA 82 18.60 48.61 50.44
CA ASP EA 82 18.64 47.20 50.80
C ASP EA 82 19.80 46.47 50.12
N VAL EA 83 21.01 46.98 50.35
CA VAL EA 83 22.21 46.36 49.82
C VAL EA 83 23.24 46.21 50.93
N THR EA 84 23.01 46.88 52.05
CA THR EA 84 23.92 46.87 53.20
C THR EA 84 25.30 47.36 52.80
N ALA EA 85 25.37 48.51 52.13
CA ALA EA 85 26.61 49.20 51.76
C ALA EA 85 27.21 49.99 52.94
N LEU EA 86 28.45 50.44 52.78
CA LEU EA 86 29.17 51.24 53.77
C LEU EA 86 28.95 52.71 53.41
N GLY EA 87 27.94 53.31 54.04
CA GLY EA 87 27.57 54.68 53.75
C GLY EA 87 28.55 55.69 54.32
N THR EA 88 28.14 56.96 54.26
CA THR EA 88 28.85 58.08 54.89
C THR EA 88 29.02 57.76 56.37
N GLY EA 89 30.16 58.12 56.96
CA GLY EA 89 30.52 57.63 58.27
C GLY EA 89 31.05 56.22 58.13
N ASP EA 90 31.43 55.64 59.28
CA ASP EA 90 32.10 54.33 59.31
C ASP EA 90 33.08 54.21 58.16
N VAL EA 91 33.87 55.25 57.93
CA VAL EA 91 34.64 55.37 56.72
C VAL EA 91 36.00 54.68 56.82
N GLY EA 92 36.59 54.62 58.00
CA GLY EA 92 37.81 53.87 58.18
C GLY EA 92 37.56 52.39 58.32
N LYS EA 93 36.87 52.02 59.40
CA LYS EA 93 36.52 50.63 59.71
C LYS EA 93 37.70 49.70 59.48
N SER EA 94 38.78 49.96 60.23
CA SER EA 94 39.97 49.12 60.17
C SER EA 94 39.69 47.69 60.62
N ASP EA 95 38.51 47.40 61.18
CA ASP EA 95 38.18 46.08 61.68
C ASP EA 95 36.72 45.79 61.39
N PHE EA 96 36.41 44.50 61.30
CA PHE EA 96 35.06 44.03 61.01
C PHE EA 96 34.71 42.88 61.95
N SER EA 97 33.54 42.96 62.57
CA SER EA 97 33.20 42.00 63.62
C SER EA 97 32.42 40.80 63.09
N GLY EA 98 31.21 41.04 62.57
CA GLY EA 98 30.37 39.93 62.15
C GLY EA 98 29.46 40.18 60.97
N THR EA 99 29.73 41.20 60.17
CA THR EA 99 28.82 41.58 59.09
C THR EA 99 29.29 41.15 57.71
N GLU EA 100 30.49 41.56 57.30
CA GLU EA 100 31.05 41.23 56.01
C GLU EA 100 32.37 40.50 56.23
N TRP EA 101 32.81 39.76 55.20
CA TRP EA 101 34.00 38.95 55.40
C TRP EA 101 34.63 38.59 54.07
N LYS EA 102 35.97 38.60 54.02
CA LYS EA 102 36.82 38.06 52.94
C LYS EA 102 37.87 37.08 53.45
N SER EA 103 38.12 37.03 54.75
CA SER EA 103 39.11 36.12 55.32
C SER EA 103 38.54 34.70 55.32
N GLN EA 104 39.29 33.76 55.88
CA GLN EA 104 38.91 32.36 55.85
C GLN EA 104 37.79 32.05 56.84
N ALA FA 1 51.35 31.85 70.45
CA ALA FA 1 52.68 32.02 69.82
C ALA FA 1 52.60 31.73 68.32
N GLY FA 2 53.62 32.11 67.54
CA GLY FA 2 53.82 31.61 66.18
C GLY FA 2 52.95 32.21 65.06
N LYS FA 3 52.08 33.18 65.35
CA LYS FA 3 51.20 33.83 64.36
C LYS FA 3 51.64 35.27 64.07
N ILE FA 4 51.18 35.79 62.93
CA ILE FA 4 51.40 37.16 62.45
C ILE FA 4 51.20 38.18 63.58
N PRO FA 5 52.09 39.16 63.74
CA PRO FA 5 51.97 40.12 64.82
C PRO FA 5 50.79 41.06 64.61
N THR FA 6 50.00 41.29 65.64
CA THR FA 6 48.89 42.23 65.52
C THR FA 6 49.33 43.63 65.94
N THR FA 7 50.43 43.74 66.68
CA THR FA 7 50.86 45.04 67.20
C THR FA 7 52.38 45.09 67.38
N THR FA 8 53.03 46.22 67.07
CA THR FA 8 54.47 46.36 67.29
C THR FA 8 54.76 46.91 68.70
N MET FA 9 56.00 46.81 69.20
CA MET FA 9 56.28 47.07 70.63
C MET FA 9 55.99 48.51 71.07
N GLY FA 10 56.04 49.48 70.15
CA GLY FA 10 55.63 50.86 70.41
C GLY FA 10 54.11 51.06 70.55
N GLY FA 11 53.34 49.97 70.63
CA GLY FA 11 51.90 49.97 70.85
C GLY FA 11 51.08 50.21 69.60
N LYS FA 12 51.69 50.49 68.44
CA LYS FA 12 50.95 50.75 67.20
C LYS FA 12 50.53 49.45 66.51
N ASP FA 13 49.35 49.46 65.90
CA ASP FA 13 48.82 48.35 65.13
C ASP FA 13 49.72 48.06 63.91
N PHE FA 14 49.94 46.76 63.65
CA PHE FA 14 50.87 46.26 62.64
C PHE FA 14 50.49 46.57 61.19
N THR FA 15 49.39 47.28 60.99
CA THR FA 15 48.99 47.74 59.65
C THR FA 15 49.22 46.82 58.44
N PHE FA 16 48.86 45.55 58.57
CA PHE FA 16 48.95 44.63 57.44
C PHE FA 16 48.05 43.44 57.71
N LYS FA 17 47.17 43.13 56.76
CA LYS FA 17 46.33 41.93 56.93
C LYS FA 17 46.61 40.96 55.79
N PRO FA 18 46.63 39.64 55.99
CA PRO FA 18 46.92 38.71 54.91
C PRO FA 18 45.79 38.56 53.89
N SER FA 19 46.11 37.97 52.75
CA SER FA 19 45.20 37.63 51.66
C SER FA 19 44.08 36.67 52.07
N THR FA 20 43.06 36.58 51.23
CA THR FA 20 41.79 35.86 51.53
C THR FA 20 41.93 34.45 52.08
N ASN FA 21 42.92 33.68 51.64
CA ASN FA 21 43.02 32.25 51.90
C ASN FA 21 44.46 31.79 52.24
N VAL FA 22 45.31 32.69 52.72
CA VAL FA 22 46.72 32.39 53.02
C VAL FA 22 46.95 32.22 54.51
N SER FA 23 47.59 31.11 54.84
CA SER FA 23 48.12 30.84 56.16
C SER FA 23 49.48 31.53 56.30
N VAL FA 24 49.74 32.09 57.47
CA VAL FA 24 51.00 32.74 57.82
C VAL FA 24 51.46 32.24 59.18
N SER FA 25 52.75 32.02 59.33
CA SER FA 25 53.36 31.76 60.62
C SER FA 25 54.63 32.59 60.76
N TYR FA 26 54.82 33.19 61.93
CA TYR FA 26 55.86 34.16 62.21
C TYR FA 26 56.50 33.83 63.55
N PHE FA 27 57.82 33.87 63.60
CA PHE FA 27 58.62 33.58 64.78
C PHE FA 27 59.69 34.63 64.97
N THR FA 28 59.99 34.98 66.21
CA THR FA 28 60.99 36.00 66.57
C THR FA 28 61.79 35.58 67.80
N THR FA 29 62.83 36.33 68.21
CA THR FA 29 63.70 35.87 69.28
C THR FA 29 62.92 35.67 70.59
N ASN FA 30 62.13 36.67 71.01
CA ASN FA 30 61.49 36.69 72.34
C ASN FA 30 59.97 36.48 72.30
N GLY FA 31 59.51 35.67 71.35
CA GLY FA 31 58.13 35.20 71.28
C GLY FA 31 57.08 36.31 71.25
N ALA FA 32 56.00 36.12 72.01
CA ALA FA 32 54.92 37.08 72.15
C ALA FA 32 55.18 38.16 73.21
N THR FA 33 56.36 38.20 73.83
CA THR FA 33 56.59 38.92 75.11
C THR FA 33 56.72 40.44 74.91
N SER FA 34 55.60 41.14 74.90
CA SER FA 34 55.49 42.60 74.74
C SER FA 34 55.89 43.39 76.00
N THR FA 35 57.03 43.05 76.62
CA THR FA 35 57.46 43.55 77.94
C THR FA 35 57.92 45.01 77.96
N ALA FA 36 57.78 45.75 76.86
CA ALA FA 36 58.11 47.17 76.72
C ALA FA 36 59.58 47.53 77.02
N GLY FA 37 60.48 46.54 77.02
CA GLY FA 37 61.89 46.74 77.25
C GLY FA 37 62.75 45.71 76.56
N THR FA 38 62.17 44.84 75.72
CA THR FA 38 62.95 43.84 74.96
C THR FA 38 63.22 44.33 73.54
N VAL FA 39 64.13 43.68 72.84
CA VAL FA 39 64.44 43.95 71.43
C VAL FA 39 64.56 42.63 70.65
N ASN FA 40 63.54 42.32 69.87
CA ASN FA 40 63.66 41.32 68.83
C ASN FA 40 64.51 41.85 67.70
N THR FA 41 65.75 41.39 67.62
CA THR FA 41 66.68 41.67 66.54
C THR FA 41 66.39 40.89 65.26
N ASP FA 42 65.51 39.89 65.30
CA ASP FA 42 65.29 38.96 64.18
C ASP FA 42 63.86 38.47 64.08
N TYR FA 43 63.52 37.94 62.91
CA TYR FA 43 62.29 37.24 62.62
C TYR FA 43 62.53 36.15 61.59
N ALA FA 44 61.67 35.16 61.57
CA ALA FA 44 61.53 34.15 60.54
C ALA FA 44 60.06 33.99 60.27
N VAL FA 45 59.66 34.04 59.01
CA VAL FA 45 58.26 34.17 58.63
C VAL FA 45 57.98 33.36 57.40
N ASN FA 46 56.83 32.72 57.32
CA ASN FA 46 56.47 31.86 56.21
C ASN FA 46 55.00 31.98 55.89
N THR FA 47 54.63 31.71 54.66
CA THR FA 47 53.26 31.78 54.16
C THR FA 47 52.99 30.63 53.22
N LYS FA 48 51.75 30.17 53.17
CA LYS FA 48 51.25 29.28 52.13
C LYS FA 48 49.78 29.56 51.90
N ASN FA 49 49.33 29.59 50.66
CA ASN FA 49 47.91 29.52 50.36
C ASN FA 49 47.40 28.14 50.77
N SER FA 50 46.26 28.06 51.46
CA SER FA 50 45.71 26.79 51.96
C SER FA 50 45.62 25.74 50.87
N SER FA 51 45.33 26.18 49.64
CA SER FA 51 45.13 25.39 48.44
C SER FA 51 46.36 25.29 47.53
N GLY FA 52 47.49 25.88 47.92
CA GLY FA 52 48.71 25.94 47.09
C GLY FA 52 49.65 24.79 47.42
N ASN FA 53 50.48 24.37 46.47
CA ASN FA 53 51.54 23.39 46.72
C ASN FA 53 52.87 24.05 47.12
N ARG FA 54 52.91 25.34 47.43
CA ARG FA 54 54.13 26.05 47.84
C ARG FA 54 53.97 26.74 49.18
N VAL FA 55 54.97 26.59 50.02
CA VAL FA 55 55.24 27.40 51.21
C VAL FA 55 56.47 28.24 50.94
N PHE FA 56 56.34 29.53 51.21
CA PHE FA 56 57.33 30.57 50.97
C PHE FA 56 57.81 31.10 52.29
N THR FA 57 59.08 31.41 52.43
CA THR FA 57 59.62 31.89 53.68
C THR FA 57 60.79 32.84 53.51
N SER FA 58 60.96 33.70 54.49
CA SER FA 58 62.08 34.60 54.60
C SER FA 58 62.43 34.81 56.06
N THR FA 59 63.63 35.28 56.30
CA THR FA 59 64.16 35.63 57.61
C THR FA 59 64.76 37.02 57.59
N ASN FA 60 65.10 37.56 58.75
CA ASN FA 60 65.64 38.91 58.89
C ASN FA 60 66.87 39.15 58.01
N ASN FA 61 67.96 38.41 58.20
CA ASN FA 61 69.22 38.70 57.52
C ASN FA 61 69.39 37.84 56.27
N THR FA 62 68.37 37.80 55.40
CA THR FA 62 68.47 37.19 54.07
C THR FA 62 67.78 38.04 53.02
N SER FA 63 68.38 38.18 51.85
CA SER FA 63 67.65 38.49 50.62
C SER FA 63 66.97 37.23 50.09
N ASN FA 64 66.17 37.38 49.03
CA ASN FA 64 65.32 36.36 48.40
C ASN FA 64 64.16 35.86 49.27
N ILE FA 65 63.17 35.24 48.63
CA ILE FA 65 62.08 34.51 49.27
C ILE FA 65 62.23 33.05 48.89
N TRP FA 66 62.35 32.19 49.89
CA TRP FA 66 62.78 30.80 49.71
C TRP FA 66 61.55 29.90 49.73
N TYR FA 67 61.41 29.00 48.76
CA TYR FA 67 60.27 28.10 48.71
C TYR FA 67 60.72 26.65 48.83
N ILE FA 68 59.74 25.75 48.90
CA ILE FA 68 59.99 24.32 48.93
C ILE FA 68 59.27 23.62 47.79
N GLU FA 69 57.98 23.94 47.61
CA GLU FA 69 57.18 23.41 46.52
C GLU FA 69 57.11 21.89 46.57
N ASN FA 70 56.50 21.34 47.62
CA ASN FA 70 56.20 19.91 47.69
C ASN FA 70 54.78 19.69 47.23
N ASP FA 71 54.62 18.93 46.15
CA ASP FA 71 53.29 18.71 45.58
C ASP FA 71 52.41 17.93 46.54
N ALA FA 72 53.01 17.29 47.55
CA ALA FA 72 52.24 16.43 48.45
C ALA FA 72 51.18 17.22 49.19
N TRP FA 73 51.56 18.17 50.02
CA TRP FA 73 50.59 18.94 50.78
C TRP FA 73 49.93 19.95 49.85
N LYS FA 74 48.60 19.95 49.82
CA LYS FA 74 47.86 20.87 48.96
C LYS FA 74 46.67 21.46 49.70
N GLY FA 75 46.31 20.89 50.83
CA GLY FA 75 45.18 21.38 51.59
C GLY FA 75 45.53 21.67 53.03
N LYS FA 76 46.81 21.91 53.32
CA LYS FA 76 47.35 22.21 54.65
C LYS FA 76 47.52 23.73 54.84
N ALA FA 77 47.61 24.18 56.08
CA ALA FA 77 48.11 25.51 56.46
C ALA FA 77 49.49 25.38 57.14
N VAL FA 78 50.30 26.44 57.23
CA VAL FA 78 51.64 26.35 57.84
C VAL FA 78 51.67 26.03 59.35
N SER FA 79 50.52 26.01 60.02
CA SER FA 79 50.41 25.45 61.37
C SER FA 79 50.70 23.94 61.43
N ASP FA 80 50.51 23.20 60.34
CA ASP FA 80 50.71 21.76 60.32
C ASP FA 80 52.19 21.42 60.36
N SER FA 81 52.50 20.30 61.01
CA SER FA 81 53.90 19.92 61.18
C SER FA 81 54.52 19.47 59.87
N ASP FA 82 53.76 18.75 59.05
CA ASP FA 82 54.28 18.18 57.81
C ASP FA 82 54.26 19.19 56.68
N VAL FA 83 54.93 20.33 56.91
CA VAL FA 83 55.04 21.36 55.89
C VAL FA 83 56.50 21.80 55.78
N THR FA 84 57.32 21.39 56.75
CA THR FA 84 58.74 21.75 56.81
C THR FA 84 58.93 23.27 56.81
N ALA FA 85 58.21 23.95 57.71
CA ALA FA 85 58.33 25.39 57.95
C ALA FA 85 59.55 25.72 58.84
N LEU FA 86 59.88 27.02 58.92
CA LEU FA 86 60.97 27.54 59.74
C LEU FA 86 60.38 27.96 61.08
N GLY FA 87 60.42 27.04 62.05
CA GLY FA 87 59.83 27.29 63.35
C GLY FA 87 60.64 28.24 64.20
N THR FA 88 60.24 28.33 65.47
CA THR FA 88 60.99 29.08 66.51
C THR FA 88 62.42 28.56 66.53
N GLY FA 89 63.40 29.45 66.74
CA GLY FA 89 64.78 29.13 66.52
C GLY FA 89 65.06 29.16 65.03
N ASP FA 90 66.32 28.89 64.67
CA ASP FA 90 66.81 29.02 63.30
C ASP FA 90 66.21 30.26 62.65
N VAL FA 91 66.23 31.37 63.39
CA VAL FA 91 65.46 32.53 63.00
C VAL FA 91 66.22 33.44 62.04
N GLY FA 92 67.54 33.50 62.14
CA GLY FA 92 68.32 34.25 61.18
C GLY FA 92 68.53 33.48 59.89
N LYS FA 93 69.23 32.36 59.98
CA LYS FA 93 69.54 31.49 58.85
C LYS FA 93 69.96 32.29 57.62
N SER FA 94 71.06 33.03 57.79
CA SER FA 94 71.63 33.81 56.69
C SER FA 94 72.08 32.94 55.53
N ASP FA 95 72.11 31.61 55.70
CA ASP FA 95 72.58 30.70 54.67
C ASP FA 95 71.72 29.45 54.68
N PHE FA 96 71.68 28.77 53.54
CA PHE FA 96 70.88 27.56 53.35
C PHE FA 96 71.72 26.54 52.61
N SER FA 97 71.76 25.31 53.11
CA SER FA 97 72.67 24.31 52.57
C SER FA 97 72.01 23.44 51.51
N GLY FA 98 70.99 22.67 51.90
CA GLY FA 98 70.39 21.73 50.96
C GLY FA 98 68.91 21.46 51.12
N THR FA 99 68.18 22.33 51.81
CA THR FA 99 66.78 22.06 52.12
C THR FA 99 65.81 22.85 51.25
N GLU FA 100 65.91 24.18 51.25
CA GLU FA 100 65.05 25.03 50.47
C GLU FA 100 65.89 25.86 49.51
N TRP FA 101 65.27 26.38 48.46
CA TRP FA 101 66.06 27.07 47.45
C TRP FA 101 65.18 28.00 46.62
N LYS FA 102 65.73 29.18 46.29
CA LYS FA 102 65.19 30.15 45.31
C LYS FA 102 66.22 30.55 44.26
N SER FA 103 67.50 30.26 44.48
CA SER FA 103 68.55 30.60 43.53
C SER FA 103 68.48 29.65 42.33
N GLN FA 104 69.42 29.79 41.41
CA GLN FA 104 69.41 29.00 40.18
C GLN FA 104 69.84 27.56 40.41
#